data_4O1O
#
_entry.id   4O1O
#
_cell.length_a   59.792
_cell.length_b   111.968
_cell.length_c   268.465
_cell.angle_alpha   90.00
_cell.angle_beta   90.03
_cell.angle_gamma   90.00
#
_symmetry.space_group_name_H-M   'P 1 21 1'
#
loop_
_entity.id
_entity.type
_entity.pdbx_description
1 polymer 'Ribonuclease L'
2 non-polymer '[[(2R,3R,4R,5R)-5-(6-aminopurin-9-yl)-4-[[(2R,3R,4R,5R)-5-(6-aminopurin-9-yl)-4-[[(2R,3S,4R,5R)-5-(6-aminopurin-9-yl)-3,4-dihydroxy-oxolan-2-yl]methoxy-hydroxy-phosphoryl]oxy-3-hydroxy-oxolan-2-yl]methoxy-hydroxy-phosphoryl]oxy-3-hydroxy-oxolan-2-yl]methoxy-hydroxy-phosphoryl] phosphono hydrogen phosphate'
#
_entity_poly.entity_id   1
_entity_poly.type   'polypeptide(L)'
_entity_poly.pdbx_seq_one_letter_code
;GAMDPASLEEMLTQAVQEADIEQVRQLLERGADANFQEEEWGWSPLHSAVQMDSEDLVALLLKHGADPCLRKRNGATPFI
IAGITGNVRLLQLLLPNVEDVNECDVNGFTAFMEAAVYGRVEALRFLYENGADVNMHRKTKQDQERIRKGGATALMDAAE
KGHVGVVTILLHAMKAEVDARDNMGRNALVYALLNPDDGKAKAITRLLLDHGADVNVRGEGSKTPLILAVERKNLDLVQM
LLEQEQIEVNDTDREGKTALLLAVELRLEEIAKLLCHRGASTNCGDLVAIARRNYDSDLVKFLRLHKAGEDFRPPAENWK
PQSSRWGEALKHLHRIWRPMIGKLKIFIDEEYKIADTAEGGIYLGLYEDQEVAVKRFSEGSTRGQQEVSCLQSSRANDNV
VTFYGSESDGSCLHVCLALCEYTLQEHLANHRGDAVPNEEDESARNILSSLFKAIGELHRSGYSHQDLQPQNILIDSKNG
TFLADFDKSIKWAEDPQKIKRDLEALGLLVLYVVKKGDISFETLKNQSFEEVIQGSPDEETRDLIHHLFHPGDNVEDRLS
SLLAHPFFWSWESRYRTLRDVGNESDIKTRNQNSRILQLLQPGTSELSTSFAQWTTKIDSFVMEEMNAYYKKISKKKKAK
HTNEGNLYQDTLGDLLKFIRNLGEHINEQKNKKMKSIIGEPSQYFQEKFPDLVMYVYTKLQNTEYMKHFPKTHNPNK
;
_entity_poly.pdbx_strand_id   A,B,C,D
#
loop_
_chem_comp.id
_chem_comp.type
_chem_comp.name
_chem_comp.formula
25L non-polymer '[[(2R,3R,4R,5R)-5-(6-aminopurin-9-yl)-4-[[(2R,3R,4R,5R)-5-(6-aminopurin-9-yl)-4-[[(2R,3S,4R,5R)-5-(6-aminopurin-9-yl)-3,4-dihydroxy-oxolan-2-yl]methoxy-hydroxy-phosphoryl]oxy-3-hydroxy-oxolan-2-yl]methoxy-hydroxy-phosphoryl]oxy-3-hydroxy-oxolan-2-yl]methoxy-hydroxy-phosphoryl] phosphono hydrogen phosphate' 'C30 H40 N15 O25 P5'
#
# COMPACT_ATOMS: atom_id res chain seq x y z
N SER A 7 -0.90 1.94 53.60
CA SER A 7 -1.92 1.69 52.56
C SER A 7 -2.82 2.91 52.40
N LEU A 8 -2.22 4.11 52.34
CA LEU A 8 -2.96 5.37 52.06
C LEU A 8 -2.62 5.95 50.69
N GLU A 9 -1.32 6.00 50.39
CA GLU A 9 -0.82 6.44 49.08
C GLU A 9 -0.81 5.26 48.10
N GLU A 10 -0.85 4.05 48.64
CA GLU A 10 -0.97 2.84 47.83
C GLU A 10 -2.38 2.76 47.28
N MET A 11 -3.35 3.17 48.11
CA MET A 11 -4.76 3.27 47.72
C MET A 11 -4.97 4.42 46.74
N LEU A 12 -4.16 5.47 46.88
CA LEU A 12 -4.17 6.61 45.94
C LEU A 12 -3.57 6.27 44.58
N THR A 13 -2.53 5.43 44.57
CA THR A 13 -1.90 5.01 43.31
C THR A 13 -2.89 4.30 42.40
N GLN A 14 -3.59 3.29 42.93
CA GLN A 14 -4.58 2.53 42.13
C GLN A 14 -5.81 3.35 41.76
N ALA A 15 -6.16 4.29 42.64
CA ALA A 15 -7.21 5.25 42.33
C ALA A 15 -6.87 6.03 41.07
N VAL A 16 -5.62 6.50 40.97
CA VAL A 16 -5.16 7.24 39.79
C VAL A 16 -5.00 6.36 38.54
N GLN A 17 -4.52 5.12 38.72
CA GLN A 17 -4.40 4.16 37.60
C GLN A 17 -5.78 3.86 36.98
N GLU A 18 -6.78 3.61 37.84
CA GLU A 18 -8.18 3.39 37.39
C GLU A 18 -8.93 4.68 36.99
N ALA A 19 -8.23 5.83 36.98
CA ALA A 19 -8.80 7.14 36.60
C ALA A 19 -9.97 7.58 37.48
N ASP A 20 -10.07 6.98 38.67
CA ASP A 20 -11.19 7.14 39.57
C ASP A 20 -11.03 8.46 40.33
N ILE A 21 -11.67 9.52 39.82
CA ILE A 21 -11.31 10.89 40.24
C ILE A 21 -11.85 11.29 41.63
N GLU A 22 -13.08 10.89 41.95
CA GLU A 22 -13.69 11.21 43.25
C GLU A 22 -12.96 10.52 44.41
N GLN A 23 -12.57 9.26 44.20
CA GLN A 23 -11.76 8.55 45.20
C GLN A 23 -10.33 9.11 45.32
N VAL A 24 -9.83 9.73 44.24
CA VAL A 24 -8.57 10.46 44.33
C VAL A 24 -8.76 11.73 45.18
N ARG A 25 -9.86 12.45 44.97
CA ARG A 25 -10.12 13.67 45.74
C ARG A 25 -10.36 13.34 47.22
N GLN A 26 -11.09 12.28 47.50
CA GLN A 26 -11.30 11.85 48.88
C GLN A 26 -9.97 11.47 49.56
N LEU A 27 -9.17 10.66 48.87
CA LEU A 27 -7.86 10.22 49.39
C LEU A 27 -6.89 11.39 49.49
N LEU A 28 -7.07 12.41 48.64
CA LEU A 28 -6.27 13.64 48.74
C LEU A 28 -6.72 14.56 49.88
N GLU A 29 -8.03 14.64 50.09
CA GLU A 29 -8.56 15.45 51.20
C GLU A 29 -8.39 14.73 52.55
N ARG A 30 -8.30 13.39 52.50
CA ARG A 30 -7.92 12.59 53.67
C ARG A 30 -6.48 12.89 54.11
N GLY A 31 -5.70 13.51 53.22
CA GLY A 31 -4.31 13.91 53.52
C GLY A 31 -3.26 12.86 53.17
N ALA A 32 -3.37 12.28 51.98
CA ALA A 32 -2.41 11.28 51.48
C ALA A 32 -1.39 11.95 50.55
N ASP A 33 -0.16 11.47 50.57
CA ASP A 33 0.97 12.18 49.92
C ASP A 33 0.84 12.29 48.41
N ALA A 34 0.67 13.52 47.92
CA ALA A 34 0.55 13.79 46.47
C ALA A 34 1.88 13.69 45.70
N ASN A 35 3.00 13.57 46.41
CA ASN A 35 4.32 13.40 45.81
C ASN A 35 4.90 11.98 45.98
N PHE A 36 4.11 11.08 46.54
CA PHE A 36 4.54 9.71 46.85
C PHE A 36 5.17 9.09 45.63
N GLN A 37 6.40 8.60 45.77
CA GLN A 37 7.08 7.93 44.64
C GLN A 37 7.26 6.45 44.95
N GLU A 38 6.74 5.58 44.08
CA GLU A 38 6.89 4.14 44.29
C GLU A 38 8.37 3.71 44.15
N GLU A 39 8.78 2.81 45.05
CA GLU A 39 10.19 2.47 45.30
C GLU A 39 10.99 2.06 44.05
N GLU A 40 10.47 1.07 43.33
CA GLU A 40 11.18 0.48 42.19
C GLU A 40 11.66 1.54 41.19
N TRP A 41 10.71 2.23 40.55
CA TRP A 41 11.05 3.13 39.45
C TRP A 41 10.78 4.61 39.70
N GLY A 42 10.36 4.96 40.92
CA GLY A 42 10.23 6.37 41.32
C GLY A 42 9.08 7.14 40.68
N TRP A 43 8.05 6.42 40.25
CA TRP A 43 6.84 7.02 39.65
C TRP A 43 5.91 7.65 40.70
N SER A 44 5.41 8.84 40.42
CA SER A 44 4.49 9.55 41.32
C SER A 44 3.08 9.66 40.70
N PRO A 45 2.05 10.01 41.51
CA PRO A 45 0.67 10.15 40.98
C PRO A 45 0.56 11.16 39.86
N LEU A 46 1.36 12.23 39.95
CA LEU A 46 1.44 13.24 38.90
C LEU A 46 2.04 12.67 37.60
N HIS A 47 3.18 11.97 37.71
CA HIS A 47 3.76 11.29 36.54
C HIS A 47 2.72 10.38 35.91
N SER A 48 2.24 9.41 36.71
CA SER A 48 1.18 8.49 36.30
C SER A 48 0.07 9.21 35.52
N ALA A 49 -0.36 10.37 36.03
CA ALA A 49 -1.45 11.11 35.43
C ALA A 49 -1.07 11.58 34.04
N VAL A 50 0.11 12.18 33.91
CA VAL A 50 0.56 12.77 32.63
C VAL A 50 0.77 11.69 31.57
N GLN A 51 1.35 10.58 32.00
CA GLN A 51 1.48 9.39 31.17
C GLN A 51 0.13 9.00 30.59
N MET A 52 -0.86 8.85 31.46
CA MET A 52 -2.18 8.30 31.08
C MET A 52 -3.08 9.33 30.40
N ASP A 53 -2.58 10.55 30.17
CA ASP A 53 -3.33 11.59 29.47
C ASP A 53 -4.67 12.04 30.02
N SER A 54 -4.65 12.37 31.31
CA SER A 54 -5.86 12.71 32.05
C SER A 54 -5.73 14.04 32.76
N GLU A 55 -6.35 15.07 32.20
CA GLU A 55 -6.17 16.45 32.69
C GLU A 55 -6.93 16.77 33.99
N ASP A 56 -8.07 16.13 34.21
CA ASP A 56 -8.81 16.33 35.46
C ASP A 56 -7.96 15.92 36.65
N LEU A 57 -7.33 14.76 36.54
CA LEU A 57 -6.43 14.27 37.60
C LEU A 57 -5.19 15.14 37.77
N VAL A 58 -4.60 15.60 36.66
CA VAL A 58 -3.37 16.42 36.68
C VAL A 58 -3.53 17.70 37.50
N ALA A 59 -4.62 18.42 37.24
CA ALA A 59 -4.93 19.64 37.98
C ALA A 59 -5.23 19.33 39.46
N LEU A 60 -6.14 18.38 39.67
CA LEU A 60 -6.51 17.91 41.03
C LEU A 60 -5.30 17.54 41.90
N LEU A 61 -4.23 17.12 41.27
CA LEU A 61 -3.00 16.83 42.00
C LEU A 61 -2.20 18.12 42.24
N LEU A 62 -2.11 18.99 41.24
CA LEU A 62 -1.40 20.27 41.43
C LEU A 62 -2.11 21.19 42.43
N LYS A 63 -3.43 21.06 42.46
CA LYS A 63 -4.26 21.65 43.47
C LYS A 63 -3.78 21.26 44.86
N HIS A 64 -3.78 19.96 45.17
CA HIS A 64 -3.45 19.48 46.53
C HIS A 64 -1.94 19.39 46.82
N GLY A 65 -1.10 20.04 45.98
CA GLY A 65 0.31 20.30 46.31
C GLY A 65 1.34 19.39 45.65
N ALA A 66 1.07 18.96 44.42
CA ALA A 66 1.96 18.05 43.72
C ALA A 66 3.15 18.78 43.08
N ASP A 67 4.32 18.17 43.17
CA ASP A 67 5.56 18.77 42.67
C ASP A 67 5.75 18.38 41.22
N PRO A 68 5.67 19.36 40.30
CA PRO A 68 5.85 19.12 38.85
C PRO A 68 7.30 19.04 38.41
N CYS A 69 8.22 19.26 39.34
CA CYS A 69 9.65 19.17 39.10
C CYS A 69 10.20 17.83 39.62
N LEU A 70 9.30 16.97 40.11
CA LEU A 70 9.71 15.70 40.75
C LEU A 70 10.29 14.75 39.72
N ARG A 71 11.32 13.98 40.11
CA ARG A 71 12.04 13.10 39.19
C ARG A 71 11.89 11.65 39.60
N LYS A 72 11.52 10.80 38.64
CA LYS A 72 11.52 9.36 38.84
C LYS A 72 12.93 8.83 38.56
N ARG A 73 13.10 7.52 38.67
CA ARG A 73 14.45 6.91 38.77
C ARG A 73 15.38 7.32 37.64
N ASN A 74 14.85 7.47 36.42
CA ASN A 74 15.70 7.88 35.30
C ASN A 74 15.79 9.39 35.17
N GLY A 75 15.43 10.10 36.22
CA GLY A 75 15.52 11.57 36.24
C GLY A 75 14.47 12.39 35.47
N ALA A 76 13.50 11.72 34.89
CA ALA A 76 12.48 12.41 34.12
C ALA A 76 11.41 13.08 35.01
N THR A 77 10.96 14.25 34.58
CA THR A 77 9.90 15.01 35.26
C THR A 77 8.56 14.87 34.52
N PRO A 78 7.43 15.19 35.19
CA PRO A 78 6.14 15.13 34.49
C PRO A 78 6.06 16.06 33.28
N PHE A 79 6.85 17.13 33.29
CA PHE A 79 6.96 18.01 32.11
C PHE A 79 7.70 17.30 30.97
N ILE A 80 8.72 16.49 31.28
CA ILE A 80 9.41 15.66 30.28
C ILE A 80 8.45 14.63 29.70
N ILE A 81 7.74 13.94 30.60
CA ILE A 81 6.70 12.97 30.22
C ILE A 81 5.64 13.61 29.31
N ALA A 82 5.32 14.86 29.57
CA ALA A 82 4.31 15.54 28.77
C ALA A 82 4.75 15.65 27.31
N GLY A 83 6.06 15.72 27.07
CA GLY A 83 6.59 15.70 25.71
C GLY A 83 6.30 14.38 24.99
N ILE A 84 6.28 13.28 25.74
CA ILE A 84 6.00 11.97 25.18
C ILE A 84 4.54 11.90 24.73
N THR A 85 3.63 12.16 25.67
CA THR A 85 2.18 12.06 25.43
C THR A 85 1.69 13.07 24.39
N GLY A 86 2.30 14.27 24.38
CA GLY A 86 2.10 15.24 23.30
C GLY A 86 0.83 16.06 23.41
N ASN A 87 0.36 16.23 24.64
CA ASN A 87 -0.84 17.02 24.93
C ASN A 87 -0.43 18.45 25.33
N VAL A 88 -0.79 19.42 24.50
CA VAL A 88 -0.26 20.76 24.63
C VAL A 88 -0.83 21.50 25.84
N ARG A 89 -2.12 21.34 26.12
CA ARG A 89 -2.72 21.99 27.30
C ARG A 89 -2.06 21.48 28.57
N LEU A 90 -1.73 20.18 28.59
CA LEU A 90 -0.99 19.58 29.71
C LEU A 90 0.42 20.17 29.88
N LEU A 91 1.04 20.60 28.79
CA LEU A 91 2.33 21.29 28.86
C LEU A 91 2.16 22.71 29.37
N GLN A 92 1.19 23.42 28.79
CA GLN A 92 0.85 24.77 29.21
C GLN A 92 0.56 24.80 30.71
N LEU A 93 -0.35 23.93 31.13
CA LEU A 93 -0.80 23.84 32.51
C LEU A 93 0.42 23.82 33.45
N LEU A 94 1.44 23.03 33.13
CA LEU A 94 2.56 22.78 34.04
C LEU A 94 3.63 23.86 34.03
N LEU A 95 3.74 24.60 32.92
CA LEU A 95 4.94 25.44 32.65
C LEU A 95 5.35 26.52 33.66
N PRO A 96 4.38 27.12 34.40
CA PRO A 96 4.76 28.12 35.42
C PRO A 96 5.77 27.63 36.47
N ASN A 97 5.62 26.37 36.89
CA ASN A 97 6.52 25.75 37.87
C ASN A 97 7.81 25.14 37.29
N VAL A 98 7.97 25.20 35.97
CA VAL A 98 9.18 24.68 35.32
C VAL A 98 10.19 25.80 35.10
N GLU A 99 11.15 25.91 36.02
CA GLU A 99 12.27 26.85 35.93
C GLU A 99 12.96 26.79 34.55
N ASP A 100 13.58 25.65 34.24
CA ASP A 100 14.25 25.45 32.94
C ASP A 100 13.42 24.53 32.06
N VAL A 101 13.13 25.00 30.85
CA VAL A 101 12.34 24.21 29.89
C VAL A 101 13.18 23.09 29.25
N ASN A 102 14.49 23.33 29.16
CA ASN A 102 15.45 22.36 28.64
C ASN A 102 16.01 21.45 29.74
N GLU A 103 15.20 21.23 30.78
CA GLU A 103 15.50 20.22 31.77
C GLU A 103 15.43 18.86 31.09
N CYS A 104 16.15 17.89 31.67
CA CYS A 104 16.31 16.59 31.05
C CYS A 104 16.66 15.48 32.07
N ASP A 105 16.26 14.26 31.71
CA ASP A 105 16.54 13.07 32.51
C ASP A 105 18.03 12.73 32.55
N VAL A 106 18.36 11.64 33.21
CA VAL A 106 19.75 11.24 33.37
C VAL A 106 20.45 11.04 32.00
N ASN A 107 19.68 10.54 31.04
CA ASN A 107 20.21 10.23 29.71
C ASN A 107 20.14 11.41 28.76
N GLY A 108 19.75 12.59 29.27
CA GLY A 108 19.72 13.83 28.48
C GLY A 108 18.51 14.08 27.59
N PHE A 109 17.42 13.34 27.81
CA PHE A 109 16.18 13.51 27.02
C PHE A 109 15.38 14.70 27.54
N THR A 110 15.28 15.74 26.73
CA THR A 110 14.45 16.89 27.06
C THR A 110 13.01 16.60 26.63
N ALA A 111 12.08 17.42 27.11
CA ALA A 111 10.68 17.31 26.73
C ALA A 111 10.50 17.44 25.21
N PHE A 112 11.26 18.34 24.59
CA PHE A 112 11.24 18.54 23.14
C PHE A 112 11.78 17.35 22.32
N MET A 113 12.89 16.77 22.77
CA MET A 113 13.41 15.58 22.16
C MET A 113 12.33 14.50 22.19
N GLU A 114 11.75 14.28 23.37
CA GLU A 114 10.71 13.25 23.53
C GLU A 114 9.54 13.51 22.61
N ALA A 115 9.23 14.78 22.38
CA ALA A 115 8.19 15.15 21.42
C ALA A 115 8.61 14.79 19.99
N ALA A 116 9.91 14.88 19.69
CA ALA A 116 10.44 14.53 18.37
C ALA A 116 10.45 13.04 18.19
N VAL A 117 10.89 12.35 19.24
CA VAL A 117 10.96 10.87 19.23
C VAL A 117 9.59 10.31 18.92
N TYR A 118 8.61 10.74 19.73
CA TYR A 118 7.26 10.20 19.67
C TYR A 118 6.33 10.86 18.62
N GLY A 119 6.88 11.74 17.80
CA GLY A 119 6.18 12.28 16.63
C GLY A 119 5.06 13.28 16.88
N ARG A 120 5.09 13.91 18.07
CA ARG A 120 4.01 14.78 18.56
C ARG A 120 4.19 16.25 18.12
N VAL A 121 3.50 16.65 17.05
CA VAL A 121 3.81 17.91 16.33
C VAL A 121 3.31 19.16 17.03
N GLU A 122 2.06 19.12 17.49
CA GLU A 122 1.46 20.25 18.19
C GLU A 122 2.28 20.57 19.47
N ALA A 123 2.65 19.53 20.19
CA ALA A 123 3.50 19.65 21.36
C ALA A 123 4.92 20.06 20.96
N LEU A 124 5.37 19.64 19.79
CA LEU A 124 6.70 20.04 19.30
C LEU A 124 6.73 21.54 19.00
N ARG A 125 5.69 21.99 18.31
CA ARG A 125 5.57 23.39 17.95
C ARG A 125 5.52 24.22 19.21
N PHE A 126 4.77 23.72 20.20
CA PHE A 126 4.52 24.48 21.43
C PHE A 126 5.81 24.72 22.21
N LEU A 127 6.67 23.72 22.23
CA LEU A 127 7.89 23.77 23.02
C LEU A 127 8.91 24.69 22.36
N TYR A 128 8.92 24.70 21.03
CA TYR A 128 9.79 25.57 20.25
C TYR A 128 9.50 27.01 20.59
N GLU A 129 8.21 27.33 20.59
CA GLU A 129 7.74 28.71 20.82
C GLU A 129 8.04 29.19 22.25
N ASN A 130 8.15 28.25 23.19
CA ASN A 130 8.37 28.56 24.60
C ASN A 130 9.85 28.62 25.01
N GLY A 131 10.76 28.26 24.11
CA GLY A 131 12.19 28.47 24.34
C GLY A 131 13.03 27.22 24.39
N ALA A 132 12.59 26.19 23.67
CA ALA A 132 13.29 24.91 23.63
C ALA A 132 14.53 25.01 22.74
N ASP A 133 15.62 24.36 23.14
CA ASP A 133 16.81 24.28 22.32
C ASP A 133 16.60 23.14 21.36
N VAL A 134 16.64 23.44 20.07
CA VAL A 134 16.42 22.47 19.02
C VAL A 134 17.65 21.60 18.89
N ASN A 135 18.83 22.24 18.82
CA ASN A 135 20.08 21.51 18.54
C ASN A 135 20.84 21.06 19.77
N MET A 136 20.13 20.89 20.89
CA MET A 136 20.71 20.31 22.13
C MET A 136 21.13 18.86 21.89
N HIS A 137 22.36 18.55 22.33
CA HIS A 137 22.91 17.19 22.30
C HIS A 137 22.67 16.53 23.65
N ARG A 138 22.33 15.23 23.66
CA ARG A 138 21.99 14.54 24.92
C ARG A 138 23.22 14.44 25.81
N LYS A 139 23.18 15.03 27.01
CA LYS A 139 24.28 14.86 28.00
C LYS A 139 23.91 13.69 28.90
N THR A 140 24.74 12.65 28.86
CA THR A 140 24.42 11.40 29.53
C THR A 140 25.58 11.01 30.49
N LYS A 141 25.44 9.86 31.13
CA LYS A 141 26.31 9.49 32.25
C LYS A 141 27.77 9.28 31.82
N GLN A 142 28.65 9.30 32.81
CA GLN A 142 30.09 9.18 32.61
C GLN A 142 30.42 7.90 31.84
N ASP A 143 30.00 6.76 32.38
CA ASP A 143 30.20 5.47 31.71
C ASP A 143 29.62 5.46 30.30
N GLN A 144 28.50 6.14 30.10
CA GLN A 144 27.88 6.18 28.79
C GLN A 144 28.62 7.05 27.78
N GLU A 145 29.31 8.08 28.26
CA GLU A 145 30.00 9.01 27.36
C GLU A 145 31.41 8.55 26.99
N ARG A 146 32.08 7.87 27.92
CA ARG A 146 33.40 7.34 27.69
C ARG A 146 33.39 6.23 26.61
N ILE A 147 32.20 5.63 26.37
CA ILE A 147 32.01 4.69 25.26
C ILE A 147 31.27 5.35 24.10
N ARG A 148 31.29 6.68 24.08
CA ARG A 148 30.76 7.45 22.98
C ARG A 148 29.24 7.26 22.62
N LYS A 149 28.43 6.82 23.59
CA LYS A 149 26.98 6.90 23.44
C LYS A 149 26.53 8.30 23.82
N GLY A 150 25.29 8.64 23.49
CA GLY A 150 24.74 9.97 23.79
C GLY A 150 25.08 11.01 22.72
N GLY A 151 24.58 12.22 22.92
CA GLY A 151 24.84 13.32 21.99
C GLY A 151 23.88 13.34 20.80
N ALA A 152 22.82 12.55 20.88
CA ALA A 152 21.83 12.54 19.81
C ALA A 152 20.92 13.76 19.91
N THR A 153 20.47 14.25 18.76
CA THR A 153 19.61 15.43 18.69
C THR A 153 18.15 15.08 18.32
N ALA A 154 17.27 16.04 18.48
CA ALA A 154 15.85 15.81 18.20
C ALA A 154 15.62 15.37 16.76
N LEU A 155 16.47 15.87 15.86
CA LEU A 155 16.41 15.56 14.42
C LEU A 155 16.73 14.08 14.17
N MET A 156 17.78 13.60 14.83
CA MET A 156 18.22 12.21 14.75
C MET A 156 17.13 11.22 15.18
N ASP A 157 16.50 11.50 16.32
CA ASP A 157 15.35 10.75 16.81
C ASP A 157 14.23 10.67 15.75
N ALA A 158 13.80 11.82 15.23
CA ALA A 158 12.72 11.83 14.25
C ALA A 158 13.16 11.17 12.96
N ALA A 159 14.47 11.13 12.73
CA ALA A 159 15.03 10.47 11.54
C ALA A 159 14.98 8.95 11.68
N GLU A 160 15.38 8.49 12.87
CA GLU A 160 15.36 7.05 13.22
C GLU A 160 13.94 6.49 13.26
N LYS A 161 13.04 7.23 13.89
CA LYS A 161 11.67 6.76 14.09
C LYS A 161 10.78 6.96 12.86
N GLY A 162 11.22 7.80 11.94
CA GLY A 162 10.52 7.98 10.67
C GLY A 162 9.36 8.98 10.68
N HIS A 163 9.42 9.97 11.56
CA HIS A 163 8.39 11.01 11.57
C HIS A 163 8.84 12.08 10.59
N VAL A 164 8.20 12.11 9.43
CA VAL A 164 8.62 12.99 8.32
C VAL A 164 8.09 14.42 8.55
N GLY A 165 6.86 14.53 9.02
CA GLY A 165 6.29 15.82 9.41
C GLY A 165 7.24 16.58 10.30
N VAL A 166 7.69 15.91 11.37
CA VAL A 166 8.63 16.48 12.34
C VAL A 166 10.00 16.85 11.71
N VAL A 167 10.52 15.99 10.83
CA VAL A 167 11.80 16.28 10.15
C VAL A 167 11.71 17.52 9.28
N THR A 168 10.61 17.63 8.54
CA THR A 168 10.35 18.81 7.72
C THR A 168 10.27 20.07 8.58
N ILE A 169 9.48 19.99 9.65
CA ILE A 169 9.29 21.08 10.56
C ILE A 169 10.63 21.49 11.19
N LEU A 170 11.45 20.52 11.60
CA LEU A 170 12.74 20.83 12.22
C LEU A 170 13.66 21.55 11.26
N LEU A 171 13.82 20.99 10.05
CA LEU A 171 14.80 21.50 9.09
C LEU A 171 14.49 22.90 8.60
N HIS A 172 13.21 23.14 8.35
CA HIS A 172 12.80 24.37 7.70
C HIS A 172 12.44 25.47 8.70
N ALA A 173 11.37 25.27 9.47
CA ALA A 173 10.85 26.27 10.43
C ALA A 173 11.73 26.55 11.67
N MET A 174 12.35 25.49 12.23
CA MET A 174 12.98 25.55 13.55
C MET A 174 14.49 25.62 13.47
N LYS A 175 15.00 26.01 12.29
CA LYS A 175 16.43 26.30 12.10
C LYS A 175 17.31 25.23 12.75
N ALA A 176 17.03 23.97 12.43
CA ALA A 176 17.75 22.84 12.98
C ALA A 176 19.02 22.59 12.19
N GLU A 177 20.13 22.34 12.89
CA GLU A 177 21.38 21.93 12.24
C GLU A 177 21.23 20.52 11.66
N VAL A 178 21.38 20.39 10.34
CA VAL A 178 21.19 19.11 9.67
C VAL A 178 22.36 18.15 9.89
N ASP A 179 23.58 18.66 9.78
CA ASP A 179 24.77 17.80 9.75
C ASP A 179 25.39 17.61 11.16
N ALA A 180 24.58 17.86 12.20
CA ALA A 180 25.00 17.73 13.59
C ALA A 180 25.23 16.26 13.93
N ARG A 181 26.16 16.01 14.86
CA ARG A 181 26.66 14.65 15.11
C ARG A 181 26.59 14.23 16.56
N ASP A 182 26.25 12.96 16.77
CA ASP A 182 26.29 12.40 18.11
C ASP A 182 27.74 11.99 18.44
N ASN A 183 27.96 11.36 19.59
CA ASN A 183 29.30 11.14 20.07
C ASN A 183 30.05 10.09 19.29
N MET A 184 29.32 9.21 18.63
CA MET A 184 29.97 8.20 17.79
C MET A 184 30.38 8.77 16.43
N GLY A 185 29.82 9.93 16.07
CA GLY A 185 30.10 10.56 14.80
C GLY A 185 28.95 10.49 13.82
N ARG A 186 27.86 9.85 14.23
CA ARG A 186 26.68 9.69 13.37
C ARG A 186 25.87 10.98 13.26
N ASN A 187 25.29 11.21 12.08
CA ASN A 187 24.31 12.30 11.86
C ASN A 187 22.93 11.73 11.51
N ALA A 188 21.96 12.59 11.27
CA ALA A 188 20.59 12.14 11.06
C ALA A 188 20.46 11.20 9.85
N LEU A 189 21.25 11.46 8.80
CA LEU A 189 21.23 10.63 7.57
C LEU A 189 21.49 9.16 7.85
N VAL A 190 22.51 8.90 8.69
CA VAL A 190 22.79 7.57 9.15
C VAL A 190 21.53 6.99 9.82
N TYR A 191 21.05 7.68 10.87
CA TYR A 191 19.87 7.22 11.62
C TYR A 191 18.69 6.95 10.70
N ALA A 192 18.59 7.75 9.64
CA ALA A 192 17.44 7.70 8.75
C ALA A 192 17.42 6.44 7.89
N LEU A 193 18.62 5.95 7.56
CA LEU A 193 18.77 4.73 6.77
C LEU A 193 18.55 3.50 7.63
N LEU A 194 18.51 3.66 8.96
CA LEU A 194 18.15 2.55 9.85
C LEU A 194 16.64 2.29 9.94
N ASN A 195 15.81 3.21 9.46
CA ASN A 195 14.37 3.05 9.61
C ASN A 195 13.84 1.97 8.66
N PRO A 196 13.21 0.92 9.22
CA PRO A 196 12.74 -0.18 8.38
C PRO A 196 11.73 0.20 7.31
N ASP A 197 10.97 1.27 7.54
CA ASP A 197 9.93 1.67 6.58
C ASP A 197 10.60 2.34 5.38
N ASP A 198 10.47 1.73 4.19
CA ASP A 198 11.16 2.25 3.00
C ASP A 198 10.72 3.66 2.65
N GLY A 199 9.42 3.85 2.48
CA GLY A 199 8.84 5.14 2.08
C GLY A 199 9.21 6.31 2.99
N LYS A 200 9.19 6.07 4.30
CA LYS A 200 9.48 7.13 5.26
C LYS A 200 10.97 7.41 5.28
N ALA A 201 11.75 6.37 5.13
CA ALA A 201 13.21 6.49 5.04
C ALA A 201 13.64 7.25 3.78
N LYS A 202 12.94 7.02 2.66
CA LYS A 202 13.33 7.61 1.40
C LYS A 202 13.09 9.14 1.42
N ALA A 203 12.04 9.55 2.14
CA ALA A 203 11.69 10.95 2.28
C ALA A 203 12.75 11.67 3.09
N ILE A 204 13.04 11.10 4.25
CA ILE A 204 13.89 11.78 5.24
C ILE A 204 15.32 11.92 4.72
N THR A 205 15.77 10.94 3.94
CA THR A 205 17.05 11.01 3.26
C THR A 205 17.13 12.20 2.29
N ARG A 206 16.13 12.30 1.40
CA ARG A 206 16.03 13.44 0.48
C ARG A 206 16.00 14.75 1.24
N LEU A 207 15.19 14.82 2.30
CA LEU A 207 15.08 16.06 3.08
C LEU A 207 16.46 16.43 3.62
N LEU A 208 17.11 15.45 4.24
CA LEU A 208 18.43 15.65 4.82
C LEU A 208 19.48 16.01 3.77
N LEU A 209 19.46 15.34 2.63
CA LEU A 209 20.47 15.57 1.59
C LEU A 209 20.29 16.93 0.96
N ASP A 210 19.04 17.32 0.77
CA ASP A 210 18.79 18.63 0.21
C ASP A 210 19.29 19.72 1.16
N HIS A 211 19.15 19.53 2.48
CA HIS A 211 19.67 20.51 3.43
C HIS A 211 21.17 20.39 3.70
N GLY A 212 21.86 19.51 2.98
CA GLY A 212 23.33 19.44 3.03
C GLY A 212 23.96 18.53 4.09
N ALA A 213 23.24 17.49 4.51
CA ALA A 213 23.77 16.51 5.46
C ALA A 213 24.97 15.81 4.83
N ASP A 214 25.99 15.51 5.63
CA ASP A 214 27.23 14.92 5.10
C ASP A 214 27.01 13.45 4.74
N VAL A 215 27.20 13.15 3.47
CA VAL A 215 27.00 11.81 2.94
C VAL A 215 28.17 10.84 3.27
N ASN A 216 29.37 11.38 3.50
CA ASN A 216 30.50 10.59 3.96
C ASN A 216 30.57 10.65 5.49
N VAL A 217 29.92 9.69 6.13
CA VAL A 217 29.95 9.52 7.60
C VAL A 217 29.96 8.02 7.95
N ARG A 218 30.05 7.69 9.23
CA ARG A 218 30.17 6.30 9.65
C ARG A 218 29.30 6.00 10.88
N GLY A 219 28.54 4.90 10.80
CA GLY A 219 27.85 4.33 11.97
C GLY A 219 28.56 3.08 12.47
N GLU A 220 27.79 2.09 12.92
CA GLU A 220 28.36 0.81 13.36
C GLU A 220 28.68 -0.01 12.13
N GLY A 221 29.71 -0.85 12.27
CA GLY A 221 30.52 -1.27 11.12
C GLY A 221 31.33 0.01 11.01
N SER A 222 31.99 0.32 9.91
CA SER A 222 32.32 1.73 9.68
C SER A 222 31.41 1.95 8.50
N LYS A 223 30.17 1.58 8.69
CA LYS A 223 29.38 1.56 7.51
C LYS A 223 29.10 2.99 7.06
N THR A 224 29.29 3.23 5.77
CA THR A 224 28.79 4.46 5.13
C THR A 224 27.27 4.35 4.81
N PRO A 225 26.60 5.50 4.78
CA PRO A 225 25.26 5.54 4.25
C PRO A 225 25.10 4.71 2.98
N LEU A 226 26.01 4.89 2.03
CA LEU A 226 25.95 4.11 0.80
C LEU A 226 25.86 2.59 1.11
N ILE A 227 26.68 2.14 2.06
CA ILE A 227 26.75 0.71 2.42
C ILE A 227 25.47 0.27 3.10
N LEU A 228 24.99 1.07 4.05
CA LEU A 228 23.75 0.75 4.75
C LEU A 228 22.65 0.51 3.73
N ALA A 229 22.67 1.33 2.68
CA ALA A 229 21.62 1.29 1.68
C ALA A 229 21.77 0.05 0.84
N VAL A 230 23.02 -0.32 0.55
CA VAL A 230 23.23 -1.53 -0.25
C VAL A 230 22.67 -2.73 0.53
N GLU A 231 23.07 -2.83 1.81
CA GLU A 231 22.66 -3.92 2.74
C GLU A 231 21.15 -3.97 2.94
N ARG A 232 20.52 -2.80 2.86
CA ARG A 232 19.08 -2.69 2.95
C ARG A 232 18.47 -3.15 1.64
N LYS A 233 19.33 -3.29 0.62
CA LYS A 233 18.94 -3.72 -0.73
C LYS A 233 17.94 -2.75 -1.41
N ASN A 234 18.12 -1.45 -1.17
CA ASN A 234 17.22 -0.42 -1.73
C ASN A 234 17.86 0.38 -2.88
N LEU A 235 17.39 0.15 -4.11
CA LEU A 235 17.94 0.85 -5.29
C LEU A 235 17.75 2.34 -5.17
N ASP A 236 16.55 2.76 -4.81
CA ASP A 236 16.21 4.20 -4.74
C ASP A 236 17.13 5.02 -3.78
N LEU A 237 17.46 4.46 -2.62
CA LEU A 237 18.33 5.11 -1.68
C LEU A 237 19.77 5.18 -2.17
N VAL A 238 20.13 4.19 -2.98
CA VAL A 238 21.46 4.18 -3.58
C VAL A 238 21.58 5.31 -4.60
N GLN A 239 20.62 5.37 -5.52
CA GLN A 239 20.58 6.46 -6.50
C GLN A 239 20.72 7.78 -5.78
N MET A 240 19.86 7.97 -4.79
CA MET A 240 19.68 9.27 -4.10
C MET A 240 21.03 9.70 -3.51
N LEU A 241 21.78 8.73 -2.98
CA LEU A 241 23.11 9.00 -2.42
C LEU A 241 24.18 9.17 -3.50
N LEU A 242 24.13 8.36 -4.54
CA LEU A 242 25.11 8.49 -5.61
C LEU A 242 24.99 9.78 -6.46
N GLU A 243 23.88 10.52 -6.31
CA GLU A 243 23.70 11.81 -6.97
C GLU A 243 24.64 12.87 -6.41
N GLN A 244 24.91 12.82 -5.11
CA GLN A 244 25.97 13.63 -4.52
C GLN A 244 27.24 13.23 -5.24
N GLU A 245 27.89 14.15 -5.92
CA GLU A 245 29.09 13.80 -6.69
C GLU A 245 30.35 13.75 -5.81
N GLN A 246 30.24 14.29 -4.59
CA GLN A 246 31.33 14.31 -3.59
C GLN A 246 31.40 13.04 -2.72
N ILE A 247 30.52 12.07 -2.96
CA ILE A 247 30.48 10.81 -2.21
C ILE A 247 31.67 9.90 -2.53
N GLU A 248 32.21 9.21 -1.51
CA GLU A 248 33.34 8.31 -1.69
C GLU A 248 32.89 6.87 -1.91
N VAL A 249 32.69 6.47 -3.17
CA VAL A 249 32.19 5.11 -3.48
C VAL A 249 33.16 3.97 -3.12
N ASN A 250 34.46 4.24 -3.15
CA ASN A 250 35.49 3.23 -2.91
C ASN A 250 35.89 3.09 -1.42
N ASP A 251 35.12 3.70 -0.51
CA ASP A 251 35.36 3.53 0.93
C ASP A 251 35.00 2.11 1.39
N THR A 252 35.58 1.67 2.51
CA THR A 252 35.36 0.32 3.01
C THR A 252 34.89 0.28 4.45
N ASP A 253 33.92 -0.62 4.73
CA ASP A 253 33.45 -0.89 6.09
C ASP A 253 34.54 -1.63 6.92
N ARG A 254 34.28 -1.87 8.20
CA ARG A 254 35.35 -2.34 9.09
C ARG A 254 36.06 -3.63 8.64
N GLU A 255 35.40 -4.44 7.84
CA GLU A 255 36.02 -5.67 7.34
C GLU A 255 36.83 -5.47 6.04
N GLY A 256 36.96 -4.22 5.60
CA GLY A 256 37.59 -3.90 4.33
C GLY A 256 36.67 -4.02 3.13
N LYS A 257 35.36 -4.16 3.35
CA LYS A 257 34.39 -4.37 2.26
C LYS A 257 33.78 -3.09 1.69
N THR A 258 33.90 -2.94 0.38
CA THR A 258 33.32 -1.82 -0.35
C THR A 258 31.84 -2.11 -0.70
N ALA A 259 31.08 -1.06 -0.96
CA ALA A 259 29.65 -1.17 -1.21
C ALA A 259 29.36 -2.03 -2.45
N LEU A 260 30.22 -1.91 -3.45
CA LEU A 260 30.17 -2.75 -4.65
C LEU A 260 30.27 -4.23 -4.26
N LEU A 261 31.23 -4.56 -3.40
CA LEU A 261 31.51 -5.93 -3.05
C LEU A 261 30.25 -6.58 -2.53
N LEU A 262 29.64 -5.90 -1.55
CA LEU A 262 28.39 -6.33 -0.93
C LEU A 262 27.29 -6.44 -1.93
N ALA A 263 27.24 -5.48 -2.85
CA ALA A 263 26.16 -5.45 -3.82
C ALA A 263 26.20 -6.72 -4.63
N VAL A 264 27.42 -7.14 -4.97
CA VAL A 264 27.55 -8.30 -5.83
C VAL A 264 27.27 -9.52 -4.99
N GLU A 265 27.81 -9.50 -3.77
CA GLU A 265 27.62 -10.58 -2.79
C GLU A 265 26.15 -10.90 -2.55
N LEU A 266 25.31 -9.87 -2.52
CA LEU A 266 23.88 -10.02 -2.24
C LEU A 266 23.01 -10.15 -3.52
N ARG A 267 23.63 -10.46 -4.69
CA ARG A 267 22.91 -10.60 -5.96
C ARG A 267 22.16 -9.35 -6.41
N LEU A 268 22.72 -8.17 -6.14
CA LEU A 268 22.07 -6.91 -6.52
C LEU A 268 22.65 -6.39 -7.83
N GLU A 269 22.09 -6.86 -8.95
CA GLU A 269 22.55 -6.54 -10.29
C GLU A 269 22.44 -5.05 -10.58
N GLU A 270 21.23 -4.52 -10.48
CA GLU A 270 21.01 -3.14 -10.88
C GLU A 270 21.79 -2.17 -9.99
N ILE A 271 21.89 -2.49 -8.71
CA ILE A 271 22.63 -1.67 -7.75
C ILE A 271 24.15 -1.73 -8.01
N ALA A 272 24.64 -2.91 -8.38
CA ALA A 272 26.06 -3.07 -8.68
C ALA A 272 26.44 -2.35 -9.97
N LYS A 273 25.65 -2.56 -11.01
CA LYS A 273 25.91 -1.91 -12.29
C LYS A 273 25.97 -0.42 -12.09
N LEU A 274 24.95 0.11 -11.40
CA LEU A 274 24.83 1.55 -11.13
C LEU A 274 26.06 2.11 -10.41
N LEU A 275 26.58 1.34 -9.45
CA LEU A 275 27.78 1.73 -8.71
C LEU A 275 29.03 1.74 -9.59
N CYS A 276 29.08 0.85 -10.59
CA CYS A 276 30.25 0.74 -11.45
C CYS A 276 30.30 1.96 -12.32
N HIS A 277 29.18 2.26 -12.97
CA HIS A 277 29.04 3.48 -13.73
C HIS A 277 29.45 4.70 -12.88
N ARG A 278 28.99 4.76 -11.63
CA ARG A 278 29.32 5.89 -10.75
C ARG A 278 30.75 5.83 -10.18
N GLY A 279 31.59 4.96 -10.73
CA GLY A 279 33.04 5.07 -10.47
C GLY A 279 33.64 4.12 -9.46
N ALA A 280 32.90 3.09 -9.06
CA ALA A 280 33.42 2.07 -8.14
C ALA A 280 34.45 1.20 -8.87
N SER A 281 35.33 0.54 -8.11
CA SER A 281 36.41 -0.24 -8.69
C SER A 281 36.12 -1.72 -8.69
N THR A 282 36.73 -2.43 -9.63
CA THR A 282 36.61 -3.88 -9.76
C THR A 282 37.67 -4.64 -8.99
N ASN A 283 38.60 -3.93 -8.38
CA ASN A 283 39.68 -4.57 -7.61
C ASN A 283 39.33 -4.53 -6.11
N CYS A 284 38.04 -4.58 -5.80
CA CYS A 284 37.56 -4.58 -4.42
C CYS A 284 37.39 -6.02 -3.91
N GLY A 285 37.73 -6.98 -4.77
CA GLY A 285 37.61 -8.41 -4.48
C GLY A 285 37.11 -9.12 -5.71
N ASP A 286 37.30 -10.44 -5.77
CA ASP A 286 36.80 -11.26 -6.91
C ASP A 286 35.25 -11.01 -6.87
N LEU A 287 34.73 -10.48 -7.96
CA LEU A 287 33.33 -10.10 -8.04
C LEU A 287 32.85 -11.08 -9.09
N VAL A 288 33.73 -11.47 -9.99
CA VAL A 288 33.31 -12.30 -11.11
C VAL A 288 32.90 -13.64 -10.56
N ALA A 289 33.76 -14.16 -9.70
CA ALA A 289 33.55 -15.46 -9.04
C ALA A 289 32.30 -15.48 -8.19
N ILE A 290 32.12 -14.40 -7.41
CA ILE A 290 30.96 -14.25 -6.55
C ILE A 290 29.66 -14.30 -7.36
N ALA A 291 29.61 -13.50 -8.42
CA ALA A 291 28.43 -13.44 -9.27
C ALA A 291 28.17 -14.80 -9.92
N ARG A 292 29.26 -15.47 -10.30
CA ARG A 292 29.11 -16.83 -10.85
C ARG A 292 28.42 -17.71 -9.80
N ARG A 293 29.12 -17.85 -8.67
CA ARG A 293 28.63 -18.48 -7.44
C ARG A 293 27.13 -18.24 -7.20
N ASN A 294 26.74 -16.95 -7.25
CA ASN A 294 25.35 -16.53 -7.13
C ASN A 294 24.42 -16.98 -8.25
N TYR A 295 24.99 -17.31 -9.42
CA TYR A 295 24.19 -17.55 -10.63
C TYR A 295 23.54 -16.25 -11.12
N ASP A 296 24.32 -15.16 -11.10
CA ASP A 296 23.96 -13.89 -11.77
C ASP A 296 24.50 -13.90 -13.20
N SER A 297 23.78 -14.54 -14.11
CA SER A 297 24.29 -14.71 -15.47
C SER A 297 24.73 -13.34 -16.04
N ASP A 298 23.81 -12.39 -16.04
CA ASP A 298 24.04 -11.09 -16.66
C ASP A 298 25.13 -10.28 -15.97
N LEU A 299 25.27 -10.43 -14.66
CA LEU A 299 26.23 -9.63 -13.93
C LEU A 299 27.64 -10.14 -14.17
N VAL A 300 27.78 -11.44 -14.32
CA VAL A 300 29.05 -12.02 -14.75
C VAL A 300 29.44 -11.39 -16.10
N LYS A 301 28.49 -11.40 -17.04
CA LYS A 301 28.69 -10.80 -18.36
C LYS A 301 29.10 -9.34 -18.17
N PHE A 302 28.31 -8.61 -17.40
CA PHE A 302 28.62 -7.21 -17.20
C PHE A 302 30.01 -7.02 -16.68
N LEU A 303 30.45 -7.90 -15.78
CA LEU A 303 31.71 -7.65 -15.06
C LEU A 303 32.93 -8.08 -15.85
N ARG A 304 32.73 -9.03 -16.77
CA ARG A 304 33.79 -9.39 -17.70
C ARG A 304 34.04 -8.27 -18.74
N LEU A 305 32.98 -7.66 -19.25
CA LEU A 305 33.11 -6.61 -20.26
C LEU A 305 33.75 -5.37 -19.64
N HIS A 306 33.49 -5.17 -18.36
CA HIS A 306 34.07 -4.10 -17.61
C HIS A 306 35.13 -4.70 -16.70
N ASN A 318 47.27 -18.78 5.55
CA ASN A 318 48.10 -18.88 6.75
C ASN A 318 47.55 -19.68 7.98
N TRP A 319 46.23 -19.80 8.09
CA TRP A 319 45.53 -20.32 9.28
C TRP A 319 45.91 -21.74 9.64
N LYS A 320 46.14 -21.95 10.96
CA LYS A 320 46.64 -23.23 11.52
C LYS A 320 45.63 -23.85 12.49
N PRO A 321 45.14 -25.06 12.18
CA PRO A 321 44.29 -25.77 13.15
C PRO A 321 45.14 -26.35 14.28
N GLN A 322 44.53 -26.64 15.42
CA GLN A 322 45.25 -27.29 16.53
C GLN A 322 45.07 -28.80 16.56
N SER A 323 43.98 -29.30 15.99
CA SER A 323 43.73 -30.74 15.95
C SER A 323 44.59 -31.51 14.93
N SER A 324 45.09 -32.67 15.36
CA SER A 324 45.91 -33.54 14.55
C SER A 324 45.07 -34.43 13.64
N ARG A 325 44.05 -35.07 14.20
CA ARG A 325 43.15 -35.92 13.43
C ARG A 325 42.25 -35.12 12.45
N TRP A 326 41.86 -33.91 12.83
CA TRP A 326 40.95 -33.13 12.03
C TRP A 326 41.60 -31.89 11.33
N GLY A 327 42.90 -31.69 11.53
CA GLY A 327 43.65 -30.59 10.92
C GLY A 327 43.42 -30.38 9.43
N GLU A 328 43.73 -31.40 8.62
CA GLU A 328 43.54 -31.35 7.15
C GLU A 328 42.15 -30.82 6.70
N ALA A 329 41.07 -31.39 7.27
CA ALA A 329 39.70 -31.03 6.85
C ALA A 329 39.29 -29.64 7.32
N LEU A 330 39.67 -29.29 8.55
CA LEU A 330 39.53 -27.92 9.04
C LEU A 330 40.19 -26.89 8.12
N LYS A 331 41.45 -27.12 7.73
CA LYS A 331 42.14 -26.26 6.75
C LYS A 331 41.26 -26.03 5.52
N HIS A 332 40.75 -27.11 4.93
CA HIS A 332 39.89 -27.06 3.75
C HIS A 332 38.54 -26.37 4.06
N LEU A 333 38.08 -26.41 5.30
CA LEU A 333 36.80 -25.77 5.67
C LEU A 333 37.00 -24.29 5.89
N HIS A 334 38.20 -23.92 6.39
CA HIS A 334 38.55 -22.51 6.52
C HIS A 334 38.75 -21.90 5.13
N ARG A 335 39.33 -22.71 4.24
CA ARG A 335 39.66 -22.32 2.89
C ARG A 335 38.38 -21.99 2.10
N ILE A 336 37.44 -22.95 2.04
CA ILE A 336 36.30 -22.84 1.10
C ILE A 336 35.36 -21.73 1.49
N TRP A 337 34.53 -21.27 0.54
CA TRP A 337 33.53 -20.24 0.87
C TRP A 337 32.24 -20.87 1.30
N ARG A 338 31.74 -20.40 2.46
CA ARG A 338 30.45 -20.79 3.03
C ARG A 338 29.72 -19.53 3.52
N PRO A 339 28.42 -19.59 3.61
CA PRO A 339 27.69 -18.54 4.27
C PRO A 339 27.68 -18.78 5.78
N MET A 340 27.66 -17.73 6.59
CA MET A 340 27.67 -17.97 8.04
C MET A 340 26.26 -18.33 8.42
N ILE A 341 26.11 -19.27 9.38
CA ILE A 341 24.90 -19.36 10.20
C ILE A 341 25.21 -18.69 11.54
N GLY A 342 24.89 -17.40 11.64
CA GLY A 342 25.24 -16.60 12.81
C GLY A 342 26.73 -16.46 12.88
N LYS A 343 27.34 -17.09 13.89
CA LYS A 343 28.79 -17.14 14.00
C LYS A 343 29.37 -18.49 13.59
N LEU A 344 28.54 -19.38 13.02
CA LEU A 344 29.03 -20.71 12.61
C LEU A 344 29.24 -20.85 11.08
N LYS A 345 30.49 -21.05 10.67
CA LYS A 345 30.79 -21.47 9.32
C LYS A 345 30.74 -23.00 9.31
N ILE A 346 29.83 -23.57 8.55
CA ILE A 346 29.69 -25.03 8.50
C ILE A 346 29.32 -25.51 7.09
N PHE A 347 29.80 -26.70 6.75
CA PHE A 347 29.35 -27.33 5.52
C PHE A 347 29.04 -28.80 5.77
N ILE A 348 27.82 -29.19 5.40
CA ILE A 348 27.42 -30.59 5.49
C ILE A 348 27.94 -31.36 4.30
N ASP A 349 28.88 -32.27 4.55
CA ASP A 349 29.57 -33.08 3.52
C ASP A 349 30.45 -34.15 4.20
N GLU A 350 30.46 -35.36 3.65
CA GLU A 350 31.16 -36.46 4.29
C GLU A 350 32.58 -36.08 4.72
N GLU A 351 33.26 -35.22 3.96
CA GLU A 351 34.65 -34.84 4.32
C GLU A 351 34.75 -34.23 5.71
N TYR A 352 33.71 -33.51 6.12
CA TYR A 352 33.71 -32.85 7.42
C TYR A 352 32.74 -33.49 8.44
N LYS A 353 32.38 -34.77 8.27
CA LYS A 353 31.54 -35.51 9.25
C LYS A 353 32.35 -36.18 10.35
N ILE A 354 31.94 -36.00 11.61
CA ILE A 354 32.66 -36.53 12.80
C ILE A 354 32.02 -37.82 13.34
N ALA A 355 30.69 -37.83 13.39
CA ALA A 355 29.96 -39.05 13.76
C ALA A 355 28.49 -38.93 13.42
N ASP A 356 27.82 -40.06 13.13
CA ASP A 356 26.34 -40.14 13.14
C ASP A 356 25.86 -39.79 14.53
N THR A 357 24.59 -39.46 14.64
CA THR A 357 23.88 -39.35 15.94
C THR A 357 22.45 -39.88 15.74
N ALA A 358 21.63 -39.78 16.78
CA ALA A 358 20.24 -40.16 16.65
C ALA A 358 19.49 -39.15 15.81
N GLU A 359 20.14 -38.01 15.54
CA GLU A 359 19.53 -36.94 14.72
C GLU A 359 20.28 -36.36 13.47
N GLY A 360 21.29 -35.52 13.67
CA GLY A 360 21.84 -34.68 12.59
C GLY A 360 23.34 -34.89 12.44
N GLY A 361 23.88 -35.81 13.21
CA GLY A 361 25.30 -36.10 13.14
C GLY A 361 26.13 -35.08 13.87
N ILE A 362 27.42 -35.35 13.92
CA ILE A 362 28.38 -34.46 14.48
C ILE A 362 29.26 -34.04 13.32
N TYR A 363 29.27 -32.76 12.99
CA TYR A 363 30.17 -32.27 11.96
C TYR A 363 31.26 -31.30 12.44
N LEU A 364 32.33 -31.18 11.67
CA LEU A 364 33.35 -30.15 11.90
C LEU A 364 32.74 -28.78 11.58
N GLY A 365 33.19 -27.76 12.31
CA GLY A 365 32.69 -26.39 12.14
C GLY A 365 33.65 -25.34 12.68
N LEU A 366 33.48 -24.10 12.21
CA LEU A 366 34.33 -23.00 12.67
C LEU A 366 33.47 -21.93 13.36
N TYR A 367 33.92 -21.52 14.54
CA TYR A 367 33.05 -20.71 15.41
C TYR A 367 33.84 -19.57 16.00
N GLU A 368 33.50 -18.33 15.61
CA GLU A 368 34.32 -17.15 15.96
C GLU A 368 35.80 -17.45 15.56
N ASP A 369 35.96 -18.09 14.37
CA ASP A 369 37.25 -18.64 13.84
C ASP A 369 37.92 -19.82 14.60
N GLN A 370 37.24 -20.36 15.63
CA GLN A 370 37.77 -21.48 16.42
C GLN A 370 37.24 -22.84 15.91
N GLU A 371 38.10 -23.84 15.87
CA GLU A 371 37.67 -25.18 15.55
C GLU A 371 36.64 -25.76 16.58
N VAL A 372 35.48 -26.22 16.08
CA VAL A 372 34.41 -26.84 16.94
C VAL A 372 33.64 -28.00 16.31
N ALA A 373 33.37 -29.02 17.11
CA ALA A 373 32.54 -30.14 16.69
C ALA A 373 31.15 -29.68 16.90
N VAL A 374 30.28 -29.96 15.95
CA VAL A 374 28.94 -29.33 15.98
C VAL A 374 27.88 -30.42 16.04
N LYS A 375 27.08 -30.40 17.10
CA LYS A 375 26.07 -31.44 17.28
C LYS A 375 24.75 -30.89 16.80
N ARG A 376 24.23 -31.48 15.72
CA ARG A 376 23.09 -30.93 14.98
C ARG A 376 21.76 -31.60 15.28
N PHE A 377 20.75 -30.80 15.52
CA PHE A 377 19.46 -31.32 15.94
C PHE A 377 18.43 -30.59 15.15
N SER A 378 17.19 -31.10 15.20
CA SER A 378 16.06 -30.29 14.79
C SER A 378 15.97 -29.13 15.80
N GLU A 379 15.66 -27.94 15.32
CA GLU A 379 15.51 -26.82 16.21
C GLU A 379 14.44 -27.19 17.23
N GLY A 380 13.40 -27.88 16.76
CA GLY A 380 12.28 -28.26 17.61
C GLY A 380 12.48 -29.50 18.49
N SER A 381 13.61 -30.16 18.33
CA SER A 381 13.88 -31.37 19.12
C SER A 381 13.89 -31.12 20.62
N THR A 382 13.29 -32.05 21.34
CA THR A 382 13.20 -31.97 22.80
C THR A 382 14.54 -32.38 23.44
N ARG A 383 15.17 -33.40 22.87
CA ARG A 383 16.52 -33.83 23.28
C ARG A 383 17.53 -32.67 23.10
N GLY A 384 17.51 -32.07 21.91
CA GLY A 384 18.34 -30.90 21.61
C GLY A 384 18.19 -29.74 22.57
N GLN A 385 16.97 -29.55 23.09
CA GLN A 385 16.68 -28.50 24.11
C GLN A 385 17.27 -28.81 25.50
N GLN A 386 17.23 -30.09 25.90
CA GLN A 386 17.83 -30.51 27.16
C GLN A 386 19.33 -30.30 27.08
N GLU A 387 19.89 -30.45 25.88
CA GLU A 387 21.36 -30.39 25.69
C GLU A 387 21.87 -28.95 25.91
N VAL A 388 21.39 -28.02 25.09
CA VAL A 388 21.87 -26.64 25.18
C VAL A 388 21.55 -26.08 26.57
N SER A 389 20.42 -26.51 27.16
CA SER A 389 20.06 -26.09 28.52
C SER A 389 21.13 -26.50 29.55
N CYS A 390 21.58 -27.74 29.46
CA CYS A 390 22.57 -28.23 30.38
C CYS A 390 23.90 -27.53 30.15
N LEU A 391 24.32 -27.42 28.88
CA LEU A 391 25.67 -26.91 28.56
C LEU A 391 25.82 -25.46 28.93
N GLN A 392 24.71 -24.73 28.87
CA GLN A 392 24.64 -23.33 29.36
C GLN A 392 24.90 -23.15 30.84
N SER A 393 24.53 -24.17 31.62
CA SER A 393 24.73 -24.22 33.06
C SER A 393 26.10 -24.80 33.44
N SER A 394 26.85 -25.25 32.43
CA SER A 394 28.06 -26.03 32.65
C SER A 394 29.34 -25.34 32.18
N ARG A 395 29.27 -24.05 31.87
CA ARG A 395 30.45 -23.36 31.31
C ARG A 395 31.64 -23.33 32.28
N ALA A 396 31.36 -23.27 33.59
CA ALA A 396 32.43 -23.21 34.58
C ALA A 396 33.05 -24.59 34.89
N ASN A 397 32.46 -25.66 34.35
CA ASN A 397 32.86 -27.03 34.69
C ASN A 397 34.01 -27.52 33.82
N ASP A 398 35.24 -27.51 34.34
CA ASP A 398 36.41 -27.75 33.49
C ASP A 398 36.43 -29.10 32.80
N ASN A 399 35.65 -30.04 33.31
CA ASN A 399 35.70 -31.45 32.86
C ASN A 399 34.51 -31.80 32.00
N VAL A 400 33.63 -30.82 31.80
CA VAL A 400 32.62 -30.95 30.77
C VAL A 400 33.28 -30.42 29.52
N VAL A 401 33.03 -31.09 28.39
CA VAL A 401 33.53 -30.60 27.11
C VAL A 401 33.16 -29.08 27.04
N THR A 402 34.07 -28.26 26.56
CA THR A 402 33.90 -26.81 26.58
C THR A 402 32.80 -26.36 25.59
N PHE A 403 32.00 -25.37 26.01
CA PHE A 403 30.79 -24.97 25.26
C PHE A 403 30.93 -23.57 24.63
N TYR A 404 30.87 -23.53 23.29
CA TYR A 404 31.12 -22.29 22.54
C TYR A 404 29.77 -21.51 22.41
N GLY A 405 28.74 -22.17 21.92
CA GLY A 405 27.41 -21.57 21.88
C GLY A 405 26.53 -22.36 20.91
N SER A 406 25.33 -21.85 20.63
CA SER A 406 24.44 -22.48 19.68
C SER A 406 23.94 -21.49 18.61
N GLU A 407 23.53 -22.01 17.44
CA GLU A 407 23.01 -21.19 16.33
C GLU A 407 21.91 -21.94 15.63
N SER A 408 20.78 -21.25 15.45
CA SER A 408 19.68 -21.77 14.63
C SER A 408 19.70 -21.17 13.24
N ASP A 409 19.59 -22.02 12.21
CA ASP A 409 19.05 -21.58 10.92
C ASP A 409 17.53 -21.74 11.05
N GLY A 410 16.83 -21.77 9.93
CA GLY A 410 15.39 -21.98 10.06
C GLY A 410 14.96 -23.26 10.79
N SER A 411 15.78 -24.32 10.71
CA SER A 411 15.30 -25.70 10.89
C SER A 411 16.20 -26.64 11.73
N CYS A 412 17.52 -26.37 11.75
CA CYS A 412 18.50 -27.13 12.52
C CYS A 412 19.01 -26.31 13.70
N LEU A 413 19.26 -26.96 14.81
CA LEU A 413 19.85 -26.31 15.97
C LEU A 413 21.30 -26.78 16.08
N HIS A 414 22.23 -25.88 15.81
CA HIS A 414 23.65 -26.24 15.87
C HIS A 414 24.20 -26.01 17.27
N VAL A 415 24.73 -27.06 17.89
CA VAL A 415 25.39 -26.96 19.18
C VAL A 415 26.90 -27.07 19.02
N CYS A 416 27.61 -25.97 19.28
CA CYS A 416 29.05 -25.94 19.05
C CYS A 416 29.83 -26.27 20.31
N LEU A 417 30.68 -27.29 20.23
CA LEU A 417 31.42 -27.77 21.39
C LEU A 417 32.87 -27.72 21.07
N ALA A 418 33.69 -27.93 22.10
CA ALA A 418 35.13 -28.08 21.91
C ALA A 418 35.34 -29.28 21.04
N LEU A 419 36.35 -29.26 20.18
CA LEU A 419 36.65 -30.43 19.29
C LEU A 419 37.80 -31.29 19.84
N CYS A 420 37.49 -32.54 20.27
CA CYS A 420 38.52 -33.43 20.82
C CYS A 420 38.98 -34.44 19.78
N GLU A 421 40.07 -35.14 20.07
CA GLU A 421 40.61 -36.13 19.17
C GLU A 421 39.82 -37.45 19.22
N TYR A 422 39.68 -38.06 20.38
CA TYR A 422 39.14 -39.41 20.44
C TYR A 422 38.15 -39.60 21.54
N THR A 423 37.10 -40.30 21.20
CA THR A 423 36.25 -40.93 22.19
C THR A 423 37.12 -41.80 23.11
N LEU A 424 36.63 -42.06 24.32
CA LEU A 424 37.38 -42.83 25.30
C LEU A 424 37.70 -44.22 24.75
N GLN A 425 36.65 -44.83 24.22
CA GLN A 425 36.72 -46.19 23.69
C GLN A 425 37.84 -46.34 22.63
N GLU A 426 38.01 -45.30 21.80
CA GLU A 426 39.05 -45.25 20.78
C GLU A 426 40.36 -45.03 21.48
N HIS A 427 40.41 -44.02 22.34
CA HIS A 427 41.65 -43.71 23.06
C HIS A 427 42.27 -44.96 23.67
N LEU A 428 41.46 -45.74 24.38
CA LEU A 428 41.95 -46.89 25.19
C LEU A 428 42.46 -48.01 24.33
N ALA A 429 41.82 -48.15 23.16
CA ALA A 429 42.25 -49.05 22.09
C ALA A 429 43.59 -48.56 21.50
N ASN A 430 43.66 -47.28 21.14
CA ASN A 430 44.88 -46.70 20.59
C ASN A 430 46.11 -46.83 21.52
N HIS A 431 45.89 -46.75 22.83
CA HIS A 431 47.01 -46.78 23.78
C HIS A 431 47.00 -48.09 24.57
N ARG A 432 46.45 -49.13 23.96
CA ARG A 432 46.40 -50.45 24.61
C ARG A 432 47.77 -51.13 24.65
N GLY A 433 48.66 -50.72 23.76
CA GLY A 433 50.02 -51.27 23.72
C GLY A 433 51.06 -50.54 24.56
N ASP A 434 50.67 -49.40 25.14
CA ASP A 434 51.60 -48.51 25.85
C ASP A 434 52.21 -49.16 27.08
N ALA A 435 51.40 -49.80 27.91
CA ALA A 435 51.89 -50.33 29.18
C ALA A 435 52.46 -51.76 29.11
N VAL A 436 53.54 -52.00 29.85
CA VAL A 436 54.09 -53.35 30.02
C VAL A 436 53.15 -54.12 30.98
N PRO A 437 53.17 -55.46 30.96
CA PRO A 437 52.07 -56.26 31.54
C PRO A 437 51.41 -55.75 32.83
N ASN A 438 52.18 -55.63 33.91
CA ASN A 438 51.61 -55.33 35.22
C ASN A 438 51.76 -53.88 35.64
N GLU A 439 52.30 -53.07 34.72
CA GLU A 439 52.65 -51.68 34.97
C GLU A 439 51.51 -50.92 35.64
N GLU A 440 51.86 -50.06 36.60
CA GLU A 440 50.86 -49.23 37.27
C GLU A 440 50.13 -48.39 36.24
N ASP A 441 48.81 -48.34 36.36
CA ASP A 441 47.96 -47.58 35.42
C ASP A 441 47.64 -46.17 35.96
N GLU A 442 48.54 -45.21 35.71
CA GLU A 442 48.32 -43.87 36.20
C GLU A 442 47.19 -43.17 35.47
N SER A 443 47.04 -43.49 34.18
CA SER A 443 46.16 -42.69 33.36
C SER A 443 44.73 -43.11 33.55
N ALA A 444 44.48 -44.36 33.93
CA ALA A 444 43.13 -44.77 34.38
C ALA A 444 42.70 -43.88 35.55
N ARG A 445 43.61 -43.63 36.49
CA ARG A 445 43.31 -42.74 37.59
C ARG A 445 43.06 -41.33 37.13
N ASN A 446 43.81 -40.88 36.12
CA ASN A 446 43.63 -39.51 35.58
C ASN A 446 42.33 -39.35 34.75
N ILE A 447 41.95 -40.41 34.02
CA ILE A 447 40.71 -40.47 33.29
C ILE A 447 39.53 -40.48 34.26
N LEU A 448 39.59 -41.35 35.27
CA LEU A 448 38.45 -41.54 36.16
C LEU A 448 38.29 -40.33 37.11
N SER A 449 39.41 -39.81 37.62
CA SER A 449 39.33 -38.71 38.58
C SER A 449 38.72 -37.47 37.93
N SER A 450 38.96 -37.28 36.62
CA SER A 450 38.35 -36.17 35.87
C SER A 450 36.84 -36.31 35.81
N LEU A 451 36.36 -37.51 35.52
CA LEU A 451 34.91 -37.72 35.36
C LEU A 451 34.20 -37.59 36.70
N PHE A 452 34.87 -37.97 37.79
CA PHE A 452 34.25 -37.87 39.12
C PHE A 452 33.92 -36.40 39.38
N LYS A 453 34.93 -35.55 39.13
CA LYS A 453 34.81 -34.11 39.23
C LYS A 453 33.83 -33.59 38.19
N ALA A 454 33.87 -34.15 36.98
CA ALA A 454 32.88 -33.78 35.95
C ALA A 454 31.44 -34.01 36.47
N ILE A 455 31.16 -35.23 36.91
CA ILE A 455 29.81 -35.62 37.33
C ILE A 455 29.48 -34.97 38.68
N GLY A 456 30.47 -34.91 39.56
CA GLY A 456 30.35 -34.12 40.80
C GLY A 456 29.76 -32.73 40.59
N GLU A 457 30.33 -31.97 39.65
CA GLU A 457 29.96 -30.57 39.47
C GLU A 457 28.63 -30.48 38.72
N LEU A 458 28.41 -31.46 37.87
CA LEU A 458 27.16 -31.52 37.13
C LEU A 458 26.03 -31.69 38.13
N HIS A 459 26.23 -32.62 39.09
CA HIS A 459 25.19 -32.90 40.07
C HIS A 459 24.93 -31.63 40.90
N ARG A 460 26.00 -30.93 41.24
CA ARG A 460 25.91 -29.67 41.95
C ARG A 460 25.09 -28.63 41.21
N SER A 461 25.21 -28.60 39.87
CA SER A 461 24.41 -27.67 39.05
C SER A 461 22.97 -28.13 38.94
N GLY A 462 22.65 -29.27 39.56
CA GLY A 462 21.28 -29.78 39.59
C GLY A 462 20.90 -30.60 38.37
N TYR A 463 21.91 -30.90 37.55
CA TYR A 463 21.73 -31.65 36.32
C TYR A 463 22.35 -33.04 36.50
N SER A 464 21.67 -34.06 35.97
CA SER A 464 22.15 -35.44 36.03
C SER A 464 22.23 -35.97 34.62
N HIS A 465 23.30 -36.70 34.32
CA HIS A 465 23.59 -37.17 32.95
C HIS A 465 23.11 -38.61 32.77
N GLN A 466 21.96 -38.83 32.16
CA GLN A 466 21.27 -40.12 32.31
C GLN A 466 21.81 -41.27 31.48
N ASP A 467 22.80 -40.99 30.63
CA ASP A 467 23.32 -41.94 29.66
C ASP A 467 24.85 -42.09 29.72
N LEU A 468 25.45 -42.06 30.91
CA LEU A 468 26.91 -42.25 30.98
C LEU A 468 27.31 -43.53 30.25
N GLN A 469 28.11 -43.38 29.20
CA GLN A 469 28.72 -44.50 28.50
C GLN A 469 29.96 -43.99 27.75
N PRO A 470 30.87 -44.90 27.31
CA PRO A 470 32.25 -44.50 26.95
C PRO A 470 32.38 -43.73 25.64
N GLN A 471 31.32 -43.68 24.83
CA GLN A 471 31.30 -42.82 23.65
C GLN A 471 30.91 -41.37 23.98
N ASN A 472 30.24 -41.16 25.11
CA ASN A 472 29.97 -39.84 25.64
C ASN A 472 31.19 -39.18 26.27
N ILE A 473 32.30 -39.89 26.33
CA ILE A 473 33.53 -39.38 26.97
C ILE A 473 34.59 -39.14 25.94
N LEU A 474 35.27 -37.99 26.02
CA LEU A 474 36.13 -37.58 24.88
C LEU A 474 37.48 -37.19 25.43
N ILE A 475 38.50 -37.44 24.63
CA ILE A 475 39.86 -37.16 25.01
C ILE A 475 40.55 -36.21 24.00
N ASP A 476 40.91 -35.02 24.48
CA ASP A 476 41.50 -33.99 23.64
C ASP A 476 42.97 -34.30 23.28
N SER A 477 43.50 -33.46 22.39
CA SER A 477 44.90 -33.48 21.96
C SER A 477 45.88 -33.51 23.14
N LYS A 478 45.53 -32.80 24.21
CA LYS A 478 46.39 -32.68 25.38
C LYS A 478 46.26 -33.89 26.33
N ASN A 479 45.42 -34.87 25.96
CA ASN A 479 45.04 -36.04 26.81
C ASN A 479 44.11 -35.74 27.99
N GLY A 480 43.57 -34.52 28.02
CA GLY A 480 42.54 -34.17 28.95
C GLY A 480 41.30 -34.95 28.55
N THR A 481 40.47 -35.29 29.54
CA THR A 481 39.26 -36.10 29.33
C THR A 481 38.02 -35.33 29.77
N PHE A 482 36.93 -35.48 29.03
CA PHE A 482 35.81 -34.57 29.12
C PHE A 482 34.47 -35.28 28.98
N LEU A 483 33.56 -34.98 29.90
CA LEU A 483 32.23 -35.56 29.88
C LEU A 483 31.25 -34.82 28.97
N ALA A 484 30.63 -35.50 28.01
CA ALA A 484 30.09 -34.79 26.87
C ALA A 484 28.89 -35.27 26.19
N ASP A 485 27.95 -35.99 26.73
CA ASP A 485 26.70 -35.59 26.10
C ASP A 485 25.39 -35.58 26.89
N PHE A 486 24.67 -34.47 26.68
CA PHE A 486 23.63 -34.10 27.62
C PHE A 486 22.24 -34.01 26.99
N ASP A 487 22.07 -34.57 25.79
CA ASP A 487 20.76 -34.59 25.13
C ASP A 487 19.69 -35.34 25.93
N LYS A 488 20.12 -36.27 26.79
CA LYS A 488 19.22 -37.08 27.60
C LYS A 488 19.35 -36.76 29.11
N SER A 489 20.03 -35.64 29.42
CA SER A 489 20.21 -35.18 30.83
C SER A 489 18.91 -34.63 31.42
N ILE A 490 18.87 -34.42 32.73
CA ILE A 490 17.67 -33.90 33.44
C ILE A 490 18.05 -33.11 34.68
N LYS A 491 17.15 -32.22 35.11
CA LYS A 491 17.31 -31.61 36.41
C LYS A 491 16.88 -32.65 37.44
N TRP A 492 17.81 -33.11 38.27
CA TRP A 492 17.52 -34.24 39.17
C TRP A 492 16.69 -33.79 40.33
N ALA A 493 16.66 -32.48 40.55
CA ALA A 493 15.72 -31.85 41.48
C ALA A 493 14.37 -32.55 41.49
N GLU A 494 13.83 -32.80 40.31
CA GLU A 494 12.48 -33.37 40.15
C GLU A 494 12.30 -34.74 40.82
N ASP A 495 13.27 -35.62 40.60
CA ASP A 495 13.18 -37.02 41.01
C ASP A 495 14.55 -37.49 41.52
N PRO A 496 14.93 -37.10 42.77
CA PRO A 496 16.32 -37.29 43.27
C PRO A 496 16.79 -38.75 43.30
N GLN A 497 15.84 -39.67 43.27
CA GLN A 497 16.11 -41.09 43.02
C GLN A 497 17.01 -41.33 41.81
N LYS A 498 16.89 -40.48 40.77
CA LYS A 498 17.59 -40.70 39.49
C LYS A 498 19.05 -40.29 39.51
N ILE A 499 19.52 -39.61 40.54
CA ILE A 499 20.98 -39.36 40.61
C ILE A 499 21.78 -40.67 40.66
N LYS A 500 21.21 -41.69 41.30
CA LYS A 500 21.86 -42.98 41.46
C LYS A 500 22.38 -43.62 40.19
N ARG A 501 21.63 -43.37 39.11
CA ARG A 501 21.86 -44.06 37.88
C ARG A 501 23.21 -43.66 37.29
N ASP A 502 23.66 -42.43 37.56
CA ASP A 502 24.97 -41.97 37.10
C ASP A 502 26.06 -42.69 37.88
N LEU A 503 25.89 -42.74 39.19
CA LEU A 503 26.87 -43.38 40.06
C LEU A 503 27.03 -44.83 39.70
N GLU A 504 25.91 -45.49 39.32
CA GLU A 504 25.95 -46.91 38.86
C GLU A 504 26.84 -47.02 37.65
N ALA A 505 26.45 -46.26 36.61
CA ALA A 505 27.20 -46.19 35.36
C ALA A 505 28.68 -45.83 35.59
N LEU A 506 28.91 -44.88 36.48
CA LEU A 506 30.27 -44.54 36.82
C LEU A 506 31.00 -45.84 37.24
N GLY A 507 30.29 -46.73 37.95
CA GLY A 507 30.90 -47.94 38.47
C GLY A 507 31.31 -48.88 37.36
N LEU A 508 30.44 -49.02 36.38
CA LEU A 508 30.76 -49.82 35.22
C LEU A 508 31.98 -49.18 34.52
N LEU A 509 31.97 -47.85 34.42
CA LEU A 509 33.05 -47.12 33.78
C LEU A 509 34.39 -47.28 34.51
N VAL A 510 34.35 -47.46 35.82
CA VAL A 510 35.60 -47.62 36.60
C VAL A 510 36.27 -48.92 36.23
N LEU A 511 35.47 -49.96 36.06
CA LEU A 511 35.99 -51.25 35.64
C LEU A 511 36.36 -51.22 34.19
N TYR A 512 35.50 -50.63 33.35
CA TYR A 512 35.76 -50.54 31.90
C TYR A 512 37.14 -49.97 31.63
N VAL A 513 37.45 -48.87 32.30
CA VAL A 513 38.70 -48.16 32.16
C VAL A 513 39.80 -49.02 32.70
N VAL A 514 39.55 -49.60 33.88
CA VAL A 514 40.59 -50.31 34.65
C VAL A 514 41.06 -51.51 33.88
N LYS A 515 40.09 -52.23 33.30
CA LYS A 515 40.33 -53.37 32.36
C LYS A 515 40.79 -52.94 30.93
N LYS A 516 41.21 -51.69 30.80
CA LYS A 516 41.82 -51.15 29.58
C LYS A 516 40.95 -51.19 28.33
N GLY A 517 39.72 -51.66 28.45
CA GLY A 517 38.75 -51.64 27.35
C GLY A 517 38.64 -52.98 26.65
N ASP A 518 39.21 -54.01 27.26
CA ASP A 518 39.15 -55.37 26.72
C ASP A 518 37.71 -55.89 26.92
N ILE A 519 37.10 -55.64 28.10
CA ILE A 519 35.67 -55.90 28.29
C ILE A 519 34.84 -54.72 27.73
N SER A 520 33.77 -55.04 27.00
CA SER A 520 32.90 -54.02 26.43
C SER A 520 32.05 -53.40 27.49
N PHE A 521 31.49 -52.26 27.18
CA PHE A 521 30.60 -51.64 28.13
C PHE A 521 29.28 -52.37 28.07
N GLU A 522 29.02 -53.06 26.97
CA GLU A 522 27.74 -53.71 26.75
C GLU A 522 27.67 -54.96 27.61
N THR A 523 28.79 -55.68 27.67
CA THR A 523 28.94 -56.80 28.57
C THR A 523 28.68 -56.34 30.00
N LEU A 524 29.28 -55.20 30.37
CA LEU A 524 29.20 -54.64 31.72
C LEU A 524 27.79 -54.22 32.09
N LYS A 525 27.02 -53.88 31.06
CA LYS A 525 25.64 -53.46 31.27
C LYS A 525 24.72 -54.66 31.47
N ASN A 526 25.13 -55.84 31.00
CA ASN A 526 24.35 -57.08 31.20
C ASN A 526 24.88 -58.02 32.30
N GLN A 527 25.86 -57.56 33.06
CA GLN A 527 26.19 -58.18 34.33
C GLN A 527 25.32 -57.61 35.48
N SER A 528 25.35 -58.30 36.62
CA SER A 528 24.74 -57.78 37.86
C SER A 528 25.83 -57.05 38.64
N PHE A 529 25.44 -56.30 39.68
CA PHE A 529 26.41 -55.64 40.54
C PHE A 529 27.42 -56.68 41.02
N GLU A 530 26.93 -57.87 41.37
CA GLU A 530 27.74 -58.93 41.99
C GLU A 530 28.84 -59.38 41.02
N GLU A 531 28.45 -59.62 39.77
CA GLU A 531 29.39 -60.06 38.71
C GLU A 531 30.53 -59.04 38.43
N VAL A 532 30.15 -57.78 38.29
CA VAL A 532 31.09 -56.68 38.13
C VAL A 532 32.14 -56.66 39.28
N ILE A 533 31.65 -56.51 40.51
CA ILE A 533 32.54 -56.50 41.64
C ILE A 533 33.52 -57.67 41.46
N GLN A 534 33.02 -58.85 41.05
CA GLN A 534 33.90 -60.02 40.92
C GLN A 534 34.93 -59.81 39.82
N GLY A 535 34.47 -59.33 38.67
CA GLY A 535 35.36 -59.08 37.54
C GLY A 535 36.53 -58.13 37.78
N SER A 536 36.49 -57.41 38.91
CA SER A 536 37.50 -56.41 39.25
C SER A 536 38.82 -57.05 39.64
N PRO A 537 39.93 -56.59 39.08
CA PRO A 537 41.25 -57.21 39.37
C PRO A 537 41.83 -56.96 40.76
N ASP A 538 41.37 -55.96 41.49
CA ASP A 538 41.94 -55.66 42.83
C ASP A 538 40.92 -55.10 43.84
N GLU A 539 41.33 -55.07 45.10
CA GLU A 539 40.47 -54.73 46.23
C GLU A 539 40.11 -53.25 46.29
N GLU A 540 41.07 -52.38 45.97
CA GLU A 540 40.79 -50.96 45.81
C GLU A 540 39.63 -50.79 44.80
N THR A 541 39.83 -51.30 43.58
CA THR A 541 38.83 -51.22 42.52
C THR A 541 37.46 -51.78 42.97
N ARG A 542 37.44 -52.88 43.74
CA ARG A 542 36.18 -53.48 44.24
C ARG A 542 35.46 -52.57 45.22
N ASP A 543 36.20 -51.99 46.16
CA ASP A 543 35.59 -51.11 47.18
C ASP A 543 35.09 -49.79 46.57
N LEU A 544 35.83 -49.29 45.57
CA LEU A 544 35.37 -48.12 44.87
C LEU A 544 34.04 -48.45 44.14
N ILE A 545 33.99 -49.57 43.43
CA ILE A 545 32.77 -49.88 42.72
C ILE A 545 31.63 -50.20 43.67
N HIS A 546 31.97 -50.81 44.80
CA HIS A 546 30.94 -51.10 45.80
C HIS A 546 30.25 -49.81 46.24
N HIS A 547 31.06 -48.83 46.64
CA HIS A 547 30.53 -47.55 47.11
C HIS A 547 29.74 -46.76 46.03
N LEU A 548 30.00 -47.05 44.76
CA LEU A 548 29.37 -46.36 43.70
C LEU A 548 28.03 -47.00 43.42
N PHE A 549 27.91 -48.27 43.79
CA PHE A 549 26.61 -48.92 43.67
C PHE A 549 25.72 -48.56 44.85
N HIS A 550 26.32 -48.32 46.00
CA HIS A 550 25.56 -48.05 47.20
C HIS A 550 26.08 -46.79 47.89
N PRO A 551 25.37 -45.65 47.71
CA PRO A 551 25.58 -44.40 48.45
C PRO A 551 24.22 -43.84 49.01
N GLU A 556 25.79 -36.70 45.76
CA GLU A 556 26.23 -35.54 46.49
C GLU A 556 27.75 -35.49 46.59
N ASP A 557 28.26 -35.02 47.71
CA ASP A 557 29.72 -35.01 47.94
C ASP A 557 30.24 -36.45 48.03
N ARG A 558 29.36 -37.39 47.73
CA ARG A 558 29.80 -38.77 47.64
C ARG A 558 31.00 -38.83 46.74
N LEU A 559 30.86 -38.25 45.53
CA LEU A 559 31.92 -38.32 44.51
C LEU A 559 33.20 -37.61 44.95
N SER A 560 33.08 -36.46 45.60
CA SER A 560 34.26 -35.76 46.07
C SER A 560 34.94 -36.54 47.19
N SER A 561 34.13 -37.23 47.99
CA SER A 561 34.66 -37.96 49.14
C SER A 561 35.26 -39.29 48.75
N LEU A 562 35.05 -39.72 47.49
CA LEU A 562 35.71 -40.93 46.94
C LEU A 562 37.04 -40.64 46.24
N LEU A 563 37.38 -39.37 46.07
CA LEU A 563 38.63 -39.05 45.41
C LEU A 563 39.76 -39.29 46.37
N ALA A 564 39.43 -39.27 47.66
CA ALA A 564 40.40 -39.61 48.72
C ALA A 564 40.66 -41.12 48.77
N HIS A 565 39.87 -41.87 47.99
CA HIS A 565 39.90 -43.33 48.06
C HIS A 565 41.25 -43.84 47.60
N PRO A 566 41.75 -44.92 48.24
CA PRO A 566 43.12 -45.36 47.91
C PRO A 566 43.27 -45.89 46.49
N PHE A 567 42.14 -46.15 45.84
CA PHE A 567 42.12 -46.40 44.41
C PHE A 567 42.85 -45.31 43.62
N PHE A 568 42.71 -44.06 44.06
CA PHE A 568 43.42 -42.95 43.43
C PHE A 568 44.79 -42.65 44.01
N TRP A 569 45.23 -43.41 45.02
CA TRP A 569 46.58 -43.26 45.60
C TRP A 569 47.57 -43.94 44.68
N SER A 570 48.71 -43.30 44.44
CA SER A 570 49.74 -43.91 43.60
C SER A 570 50.37 -45.01 44.42
N TRP A 571 51.01 -45.95 43.74
CA TRP A 571 51.64 -47.07 44.46
C TRP A 571 52.70 -46.58 45.45
N GLU A 572 53.43 -45.51 45.12
CA GLU A 572 54.45 -44.97 46.03
C GLU A 572 53.78 -44.34 47.23
N SER A 573 52.63 -43.71 47.02
CA SER A 573 51.80 -43.18 48.13
C SER A 573 51.31 -44.28 49.11
N ARG A 574 50.95 -45.44 48.58
CA ARG A 574 50.44 -46.55 49.40
C ARG A 574 51.60 -47.13 50.21
N TYR A 575 52.78 -47.15 49.63
CA TYR A 575 53.95 -47.73 50.24
C TYR A 575 54.46 -46.70 51.22
N ARG A 576 54.44 -45.44 50.82
CA ARG A 576 54.80 -44.34 51.70
C ARG A 576 53.94 -44.34 52.96
N THR A 577 52.63 -44.55 52.78
CA THR A 577 51.65 -44.58 53.87
C THR A 577 51.90 -45.72 54.85
N LEU A 578 52.01 -46.95 54.31
CA LEU A 578 52.27 -48.14 55.14
C LEU A 578 53.55 -48.00 55.97
N ARG A 579 54.58 -47.39 55.39
CA ARG A 579 55.82 -47.15 56.12
C ARG A 579 55.65 -46.11 57.22
N ASP A 580 55.03 -44.97 56.87
CA ASP A 580 54.84 -43.89 57.83
C ASP A 580 54.07 -44.40 59.06
N VAL A 581 53.18 -45.39 58.86
CA VAL A 581 52.45 -46.03 59.96
C VAL A 581 53.36 -46.96 60.80
N GLY A 582 54.12 -47.80 60.12
CA GLY A 582 55.09 -48.68 60.80
C GLY A 582 56.19 -47.93 61.54
N ASN A 583 56.18 -46.59 61.42
CA ASN A 583 57.15 -45.75 62.12
C ASN A 583 56.58 -45.09 63.39
N GLU A 584 55.28 -45.23 63.60
CA GLU A 584 54.69 -44.99 64.90
C GLU A 584 55.50 -45.81 65.94
N SER A 585 56.02 -45.13 66.94
CA SER A 585 56.76 -45.80 68.02
C SER A 585 55.96 -46.94 68.70
N ASP A 586 54.64 -46.76 68.83
CA ASP A 586 53.75 -47.76 69.47
C ASP A 586 53.72 -49.07 68.70
N ILE A 587 54.00 -49.00 67.39
CA ILE A 587 54.13 -50.19 66.56
C ILE A 587 55.51 -50.83 66.77
N LYS A 588 56.54 -49.98 66.85
CA LYS A 588 57.92 -50.45 67.00
C LYS A 588 58.16 -51.23 68.30
N THR A 589 57.70 -50.68 69.42
CA THR A 589 57.82 -51.35 70.72
C THR A 589 56.82 -52.49 70.91
N ARG A 590 55.88 -52.64 69.96
CA ARG A 590 54.79 -53.61 70.05
C ARG A 590 53.91 -53.38 71.30
N ASN A 591 53.71 -52.11 71.67
CA ASN A 591 52.79 -51.77 72.77
C ASN A 591 51.34 -52.13 72.41
N GLN A 592 50.95 -53.35 72.77
CA GLN A 592 49.64 -53.92 72.45
C GLN A 592 48.46 -53.17 73.08
N ASN A 593 48.72 -52.42 74.15
CA ASN A 593 47.70 -51.58 74.76
C ASN A 593 47.53 -50.24 74.06
N SER A 594 48.34 -49.96 73.05
CA SER A 594 48.34 -48.63 72.42
C SER A 594 47.04 -48.36 71.67
N ARG A 595 46.76 -47.09 71.44
CA ARG A 595 45.56 -46.68 70.70
C ARG A 595 45.61 -47.13 69.24
N ILE A 596 46.75 -46.91 68.61
CA ILE A 596 46.91 -47.19 67.18
C ILE A 596 46.71 -48.68 66.92
N LEU A 597 47.33 -49.50 67.77
CA LEU A 597 47.26 -50.95 67.65
C LEU A 597 45.87 -51.46 67.97
N GLN A 598 45.22 -50.80 68.93
CA GLN A 598 43.88 -51.11 69.36
C GLN A 598 42.93 -50.88 68.19
N LEU A 599 43.36 -50.03 67.24
CA LEU A 599 42.64 -49.82 65.97
C LEU A 599 42.92 -50.97 64.99
N LEU A 600 44.18 -51.35 64.86
CA LEU A 600 44.55 -52.26 63.79
C LEU A 600 44.19 -53.73 64.08
N GLN A 601 44.13 -54.12 65.37
CA GLN A 601 44.05 -55.54 65.72
C GLN A 601 43.48 -55.92 67.11
N PRO A 602 42.31 -55.40 67.52
CA PRO A 602 41.76 -55.94 68.78
C PRO A 602 41.39 -57.40 68.60
N GLY A 603 41.86 -58.27 69.49
CA GLY A 603 41.94 -59.73 69.22
C GLY A 603 40.71 -60.37 68.60
N THR A 604 40.92 -61.48 67.89
CA THR A 604 39.84 -62.18 67.17
C THR A 604 38.55 -62.31 68.00
N LEU A 607 41.20 -64.49 61.58
CA LEU A 607 41.36 -63.59 60.43
C LEU A 607 41.46 -64.38 59.12
N SER A 608 40.58 -64.08 58.18
CA SER A 608 40.65 -64.69 56.84
C SER A 608 41.50 -63.85 55.90
N THR A 609 42.20 -62.85 56.44
CA THR A 609 42.96 -61.90 55.62
C THR A 609 44.15 -62.59 54.95
N SER A 610 44.82 -61.89 54.06
CA SER A 610 46.01 -62.44 53.43
C SER A 610 47.27 -62.21 54.29
N PHE A 611 47.16 -61.40 55.35
CA PHE A 611 48.31 -61.09 56.24
C PHE A 611 48.28 -61.79 57.62
N ALA A 612 47.28 -62.67 57.83
CA ALA A 612 47.36 -63.66 58.90
C ALA A 612 48.41 -64.66 58.46
N GLN A 613 49.27 -65.10 59.37
CA GLN A 613 50.39 -65.99 59.03
C GLN A 613 51.33 -65.36 57.97
N TRP A 614 51.48 -64.04 57.97
CA TRP A 614 52.20 -63.35 56.89
C TRP A 614 53.69 -63.68 56.80
N THR A 615 54.28 -64.07 57.94
CA THR A 615 55.72 -64.33 58.03
C THR A 615 56.14 -65.53 57.19
N THR A 616 55.16 -66.34 56.80
CA THR A 616 55.44 -67.59 56.05
C THR A 616 55.28 -67.38 54.53
N LYS A 617 54.36 -66.50 54.11
CA LYS A 617 54.16 -66.22 52.69
C LYS A 617 55.26 -65.31 52.14
N ILE A 618 56.03 -64.71 53.02
CA ILE A 618 57.28 -64.04 52.62
C ILE A 618 58.33 -65.11 52.27
N ASP A 619 59.31 -64.72 51.44
CA ASP A 619 60.45 -65.56 51.11
C ASP A 619 61.27 -65.96 52.35
N SER A 620 61.86 -67.14 52.28
CA SER A 620 62.62 -67.69 53.40
C SER A 620 63.87 -66.86 53.71
N PHE A 621 64.61 -66.52 52.65
CA PHE A 621 65.83 -65.70 52.79
C PHE A 621 65.52 -64.41 53.53
N VAL A 622 64.69 -63.59 52.92
CA VAL A 622 64.51 -62.22 53.35
C VAL A 622 64.08 -62.13 54.80
N MET A 623 63.13 -62.99 55.18
CA MET A 623 62.54 -63.03 56.54
C MET A 623 63.61 -63.21 57.61
N GLU A 624 64.53 -64.12 57.33
CA GLU A 624 65.60 -64.43 58.27
C GLU A 624 66.51 -63.23 58.49
N GLU A 625 66.92 -62.60 57.38
CA GLU A 625 67.84 -61.46 57.42
C GLU A 625 67.24 -60.34 58.27
N MET A 626 65.94 -60.13 58.07
CA MET A 626 65.22 -59.10 58.78
C MET A 626 65.14 -59.45 60.25
N ASN A 627 64.90 -60.73 60.54
CA ASN A 627 64.81 -61.18 61.94
C ASN A 627 66.05 -60.78 62.76
N ALA A 628 67.23 -60.97 62.17
CA ALA A 628 68.46 -60.43 62.71
C ALA A 628 68.38 -58.90 62.75
N TYR A 648 59.59 -60.97 65.09
CA TYR A 648 58.58 -60.63 64.08
C TYR A 648 57.43 -61.64 64.11
N GLN A 649 56.33 -61.27 64.75
CA GLN A 649 55.11 -62.12 64.77
C GLN A 649 54.17 -61.96 63.53
N ASP A 650 53.10 -62.77 63.50
CA ASP A 650 52.04 -62.67 62.49
C ASP A 650 50.99 -61.61 62.76
N THR A 651 51.35 -60.60 63.54
CA THR A 651 50.41 -59.52 63.80
C THR A 651 50.52 -58.47 62.69
N LEU A 652 49.41 -57.76 62.45
CA LEU A 652 49.40 -56.65 61.49
C LEU A 652 50.36 -55.51 61.88
N GLY A 653 50.47 -55.24 63.16
CA GLY A 653 51.38 -54.24 63.67
C GLY A 653 52.80 -54.55 63.24
N ASP A 654 53.22 -55.79 63.47
CA ASP A 654 54.57 -56.20 63.10
C ASP A 654 54.81 -56.10 61.59
N LEU A 655 53.77 -56.40 60.81
CA LEU A 655 53.88 -56.30 59.34
C LEU A 655 54.20 -54.87 58.87
N LEU A 656 53.51 -53.90 59.43
CA LEU A 656 53.80 -52.49 59.16
C LEU A 656 55.17 -52.11 59.72
N LYS A 657 55.55 -52.72 60.85
CA LYS A 657 56.89 -52.50 61.36
C LYS A 657 57.83 -53.02 60.30
N PHE A 658 57.52 -54.21 59.82
CA PHE A 658 58.39 -54.91 58.90
C PHE A 658 58.63 -54.04 57.70
N ILE A 659 57.55 -53.53 57.14
CA ILE A 659 57.63 -52.80 55.87
C ILE A 659 58.44 -51.55 56.01
N ARG A 660 58.22 -50.82 57.11
CA ARG A 660 58.96 -49.59 57.38
C ARG A 660 60.44 -49.88 57.33
N ASN A 661 60.82 -50.94 58.02
CA ASN A 661 62.23 -51.29 58.09
C ASN A 661 62.73 -51.59 56.70
N LEU A 662 62.08 -52.57 56.07
CA LEU A 662 62.52 -52.98 54.75
C LEU A 662 62.80 -51.77 53.87
N GLY A 663 61.88 -50.81 53.91
CA GLY A 663 61.92 -49.66 53.01
C GLY A 663 63.04 -48.66 53.24
N GLU A 664 63.42 -48.48 54.51
CA GLU A 664 64.52 -47.61 54.87
C GLU A 664 65.84 -48.15 54.39
N HIS A 665 66.01 -49.45 54.59
CA HIS A 665 67.32 -50.05 54.52
C HIS A 665 67.55 -50.81 53.22
N ILE A 666 66.49 -51.04 52.44
CA ILE A 666 66.60 -51.89 51.25
C ILE A 666 67.71 -51.46 50.30
N ASN A 667 67.94 -50.15 50.18
CA ASN A 667 68.85 -49.60 49.16
C ASN A 667 70.32 -49.59 49.58
N GLU A 668 70.58 -49.96 50.83
CA GLU A 668 71.94 -50.08 51.32
C GLU A 668 72.68 -51.20 50.59
N GLN A 669 73.99 -51.02 50.40
CA GLN A 669 74.81 -51.92 49.58
C GLN A 669 74.85 -53.36 50.12
N LYS A 670 74.90 -53.49 51.44
CA LYS A 670 74.88 -54.80 52.05
C LYS A 670 73.66 -55.67 51.68
N ASN A 671 72.50 -55.06 51.40
CA ASN A 671 71.28 -55.83 51.06
C ASN A 671 71.03 -56.09 49.56
N LYS A 672 72.08 -56.39 48.79
CA LYS A 672 71.93 -56.52 47.32
C LYS A 672 70.95 -57.62 46.91
N LYS A 673 70.99 -58.76 47.62
CA LYS A 673 70.12 -59.89 47.30
C LYS A 673 68.69 -59.60 47.71
N MET A 674 68.52 -59.03 48.91
CA MET A 674 67.20 -58.63 49.35
C MET A 674 66.51 -57.85 48.24
N LYS A 675 67.19 -56.77 47.82
CA LYS A 675 66.71 -55.87 46.79
C LYS A 675 66.37 -56.59 45.49
N SER A 676 67.24 -57.52 45.08
CA SER A 676 67.04 -58.25 43.83
C SER A 676 65.81 -59.17 43.91
N ILE A 677 65.56 -59.75 45.08
CA ILE A 677 64.45 -60.71 45.26
C ILE A 677 63.11 -60.01 45.31
N ILE A 678 63.06 -58.92 46.08
CA ILE A 678 61.82 -58.22 46.35
C ILE A 678 61.34 -57.52 45.10
N GLY A 679 62.27 -56.87 44.41
CA GLY A 679 61.94 -56.06 43.24
C GLY A 679 61.56 -54.67 43.72
N GLU A 680 60.55 -54.07 43.12
CA GLU A 680 60.09 -52.79 43.59
C GLU A 680 59.23 -53.08 44.84
N PRO A 681 59.63 -52.54 46.02
CA PRO A 681 58.97 -52.93 47.29
C PRO A 681 57.47 -52.64 47.37
N SER A 682 57.04 -51.50 46.82
CA SER A 682 55.61 -51.17 46.82
C SER A 682 54.82 -52.23 46.09
N GLN A 683 55.39 -52.73 45.00
CA GLN A 683 54.72 -53.72 44.16
C GLN A 683 54.79 -55.09 44.80
N TYR A 684 55.93 -55.36 45.44
CA TYR A 684 56.13 -56.61 46.14
C TYR A 684 54.93 -56.81 47.08
N PHE A 685 54.80 -55.91 48.06
CA PHE A 685 53.82 -56.04 49.13
C PHE A 685 52.36 -55.97 48.70
N GLN A 686 52.07 -55.25 47.62
CA GLN A 686 50.68 -55.16 47.13
C GLN A 686 50.29 -56.48 46.53
N GLU A 687 51.14 -56.97 45.62
CA GLU A 687 50.95 -58.27 44.94
C GLU A 687 50.84 -59.43 45.94
N LYS A 688 51.68 -59.36 46.98
CA LYS A 688 51.67 -60.33 48.07
C LYS A 688 50.38 -60.27 48.92
N PHE A 689 50.01 -59.06 49.38
CA PHE A 689 48.84 -58.88 50.26
C PHE A 689 47.83 -57.92 49.66
N PRO A 690 47.00 -58.43 48.75
CA PRO A 690 46.08 -57.56 48.00
C PRO A 690 44.97 -56.90 48.80
N ASP A 691 44.71 -57.35 50.04
CA ASP A 691 43.72 -56.67 50.89
C ASP A 691 44.37 -55.72 51.87
N LEU A 692 45.70 -55.69 51.92
CA LEU A 692 46.43 -54.91 53.00
C LEU A 692 46.04 -53.43 53.10
N VAL A 693 46.15 -52.74 51.97
CA VAL A 693 46.00 -51.28 51.91
C VAL A 693 44.56 -50.89 52.26
N MET A 694 43.60 -51.61 51.69
CA MET A 694 42.19 -51.35 51.97
C MET A 694 41.93 -51.57 53.46
N TYR A 695 42.47 -52.66 53.99
CA TYR A 695 42.30 -52.94 55.40
C TYR A 695 42.77 -51.74 56.21
N VAL A 696 44.02 -51.34 56.01
CA VAL A 696 44.62 -50.22 56.74
C VAL A 696 43.81 -48.92 56.52
N TYR A 697 43.43 -48.66 55.28
CA TYR A 697 42.61 -47.52 54.99
C TYR A 697 41.37 -47.57 55.85
N THR A 698 40.67 -48.71 55.80
CA THR A 698 39.43 -48.89 56.53
C THR A 698 39.59 -48.66 58.05
N LYS A 699 40.66 -49.17 58.63
CA LYS A 699 40.87 -49.04 60.07
C LYS A 699 41.17 -47.62 60.57
N LEU A 700 42.04 -46.91 59.88
CA LEU A 700 42.47 -45.56 60.32
C LEU A 700 41.66 -44.44 59.61
N GLN A 701 40.58 -44.83 58.95
CA GLN A 701 39.83 -43.99 58.02
C GLN A 701 39.48 -42.59 58.51
N ASN A 702 38.81 -42.51 59.66
CA ASN A 702 38.40 -41.23 60.23
C ASN A 702 39.10 -40.95 61.56
N THR A 703 40.22 -41.63 61.79
CA THR A 703 40.99 -41.46 63.02
C THR A 703 41.98 -40.30 62.89
N GLU A 704 42.73 -40.04 63.96
CA GLU A 704 43.78 -39.02 63.92
C GLU A 704 44.93 -39.49 63.00
N TYR A 705 45.01 -40.81 62.79
CA TYR A 705 46.05 -41.43 61.92
C TYR A 705 45.76 -41.33 60.42
N MET A 706 44.71 -40.59 60.08
CA MET A 706 44.49 -40.13 58.72
C MET A 706 45.70 -39.40 58.17
N LYS A 707 46.44 -38.72 59.04
CA LYS A 707 47.57 -37.88 58.61
C LYS A 707 48.53 -38.63 57.70
N HIS A 708 48.74 -39.90 57.99
CA HIS A 708 49.64 -40.75 57.22
C HIS A 708 49.12 -41.17 55.83
N PHE A 709 47.85 -40.90 55.54
CA PHE A 709 47.31 -41.08 54.20
C PHE A 709 48.01 -40.06 53.32
N PRO A 710 48.06 -40.31 52.01
CA PRO A 710 48.74 -39.37 51.12
C PRO A 710 47.89 -38.11 50.93
N LYS A 711 48.55 -36.95 50.79
CA LYS A 711 47.83 -35.69 50.62
C LYS A 711 47.00 -35.79 49.34
N THR A 712 45.73 -35.38 49.43
CA THR A 712 44.73 -35.73 48.40
C THR A 712 43.91 -34.49 47.96
N HIS A 713 43.08 -34.69 46.95
CA HIS A 713 42.21 -33.64 46.41
C HIS A 713 41.09 -33.19 47.36
N ASN A 714 40.76 -31.90 47.33
CA ASN A 714 39.82 -31.30 48.28
C ASN A 714 39.00 -30.14 47.73
N SER B 7 47.64 -29.55 -18.37
CA SER B 7 47.21 -28.19 -18.81
C SER B 7 46.56 -28.24 -20.22
N LEU B 8 45.67 -29.22 -20.44
CA LEU B 8 44.90 -29.32 -21.70
C LEU B 8 43.43 -29.02 -21.45
N GLU B 9 42.87 -29.61 -20.39
CA GLU B 9 41.47 -29.36 -19.96
C GLU B 9 41.42 -28.13 -19.06
N GLU B 10 42.57 -27.75 -18.51
CA GLU B 10 42.69 -26.52 -17.72
C GLU B 10 42.64 -25.34 -18.66
N MET B 11 43.26 -25.51 -19.83
CA MET B 11 43.22 -24.52 -20.91
C MET B 11 41.82 -24.44 -21.53
N LEU B 12 41.12 -25.57 -21.54
CA LEU B 12 39.70 -25.64 -22.01
C LEU B 12 38.72 -25.00 -21.03
N THR B 13 38.98 -25.14 -19.73
CA THR B 13 38.12 -24.51 -18.71
C THR B 13 38.08 -22.98 -18.86
N GLN B 14 39.25 -22.33 -18.92
CA GLN B 14 39.32 -20.86 -19.08
C GLN B 14 38.82 -20.38 -20.44
N ALA B 15 39.01 -21.21 -21.45
CA ALA B 15 38.46 -20.94 -22.75
C ALA B 15 36.95 -20.80 -22.64
N VAL B 16 36.31 -21.72 -21.92
CA VAL B 16 34.85 -21.70 -21.75
C VAL B 16 34.39 -20.56 -20.85
N GLN B 17 35.16 -20.27 -19.81
CA GLN B 17 34.82 -19.14 -18.89
C GLN B 17 34.83 -17.82 -19.66
N GLU B 18 35.86 -17.61 -20.50
CA GLU B 18 35.97 -16.39 -21.34
C GLU B 18 35.08 -16.43 -22.60
N ALA B 19 34.24 -17.46 -22.72
CA ALA B 19 33.30 -17.61 -23.84
C ALA B 19 33.98 -17.71 -25.21
N ASP B 20 35.28 -18.05 -25.20
CA ASP B 20 36.14 -18.01 -26.39
C ASP B 20 35.89 -19.27 -27.19
N ILE B 21 35.01 -19.18 -28.18
CA ILE B 21 34.45 -20.39 -28.79
C ILE B 21 35.41 -21.14 -29.75
N GLU B 22 36.18 -20.40 -30.56
CA GLU B 22 37.11 -21.01 -31.51
C GLU B 22 38.23 -21.77 -30.78
N GLN B 23 38.73 -21.19 -29.70
CA GLN B 23 39.74 -21.85 -28.89
C GLN B 23 39.15 -23.06 -28.15
N VAL B 24 37.85 -23.04 -27.87
CA VAL B 24 37.20 -24.22 -27.33
C VAL B 24 37.13 -25.32 -28.40
N ARG B 25 36.80 -24.96 -29.64
CA ARG B 25 36.73 -25.94 -30.72
C ARG B 25 38.12 -26.52 -31.03
N GLN B 26 39.14 -25.68 -31.04
CA GLN B 26 40.51 -26.15 -31.26
C GLN B 26 40.96 -27.11 -30.17
N LEU B 27 40.73 -26.71 -28.91
CA LEU B 27 41.06 -27.55 -27.75
C LEU B 27 40.23 -28.84 -27.71
N LEU B 28 39.00 -28.78 -28.23
CA LEU B 28 38.15 -29.96 -28.37
C LEU B 28 38.56 -30.89 -29.51
N GLU B 29 38.98 -30.32 -30.64
CA GLU B 29 39.48 -31.12 -31.77
C GLU B 29 40.90 -31.63 -31.50
N ARG B 30 41.65 -30.93 -30.63
CA ARG B 30 42.93 -31.42 -30.12
C ARG B 30 42.74 -32.70 -29.28
N GLY B 31 41.51 -32.96 -28.84
CA GLY B 31 41.17 -34.17 -28.07
C GLY B 31 41.28 -33.98 -26.56
N ALA B 32 40.77 -32.87 -26.04
CA ALA B 32 40.78 -32.58 -24.60
C ALA B 32 39.45 -32.97 -23.98
N ASP B 33 39.48 -33.43 -22.73
CA ASP B 33 38.31 -34.07 -22.11
C ASP B 33 37.11 -33.14 -21.95
N ALA B 34 36.04 -33.41 -22.71
CA ALA B 34 34.79 -32.64 -22.63
C ALA B 34 33.95 -32.89 -21.36
N ASN B 35 34.32 -33.91 -20.58
CA ASN B 35 33.65 -34.23 -19.31
C ASN B 35 34.49 -33.90 -18.07
N PHE B 36 35.65 -33.26 -18.27
CA PHE B 36 36.60 -32.98 -17.20
C PHE B 36 35.88 -32.27 -16.08
N GLN B 37 35.98 -32.81 -14.87
CA GLN B 37 35.35 -32.15 -13.69
C GLN B 37 36.41 -31.62 -12.76
N GLU B 38 36.36 -30.33 -12.45
CA GLU B 38 37.36 -29.76 -11.57
C GLU B 38 37.18 -30.31 -10.14
N GLU B 39 38.32 -30.60 -9.52
CA GLU B 39 38.43 -31.42 -8.29
C GLU B 39 37.52 -30.94 -7.15
N GLU B 40 37.64 -29.65 -6.80
CA GLU B 40 36.96 -29.07 -5.63
C GLU B 40 35.45 -29.34 -5.65
N TRP B 41 34.76 -28.76 -6.62
CA TRP B 41 33.30 -28.79 -6.63
C TRP B 41 32.68 -29.59 -7.77
N GLY B 42 33.51 -30.26 -8.56
CA GLY B 42 33.01 -31.18 -9.59
C GLY B 42 32.31 -30.56 -10.80
N TRP B 43 32.65 -29.30 -11.09
CA TRP B 43 32.10 -28.56 -12.24
C TRP B 43 32.74 -29.00 -13.54
N SER B 44 31.93 -29.17 -14.59
CA SER B 44 32.41 -29.55 -15.94
C SER B 44 32.19 -28.40 -16.96
N PRO B 45 32.87 -28.47 -18.13
CA PRO B 45 32.70 -27.43 -19.15
C PRO B 45 31.25 -27.24 -19.55
N LEU B 46 30.51 -28.35 -19.58
CA LEU B 46 29.08 -28.32 -19.92
C LEU B 46 28.31 -27.57 -18.83
N HIS B 47 28.55 -27.91 -17.57
CA HIS B 47 27.90 -27.21 -16.47
C HIS B 47 28.21 -25.73 -16.60
N SER B 48 29.51 -25.40 -16.61
CA SER B 48 29.99 -24.03 -16.78
C SER B 48 29.25 -23.29 -17.90
N ALA B 49 29.07 -23.96 -19.04
CA ALA B 49 28.38 -23.38 -20.17
C ALA B 49 26.92 -23.03 -19.86
N VAL B 50 26.19 -23.99 -19.28
CA VAL B 50 24.78 -23.78 -18.99
C VAL B 50 24.57 -22.66 -17.96
N GLN B 51 25.42 -22.66 -16.95
CA GLN B 51 25.45 -21.61 -15.94
C GLN B 51 25.52 -20.27 -16.62
N MET B 52 26.52 -20.13 -17.50
CA MET B 52 26.85 -18.83 -18.11
C MET B 52 25.93 -18.45 -19.27
N ASP B 53 24.93 -19.27 -19.55
CA ASP B 53 23.93 -18.96 -20.57
C ASP B 53 24.32 -18.83 -22.02
N SER B 54 25.24 -19.71 -22.45
CA SER B 54 25.83 -19.64 -23.77
C SER B 54 25.58 -20.87 -24.62
N GLU B 55 24.66 -20.73 -25.59
CA GLU B 55 24.18 -21.88 -26.37
C GLU B 55 25.14 -22.39 -27.45
N ASP B 56 25.96 -21.51 -28.02
CA ASP B 56 26.97 -21.94 -28.99
C ASP B 56 27.93 -22.93 -28.34
N LEU B 57 28.39 -22.62 -27.13
CA LEU B 57 29.28 -23.49 -26.37
C LEU B 57 28.61 -24.80 -25.94
N VAL B 58 27.35 -24.73 -25.51
CA VAL B 58 26.62 -25.91 -25.05
C VAL B 58 26.52 -27.01 -26.12
N ALA B 59 26.14 -26.61 -27.34
CA ALA B 59 26.03 -27.55 -28.47
C ALA B 59 27.41 -28.10 -28.85
N LEU B 60 28.36 -27.18 -29.07
CA LEU B 60 29.75 -27.53 -29.37
C LEU B 60 30.35 -28.57 -28.41
N LEU B 61 29.87 -28.59 -27.16
CA LEU B 61 30.33 -29.56 -26.18
C LEU B 61 29.58 -30.88 -26.37
N LEU B 62 28.27 -30.81 -26.59
CA LEU B 62 27.47 -32.04 -26.85
C LEU B 62 27.85 -32.71 -28.16
N LYS B 63 28.25 -31.89 -29.12
CA LYS B 63 28.88 -32.34 -30.34
C LYS B 63 30.09 -33.25 -30.05
N HIS B 64 31.10 -32.73 -29.37
CA HIS B 64 32.34 -33.47 -29.12
C HIS B 64 32.26 -34.49 -27.97
N GLY B 65 31.04 -34.84 -27.53
CA GLY B 65 30.82 -35.98 -26.63
C GLY B 65 30.64 -35.68 -25.14
N ALA B 66 30.01 -34.55 -24.83
CA ALA B 66 29.81 -34.16 -23.42
C ALA B 66 28.61 -34.88 -22.81
N ASP B 67 28.78 -35.30 -21.56
CA ASP B 67 27.74 -36.04 -20.85
C ASP B 67 26.81 -35.06 -20.12
N PRO B 68 25.55 -34.99 -20.56
CA PRO B 68 24.54 -34.09 -19.97
C PRO B 68 23.90 -34.63 -18.70
N CYS B 69 24.27 -35.85 -18.32
CA CYS B 69 23.81 -36.48 -17.11
C CYS B 69 24.90 -36.41 -16.01
N LEU B 70 26.00 -35.73 -16.31
CA LEU B 70 27.15 -35.65 -15.39
C LEU B 70 26.78 -34.85 -14.14
N ARG B 71 27.30 -35.28 -12.99
CA ARG B 71 26.95 -34.66 -11.71
C ARG B 71 28.18 -34.03 -11.05
N LYS B 72 28.02 -32.76 -10.63
CA LYS B 72 29.02 -32.11 -9.80
C LYS B 72 28.82 -32.50 -8.33
N ARG B 73 29.64 -31.96 -7.45
CA ARG B 73 29.74 -32.44 -6.07
C ARG B 73 28.40 -32.51 -5.33
N ASN B 74 27.50 -31.56 -5.58
CA ASN B 74 26.20 -31.60 -4.93
C ASN B 74 25.17 -32.38 -5.74
N GLY B 75 25.67 -33.21 -6.66
CA GLY B 75 24.81 -34.09 -7.45
C GLY B 75 24.01 -33.46 -8.60
N ALA B 76 24.16 -32.17 -8.84
CA ALA B 76 23.35 -31.49 -9.85
C ALA B 76 23.89 -31.75 -11.25
N THR B 77 22.98 -31.88 -12.21
CA THR B 77 23.31 -32.06 -13.60
C THR B 77 23.18 -30.75 -14.38
N PRO B 78 23.77 -30.64 -15.59
CA PRO B 78 23.51 -29.47 -16.46
C PRO B 78 22.01 -29.22 -16.80
N PHE B 79 21.19 -30.27 -16.84
CA PHE B 79 19.75 -30.11 -17.00
C PHE B 79 19.12 -29.46 -15.76
N ILE B 80 19.62 -29.79 -14.57
CA ILE B 80 19.17 -29.15 -13.31
C ILE B 80 19.57 -27.69 -13.32
N ILE B 81 20.83 -27.43 -13.65
CA ILE B 81 21.37 -26.07 -13.78
C ILE B 81 20.54 -25.26 -14.81
N ALA B 82 20.06 -25.91 -15.86
CA ALA B 82 19.27 -25.22 -16.88
C ALA B 82 17.95 -24.67 -16.33
N GLY B 83 17.41 -25.33 -15.30
CA GLY B 83 16.27 -24.79 -14.56
C GLY B 83 16.58 -23.47 -13.84
N ILE B 84 17.81 -23.31 -13.37
CA ILE B 84 18.24 -22.09 -12.68
C ILE B 84 18.28 -20.93 -13.65
N THR B 85 19.06 -21.11 -14.73
CA THR B 85 19.28 -20.04 -15.74
C THR B 85 18.00 -19.70 -16.50
N GLY B 86 17.15 -20.68 -16.73
CA GLY B 86 15.78 -20.44 -17.22
C GLY B 86 15.67 -20.19 -18.70
N ASN B 87 16.64 -20.73 -19.45
CA ASN B 87 16.66 -20.65 -20.91
C ASN B 87 16.03 -21.90 -21.55
N VAL B 88 14.91 -21.73 -22.23
CA VAL B 88 14.08 -22.87 -22.63
C VAL B 88 14.68 -23.68 -23.77
N ARG B 89 15.28 -22.99 -24.74
CA ARG B 89 15.97 -23.67 -25.83
C ARG B 89 17.09 -24.57 -25.27
N LEU B 90 17.80 -24.09 -24.25
CA LEU B 90 18.84 -24.86 -23.57
C LEU B 90 18.31 -26.11 -22.88
N LEU B 91 17.07 -26.04 -22.42
CA LEU B 91 16.42 -27.23 -21.83
C LEU B 91 16.01 -28.20 -22.93
N GLN B 92 15.37 -27.67 -23.99
CA GLN B 92 14.95 -28.46 -25.15
C GLN B 92 16.15 -29.20 -25.74
N LEU B 93 17.20 -28.42 -26.03
CA LEU B 93 18.45 -28.94 -26.57
C LEU B 93 18.94 -30.21 -25.82
N LEU B 94 18.89 -30.18 -24.49
CA LEU B 94 19.46 -31.25 -23.64
C LEU B 94 18.55 -32.47 -23.46
N LEU B 95 17.23 -32.28 -23.57
CA LEU B 95 16.26 -33.26 -23.07
C LEU B 95 16.32 -34.72 -23.62
N PRO B 96 16.77 -34.92 -24.87
CA PRO B 96 16.83 -36.29 -25.41
C PRO B 96 17.69 -37.25 -24.56
N ASN B 97 18.80 -36.73 -24.03
CA ASN B 97 19.73 -37.51 -23.20
C ASN B 97 19.32 -37.60 -21.72
N VAL B 98 18.24 -36.94 -21.34
CA VAL B 98 17.79 -36.96 -19.94
C VAL B 98 16.73 -38.04 -19.76
N GLU B 99 17.15 -39.20 -19.29
CA GLU B 99 16.26 -40.31 -19.01
C GLU B 99 15.08 -39.85 -18.13
N ASP B 100 15.37 -39.42 -16.91
CA ASP B 100 14.33 -38.94 -15.99
C ASP B 100 14.38 -37.43 -15.93
N VAL B 101 13.23 -36.78 -16.20
CA VAL B 101 13.14 -35.32 -16.08
C VAL B 101 13.10 -34.83 -14.61
N ASN B 102 12.58 -35.66 -13.71
CA ASN B 102 12.52 -35.38 -12.27
C ASN B 102 13.77 -35.85 -11.53
N GLU B 103 14.90 -35.90 -12.25
CA GLU B 103 16.20 -36.13 -11.63
C GLU B 103 16.50 -34.93 -10.74
N CYS B 104 17.34 -35.16 -9.73
CA CYS B 104 17.60 -34.17 -8.68
C CYS B 104 18.95 -34.37 -7.96
N ASP B 105 19.48 -33.25 -7.45
CA ASP B 105 20.74 -33.25 -6.73
C ASP B 105 20.61 -33.94 -5.37
N VAL B 106 21.70 -33.95 -4.61
CA VAL B 106 21.74 -34.65 -3.32
C VAL B 106 20.68 -34.09 -2.36
N ASN B 107 20.43 -32.78 -2.42
CA ASN B 107 19.42 -32.14 -1.60
C ASN B 107 18.00 -32.19 -2.19
N GLY B 108 17.79 -32.92 -3.28
CA GLY B 108 16.45 -33.11 -3.85
C GLY B 108 15.89 -31.97 -4.72
N PHE B 109 16.76 -31.05 -5.15
CA PHE B 109 16.32 -29.99 -6.08
C PHE B 109 16.21 -30.50 -7.53
N THR B 110 14.98 -30.51 -8.08
CA THR B 110 14.75 -30.86 -9.47
C THR B 110 14.91 -29.61 -10.32
N ALA B 111 15.02 -29.80 -11.62
CA ALA B 111 15.14 -28.69 -12.55
C ALA B 111 13.95 -27.74 -12.44
N PHE B 112 12.75 -28.31 -12.27
CA PHE B 112 11.52 -27.54 -12.09
C PHE B 112 11.48 -26.70 -10.80
N MET B 113 11.92 -27.29 -9.69
CA MET B 113 12.02 -26.58 -8.41
C MET B 113 12.95 -25.38 -8.62
N GLU B 114 14.12 -25.62 -9.21
CA GLU B 114 15.10 -24.56 -9.43
C GLU B 114 14.53 -23.46 -10.30
N ALA B 115 13.66 -23.83 -11.24
CA ALA B 115 12.93 -22.86 -12.04
C ALA B 115 11.93 -22.03 -11.21
N ALA B 116 11.31 -22.68 -10.22
CA ALA B 116 10.38 -22.00 -9.29
C ALA B 116 11.14 -21.11 -8.33
N VAL B 117 12.26 -21.60 -7.82
CA VAL B 117 13.10 -20.85 -6.90
C VAL B 117 13.54 -19.56 -7.55
N TYR B 118 14.13 -19.70 -8.75
CA TYR B 118 14.75 -18.58 -9.45
C TYR B 118 13.78 -17.79 -10.34
N GLY B 119 12.48 -18.09 -10.26
CA GLY B 119 11.44 -17.24 -10.87
C GLY B 119 11.33 -17.25 -12.40
N ARG B 120 11.85 -18.32 -13.00
CA ARG B 120 11.97 -18.48 -14.45
C ARG B 120 10.71 -19.13 -15.09
N VAL B 121 9.80 -18.30 -15.63
CA VAL B 121 8.45 -18.74 -15.96
C VAL B 121 8.40 -19.57 -17.25
N GLU B 122 9.08 -19.09 -18.28
CA GLU B 122 9.06 -19.75 -19.59
C GLU B 122 9.64 -21.17 -19.44
N ALA B 123 10.74 -21.25 -18.70
CA ALA B 123 11.36 -22.52 -18.33
C ALA B 123 10.47 -23.34 -17.39
N LEU B 124 9.71 -22.67 -16.52
CA LEU B 124 8.77 -23.38 -15.65
C LEU B 124 7.64 -24.02 -16.47
N ARG B 125 7.08 -23.23 -17.40
CA ARG B 125 6.00 -23.69 -18.25
C ARG B 125 6.49 -24.87 -19.07
N PHE B 126 7.73 -24.78 -19.57
CA PHE B 126 8.26 -25.79 -20.46
C PHE B 126 8.39 -27.13 -19.77
N LEU B 127 8.84 -27.10 -18.51
CA LEU B 127 9.12 -28.33 -17.76
C LEU B 127 7.82 -29.06 -17.38
N TYR B 128 6.79 -28.26 -17.09
CA TYR B 128 5.47 -28.79 -16.77
C TYR B 128 4.96 -29.61 -17.92
N GLU B 129 5.07 -29.04 -19.12
CA GLU B 129 4.54 -29.64 -20.34
C GLU B 129 5.29 -30.90 -20.72
N ASN B 130 6.54 -31.01 -20.29
CA ASN B 130 7.39 -32.18 -20.57
C ASN B 130 7.29 -33.36 -19.58
N GLY B 131 6.59 -33.16 -18.47
CA GLY B 131 6.36 -34.25 -17.53
C GLY B 131 6.97 -34.08 -16.15
N ALA B 132 7.14 -32.83 -15.73
CA ALA B 132 7.69 -32.53 -14.41
C ALA B 132 6.61 -32.81 -13.36
N ASP B 133 7.04 -33.34 -12.22
CA ASP B 133 6.18 -33.43 -11.05
C ASP B 133 6.16 -32.06 -10.36
N VAL B 134 4.97 -31.50 -10.22
CA VAL B 134 4.78 -30.20 -9.56
C VAL B 134 4.87 -30.35 -8.07
N ASN B 135 4.14 -31.33 -7.51
CA ASN B 135 4.09 -31.54 -6.04
C ASN B 135 5.14 -32.49 -5.45
N MET B 136 6.28 -32.65 -6.14
CA MET B 136 7.43 -33.39 -5.63
C MET B 136 8.00 -32.72 -4.37
N HIS B 137 8.26 -33.54 -3.33
CA HIS B 137 8.91 -33.10 -2.10
C HIS B 137 10.39 -33.41 -2.19
N ARG B 138 11.23 -32.52 -1.67
CA ARG B 138 12.70 -32.69 -1.76
C ARG B 138 13.17 -33.89 -0.97
N LYS B 139 13.79 -34.85 -1.63
CA LYS B 139 14.40 -35.99 -0.94
C LYS B 139 15.85 -35.67 -0.66
N THR B 140 16.21 -35.59 0.61
CA THR B 140 17.54 -35.15 0.99
C THR B 140 18.21 -36.17 1.91
N LYS B 141 19.42 -35.85 2.37
CA LYS B 141 20.29 -36.84 3.03
C LYS B 141 19.73 -37.32 4.36
N GLN B 142 20.25 -38.45 4.82
CA GLN B 142 19.81 -39.11 6.05
C GLN B 142 19.90 -38.14 7.25
N ASP B 143 21.10 -37.62 7.52
CA ASP B 143 21.28 -36.63 8.54
C ASP B 143 20.31 -35.44 8.40
N GLN B 144 20.03 -35.03 7.17
CA GLN B 144 19.18 -33.89 6.95
C GLN B 144 17.73 -34.21 7.24
N GLU B 145 17.34 -35.46 7.05
CA GLU B 145 15.92 -35.83 7.20
C GLU B 145 15.56 -36.20 8.64
N ARG B 146 16.53 -36.75 9.36
CA ARG B 146 16.35 -37.06 10.77
C ARG B 146 16.20 -35.80 11.65
N ILE B 147 16.66 -34.65 11.14
CA ILE B 147 16.42 -33.35 11.79
C ILE B 147 15.27 -32.61 11.08
N ARG B 148 14.48 -33.33 10.33
CA ARG B 148 13.29 -32.79 9.67
C ARG B 148 13.49 -31.57 8.70
N LYS B 149 14.68 -31.41 8.13
CA LYS B 149 14.85 -30.54 6.96
C LYS B 149 14.40 -31.29 5.69
N GLY B 150 14.22 -30.57 4.60
CA GLY B 150 13.84 -31.16 3.32
C GLY B 150 12.33 -31.26 3.18
N GLY B 151 11.88 -31.72 2.02
CA GLY B 151 10.48 -31.94 1.76
C GLY B 151 9.77 -30.72 1.25
N ALA B 152 10.56 -29.70 0.91
CA ALA B 152 9.97 -28.46 0.40
C ALA B 152 9.53 -28.65 -1.05
N THR B 153 8.47 -27.96 -1.44
CA THR B 153 7.92 -28.06 -2.80
C THR B 153 8.20 -26.79 -3.65
N ALA B 154 7.96 -26.89 -4.95
CA ALA B 154 8.23 -25.78 -5.86
C ALA B 154 7.43 -24.54 -5.47
N LEU B 155 6.24 -24.78 -4.92
CA LEU B 155 5.34 -23.70 -4.45
C LEU B 155 5.97 -22.93 -3.27
N MET B 156 6.50 -23.69 -2.32
CA MET B 156 7.14 -23.13 -1.12
C MET B 156 8.32 -22.23 -1.47
N ASP B 157 9.16 -22.69 -2.39
CA ASP B 157 10.28 -21.89 -2.94
C ASP B 157 9.82 -20.56 -3.54
N ALA B 158 8.84 -20.61 -4.44
CA ALA B 158 8.30 -19.38 -5.04
C ALA B 158 7.56 -18.51 -4.03
N ALA B 159 7.07 -19.12 -2.94
CA ALA B 159 6.42 -18.38 -1.87
C ALA B 159 7.45 -17.62 -1.02
N GLU B 160 8.55 -18.31 -0.69
CA GLU B 160 9.67 -17.73 0.09
C GLU B 160 10.34 -16.59 -0.68
N LYS B 161 10.60 -16.84 -1.97
CA LYS B 161 11.37 -15.92 -2.80
C LYS B 161 10.54 -14.78 -3.33
N GLY B 162 9.22 -14.95 -3.28
CA GLY B 162 8.31 -13.89 -3.64
C GLY B 162 8.05 -13.74 -5.13
N HIS B 163 8.14 -14.83 -5.87
CA HIS B 163 7.78 -14.81 -7.29
C HIS B 163 6.26 -15.05 -7.36
N VAL B 164 5.50 -13.98 -7.61
CA VAL B 164 4.04 -14.05 -7.60
C VAL B 164 3.48 -14.66 -8.90
N GLY B 165 4.09 -14.27 -10.03
CA GLY B 165 3.76 -14.88 -11.32
C GLY B 165 3.77 -16.39 -11.22
N VAL B 166 4.88 -16.94 -10.73
CA VAL B 166 5.05 -18.39 -10.55
C VAL B 166 4.02 -19.00 -9.59
N VAL B 167 3.72 -18.32 -8.50
CA VAL B 167 2.73 -18.82 -7.53
C VAL B 167 1.35 -18.93 -8.17
N THR B 168 0.99 -17.90 -8.92
CA THR B 168 -0.28 -17.88 -9.64
C THR B 168 -0.35 -19.05 -10.63
N ILE B 169 0.71 -19.18 -11.40
CA ILE B 169 0.80 -20.20 -12.41
C ILE B 169 0.70 -21.58 -11.74
N LEU B 170 1.41 -21.77 -10.62
CA LEU B 170 1.40 -23.07 -9.95
C LEU B 170 0.01 -23.43 -9.48
N LEU B 171 -0.63 -22.49 -8.79
CA LEU B 171 -1.90 -22.78 -8.13
C LEU B 171 -3.00 -23.05 -9.10
N HIS B 172 -3.02 -22.27 -10.18
CA HIS B 172 -4.15 -22.30 -11.10
C HIS B 172 -3.95 -23.31 -12.24
N ALA B 173 -2.96 -23.04 -13.10
CA ALA B 173 -2.69 -23.84 -14.30
C ALA B 173 -2.13 -25.24 -14.05
N MET B 174 -1.22 -25.35 -13.06
CA MET B 174 -0.40 -26.57 -12.87
C MET B 174 -0.87 -27.46 -11.72
N LYS B 175 -2.12 -27.28 -11.32
CA LYS B 175 -2.78 -28.14 -10.34
C LYS B 175 -1.89 -28.46 -9.15
N ALA B 176 -1.31 -27.41 -8.56
CA ALA B 176 -0.38 -27.56 -7.43
C ALA B 176 -1.13 -27.69 -6.12
N GLU B 177 -0.72 -28.63 -5.28
CA GLU B 177 -1.29 -28.78 -3.94
C GLU B 177 -0.86 -27.57 -3.09
N VAL B 178 -1.83 -26.82 -2.60
CA VAL B 178 -1.56 -25.60 -1.83
C VAL B 178 -1.12 -25.88 -0.40
N ASP B 179 -1.79 -26.83 0.26
CA ASP B 179 -1.58 -27.04 1.70
C ASP B 179 -0.51 -28.12 1.99
N ALA B 180 0.34 -28.40 1.01
CA ALA B 180 1.37 -29.42 1.10
C ALA B 180 2.45 -28.97 2.07
N ARG B 181 3.09 -29.95 2.74
CA ARG B 181 3.96 -29.67 3.90
C ARG B 181 5.32 -30.26 3.84
N ASP B 182 6.30 -29.51 4.30
CA ASP B 182 7.67 -30.01 4.34
C ASP B 182 7.83 -30.83 5.62
N ASN B 183 9.03 -31.30 5.88
CA ASN B 183 9.23 -32.27 6.97
C ASN B 183 9.08 -31.65 8.34
N MET B 184 9.26 -30.34 8.45
CA MET B 184 9.06 -29.68 9.72
C MET B 184 7.56 -29.43 9.97
N GLY B 185 6.75 -29.56 8.93
CA GLY B 185 5.31 -29.29 9.06
C GLY B 185 4.87 -27.95 8.44
N ARG B 186 5.83 -27.20 7.89
CA ARG B 186 5.54 -25.92 7.23
C ARG B 186 4.87 -26.10 5.87
N ASN B 187 3.93 -25.20 5.54
CA ASN B 187 3.38 -25.06 4.19
C ASN B 187 3.77 -23.71 3.54
N ALA B 188 3.32 -23.47 2.31
CA ALA B 188 3.75 -22.27 1.55
C ALA B 188 3.40 -20.97 2.26
N LEU B 189 2.25 -20.95 2.93
CA LEU B 189 1.81 -19.76 3.70
C LEU B 189 2.84 -19.30 4.73
N VAL B 190 3.40 -20.26 5.47
CA VAL B 190 4.47 -19.97 6.40
C VAL B 190 5.62 -19.31 5.64
N TYR B 191 6.13 -20.01 4.63
CA TYR B 191 7.28 -19.52 3.83
C TYR B 191 7.00 -18.14 3.26
N ALA B 192 5.73 -17.89 2.92
CA ALA B 192 5.33 -16.65 2.26
C ALA B 192 5.41 -15.46 3.21
N LEU B 193 5.15 -15.71 4.49
CA LEU B 193 5.24 -14.67 5.53
C LEU B 193 6.67 -14.39 5.91
N LEU B 194 7.61 -15.22 5.46
CA LEU B 194 9.02 -14.93 5.67
C LEU B 194 9.59 -13.93 4.66
N ASN B 195 8.89 -13.67 3.57
CA ASN B 195 9.46 -12.84 2.52
C ASN B 195 9.50 -11.38 2.96
N PRO B 196 10.69 -10.78 3.00
CA PRO B 196 10.80 -9.39 3.47
C PRO B 196 10.01 -8.34 2.68
N ASP B 197 9.75 -8.60 1.40
CA ASP B 197 9.02 -7.66 0.59
C ASP B 197 7.54 -7.72 0.98
N ASP B 198 7.01 -6.62 1.50
CA ASP B 198 5.60 -6.58 1.95
C ASP B 198 4.59 -6.88 0.81
N GLY B 199 4.68 -6.11 -0.29
CA GLY B 199 3.76 -6.20 -1.41
C GLY B 199 3.70 -7.59 -2.04
N LYS B 200 4.86 -8.23 -2.18
CA LYS B 200 4.92 -9.57 -2.78
C LYS B 200 4.39 -10.63 -1.82
N ALA B 201 4.68 -10.44 -0.54
CA ALA B 201 4.19 -11.29 0.53
C ALA B 201 2.67 -11.21 0.68
N LYS B 202 2.12 -10.02 0.54
CA LYS B 202 0.69 -9.82 0.74
C LYS B 202 -0.11 -10.51 -0.36
N ALA B 203 0.46 -10.51 -1.58
CA ALA B 203 -0.18 -11.17 -2.73
C ALA B 203 -0.22 -12.69 -2.54
N ILE B 204 0.93 -13.25 -2.22
CA ILE B 204 1.08 -14.69 -2.18
C ILE B 204 0.25 -15.28 -1.05
N THR B 205 0.12 -14.56 0.06
CA THR B 205 -0.76 -14.96 1.16
C THR B 205 -2.23 -15.08 0.71
N ARG B 206 -2.74 -14.03 0.09
CA ARG B 206 -4.09 -14.04 -0.46
C ARG B 206 -4.27 -15.19 -1.41
N LEU B 207 -3.29 -15.39 -2.30
CA LEU B 207 -3.38 -16.44 -3.32
C LEU B 207 -3.51 -17.78 -2.62
N LEU B 208 -2.61 -18.00 -1.66
CA LEU B 208 -2.59 -19.22 -0.86
C LEU B 208 -3.88 -19.42 -0.05
N LEU B 209 -4.38 -18.35 0.55
CA LEU B 209 -5.55 -18.47 1.41
C LEU B 209 -6.79 -18.73 0.60
N ASP B 210 -6.86 -18.10 -0.57
CA ASP B 210 -8.01 -18.31 -1.41
C ASP B 210 -8.06 -19.75 -1.87
N HIS B 211 -6.89 -20.34 -2.14
CA HIS B 211 -6.83 -21.77 -2.52
C HIS B 211 -6.91 -22.76 -1.35
N GLY B 212 -7.11 -22.27 -0.13
CA GLY B 212 -7.38 -23.12 1.04
C GLY B 212 -6.17 -23.62 1.81
N ALA B 213 -5.08 -22.87 1.78
CA ALA B 213 -3.89 -23.21 2.59
C ALA B 213 -4.26 -23.15 4.10
N ASP B 214 -3.69 -24.06 4.91
CA ASP B 214 -4.06 -24.17 6.34
C ASP B 214 -3.42 -23.05 7.14
N VAL B 215 -4.27 -22.25 7.76
CA VAL B 215 -3.85 -21.07 8.51
C VAL B 215 -3.29 -21.40 9.91
N ASN B 216 -3.70 -22.55 10.47
CA ASN B 216 -3.14 -23.05 11.73
C ASN B 216 -2.01 -24.04 11.41
N VAL B 217 -0.78 -23.52 11.35
CA VAL B 217 0.44 -24.32 11.13
C VAL B 217 1.60 -23.71 11.94
N ARG B 218 2.78 -24.33 11.91
CA ARG B 218 3.89 -23.89 12.75
C ARG B 218 5.22 -23.96 12.02
N GLY B 219 5.99 -22.87 12.11
CA GLY B 219 7.40 -22.83 11.64
C GLY B 219 8.38 -22.87 12.82
N GLU B 220 9.49 -22.12 12.73
CA GLU B 220 10.47 -21.93 13.83
C GLU B 220 9.81 -21.15 14.91
N GLY B 221 10.35 -21.16 16.14
CA GLY B 221 9.66 -20.60 17.30
C GLY B 221 8.79 -21.77 17.37
N SER B 222 7.54 -21.56 17.61
CA SER B 222 6.65 -22.56 17.08
C SER B 222 5.55 -21.68 16.59
N LYS B 223 5.99 -20.77 15.75
CA LYS B 223 5.19 -19.60 15.42
C LYS B 223 4.07 -19.95 14.48
N THR B 224 2.88 -19.42 14.75
CA THR B 224 1.78 -19.42 13.78
C THR B 224 1.96 -18.27 12.72
N PRO B 225 1.41 -18.48 11.53
CA PRO B 225 1.28 -17.40 10.58
C PRO B 225 0.84 -16.10 11.24
N LEU B 226 -0.22 -16.16 12.04
CA LEU B 226 -0.71 -14.96 12.73
C LEU B 226 0.45 -14.27 13.50
N ILE B 227 1.24 -15.07 14.20
CA ILE B 227 2.33 -14.54 14.99
C ILE B 227 3.42 -13.95 14.12
N LEU B 228 3.81 -14.68 13.08
CA LEU B 228 4.84 -14.19 12.14
C LEU B 228 4.44 -12.80 11.61
N ALA B 229 3.14 -12.64 11.37
CA ALA B 229 2.63 -11.42 10.84
C ALA B 229 2.69 -10.32 11.88
N VAL B 230 2.40 -10.66 13.13
CA VAL B 230 2.44 -9.65 14.18
C VAL B 230 3.87 -9.11 14.31
N GLU B 231 4.82 -10.05 14.42
CA GLU B 231 6.26 -9.75 14.53
C GLU B 231 6.81 -8.96 13.34
N ARG B 232 6.23 -9.22 12.16
CA ARG B 232 6.55 -8.47 10.95
C ARG B 232 5.92 -7.08 11.02
N LYS B 233 5.01 -6.90 11.98
CA LYS B 233 4.31 -5.64 12.25
C LYS B 233 3.46 -5.19 11.06
N ASN B 234 2.84 -6.15 10.36
CA ASN B 234 2.03 -5.86 9.19
C ASN B 234 0.53 -5.98 9.44
N LEU B 235 -0.17 -4.87 9.46
CA LEU B 235 -1.61 -4.87 9.72
C LEU B 235 -2.34 -5.67 8.66
N ASP B 236 -2.02 -5.40 7.41
CA ASP B 236 -2.74 -6.01 6.27
C ASP B 236 -2.69 -7.56 6.25
N LEU B 237 -1.55 -8.15 6.58
CA LEU B 237 -1.41 -9.60 6.71
C LEU B 237 -2.16 -10.19 7.93
N VAL B 238 -2.28 -9.39 8.97
CA VAL B 238 -3.07 -9.78 10.09
C VAL B 238 -4.55 -9.86 9.71
N GLN B 239 -5.08 -8.79 9.14
CA GLN B 239 -6.48 -8.77 8.68
C GLN B 239 -6.75 -10.00 7.87
N MET B 240 -5.89 -10.20 6.89
CA MET B 240 -6.05 -11.22 5.84
C MET B 240 -6.17 -12.60 6.51
N LEU B 241 -5.38 -12.82 7.56
CA LEU B 241 -5.41 -14.08 8.29
C LEU B 241 -6.63 -14.16 9.21
N LEU B 242 -6.96 -13.05 9.84
CA LEU B 242 -8.07 -13.07 10.80
C LEU B 242 -9.44 -13.21 10.13
N GLU B 243 -9.48 -13.07 8.80
CA GLU B 243 -10.72 -13.27 8.04
C GLU B 243 -11.13 -14.73 8.01
N GLN B 244 -10.15 -15.62 7.99
CA GLN B 244 -10.42 -17.04 8.21
C GLN B 244 -11.04 -17.14 9.59
N GLU B 245 -12.27 -17.63 9.70
CA GLU B 245 -12.95 -17.67 10.99
C GLU B 245 -12.54 -18.91 11.81
N GLN B 246 -11.89 -19.87 11.14
CA GLN B 246 -11.38 -21.11 11.76
C GLN B 246 -9.97 -20.97 12.40
N ILE B 247 -9.39 -19.77 12.34
CA ILE B 247 -8.04 -19.50 12.89
C ILE B 247 -8.04 -19.50 14.41
N GLU B 248 -6.97 -20.05 15.01
CA GLU B 248 -6.85 -20.11 16.49
C GLU B 248 -6.05 -18.93 17.06
N VAL B 249 -6.75 -17.84 17.42
CA VAL B 249 -6.07 -16.62 17.88
C VAL B 249 -5.33 -16.78 19.20
N ASN B 250 -5.83 -17.69 20.03
CA ASN B 250 -5.29 -17.87 21.37
C ASN B 250 -4.13 -18.87 21.46
N ASP B 251 -3.59 -19.30 20.31
CA ASP B 251 -2.44 -20.24 20.30
C ASP B 251 -1.15 -19.51 20.72
N THR B 252 -0.14 -20.26 21.16
CA THR B 252 1.09 -19.68 21.73
C THR B 252 2.34 -20.26 21.14
N ASP B 253 3.30 -19.37 20.87
CA ASP B 253 4.61 -19.75 20.35
C ASP B 253 5.41 -20.48 21.42
N ARG B 254 6.61 -20.93 21.09
CA ARG B 254 7.35 -21.83 22.00
C ARG B 254 7.59 -21.29 23.41
N GLU B 255 7.59 -19.96 23.59
CA GLU B 255 7.78 -19.35 24.92
C GLU B 255 6.47 -19.16 25.69
N GLY B 256 5.38 -19.65 25.14
CA GLY B 256 4.05 -19.44 25.73
C GLY B 256 3.39 -18.13 25.34
N LYS B 257 3.95 -17.42 24.36
CA LYS B 257 3.42 -16.08 23.97
C LYS B 257 2.36 -16.13 22.87
N THR B 258 1.21 -15.53 23.14
CA THR B 258 0.17 -15.35 22.18
C THR B 258 0.44 -14.12 21.26
N ALA B 259 -0.21 -14.10 20.09
CA ALA B 259 -0.04 -13.02 19.12
C ALA B 259 -0.42 -11.65 19.68
N LEU B 260 -1.47 -11.63 20.50
CA LEU B 260 -1.90 -10.42 21.20
C LEU B 260 -0.76 -9.89 22.06
N LEU B 261 -0.10 -10.80 22.77
CA LEU B 261 0.86 -10.40 23.76
C LEU B 261 1.93 -9.61 23.06
N LEU B 262 2.43 -10.19 21.97
CA LEU B 262 3.49 -9.60 21.13
C LEU B 262 3.05 -8.29 20.50
N ALA B 263 1.79 -8.25 20.09
CA ALA B 263 1.26 -7.07 19.49
C ALA B 263 1.37 -5.92 20.48
N VAL B 264 1.03 -6.17 21.74
CA VAL B 264 1.01 -5.09 22.72
C VAL B 264 2.45 -4.78 23.07
N GLU B 265 3.24 -5.83 23.22
CA GLU B 265 4.69 -5.70 23.48
C GLU B 265 5.45 -4.83 22.47
N LEU B 266 5.06 -4.91 21.21
CA LEU B 266 5.68 -4.15 20.13
C LEU B 266 4.98 -2.81 19.79
N ARG B 267 4.12 -2.32 20.69
CA ARG B 267 3.40 -1.05 20.48
C ARG B 267 2.54 -1.06 19.22
N LEU B 268 1.92 -2.20 18.91
CA LEU B 268 1.01 -2.29 17.79
C LEU B 268 -0.47 -2.11 18.24
N GLU B 269 -0.92 -0.85 18.33
CA GLU B 269 -2.27 -0.50 18.74
C GLU B 269 -3.34 -1.09 17.84
N GLU B 270 -3.29 -0.72 16.56
CA GLU B 270 -4.35 -1.11 15.66
C GLU B 270 -4.42 -2.64 15.53
N ILE B 271 -3.26 -3.29 15.52
CA ILE B 271 -3.19 -4.75 15.38
C ILE B 271 -3.70 -5.45 16.65
N ALA B 272 -3.43 -4.86 17.80
CA ALA B 272 -3.89 -5.44 19.06
C ALA B 272 -5.40 -5.27 19.18
N LYS B 273 -5.89 -4.06 18.92
CA LYS B 273 -7.32 -3.81 19.01
C LYS B 273 -8.08 -4.77 18.10
N LEU B 274 -7.61 -4.87 16.86
CA LEU B 274 -8.21 -5.78 15.87
C LEU B 274 -8.27 -7.24 16.34
N LEU B 275 -7.20 -7.70 16.98
CA LEU B 275 -7.14 -9.06 17.53
C LEU B 275 -8.17 -9.25 18.66
N CYS B 276 -8.43 -8.19 19.42
CA CYS B 276 -9.29 -8.30 20.59
C CYS B 276 -10.67 -8.48 20.09
N HIS B 277 -11.06 -7.60 19.17
CA HIS B 277 -12.34 -7.74 18.49
C HIS B 277 -12.51 -9.16 17.93
N ARG B 278 -11.47 -9.69 17.28
CA ARG B 278 -11.53 -11.04 16.70
C ARG B 278 -11.40 -12.18 17.73
N GLY B 279 -11.52 -11.87 19.02
CA GLY B 279 -11.71 -12.90 20.04
C GLY B 279 -10.50 -13.34 20.85
N ALA B 280 -9.41 -12.58 20.79
CA ALA B 280 -8.22 -12.87 21.60
C ALA B 280 -8.49 -12.60 23.07
N SER B 281 -7.73 -13.23 23.97
CA SER B 281 -7.97 -13.09 25.41
C SER B 281 -7.04 -12.10 26.08
N THR B 282 -7.52 -11.50 27.18
CA THR B 282 -6.75 -10.53 27.97
C THR B 282 -5.92 -11.18 29.08
N ASN B 283 -6.05 -12.49 29.26
CA ASN B 283 -5.33 -13.21 30.31
C ASN B 283 -4.09 -13.88 29.72
N CYS B 284 -3.54 -13.28 28.67
CA CYS B 284 -2.38 -13.83 27.99
C CYS B 284 -1.12 -13.25 28.58
N GLY B 285 -1.30 -12.40 29.59
CA GLY B 285 -0.18 -11.71 30.26
C GLY B 285 -0.57 -10.26 30.54
N ASP B 286 0.15 -9.61 31.46
CA ASP B 286 -0.17 -8.24 31.84
C ASP B 286 -0.03 -7.17 30.72
N LEU B 287 -1.07 -7.04 29.90
CA LEU B 287 -1.03 -6.17 28.73
C LEU B 287 -1.18 -4.72 29.15
N VAL B 288 -1.87 -4.50 30.25
CA VAL B 288 -2.13 -3.14 30.68
C VAL B 288 -0.79 -2.50 31.03
N ALA B 289 -0.01 -3.22 31.84
CA ALA B 289 1.30 -2.76 32.33
C ALA B 289 2.30 -2.54 31.20
N ILE B 290 2.31 -3.48 30.24
CA ILE B 290 3.14 -3.40 29.04
C ILE B 290 2.83 -2.12 28.22
N ALA B 291 1.56 -1.90 27.94
CA ALA B 291 1.15 -0.74 27.18
C ALA B 291 1.48 0.57 27.93
N ARG B 292 1.32 0.55 29.26
CA ARG B 292 1.73 1.70 30.07
C ARG B 292 3.22 1.95 29.83
N ARG B 293 4.04 0.94 30.20
CA ARG B 293 5.47 0.86 29.95
C ARG B 293 5.87 1.46 28.60
N ASN B 294 5.15 1.03 27.55
CA ASN B 294 5.32 1.53 26.18
C ASN B 294 4.95 2.98 25.96
N TYR B 295 4.12 3.53 26.85
CA TYR B 295 3.50 4.83 26.65
C TYR B 295 2.48 4.80 25.49
N ASP B 296 1.67 3.73 25.45
CA ASP B 296 0.51 3.64 24.55
C ASP B 296 -0.71 4.17 25.28
N SER B 297 -0.89 5.48 25.29
CA SER B 297 -1.97 6.07 26.07
C SER B 297 -3.31 5.39 25.72
N ASP B 298 -3.65 5.41 24.43
CA ASP B 298 -4.95 4.94 23.97
C ASP B 298 -5.15 3.44 24.17
N LEU B 299 -4.07 2.67 24.09
CA LEU B 299 -4.21 1.23 24.21
C LEU B 299 -4.46 0.85 25.66
N VAL B 300 -3.83 1.58 26.59
CA VAL B 300 -4.11 1.39 28.01
C VAL B 300 -5.61 1.61 28.23
N LYS B 301 -6.11 2.72 27.71
CA LYS B 301 -7.53 3.05 27.81
C LYS B 301 -8.34 1.90 27.21
N PHE B 302 -8.01 1.52 25.98
CA PHE B 302 -8.73 0.46 25.33
C PHE B 302 -8.76 -0.79 26.19
N LEU B 303 -7.64 -1.12 26.84
CA LEU B 303 -7.54 -2.41 27.51
C LEU B 303 -8.20 -2.43 28.88
N ARG B 304 -8.31 -1.25 29.50
CA ARG B 304 -9.05 -1.11 30.77
C ARG B 304 -10.54 -1.28 30.56
N LEU B 305 -11.05 -0.75 29.44
CA LEU B 305 -12.43 -0.97 29.04
C LEU B 305 -12.36 -2.45 28.58
N HIS B 306 -13.43 -3.10 28.19
CA HIS B 306 -13.24 -4.37 27.54
C HIS B 306 -12.74 -5.32 28.62
N ASN B 318 11.39 -16.87 41.75
CA ASN B 318 11.88 -18.12 42.36
C ASN B 318 13.29 -18.56 41.92
N TRP B 319 13.77 -17.98 40.82
CA TRP B 319 15.18 -18.08 40.34
C TRP B 319 16.21 -17.75 41.43
N LYS B 320 17.27 -18.56 41.48
CA LYS B 320 18.30 -18.48 42.51
C LYS B 320 19.67 -18.14 41.94
N PRO B 321 20.28 -17.02 42.38
CA PRO B 321 21.65 -16.72 41.95
C PRO B 321 22.62 -17.58 42.69
N GLN B 322 23.82 -17.75 42.15
CA GLN B 322 24.87 -18.47 42.86
C GLN B 322 25.82 -17.57 43.64
N SER B 323 25.96 -16.31 43.24
CA SER B 323 26.85 -15.36 43.92
C SER B 323 26.28 -14.83 45.25
N SER B 324 27.15 -14.76 46.25
CA SER B 324 26.82 -14.24 47.58
C SER B 324 26.84 -12.70 47.63
N ARG B 325 27.91 -12.11 47.11
CA ARG B 325 28.05 -10.67 47.08
C ARG B 325 27.05 -10.01 46.13
N TRP B 326 26.74 -10.67 45.03
CA TRP B 326 25.90 -10.05 44.00
C TRP B 326 24.48 -10.67 43.91
N GLY B 327 24.22 -11.66 44.75
CA GLY B 327 22.92 -12.32 44.78
C GLY B 327 21.71 -11.38 44.76
N GLU B 328 21.60 -10.52 45.77
CA GLU B 328 20.46 -9.58 45.92
C GLU B 328 20.14 -8.80 44.65
N ALA B 329 21.16 -8.22 44.03
CA ALA B 329 20.98 -7.37 42.86
C ALA B 329 20.61 -8.19 41.64
N LEU B 330 21.28 -9.33 41.46
CA LEU B 330 20.91 -10.27 40.40
C LEU B 330 19.44 -10.61 40.48
N LYS B 331 18.96 -10.97 41.67
CA LYS B 331 17.54 -11.31 41.87
C LYS B 331 16.69 -10.20 41.30
N HIS B 332 17.01 -8.96 41.67
CA HIS B 332 16.26 -7.79 41.24
C HIS B 332 16.43 -7.54 39.73
N LEU B 333 17.55 -7.98 39.15
CA LEU B 333 17.76 -7.84 37.69
C LEU B 333 17.02 -8.91 36.91
N HIS B 334 16.90 -10.10 37.49
CA HIS B 334 16.07 -11.15 36.91
C HIS B 334 14.58 -10.75 37.01
N ARG B 335 14.24 -10.10 38.12
CA ARG B 335 12.86 -9.71 38.43
C ARG B 335 12.34 -8.65 37.46
N ILE B 336 13.08 -7.55 37.32
CA ILE B 336 12.61 -6.39 36.52
C ILE B 336 12.51 -6.71 35.04
N TRP B 337 11.72 -5.93 34.31
CA TRP B 337 11.65 -6.11 32.86
C TRP B 337 12.70 -5.26 32.12
N ARG B 338 13.42 -5.92 31.22
CA ARG B 338 14.41 -5.31 30.34
C ARG B 338 14.26 -5.87 28.94
N PRO B 339 14.73 -5.14 27.95
CA PRO B 339 14.73 -5.68 26.61
C PRO B 339 16.02 -6.44 26.45
N MET B 340 16.03 -7.50 25.66
CA MET B 340 17.28 -8.23 25.50
C MET B 340 18.14 -7.45 24.52
N ILE B 341 19.45 -7.42 24.77
CA ILE B 341 20.42 -7.13 23.72
C ILE B 341 21.01 -8.48 23.32
N GLY B 342 20.42 -9.07 22.29
CA GLY B 342 20.81 -10.40 21.83
C GLY B 342 20.42 -11.37 22.90
N LYS B 343 21.43 -12.00 23.51
CA LYS B 343 21.21 -12.90 24.63
C LYS B 343 21.55 -12.26 25.99
N LEU B 344 21.80 -10.94 26.00
CA LEU B 344 22.10 -10.23 27.26
C LEU B 344 20.93 -9.37 27.79
N LYS B 345 20.44 -9.75 28.97
CA LYS B 345 19.53 -8.88 29.74
C LYS B 345 20.41 -8.01 30.64
N ILE B 346 20.37 -6.69 30.44
CA ILE B 346 21.24 -5.76 31.18
C ILE B 346 20.54 -4.44 31.45
N PHE B 347 20.84 -3.85 32.59
CA PHE B 347 20.35 -2.51 32.90
C PHE B 347 21.45 -1.66 33.49
N ILE B 348 21.70 -0.52 32.86
CA ILE B 348 22.70 0.42 33.37
C ILE B 348 22.10 1.26 34.48
N ASP B 349 22.58 1.03 35.70
CA ASP B 349 22.07 1.68 36.92
C ASP B 349 22.99 1.34 38.11
N GLU B 350 23.27 2.34 38.94
CA GLU B 350 24.27 2.17 39.97
C GLU B 350 24.05 0.89 40.78
N GLU B 351 22.80 0.46 40.96
CA GLU B 351 22.53 -0.77 41.76
C GLU B 351 23.26 -2.01 41.18
N TYR B 352 23.41 -2.04 39.85
CA TYR B 352 24.01 -3.17 39.17
C TYR B 352 25.38 -2.86 38.58
N LYS B 353 26.07 -1.84 39.11
CA LYS B 353 27.47 -1.55 38.72
C LYS B 353 28.52 -2.31 39.56
N ILE B 354 29.51 -2.90 38.89
CA ILE B 354 30.54 -3.72 39.55
C ILE B 354 31.82 -2.92 39.72
N ALA B 355 32.21 -2.19 38.67
CA ALA B 355 33.42 -1.36 38.73
C ALA B 355 33.46 -0.39 37.57
N ASP B 356 34.06 0.79 37.80
CA ASP B 356 34.49 1.70 36.73
C ASP B 356 35.49 0.96 35.85
N THR B 357 35.68 1.47 34.63
CA THR B 357 36.79 1.09 33.74
C THR B 357 37.25 2.36 33.03
N ALA B 358 38.19 2.22 32.09
CA ALA B 358 38.60 3.34 31.28
C ALA B 358 37.51 3.70 30.27
N GLU B 359 36.50 2.83 30.12
CA GLU B 359 35.42 3.05 29.16
C GLU B 359 33.97 3.01 29.65
N GLY B 360 33.41 1.82 29.89
CA GLY B 360 31.94 1.66 30.05
C GLY B 360 31.59 0.98 31.37
N GLY B 361 32.62 0.73 32.19
CA GLY B 361 32.42 0.10 33.47
C GLY B 361 32.25 -1.39 33.35
N ILE B 362 32.14 -2.05 34.51
CA ILE B 362 31.76 -3.45 34.63
C ILE B 362 30.40 -3.51 35.29
N TYR B 363 29.38 -3.99 34.59
CA TYR B 363 28.07 -4.14 35.20
C TYR B 363 27.62 -5.62 35.40
N LEU B 364 26.66 -5.84 36.30
CA LEU B 364 25.97 -7.12 36.40
C LEU B 364 25.09 -7.34 35.17
N GLY B 365 24.93 -8.61 34.77
CA GLY B 365 24.12 -8.99 33.59
C GLY B 365 23.67 -10.45 33.59
N LEU B 366 22.64 -10.76 32.82
CA LEU B 366 22.15 -12.14 32.69
C LEU B 366 22.24 -12.64 31.24
N TYR B 367 22.82 -13.82 31.06
CA TYR B 367 23.27 -14.28 29.76
C TYR B 367 22.90 -15.72 29.54
N GLU B 368 21.98 -15.98 28.62
CA GLU B 368 21.38 -17.31 28.47
C GLU B 368 20.84 -17.77 29.86
N ASP B 369 20.24 -16.81 30.59
CA ASP B 369 19.83 -16.92 32.02
C ASP B 369 20.92 -17.16 33.10
N GLN B 370 22.20 -17.08 32.71
CA GLN B 370 23.32 -17.19 33.63
C GLN B 370 23.84 -15.85 34.14
N GLU B 371 24.18 -15.78 35.42
CA GLU B 371 24.84 -14.59 35.96
C GLU B 371 26.24 -14.29 35.31
N VAL B 372 26.42 -13.06 34.79
CA VAL B 372 27.69 -12.61 34.18
C VAL B 372 28.06 -11.13 34.45
N ALA B 373 29.34 -10.89 34.70
CA ALA B 373 29.89 -9.54 34.78
C ALA B 373 30.12 -9.10 33.37
N VAL B 374 29.76 -7.86 33.06
CA VAL B 374 29.75 -7.43 31.67
C VAL B 374 30.71 -6.28 31.51
N LYS B 375 31.74 -6.45 30.69
CA LYS B 375 32.71 -5.40 30.44
C LYS B 375 32.33 -4.63 29.18
N ARG B 376 31.93 -3.37 29.36
CA ARG B 376 31.31 -2.53 28.30
C ARG B 376 32.27 -1.56 27.59
N PHE B 377 32.26 -1.59 26.28
CA PHE B 377 33.18 -0.78 25.50
C PHE B 377 32.36 -0.08 24.43
N SER B 378 32.98 0.89 23.76
CA SER B 378 32.48 1.34 22.46
C SER B 378 32.60 0.18 21.48
N GLU B 379 31.60 -0.01 20.63
CA GLU B 379 31.68 -1.08 19.67
C GLU B 379 32.94 -0.88 18.84
N GLY B 380 33.24 0.37 18.52
CA GLY B 380 34.37 0.70 17.70
C GLY B 380 35.70 0.68 18.41
N SER B 381 35.70 0.52 19.73
CA SER B 381 36.96 0.60 20.49
C SER B 381 37.98 -0.45 20.03
N THR B 382 39.23 -0.03 19.94
CA THR B 382 40.31 -0.91 19.53
C THR B 382 40.73 -1.84 20.69
N ARG B 383 40.73 -1.29 21.91
CA ARG B 383 40.98 -2.07 23.12
C ARG B 383 39.93 -3.17 23.24
N GLY B 384 38.66 -2.78 23.12
CA GLY B 384 37.53 -3.74 23.17
C GLY B 384 37.64 -4.87 22.18
N GLN B 385 38.24 -4.61 21.01
CA GLN B 385 38.49 -5.61 19.94
C GLN B 385 39.61 -6.60 20.27
N GLN B 386 40.67 -6.10 20.92
CA GLN B 386 41.75 -6.98 21.39
C GLN B 386 41.21 -7.91 22.47
N GLU B 387 40.23 -7.44 23.25
CA GLU B 387 39.70 -8.22 24.36
C GLU B 387 38.91 -9.43 23.84
N VAL B 388 37.84 -9.19 23.10
CA VAL B 388 36.99 -10.28 22.65
C VAL B 388 37.80 -11.24 21.77
N SER B 389 38.80 -10.70 21.04
CA SER B 389 39.70 -11.52 20.22
C SER B 389 40.47 -12.53 21.08
N CYS B 390 41.02 -12.04 22.18
CA CYS B 390 41.80 -12.90 23.06
C CYS B 390 40.89 -13.92 23.74
N LEU B 391 39.75 -13.46 24.27
CA LEU B 391 38.86 -14.35 25.05
C LEU B 391 38.27 -15.46 24.21
N GLN B 392 38.06 -15.18 22.92
CA GLN B 392 37.64 -16.20 21.93
C GLN B 392 38.62 -17.34 21.72
N SER B 393 39.91 -17.04 21.93
CA SER B 393 41.01 -17.99 21.79
C SER B 393 41.30 -18.69 23.11
N SER B 394 40.60 -18.25 24.16
CA SER B 394 40.94 -18.65 25.52
C SER B 394 39.85 -19.49 26.19
N ARG B 395 38.89 -19.99 25.41
CA ARG B 395 37.79 -20.76 25.99
C ARG B 395 38.24 -22.08 26.68
N ALA B 396 39.31 -22.68 26.18
CA ALA B 396 39.83 -23.92 26.74
C ALA B 396 40.68 -23.71 28.00
N ASN B 397 40.97 -22.45 28.35
CA ASN B 397 41.91 -22.11 29.44
C ASN B 397 41.21 -21.96 30.76
N ASP B 398 41.32 -22.98 31.61
CA ASP B 398 40.49 -23.03 32.85
C ASP B 398 40.84 -22.00 33.89
N ASN B 399 41.99 -21.35 33.76
CA ASN B 399 42.41 -20.27 34.67
C ASN B 399 42.19 -18.84 34.13
N VAL B 400 41.69 -18.74 32.90
CA VAL B 400 41.20 -17.48 32.39
C VAL B 400 39.77 -17.43 32.83
N VAL B 401 39.34 -16.24 33.25
CA VAL B 401 37.96 -16.05 33.61
C VAL B 401 37.13 -16.65 32.46
N THR B 402 36.07 -17.35 32.78
CA THR B 402 35.30 -18.06 31.75
C THR B 402 34.54 -17.07 30.85
N PHE B 403 34.47 -17.40 29.57
CA PHE B 403 33.95 -16.49 28.57
C PHE B 403 32.58 -16.97 27.98
N TYR B 404 31.55 -16.16 28.18
CA TYR B 404 30.22 -16.52 27.76
C TYR B 404 30.02 -16.08 26.29
N GLY B 405 30.25 -14.81 26.00
CA GLY B 405 30.16 -14.32 24.64
C GLY B 405 30.06 -12.81 24.62
N SER B 406 29.81 -12.22 23.44
CA SER B 406 29.68 -10.77 23.30
C SER B 406 28.40 -10.40 22.56
N GLU B 407 27.89 -9.19 22.82
CA GLU B 407 26.70 -8.67 22.13
C GLU B 407 26.86 -7.18 21.86
N SER B 408 26.59 -6.79 20.62
CA SER B 408 26.53 -5.37 20.24
C SER B 408 25.10 -4.89 20.18
N ASP B 409 24.83 -3.75 20.79
CA ASP B 409 23.69 -2.93 20.38
C ASP B 409 24.23 -2.03 19.24
N GLY B 410 23.57 -0.93 18.95
CA GLY B 410 24.15 -0.04 17.97
C GLY B 410 25.58 0.46 18.28
N SER B 411 25.90 0.63 19.56
CA SER B 411 26.97 1.55 19.97
C SER B 411 27.95 1.03 21.03
N CYS B 412 27.48 0.11 21.88
CA CYS B 412 28.30 -0.50 22.94
C CYS B 412 28.60 -1.93 22.64
N LEU B 413 29.79 -2.36 23.01
CA LEU B 413 30.16 -3.75 22.82
C LEU B 413 30.16 -4.37 24.20
N HIS B 414 29.20 -5.25 24.44
CA HIS B 414 29.13 -5.95 25.71
C HIS B 414 29.98 -7.25 25.71
N VAL B 415 30.94 -7.33 26.61
CA VAL B 415 31.71 -8.55 26.82
C VAL B 415 31.27 -9.27 28.12
N CYS B 416 30.61 -10.43 27.96
CA CYS B 416 30.09 -11.19 29.11
C CYS B 416 31.10 -12.24 29.62
N LEU B 417 31.46 -12.11 30.91
CA LEU B 417 32.44 -12.96 31.51
C LEU B 417 31.80 -13.70 32.68
N ALA B 418 32.52 -14.68 33.22
CA ALA B 418 32.13 -15.30 34.46
C ALA B 418 32.12 -14.25 35.55
N LEU B 419 31.16 -14.34 36.50
CA LEU B 419 31.05 -13.35 37.61
C LEU B 419 31.67 -13.89 38.89
N CYS B 420 32.78 -13.33 39.30
CA CYS B 420 33.47 -13.79 40.51
C CYS B 420 33.11 -12.89 41.69
N GLU B 421 33.49 -13.31 42.89
CA GLU B 421 33.23 -12.53 44.11
C GLU B 421 34.20 -11.37 44.31
N TYR B 422 35.51 -11.65 44.32
CA TYR B 422 36.46 -10.62 44.66
C TYR B 422 37.67 -10.57 43.75
N THR B 423 38.06 -9.35 43.40
CA THR B 423 39.39 -9.08 42.94
C THR B 423 40.41 -9.66 43.95
N LEU B 424 41.62 -9.92 43.49
CA LEU B 424 42.65 -10.50 44.33
C LEU B 424 42.93 -9.58 45.51
N GLN B 425 43.10 -8.30 45.19
CA GLN B 425 43.45 -7.28 46.17
C GLN B 425 42.45 -7.24 47.35
N GLU B 426 41.16 -7.42 47.04
CA GLU B 426 40.07 -7.49 48.02
C GLU B 426 40.16 -8.81 48.78
N HIS B 427 40.25 -9.91 48.04
CA HIS B 427 40.37 -11.21 48.65
C HIS B 427 41.45 -11.22 49.75
N LEU B 428 42.66 -10.74 49.43
CA LEU B 428 43.81 -10.85 50.35
C LEU B 428 43.62 -10.01 51.62
N ALA B 429 42.93 -8.89 51.44
CA ALA B 429 42.53 -8.02 52.53
C ALA B 429 41.50 -8.75 53.40
N ASN B 430 40.47 -9.30 52.76
CA ASN B 430 39.42 -10.04 53.46
C ASN B 430 39.93 -11.24 54.28
N HIS B 431 40.99 -11.89 53.82
CA HIS B 431 41.51 -13.07 54.51
C HIS B 431 42.87 -12.78 55.17
N ARG B 432 43.08 -11.49 55.48
CA ARG B 432 44.35 -11.08 56.07
C ARG B 432 44.46 -11.50 57.54
N GLY B 433 43.31 -11.69 58.18
CA GLY B 433 43.27 -12.14 59.59
C GLY B 433 43.30 -13.66 59.80
N ASP B 434 43.19 -14.44 58.70
CA ASP B 434 43.07 -15.90 58.79
C ASP B 434 44.27 -16.58 59.41
N ALA B 435 45.48 -16.23 58.98
CA ALA B 435 46.68 -17.00 59.39
C ALA B 435 47.32 -16.51 60.67
N VAL B 436 47.84 -17.44 61.46
CA VAL B 436 48.66 -17.08 62.64
C VAL B 436 50.07 -16.69 62.16
N PRO B 437 50.82 -15.91 62.95
CA PRO B 437 52.01 -15.20 62.45
C PRO B 437 52.88 -15.90 61.37
N ASN B 438 53.45 -17.06 61.68
CA ASN B 438 54.44 -17.69 60.78
C ASN B 438 53.88 -18.84 59.97
N GLU B 439 52.57 -19.05 60.10
CA GLU B 439 51.85 -20.16 59.47
C GLU B 439 52.21 -20.30 57.98
N GLU B 440 52.38 -21.55 57.53
CA GLU B 440 52.61 -21.84 56.12
C GLU B 440 51.45 -21.29 55.29
N ASP B 441 51.78 -20.62 54.20
CA ASP B 441 50.79 -19.97 53.32
C ASP B 441 50.50 -20.89 52.11
N GLU B 442 49.56 -21.80 52.28
CA GLU B 442 49.24 -22.71 51.20
C GLU B 442 48.51 -22.00 50.07
N SER B 443 47.68 -21.01 50.41
CA SER B 443 46.78 -20.43 49.42
C SER B 443 47.52 -19.46 48.51
N ALA B 444 48.59 -18.84 49.00
CA ALA B 444 49.51 -18.10 48.10
C ALA B 444 50.01 -19.01 46.99
N ARG B 445 50.43 -20.22 47.36
CA ARG B 445 50.83 -21.18 46.35
C ARG B 445 49.67 -21.55 45.39
N ASN B 446 48.46 -21.64 45.91
CA ASN B 446 47.33 -21.99 45.07
C ASN B 446 46.90 -20.85 44.13
N ILE B 447 47.01 -19.63 44.64
CA ILE B 447 46.75 -18.41 43.86
C ILE B 447 47.79 -18.26 42.76
N LEU B 448 49.05 -18.37 43.11
CA LEU B 448 50.13 -18.15 42.15
C LEU B 448 50.20 -19.28 41.12
N SER B 449 50.03 -20.53 41.56
CA SER B 449 50.17 -21.66 40.63
C SER B 449 49.08 -21.62 39.57
N SER B 450 47.90 -21.11 39.92
CA SER B 450 46.85 -20.94 38.92
C SER B 450 47.27 -19.96 37.84
N LEU B 451 47.84 -18.82 38.26
CA LEU B 451 48.14 -17.76 37.32
C LEU B 451 49.28 -18.18 36.40
N PHE B 452 50.20 -18.97 36.93
CA PHE B 452 51.29 -19.46 36.09
C PHE B 452 50.69 -20.23 34.89
N LYS B 453 49.80 -21.16 35.22
CA LYS B 453 49.09 -21.96 34.24
C LYS B 453 48.23 -21.07 33.36
N ALA B 454 47.60 -20.06 33.97
CA ALA B 454 46.79 -19.08 33.20
C ALA B 454 47.66 -18.39 32.14
N ILE B 455 48.78 -17.82 32.57
CA ILE B 455 49.66 -17.07 31.67
C ILE B 455 50.47 -18.02 30.77
N GLY B 456 50.91 -19.15 31.33
CA GLY B 456 51.42 -20.26 30.51
C GLY B 456 50.58 -20.54 29.25
N GLU B 457 49.26 -20.75 29.42
CA GLU B 457 48.42 -21.23 28.34
C GLU B 457 48.06 -20.09 27.45
N LEU B 458 48.02 -18.91 28.02
CA LEU B 458 47.82 -17.71 27.23
C LEU B 458 49.00 -17.51 26.26
N HIS B 459 50.24 -17.66 26.76
CA HIS B 459 51.43 -17.52 25.92
C HIS B 459 51.45 -18.57 24.82
N ARG B 460 51.08 -19.80 25.17
CA ARG B 460 50.97 -20.92 24.21
C ARG B 460 49.87 -20.63 23.12
N SER B 461 48.79 -19.93 23.45
CA SER B 461 47.83 -19.47 22.43
C SER B 461 48.35 -18.29 21.59
N GLY B 462 49.58 -17.81 21.88
CA GLY B 462 50.21 -16.73 21.11
C GLY B 462 49.82 -15.34 21.56
N TYR B 463 49.08 -15.28 22.67
CA TYR B 463 48.60 -14.02 23.23
C TYR B 463 49.41 -13.69 24.51
N SER B 464 49.74 -12.42 24.69
CA SER B 464 50.42 -11.98 25.87
C SER B 464 49.58 -10.91 26.56
N HIS B 465 49.55 -10.93 27.89
CA HIS B 465 48.68 -10.02 28.67
C HIS B 465 49.49 -8.84 29.20
N GLN B 466 49.40 -7.69 28.56
CA GLN B 466 50.42 -6.65 28.76
C GLN B 466 50.30 -5.85 30.07
N ASP B 467 49.24 -6.11 30.85
CA ASP B 467 48.89 -5.27 32.01
C ASP B 467 48.69 -6.07 33.30
N LEU B 468 49.47 -7.12 33.49
CA LEU B 468 49.25 -7.93 34.69
C LEU B 468 49.32 -7.05 35.93
N GLN B 469 48.22 -7.03 36.68
CA GLN B 469 48.18 -6.33 37.97
C GLN B 469 47.00 -6.92 38.78
N PRO B 470 46.99 -6.69 40.12
CA PRO B 470 46.11 -7.49 41.01
C PRO B 470 44.60 -7.24 40.89
N GLN B 471 44.20 -6.19 40.20
CA GLN B 471 42.77 -5.95 39.95
C GLN B 471 42.32 -6.72 38.75
N ASN B 472 43.26 -7.10 37.89
CA ASN B 472 42.98 -7.97 36.75
C ASN B 472 42.78 -9.45 37.15
N ILE B 473 42.97 -9.74 38.44
CA ILE B 473 42.88 -11.10 38.96
C ILE B 473 41.65 -11.22 39.80
N LEU B 474 40.89 -12.30 39.61
CA LEU B 474 39.59 -12.41 40.28
C LEU B 474 39.45 -13.77 40.96
N ILE B 475 38.70 -13.77 42.05
CA ILE B 475 38.54 -14.93 42.90
C ILE B 475 37.07 -15.26 43.05
N ASP B 476 36.68 -16.42 42.55
CA ASP B 476 35.27 -16.87 42.58
C ASP B 476 34.82 -17.35 43.98
N SER B 477 33.51 -17.59 44.08
CA SER B 477 32.85 -18.14 45.26
C SER B 477 33.57 -19.37 45.78
N LYS B 478 34.09 -20.19 44.87
CA LYS B 478 34.73 -21.45 45.23
C LYS B 478 36.20 -21.27 45.69
N ASN B 479 36.70 -20.02 45.70
CA ASN B 479 38.13 -19.66 45.91
C ASN B 479 39.09 -20.01 44.78
N GLY B 480 38.52 -20.37 43.63
CA GLY B 480 39.29 -20.48 42.40
C GLY B 480 39.72 -19.08 42.00
N THR B 481 40.90 -18.98 41.36
CA THR B 481 41.49 -17.70 40.94
C THR B 481 41.66 -17.65 39.42
N PHE B 482 41.43 -16.48 38.83
CA PHE B 482 41.23 -16.36 37.38
C PHE B 482 41.86 -15.09 36.81
N LEU B 483 42.67 -15.26 35.76
CA LEU B 483 43.27 -14.15 35.03
C LEU B 483 42.21 -13.48 34.16
N ALA B 484 42.15 -12.12 34.10
CA ALA B 484 40.96 -11.54 33.46
C ALA B 484 40.89 -10.24 32.65
N ASP B 485 41.94 -9.45 32.45
CA ASP B 485 41.71 -8.21 31.67
C ASP B 485 42.58 -8.18 30.41
N PHE B 486 41.98 -8.40 29.22
CA PHE B 486 42.76 -8.59 27.98
C PHE B 486 42.55 -7.48 26.96
N ASP B 487 41.99 -6.35 27.40
CA ASP B 487 41.81 -5.16 26.54
C ASP B 487 43.12 -4.59 26.00
N LYS B 488 44.22 -4.85 26.72
CA LYS B 488 45.52 -4.39 26.32
C LYS B 488 46.43 -5.52 25.92
N SER B 489 45.86 -6.71 25.72
CA SER B 489 46.65 -7.91 25.29
C SER B 489 47.09 -7.83 23.80
N ILE B 490 47.97 -8.72 23.37
CA ILE B 490 48.52 -8.72 22.00
C ILE B 490 48.94 -10.11 21.58
N LYS B 491 49.00 -10.36 20.27
CA LYS B 491 49.66 -11.53 19.77
C LYS B 491 51.16 -11.27 19.85
N TRP B 492 51.86 -12.04 20.67
CA TRP B 492 53.26 -11.75 20.95
C TRP B 492 54.14 -12.19 19.81
N ALA B 493 53.59 -13.02 18.93
CA ALA B 493 54.18 -13.33 17.63
C ALA B 493 54.89 -12.10 17.01
N GLU B 494 54.20 -10.96 17.01
CA GLU B 494 54.68 -9.72 16.39
C GLU B 494 56.01 -9.20 16.94
N ASP B 495 56.12 -9.18 18.25
CA ASP B 495 57.29 -8.60 18.92
C ASP B 495 57.62 -9.46 20.15
N PRO B 496 58.27 -10.62 19.93
CA PRO B 496 58.48 -11.60 21.03
C PRO B 496 59.21 -11.07 22.28
N GLN B 497 59.96 -9.98 22.12
CA GLN B 497 60.54 -9.22 23.24
C GLN B 497 59.52 -8.89 24.32
N LYS B 498 58.27 -8.69 23.93
CA LYS B 498 57.22 -8.25 24.86
C LYS B 498 56.66 -9.37 25.75
N ILE B 499 56.95 -10.65 25.47
CA ILE B 499 56.51 -11.69 26.41
C ILE B 499 57.15 -11.47 27.79
N LYS B 500 58.37 -10.92 27.83
CA LYS B 500 59.14 -10.67 29.07
C LYS B 500 58.39 -9.80 30.10
N ARG B 501 57.53 -8.92 29.61
CA ARG B 501 56.84 -7.96 30.47
C ARG B 501 55.81 -8.66 31.39
N ASP B 502 55.22 -9.76 30.92
CA ASP B 502 54.29 -10.56 31.77
C ASP B 502 55.04 -11.28 32.88
N LEU B 503 56.12 -11.93 32.50
CA LEU B 503 56.92 -12.62 33.45
C LEU B 503 57.43 -11.66 34.53
N GLU B 504 57.77 -10.41 34.16
CA GLU B 504 58.26 -9.37 35.13
C GLU B 504 57.17 -9.11 36.13
N ALA B 505 56.02 -8.74 35.61
CA ALA B 505 54.82 -8.48 36.40
C ALA B 505 54.46 -9.67 37.27
N LEU B 506 54.56 -10.86 36.71
CA LEU B 506 54.32 -12.08 37.49
C LEU B 506 55.22 -12.07 38.72
N GLY B 507 56.46 -11.60 38.55
CA GLY B 507 57.40 -11.53 39.65
C GLY B 507 56.94 -10.57 40.76
N LEU B 508 56.42 -9.42 40.38
CA LEU B 508 55.92 -8.45 41.36
C LEU B 508 54.73 -9.07 42.06
N LEU B 509 53.90 -9.75 41.28
CA LEU B 509 52.76 -10.45 41.83
C LEU B 509 53.13 -11.56 42.83
N VAL B 510 54.25 -12.24 42.60
CA VAL B 510 54.63 -13.35 43.49
C VAL B 510 54.96 -12.80 44.88
N LEU B 511 55.63 -11.66 44.91
CA LEU B 511 55.93 -10.97 46.16
C LEU B 511 54.69 -10.33 46.75
N TYR B 512 53.89 -9.67 45.92
CA TYR B 512 52.63 -9.06 46.37
C TYR B 512 51.76 -10.03 47.13
N VAL B 513 51.57 -11.22 46.55
CA VAL B 513 50.75 -12.28 47.15
C VAL B 513 51.43 -12.84 48.41
N VAL B 514 52.75 -13.06 48.31
CA VAL B 514 53.50 -13.67 49.37
C VAL B 514 53.43 -12.79 50.60
N LYS B 515 53.64 -11.48 50.41
CA LYS B 515 53.52 -10.45 51.47
C LYS B 515 52.06 -10.09 51.82
N LYS B 516 51.14 -10.97 51.45
CA LYS B 516 49.75 -10.93 51.89
C LYS B 516 49.00 -9.68 51.52
N GLY B 517 49.67 -8.76 50.85
CA GLY B 517 48.98 -7.56 50.31
C GLY B 517 49.22 -6.34 51.18
N ASP B 518 50.18 -6.47 52.09
CA ASP B 518 50.60 -5.37 52.94
C ASP B 518 51.39 -4.33 52.14
N ILE B 519 52.29 -4.78 51.26
CA ILE B 519 52.89 -3.90 50.23
C ILE B 519 51.97 -3.76 49.01
N SER B 520 51.80 -2.52 48.55
CA SER B 520 50.93 -2.24 47.39
C SER B 520 51.60 -2.69 46.14
N PHE B 521 50.82 -2.80 45.08
CA PHE B 521 51.43 -3.20 43.82
C PHE B 521 52.11 -1.99 43.23
N GLU B 522 51.68 -0.80 43.67
CA GLU B 522 52.19 0.46 43.15
C GLU B 522 53.63 0.71 43.68
N THR B 523 53.83 0.40 44.95
CA THR B 523 55.15 0.41 45.54
C THR B 523 56.06 -0.54 44.79
N LEU B 524 55.54 -1.73 44.49
CA LEU B 524 56.30 -2.80 43.80
C LEU B 524 56.70 -2.42 42.37
N LYS B 525 55.88 -1.55 41.77
CA LYS B 525 56.13 -1.10 40.43
C LYS B 525 57.22 -0.03 40.40
N ASN B 526 57.43 0.68 41.50
CA ASN B 526 58.48 1.72 41.59
C ASN B 526 59.74 1.27 42.33
N GLN B 527 59.84 -0.01 42.63
CA GLN B 527 61.13 -0.59 43.01
C GLN B 527 61.90 -1.08 41.78
N SER B 528 63.20 -1.37 41.98
CA SER B 528 64.03 -2.02 40.97
C SER B 528 63.98 -3.52 41.20
N PHE B 529 64.47 -4.30 40.22
CA PHE B 529 64.53 -5.76 40.39
C PHE B 529 65.27 -6.06 41.69
N GLU B 530 66.34 -5.30 41.95
CA GLU B 530 67.23 -5.53 43.11
C GLU B 530 66.48 -5.39 44.42
N GLU B 531 65.71 -4.30 44.53
CA GLU B 531 64.93 -3.99 45.73
C GLU B 531 63.89 -5.09 46.03
N VAL B 532 63.14 -5.48 45.00
CA VAL B 532 62.13 -6.55 45.12
C VAL B 532 62.79 -7.83 45.68
N ILE B 533 63.79 -8.33 44.97
CA ILE B 533 64.45 -9.54 45.38
C ILE B 533 64.76 -9.36 46.86
N GLN B 534 65.26 -8.19 47.26
CA GLN B 534 65.62 -7.98 48.67
C GLN B 534 64.40 -8.06 49.59
N GLY B 535 63.32 -7.36 49.23
CA GLY B 535 62.08 -7.37 50.00
C GLY B 535 61.46 -8.75 50.26
N SER B 536 61.92 -9.79 49.56
CA SER B 536 61.37 -11.14 49.65
C SER B 536 61.76 -11.78 50.97
N PRO B 537 60.79 -12.42 51.67
CA PRO B 537 61.07 -13.00 52.98
C PRO B 537 61.87 -14.30 53.02
N ASP B 538 61.98 -15.03 51.91
CA ASP B 538 62.73 -16.30 51.89
C ASP B 538 63.42 -16.58 50.56
N GLU B 539 64.29 -17.58 50.58
CA GLU B 539 65.15 -17.93 49.45
C GLU B 539 64.43 -18.56 48.27
N GLU B 540 63.45 -19.42 48.57
CA GLU B 540 62.55 -19.94 47.52
C GLU B 540 61.96 -18.75 46.76
N THR B 541 61.28 -17.87 47.49
CA THR B 541 60.63 -16.72 46.89
C THR B 541 61.61 -15.87 46.04
N ARG B 542 62.84 -15.72 46.50
CA ARG B 542 63.85 -14.93 45.78
C ARG B 542 64.23 -15.58 44.48
N ASP B 543 64.47 -16.89 44.49
CA ASP B 543 64.93 -17.63 43.29
C ASP B 543 63.83 -17.73 42.26
N LEU B 544 62.58 -17.84 42.71
CA LEU B 544 61.44 -17.80 41.80
C LEU B 544 61.35 -16.44 41.13
N ILE B 545 61.46 -15.36 41.91
CA ILE B 545 61.37 -14.02 41.31
C ILE B 545 62.59 -13.75 40.43
N HIS B 546 63.75 -14.24 40.82
CA HIS B 546 64.94 -14.04 39.99
C HIS B 546 64.70 -14.61 38.61
N HIS B 547 64.27 -15.86 38.56
CA HIS B 547 64.04 -16.53 37.31
C HIS B 547 62.94 -15.88 36.46
N LEU B 548 62.07 -15.13 37.10
CA LEU B 548 60.95 -14.53 36.40
C LEU B 548 61.40 -13.21 35.79
N PHE B 549 62.43 -12.63 36.39
CA PHE B 549 63.04 -11.46 35.80
C PHE B 549 64.00 -11.84 34.65
N HIS B 550 64.62 -13.01 34.73
CA HIS B 550 65.58 -13.43 33.71
C HIS B 550 65.28 -14.88 33.24
N PRO B 551 64.65 -15.02 32.10
CA PRO B 551 64.45 -16.30 31.41
C PRO B 551 64.99 -16.30 29.95
N GLU B 556 58.48 -20.48 26.59
CA GLU B 556 57.06 -20.41 26.89
C GLU B 556 56.57 -21.58 27.77
N ASP B 557 57.43 -22.60 27.89
CA ASP B 557 57.37 -23.57 28.98
C ASP B 557 58.21 -23.11 30.19
N ARG B 558 58.73 -21.87 30.15
CA ARG B 558 59.42 -21.35 31.32
C ARG B 558 58.50 -21.51 32.50
N LEU B 559 57.26 -21.05 32.33
CA LEU B 559 56.28 -21.03 33.41
C LEU B 559 55.86 -22.43 33.89
N SER B 560 55.69 -23.37 32.97
CA SER B 560 55.39 -24.74 33.38
C SER B 560 56.58 -25.37 34.10
N SER B 561 57.79 -24.99 33.71
CA SER B 561 59.00 -25.57 34.31
C SER B 561 59.36 -24.94 35.63
N LEU B 562 58.69 -23.84 35.99
CA LEU B 562 58.82 -23.22 37.34
C LEU B 562 57.74 -23.71 38.31
N LEU B 563 56.77 -24.49 37.85
CA LEU B 563 55.80 -25.07 38.79
C LEU B 563 56.44 -26.22 39.60
N ALA B 564 57.52 -26.79 39.06
CA ALA B 564 58.31 -27.76 39.78
C ALA B 564 59.13 -27.08 40.88
N HIS B 565 59.12 -25.75 40.91
CA HIS B 565 60.05 -24.99 41.77
C HIS B 565 59.70 -25.22 43.22
N PRO B 566 60.70 -25.30 44.09
CA PRO B 566 60.39 -25.67 45.46
C PRO B 566 59.53 -24.64 46.19
N PHE B 567 59.44 -23.44 45.62
CA PHE B 567 58.52 -22.45 46.09
C PHE B 567 57.12 -23.01 46.16
N PHE B 568 56.77 -23.89 45.22
CA PHE B 568 55.45 -24.56 45.24
C PHE B 568 55.42 -25.92 45.95
N TRP B 569 56.56 -26.35 46.52
CA TRP B 569 56.61 -27.53 47.40
C TRP B 569 56.06 -27.17 48.79
N SER B 570 55.22 -28.05 49.34
CA SER B 570 54.71 -27.87 50.72
C SER B 570 55.86 -28.10 51.69
N TRP B 571 55.75 -27.57 52.89
CA TRP B 571 56.79 -27.74 53.91
C TRP B 571 57.03 -29.21 54.27
N GLU B 572 55.97 -30.04 54.24
CA GLU B 572 56.19 -31.47 54.44
C GLU B 572 56.93 -32.12 53.26
N SER B 573 56.65 -31.67 52.04
CA SER B 573 57.38 -32.13 50.85
C SER B 573 58.90 -31.82 50.93
N ARG B 574 59.25 -30.67 51.51
CA ARG B 574 60.61 -30.22 51.54
C ARG B 574 61.36 -31.01 52.58
N TYR B 575 60.65 -31.36 53.64
CA TYR B 575 61.21 -32.13 54.73
C TYR B 575 61.29 -33.58 54.28
N ARG B 576 60.25 -34.04 53.60
CA ARG B 576 60.22 -35.37 53.00
C ARG B 576 61.38 -35.58 52.03
N THR B 577 61.62 -34.59 51.18
CA THR B 577 62.72 -34.62 50.21
C THR B 577 64.12 -34.66 50.84
N LEU B 578 64.41 -33.74 51.77
CA LEU B 578 65.69 -33.73 52.49
C LEU B 578 65.97 -35.05 53.21
N ARG B 579 64.93 -35.67 53.78
CA ARG B 579 65.07 -36.98 54.44
C ARG B 579 65.36 -38.09 53.45
N ASP B 580 64.57 -38.16 52.38
CA ASP B 580 64.72 -39.18 51.36
C ASP B 580 66.15 -39.14 50.77
N VAL B 581 66.75 -37.95 50.72
CA VAL B 581 68.16 -37.81 50.31
C VAL B 581 69.14 -38.33 51.38
N GLY B 582 68.94 -37.92 52.63
CA GLY B 582 69.76 -38.40 53.75
C GLY B 582 69.66 -39.90 53.99
N ASN B 583 68.80 -40.57 53.22
CA ASN B 583 68.65 -42.02 53.28
C ASN B 583 69.39 -42.77 52.17
N GLU B 584 69.95 -42.03 51.22
CA GLU B 584 70.95 -42.56 50.31
C GLU B 584 72.08 -43.18 51.12
N SER B 585 72.35 -44.46 50.87
CA SER B 585 73.37 -45.17 51.61
C SER B 585 74.74 -44.47 51.53
N ASP B 586 75.03 -43.84 50.39
CA ASP B 586 76.30 -43.13 50.16
C ASP B 586 76.48 -41.95 51.11
N ILE B 587 75.36 -41.41 51.59
CA ILE B 587 75.37 -40.35 52.59
C ILE B 587 75.63 -40.95 53.97
N LYS B 588 74.96 -42.07 54.23
CA LYS B 588 75.03 -42.74 55.54
C LYS B 588 76.45 -43.22 55.89
N THR B 589 77.11 -43.90 54.95
CA THR B 589 78.49 -44.37 55.14
C THR B 589 79.51 -43.24 55.02
N ARG B 590 79.07 -42.05 54.62
CA ARG B 590 79.96 -40.90 54.35
C ARG B 590 80.99 -41.22 53.23
N ASN B 591 80.58 -41.99 52.23
CA ASN B 591 81.44 -42.27 51.07
C ASN B 591 81.71 -40.98 50.27
N GLN B 592 82.80 -40.30 50.62
CA GLN B 592 83.18 -39.00 50.04
C GLN B 592 83.52 -39.07 48.55
N ASN B 593 83.84 -40.27 48.06
CA ASN B 593 84.06 -40.49 46.63
C ASN B 593 82.78 -40.74 45.86
N SER B 594 81.64 -40.80 46.54
CA SER B 594 80.37 -41.13 45.86
C SER B 594 79.94 -40.08 44.86
N ARG B 595 79.08 -40.47 43.93
CA ARG B 595 78.52 -39.55 42.94
C ARG B 595 77.61 -38.48 43.58
N ILE B 596 76.72 -38.91 44.47
CA ILE B 596 75.72 -38.02 45.08
C ILE B 596 76.44 -36.95 45.88
N LEU B 597 77.42 -37.37 46.67
CA LEU B 597 78.22 -36.46 47.52
C LEU B 597 79.10 -35.52 46.69
N GLN B 598 79.62 -36.06 45.58
CA GLN B 598 80.41 -35.30 44.61
C GLN B 598 79.55 -34.17 43.99
N LEU B 599 78.22 -34.35 44.02
CA LEU B 599 77.26 -33.30 43.64
C LEU B 599 77.10 -32.25 44.78
N LEU B 600 76.94 -32.73 46.00
CA LEU B 600 76.55 -31.83 47.06
C LEU B 600 77.70 -30.99 47.60
N GLN B 601 78.93 -31.49 47.50
CA GLN B 601 80.06 -30.86 48.22
C GLN B 601 81.48 -31.11 47.70
N PRO B 602 81.74 -30.90 46.40
CA PRO B 602 83.16 -30.92 46.04
C PRO B 602 83.88 -29.74 46.69
N GLY B 603 84.99 -30.00 47.38
CA GLY B 603 85.55 -29.07 48.42
C GLY B 603 85.81 -27.61 48.08
N THR B 604 86.13 -26.84 49.13
CA THR B 604 86.52 -25.39 49.06
C THR B 604 87.76 -25.14 48.18
N LEU B 607 82.67 -21.77 52.35
CA LEU B 607 81.23 -21.69 52.16
C LEU B 607 80.64 -20.56 53.00
N SER B 608 79.92 -19.64 52.37
CA SER B 608 79.20 -18.58 53.09
C SER B 608 77.76 -19.02 53.42
N THR B 609 77.46 -20.32 53.24
CA THR B 609 76.10 -20.84 53.47
C THR B 609 75.72 -20.78 54.96
N SER B 610 74.46 -21.06 55.27
CA SER B 610 74.02 -21.12 56.67
C SER B 610 74.28 -22.49 57.29
N PHE B 611 74.66 -23.48 56.47
CA PHE B 611 74.94 -24.85 56.96
C PHE B 611 76.45 -25.23 57.02
N ALA B 612 77.34 -24.28 56.72
CA ALA B 612 78.73 -24.40 57.12
C ALA B 612 78.75 -24.21 58.64
N GLN B 613 79.54 -25.02 59.35
CA GLN B 613 79.54 -25.01 60.82
C GLN B 613 78.15 -25.31 61.42
N TRP B 614 77.35 -26.14 60.75
CA TRP B 614 75.94 -26.33 61.15
C TRP B 614 75.73 -26.97 62.51
N THR B 615 76.71 -27.76 62.92
CA THR B 615 76.64 -28.51 64.17
C THR B 615 76.59 -27.61 65.40
N THR B 616 76.97 -26.34 65.23
CA THR B 616 77.05 -25.40 66.36
C THR B 616 75.79 -24.55 66.47
N LYS B 617 75.15 -24.24 65.33
CA LYS B 617 73.90 -23.45 65.33
C LYS B 617 72.71 -24.27 65.77
N ILE B 618 72.87 -25.58 65.80
CA ILE B 618 71.90 -26.44 66.45
C ILE B 618 72.02 -26.26 67.96
N ASP B 619 70.94 -26.57 68.67
CA ASP B 619 70.94 -26.63 70.14
C ASP B 619 71.98 -27.61 70.73
N SER B 620 72.49 -27.28 71.91
CA SER B 620 73.52 -28.08 72.59
C SER B 620 72.99 -29.45 72.99
N PHE B 621 71.80 -29.47 73.60
CA PHE B 621 71.15 -30.73 74.01
C PHE B 621 71.06 -31.69 72.84
N VAL B 622 70.27 -31.30 71.83
CA VAL B 622 69.84 -32.20 70.77
C VAL B 622 71.02 -32.83 70.05
N MET B 623 72.03 -32.01 69.75
CA MET B 623 73.24 -32.42 69.04
C MET B 623 73.97 -33.58 69.72
N GLU B 624 74.08 -33.48 71.04
CA GLU B 624 74.77 -34.49 71.83
C GLU B 624 74.04 -35.83 71.78
N GLU B 625 72.71 -35.79 71.98
CA GLU B 625 71.89 -36.99 71.96
C GLU B 625 72.04 -37.74 70.63
N MET B 626 72.05 -36.95 69.56
CA MET B 626 72.14 -37.51 68.22
C MET B 626 73.52 -38.08 68.01
N ASN B 627 74.54 -37.40 68.53
CA ASN B 627 75.91 -37.90 68.42
C ASN B 627 76.08 -39.34 68.94
N ALA B 628 75.46 -39.62 70.09
CA ALA B 628 75.35 -40.97 70.62
C ALA B 628 74.61 -41.88 69.65
N TYR B 648 79.30 -36.76 63.60
CA TYR B 648 78.57 -35.75 62.83
C TYR B 648 79.42 -34.51 62.51
N GLN B 649 79.93 -34.43 61.27
CA GLN B 649 80.73 -33.28 60.83
C GLN B 649 79.88 -32.09 60.31
N ASP B 650 80.57 -30.99 59.98
CA ASP B 650 79.95 -29.82 59.32
C ASP B 650 79.79 -29.94 57.81
N THR B 651 79.73 -31.17 57.30
CA THR B 651 79.50 -31.36 55.88
C THR B 651 77.99 -31.38 55.60
N LEU B 652 77.63 -30.98 54.39
CA LEU B 652 76.23 -31.00 53.94
C LEU B 652 75.65 -32.42 53.89
N GLY B 653 76.48 -33.39 53.52
CA GLY B 653 76.07 -34.80 53.53
C GLY B 653 75.63 -35.26 54.91
N ASP B 654 76.45 -34.96 55.92
CA ASP B 654 76.10 -35.31 57.29
C ASP B 654 74.81 -34.62 57.74
N LEU B 655 74.58 -33.39 57.32
CA LEU B 655 73.37 -32.65 57.70
C LEU B 655 72.10 -33.36 57.19
N LEU B 656 72.12 -33.81 55.95
CA LEU B 656 71.01 -34.60 55.41
C LEU B 656 70.91 -35.95 56.08
N LYS B 657 72.05 -36.52 56.45
CA LYS B 657 72.05 -37.75 57.26
C LYS B 657 71.33 -37.42 58.58
N PHE B 658 71.76 -36.32 59.19
CA PHE B 658 71.23 -35.89 60.47
C PHE B 658 69.73 -35.80 60.39
N ILE B 659 69.22 -35.11 59.37
CA ILE B 659 67.80 -34.81 59.30
C ILE B 659 66.99 -36.07 59.15
N ARG B 660 67.47 -36.97 58.31
CA ARG B 660 66.77 -38.24 58.07
C ARG B 660 66.57 -38.95 59.39
N ASN B 661 67.65 -39.03 60.16
CA ASN B 661 67.60 -39.70 61.43
C ASN B 661 66.60 -39.01 62.33
N LEU B 662 66.84 -37.73 62.58
CA LEU B 662 65.98 -36.98 63.47
C LEU B 662 64.52 -37.30 63.14
N GLY B 663 64.18 -37.32 61.86
CA GLY B 663 62.78 -37.44 61.41
C GLY B 663 62.12 -38.77 61.61
N GLU B 664 62.91 -39.84 61.49
CA GLU B 664 62.42 -41.20 61.75
C GLU B 664 62.10 -41.42 63.24
N HIS B 665 62.98 -40.93 64.09
CA HIS B 665 63.00 -41.33 65.48
C HIS B 665 62.38 -40.27 66.40
N ILE B 666 62.12 -39.07 65.90
CA ILE B 666 61.72 -37.95 66.77
C ILE B 666 60.48 -38.30 67.61
N ASN B 667 59.58 -39.09 67.04
CA ASN B 667 58.26 -39.35 67.66
C ASN B 667 58.28 -40.45 68.72
N GLU B 668 59.41 -41.14 68.85
CA GLU B 668 59.59 -42.16 69.87
C GLU B 668 59.53 -41.55 71.27
N GLN B 669 59.01 -42.34 72.23
CA GLN B 669 58.72 -41.85 73.60
C GLN B 669 59.97 -41.36 74.34
N LYS B 670 61.08 -42.07 74.14
CA LYS B 670 62.34 -41.66 74.74
C LYS B 670 62.79 -40.23 74.39
N ASN B 671 62.44 -39.73 73.20
CA ASN B 671 62.89 -38.40 72.76
C ASN B 671 61.91 -37.23 73.04
N LYS B 672 61.25 -37.24 74.22
CA LYS B 672 60.22 -36.23 74.54
C LYS B 672 60.75 -34.79 74.51
N LYS B 673 61.95 -34.60 75.06
CA LYS B 673 62.54 -33.25 75.12
C LYS B 673 63.01 -32.83 73.76
N MET B 674 63.66 -33.73 73.02
CA MET B 674 64.05 -33.44 71.64
C MET B 674 62.86 -32.83 70.91
N LYS B 675 61.77 -33.59 70.89
CA LYS B 675 60.51 -33.20 70.22
C LYS B 675 59.99 -31.84 70.68
N SER B 676 60.04 -31.59 71.98
CA SER B 676 59.56 -30.33 72.54
C SER B 676 60.42 -29.14 72.11
N ILE B 677 61.74 -29.35 71.98
CA ILE B 677 62.68 -28.27 71.66
C ILE B 677 62.62 -27.89 70.19
N ILE B 678 62.62 -28.91 69.34
CA ILE B 678 62.64 -28.74 67.89
C ILE B 678 61.33 -28.14 67.38
N GLY B 679 60.21 -28.65 67.88
CA GLY B 679 58.88 -28.21 67.44
C GLY B 679 58.51 -29.06 66.24
N GLU B 680 57.90 -28.44 65.23
CA GLU B 680 57.63 -29.15 63.98
C GLU B 680 58.96 -29.19 63.19
N PRO B 681 59.47 -30.42 62.91
CA PRO B 681 60.85 -30.54 62.36
C PRO B 681 61.08 -29.86 61.02
N SER B 682 60.08 -29.94 60.12
CA SER B 682 60.17 -29.24 58.83
C SER B 682 60.40 -27.73 59.02
N GLN B 683 59.70 -27.15 60.00
CA GLN B 683 59.77 -25.73 60.25
C GLN B 683 61.06 -25.41 60.98
N TYR B 684 61.47 -26.30 61.86
CA TYR B 684 62.71 -26.12 62.61
C TYR B 684 63.84 -25.86 61.62
N PHE B 685 64.09 -26.85 60.74
CA PHE B 685 65.22 -26.82 59.80
C PHE B 685 65.18 -25.75 58.72
N GLN B 686 63.98 -25.37 58.28
CA GLN B 686 63.84 -24.30 57.30
C GLN B 686 64.25 -22.98 57.94
N GLU B 687 63.61 -22.65 59.07
CA GLU B 687 63.89 -21.42 59.85
C GLU B 687 65.38 -21.32 60.20
N LYS B 688 65.97 -22.46 60.55
CA LYS B 688 67.37 -22.56 60.93
C LYS B 688 68.26 -22.32 59.73
N PHE B 689 68.00 -23.04 58.64
CA PHE B 689 68.84 -22.96 57.42
C PHE B 689 68.03 -22.52 56.19
N PRO B 690 67.78 -21.21 56.05
CA PRO B 690 66.89 -20.73 55.02
C PRO B 690 67.40 -20.93 53.60
N ASP B 691 68.69 -21.23 53.41
CA ASP B 691 69.18 -21.49 52.05
C ASP B 691 69.28 -22.97 51.73
N LEU B 692 69.01 -23.84 52.71
CA LEU B 692 69.23 -25.29 52.55
C LEU B 692 68.51 -25.90 51.35
N VAL B 693 67.20 -25.71 51.30
CA VAL B 693 66.35 -26.41 50.33
C VAL B 693 66.69 -25.98 48.90
N MET B 694 66.87 -24.67 48.73
CA MET B 694 67.27 -24.14 47.41
C MET B 694 68.62 -24.70 46.99
N TYR B 695 69.57 -24.71 47.93
CA TYR B 695 70.86 -25.27 47.64
C TYR B 695 70.67 -26.70 47.08
N VAL B 696 70.03 -27.56 47.86
CA VAL B 696 69.83 -28.97 47.49
C VAL B 696 69.10 -29.04 46.16
N TYR B 697 68.06 -28.23 46.01
CA TYR B 697 67.32 -28.23 44.76
C TYR B 697 68.27 -27.95 43.61
N THR B 698 69.06 -26.89 43.76
CA THR B 698 70.00 -26.47 42.75
C THR B 698 70.99 -27.57 42.39
N LYS B 699 71.54 -28.25 43.39
CA LYS B 699 72.58 -29.26 43.14
C LYS B 699 72.07 -30.50 42.39
N LEU B 700 70.90 -31.02 42.76
CA LEU B 700 70.38 -32.30 42.23
C LEU B 700 69.37 -32.05 41.11
N GLN B 701 69.31 -30.81 40.67
CA GLN B 701 68.23 -30.28 39.79
C GLN B 701 67.90 -31.13 38.58
N ASN B 702 68.92 -31.43 37.76
CA ASN B 702 68.74 -32.21 36.55
C ASN B 702 69.42 -33.58 36.63
N THR B 703 69.74 -34.02 37.85
CA THR B 703 70.44 -35.28 38.07
C THR B 703 69.44 -36.43 38.15
N GLU B 704 69.96 -37.65 38.32
CA GLU B 704 69.09 -38.80 38.55
C GLU B 704 68.40 -38.69 39.93
N TYR B 705 68.98 -37.89 40.84
CA TYR B 705 68.44 -37.67 42.22
C TYR B 705 67.28 -36.67 42.26
N MET B 706 66.82 -36.24 41.10
CA MET B 706 65.53 -35.58 40.94
C MET B 706 64.39 -36.40 41.54
N LYS B 707 64.51 -37.73 41.52
CA LYS B 707 63.44 -38.63 41.98
C LYS B 707 62.95 -38.26 43.39
N HIS B 708 63.89 -37.86 44.25
CA HIS B 708 63.57 -37.47 45.63
C HIS B 708 62.86 -36.11 45.80
N PHE B 709 62.74 -35.34 44.73
CA PHE B 709 61.89 -34.13 44.71
C PHE B 709 60.45 -34.59 44.77
N PRO B 710 59.54 -33.69 45.18
CA PRO B 710 58.18 -34.17 45.48
C PRO B 710 57.47 -34.27 44.17
N LYS B 711 56.53 -35.21 44.06
CA LYS B 711 55.79 -35.42 42.81
C LYS B 711 55.05 -34.16 42.48
N THR B 712 55.19 -33.69 41.25
CA THR B 712 54.84 -32.29 40.92
C THR B 712 53.93 -32.24 39.70
N HIS B 713 53.45 -31.04 39.38
CA HIS B 713 52.60 -30.81 38.22
C HIS B 713 53.31 -31.00 36.85
N ASN B 714 52.57 -31.52 35.87
CA ASN B 714 53.13 -31.92 34.57
C ASN B 714 52.13 -31.80 33.42
N SER C 7 -16.77 -25.40 -32.40
CA SER C 7 -15.78 -25.21 -31.30
C SER C 7 -14.44 -25.88 -31.65
N LEU C 8 -13.96 -25.66 -32.88
CA LEU C 8 -12.62 -26.12 -33.32
C LEU C 8 -11.67 -24.92 -33.52
N GLU C 9 -12.15 -23.90 -34.22
CA GLU C 9 -11.39 -22.65 -34.43
C GLU C 9 -11.57 -21.69 -33.25
N GLU C 10 -12.63 -21.93 -32.47
CA GLU C 10 -12.86 -21.20 -31.23
C GLU C 10 -11.85 -21.66 -30.19
N MET C 11 -11.56 -22.96 -30.21
CA MET C 11 -10.53 -23.55 -29.36
C MET C 11 -9.14 -23.12 -29.81
N LEU C 12 -8.97 -22.89 -31.12
CA LEU C 12 -7.71 -22.39 -31.69
C LEU C 12 -7.46 -20.93 -31.33
N THR C 13 -8.53 -20.14 -31.28
CA THR C 13 -8.41 -18.72 -30.94
C THR C 13 -7.81 -18.53 -29.55
N GLN C 14 -8.38 -19.20 -28.55
CA GLN C 14 -7.87 -19.10 -27.16
C GLN C 14 -6.51 -19.72 -26.96
N ALA C 15 -6.23 -20.76 -27.74
CA ALA C 15 -4.90 -21.35 -27.77
C ALA C 15 -3.87 -20.28 -28.17
N VAL C 16 -4.18 -19.50 -29.20
CA VAL C 16 -3.27 -18.45 -29.68
C VAL C 16 -3.19 -17.27 -28.70
N GLN C 17 -4.33 -16.91 -28.08
CA GLN C 17 -4.34 -15.82 -27.09
C GLN C 17 -3.45 -16.17 -25.88
N GLU C 18 -3.55 -17.41 -25.39
CA GLU C 18 -2.71 -17.90 -24.29
C GLU C 18 -1.27 -18.28 -24.71
N ALA C 19 -0.93 -18.02 -25.97
CA ALA C 19 0.42 -18.31 -26.52
C ALA C 19 0.80 -19.80 -26.47
N ASP C 20 -0.21 -20.66 -26.35
CA ASP C 20 -0.03 -22.10 -26.10
C ASP C 20 0.28 -22.81 -27.42
N ILE C 21 1.55 -22.99 -27.71
CA ILE C 21 1.99 -23.29 -29.09
C ILE C 21 1.74 -24.75 -29.51
N GLU C 22 1.95 -25.71 -28.61
CA GLU C 22 1.72 -27.13 -28.92
C GLU C 22 0.23 -27.43 -29.16
N GLN C 23 -0.65 -26.82 -28.38
CA GLN C 23 -2.09 -26.94 -28.60
C GLN C 23 -2.54 -26.23 -29.89
N VAL C 24 -1.81 -25.20 -30.31
CA VAL C 24 -2.07 -24.58 -31.60
C VAL C 24 -1.66 -25.54 -32.73
N ARG C 25 -0.50 -26.20 -32.59
CA ARG C 25 -0.04 -27.15 -33.60
C ARG C 25 -0.97 -28.37 -33.69
N GLN C 26 -1.43 -28.88 -32.55
CA GLN C 26 -2.38 -29.98 -32.52
C GLN C 26 -3.69 -29.59 -33.20
N LEU C 27 -4.23 -28.44 -32.83
CA LEU C 27 -5.48 -27.93 -33.41
C LEU C 27 -5.30 -27.60 -34.88
N LEU C 28 -4.10 -27.21 -35.29
CA LEU C 28 -3.78 -26.99 -36.70
C LEU C 28 -3.63 -28.30 -37.50
N GLU C 29 -3.02 -29.31 -36.90
CA GLU C 29 -2.86 -30.62 -37.54
C GLU C 29 -4.18 -31.40 -37.51
N ARG C 30 -5.04 -31.08 -36.54
CA ARG C 30 -6.41 -31.59 -36.51
C ARG C 30 -7.23 -31.07 -37.70
N GLY C 31 -6.74 -30.00 -38.36
CA GLY C 31 -7.38 -29.43 -39.54
C GLY C 31 -8.38 -28.34 -39.23
N ALA C 32 -8.01 -27.42 -38.34
CA ALA C 32 -8.87 -26.28 -37.98
C ALA C 32 -8.46 -25.04 -38.78
N ASP C 33 -9.42 -24.21 -39.13
CA ASP C 33 -9.20 -23.11 -40.10
C ASP C 33 -8.18 -22.04 -39.64
N ALA C 34 -7.03 -21.99 -40.32
CA ALA C 34 -5.98 -21.01 -40.00
C ALA C 34 -6.30 -19.58 -40.45
N ASN C 35 -7.37 -19.40 -41.22
CA ASN C 35 -7.82 -18.08 -41.64
C ASN C 35 -9.12 -17.62 -40.97
N PHE C 36 -9.60 -18.40 -39.99
CA PHE C 36 -10.86 -18.13 -39.29
C PHE C 36 -10.87 -16.70 -38.80
N GLN C 37 -11.90 -15.95 -39.17
CA GLN C 37 -12.05 -14.56 -38.71
C GLN C 37 -13.26 -14.44 -37.79
N GLU C 38 -13.04 -13.95 -36.57
CA GLU C 38 -14.13 -13.78 -35.63
C GLU C 38 -15.11 -12.69 -36.11
N GLU C 39 -16.40 -12.98 -35.93
CA GLU C 39 -17.50 -12.22 -36.55
C GLU C 39 -17.46 -10.70 -36.31
N GLU C 40 -17.37 -10.31 -35.04
CA GLU C 40 -17.48 -8.91 -34.64
C GLU C 40 -16.50 -8.01 -35.42
N TRP C 41 -15.21 -8.22 -35.21
CA TRP C 41 -14.20 -7.32 -35.75
C TRP C 41 -13.28 -7.94 -36.81
N GLY C 42 -13.53 -9.19 -37.20
CA GLY C 42 -12.82 -9.82 -38.32
C GLY C 42 -11.37 -10.19 -38.05
N TRP C 43 -11.02 -10.39 -36.78
CA TRP C 43 -9.66 -10.77 -36.37
C TRP C 43 -9.38 -12.25 -36.65
N SER C 44 -8.18 -12.55 -37.15
CA SER C 44 -7.76 -13.92 -37.44
C SER C 44 -6.60 -14.34 -36.53
N PRO C 45 -6.32 -15.67 -36.44
CA PRO C 45 -5.20 -16.15 -35.61
C PRO C 45 -3.87 -15.51 -35.96
N LEU C 46 -3.66 -15.26 -37.25
CA LEU C 46 -2.47 -14.60 -37.72
C LEU C 46 -2.40 -13.16 -37.23
N HIS C 47 -3.51 -12.41 -37.38
CA HIS C 47 -3.56 -11.05 -36.85
C HIS C 47 -3.23 -11.09 -35.37
N SER C 48 -4.03 -11.84 -34.61
CA SER C 48 -3.83 -12.04 -33.16
C SER C 48 -2.36 -12.27 -32.81
N ALA C 49 -1.71 -13.12 -33.60
CA ALA C 49 -0.31 -13.46 -33.38
C ALA C 49 0.60 -12.22 -33.52
N VAL C 50 0.43 -11.48 -34.61
CA VAL C 50 1.30 -10.33 -34.91
C VAL C 50 1.10 -9.22 -33.87
N GLN C 51 -0.16 -9.00 -33.50
CA GLN C 51 -0.52 -8.08 -32.42
C GLN C 51 0.27 -8.40 -31.15
N MET C 52 0.20 -9.67 -30.75
CA MET C 52 0.78 -10.14 -29.49
C MET C 52 2.29 -10.37 -29.54
N ASP C 53 2.93 -10.07 -30.68
CA ASP C 53 4.38 -10.17 -30.81
C ASP C 53 5.07 -11.51 -30.59
N SER C 54 4.50 -12.54 -31.20
CA SER C 54 4.94 -13.92 -31.01
C SER C 54 5.31 -14.63 -32.30
N GLU C 55 6.61 -14.76 -32.55
CA GLU C 55 7.11 -15.23 -33.86
C GLU C 55 6.96 -16.74 -34.09
N ASP C 56 7.03 -17.54 -33.03
CA ASP C 56 6.83 -18.98 -33.13
C ASP C 56 5.43 -19.30 -33.68
N LEU C 57 4.44 -18.61 -33.13
CA LEU C 57 3.06 -18.74 -33.60
C LEU C 57 2.86 -18.23 -35.03
N VAL C 58 3.48 -17.09 -35.37
CA VAL C 58 3.33 -16.47 -36.70
C VAL C 58 3.77 -17.41 -37.83
N ALA C 59 4.94 -18.02 -37.67
CA ALA C 59 5.46 -18.97 -38.66
C ALA C 59 4.57 -20.22 -38.71
N LEU C 60 4.31 -20.82 -37.55
CA LEU C 60 3.45 -22.00 -37.41
C LEU C 60 2.09 -21.85 -38.09
N LEU C 61 1.61 -20.61 -38.18
CA LEU C 61 0.35 -20.33 -38.89
C LEU C 61 0.60 -20.23 -40.39
N LEU C 62 1.68 -19.55 -40.81
CA LEU C 62 2.02 -19.45 -42.25
C LEU C 62 2.39 -20.82 -42.84
N LYS C 63 2.99 -21.65 -41.99
CA LYS C 63 3.22 -23.07 -42.27
C LYS C 63 1.92 -23.77 -42.70
N HIS C 64 0.93 -23.78 -41.81
CA HIS C 64 -0.33 -24.52 -42.05
C HIS C 64 -1.34 -23.77 -42.95
N GLY C 65 -0.88 -22.72 -43.65
CA GLY C 65 -1.65 -22.12 -44.74
C GLY C 65 -2.39 -20.82 -44.44
N ALA C 66 -1.82 -19.99 -43.58
CA ALA C 66 -2.46 -18.74 -43.19
C ALA C 66 -2.26 -17.65 -44.23
N ASP C 67 -3.32 -16.87 -44.49
CA ASP C 67 -3.30 -15.80 -45.48
C ASP C 67 -2.81 -14.50 -44.83
N PRO C 68 -1.61 -14.02 -45.23
CA PRO C 68 -1.04 -12.77 -44.70
C PRO C 68 -1.60 -11.51 -45.34
N CYS C 69 -2.48 -11.69 -46.32
CA CYS C 69 -3.15 -10.60 -47.01
C CYS C 69 -4.59 -10.45 -46.49
N LEU C 70 -4.95 -11.24 -45.47
CA LEU C 70 -6.31 -11.25 -44.94
C LEU C 70 -6.63 -9.94 -44.23
N ARG C 71 -7.87 -9.47 -44.35
CA ARG C 71 -8.28 -8.18 -43.81
C ARG C 71 -9.35 -8.33 -42.75
N LYS C 72 -9.15 -7.70 -41.60
CA LYS C 72 -10.17 -7.60 -40.57
C LYS C 72 -11.10 -6.42 -40.90
N ARG C 73 -12.08 -6.18 -40.03
CA ARG C 73 -13.22 -5.30 -40.38
C ARG C 73 -12.81 -3.93 -40.87
N ASN C 74 -11.75 -3.36 -40.30
CA ASN C 74 -11.27 -2.05 -40.74
C ASN C 74 -10.25 -2.17 -41.87
N GLY C 75 -10.21 -3.32 -42.54
CA GLY C 75 -9.40 -3.52 -43.73
C GLY C 75 -7.91 -3.75 -43.51
N ALA C 76 -7.47 -3.80 -42.26
CA ALA C 76 -6.04 -3.92 -41.96
C ALA C 76 -5.57 -5.36 -42.12
N THR C 77 -4.34 -5.53 -42.62
CA THR C 77 -3.71 -6.83 -42.80
C THR C 77 -2.70 -7.08 -41.69
N PRO C 78 -2.29 -8.36 -41.50
CA PRO C 78 -1.23 -8.62 -40.53
C PRO C 78 0.10 -7.88 -40.81
N PHE C 79 0.37 -7.57 -42.08
CA PHE C 79 1.53 -6.74 -42.44
C PHE C 79 1.35 -5.29 -41.98
N ILE C 80 0.12 -4.76 -42.05
CA ILE C 80 -0.19 -3.44 -41.50
C ILE C 80 0.01 -3.44 -39.97
N ILE C 81 -0.56 -4.46 -39.32
CA ILE C 81 -0.44 -4.65 -37.86
C ILE C 81 1.03 -4.73 -37.46
N ALA C 82 1.85 -5.32 -38.30
CA ALA C 82 3.26 -5.47 -38.00
C ALA C 82 3.95 -4.11 -37.90
N GLY C 83 3.43 -3.11 -38.64
CA GLY C 83 3.89 -1.73 -38.48
C GLY C 83 3.61 -1.14 -37.10
N ILE C 84 2.50 -1.55 -36.49
CA ILE C 84 2.13 -1.08 -35.15
C ILE C 84 3.09 -1.62 -34.09
N THR C 85 3.23 -2.96 -34.05
CA THR C 85 4.07 -3.67 -33.08
C THR C 85 5.55 -3.35 -33.26
N GLY C 86 5.98 -3.17 -34.51
CA GLY C 86 7.31 -2.63 -34.79
C GLY C 86 8.43 -3.65 -34.74
N ASN C 87 8.09 -4.91 -34.97
CA ASN C 87 9.07 -6.00 -34.96
C ASN C 87 9.54 -6.30 -36.37
N VAL C 88 10.81 -6.05 -36.63
CA VAL C 88 11.31 -6.05 -38.00
C VAL C 88 11.40 -7.45 -38.62
N ARG C 89 11.82 -8.44 -37.84
CA ARG C 89 11.88 -9.83 -38.33
C ARG C 89 10.48 -10.29 -38.73
N LEU C 90 9.47 -9.88 -37.96
CA LEU C 90 8.06 -10.18 -38.28
C LEU C 90 7.60 -9.54 -39.59
N LEU C 91 8.17 -8.38 -39.92
CA LEU C 91 7.89 -7.72 -41.22
C LEU C 91 8.58 -8.48 -42.35
N GLN C 92 9.87 -8.76 -42.15
CA GLN C 92 10.68 -9.52 -43.10
C GLN C 92 10.00 -10.85 -43.43
N LEU C 93 9.70 -11.59 -42.37
CA LEU C 93 9.05 -12.90 -42.46
C LEU C 93 7.84 -12.88 -43.42
N LEU C 94 6.99 -11.86 -43.30
CA LEU C 94 5.74 -11.77 -44.06
C LEU C 94 5.88 -11.27 -45.51
N LEU C 95 6.92 -10.48 -45.80
CA LEU C 95 6.99 -9.66 -47.04
C LEU C 95 6.88 -10.36 -48.40
N PRO C 96 7.35 -11.63 -48.52
CA PRO C 96 7.21 -12.33 -49.81
C PRO C 96 5.77 -12.42 -50.35
N ASN C 97 4.81 -12.62 -49.45
CA ASN C 97 3.38 -12.72 -49.80
C ASN C 97 2.65 -11.36 -49.91
N VAL C 98 3.36 -10.26 -49.65
CA VAL C 98 2.76 -8.93 -49.74
C VAL C 98 3.08 -8.31 -51.11
N GLU C 99 2.11 -8.41 -52.03
CA GLU C 99 2.21 -7.80 -53.36
C GLU C 99 2.58 -6.33 -53.27
N ASP C 100 1.70 -5.51 -52.69
CA ASP C 100 1.95 -4.07 -52.52
C ASP C 100 2.32 -3.78 -51.07
N VAL C 101 3.45 -3.12 -50.87
CA VAL C 101 3.90 -2.72 -49.53
C VAL C 101 3.11 -1.53 -48.97
N ASN C 102 2.64 -0.68 -49.88
CA ASN C 102 1.80 0.49 -49.53
C ASN C 102 0.31 0.15 -49.50
N GLU C 103 -0.01 -1.11 -49.21
CA GLU C 103 -1.37 -1.52 -48.94
C GLU C 103 -1.81 -0.82 -47.65
N CYS C 104 -3.12 -0.65 -47.51
CA CYS C 104 -3.67 0.13 -46.43
C CYS C 104 -5.13 -0.25 -46.08
N ASP C 105 -5.48 0.00 -44.81
CA ASP C 105 -6.85 -0.23 -44.34
C ASP C 105 -7.86 0.73 -44.97
N VAL C 106 -9.11 0.61 -44.53
CA VAL C 106 -10.19 1.43 -45.07
C VAL C 106 -9.92 2.92 -44.87
N ASN C 107 -9.29 3.26 -43.74
CA ASN C 107 -8.98 4.66 -43.41
C ASN C 107 -7.62 5.13 -43.97
N GLY C 108 -6.98 4.30 -44.80
CA GLY C 108 -5.75 4.69 -45.48
C GLY C 108 -4.45 4.60 -44.69
N PHE C 109 -4.47 3.88 -43.57
CA PHE C 109 -3.25 3.66 -42.76
C PHE C 109 -2.39 2.56 -43.38
N THR C 110 -1.21 2.94 -43.86
CA THR C 110 -0.23 1.99 -44.34
C THR C 110 0.60 1.46 -43.17
N ALA C 111 1.34 0.38 -43.40
CA ALA C 111 2.20 -0.19 -42.38
C ALA C 111 3.22 0.84 -41.90
N PHE C 112 3.73 1.63 -42.82
CA PHE C 112 4.73 2.69 -42.52
C PHE C 112 4.17 3.85 -41.67
N MET C 113 2.96 4.29 -42.01
CA MET C 113 2.27 5.29 -41.21
C MET C 113 2.12 4.77 -39.78
N GLU C 114 1.62 3.55 -39.63
CA GLU C 114 1.42 2.94 -38.31
C GLU C 114 2.72 2.87 -37.54
N ALA C 115 3.82 2.65 -38.26
CA ALA C 115 5.16 2.68 -37.66
C ALA C 115 5.54 4.09 -37.20
N ALA C 116 5.11 5.12 -37.94
CA ALA C 116 5.34 6.53 -37.57
C ALA C 116 4.46 6.95 -36.41
N VAL C 117 3.20 6.52 -36.43
CA VAL C 117 2.24 6.80 -35.35
C VAL C 117 2.75 6.25 -34.02
N TYR C 118 3.08 4.95 -34.03
CA TYR C 118 3.50 4.23 -32.83
C TYR C 118 4.98 4.32 -32.49
N GLY C 119 5.73 5.16 -33.22
CA GLY C 119 7.11 5.52 -32.86
C GLY C 119 8.19 4.45 -33.04
N ARG C 120 7.90 3.46 -33.88
CA ARG C 120 8.74 2.27 -34.08
C ARG C 120 9.82 2.49 -35.15
N VAL C 121 11.04 2.81 -34.72
CA VAL C 121 12.09 3.34 -35.64
C VAL C 121 12.73 2.26 -36.52
N GLU C 122 13.09 1.14 -35.91
CA GLU C 122 13.74 0.04 -36.63
C GLU C 122 12.80 -0.48 -37.73
N ALA C 123 11.53 -0.64 -37.37
CA ALA C 123 10.49 -0.99 -38.33
C ALA C 123 10.22 0.14 -39.34
N LEU C 124 10.37 1.39 -38.93
CA LEU C 124 10.22 2.53 -39.84
C LEU C 124 11.34 2.52 -40.88
N ARG C 125 12.57 2.34 -40.40
CA ARG C 125 13.74 2.29 -41.28
C ARG C 125 13.59 1.14 -42.27
N PHE C 126 13.12 -0.01 -41.77
CA PHE C 126 13.00 -1.22 -42.59
C PHE C 126 12.02 -1.05 -43.76
N LEU C 127 10.90 -0.37 -43.50
CA LEU C 127 9.85 -0.18 -44.49
C LEU C 127 10.26 0.81 -45.57
N TYR C 128 11.02 1.83 -45.18
CA TYR C 128 11.58 2.82 -46.12
C TYR C 128 12.47 2.14 -47.13
N GLU C 129 13.35 1.27 -46.64
CA GLU C 129 14.33 0.58 -47.47
C GLU C 129 13.68 -0.42 -48.43
N ASN C 130 12.50 -0.92 -48.08
CA ASN C 130 11.76 -1.90 -48.89
C ASN C 130 10.81 -1.31 -49.94
N GLY C 131 10.61 0.01 -49.91
CA GLY C 131 9.82 0.69 -50.95
C GLY C 131 8.55 1.36 -50.48
N ALA C 132 8.54 1.81 -49.23
CA ALA C 132 7.39 2.50 -48.67
C ALA C 132 7.32 3.94 -49.20
N ASP C 133 6.10 4.43 -49.47
CA ASP C 133 5.90 5.83 -49.83
C ASP C 133 5.84 6.62 -48.54
N VAL C 134 6.75 7.59 -48.41
CA VAL C 134 6.85 8.42 -47.22
C VAL C 134 5.74 9.47 -47.22
N ASN C 135 5.56 10.14 -48.35
CA ASN C 135 4.59 11.24 -48.44
C ASN C 135 3.20 10.86 -48.91
N MET C 136 2.83 9.58 -48.73
CA MET C 136 1.48 9.10 -49.01
C MET C 136 0.47 9.78 -48.10
N HIS C 137 -0.63 10.25 -48.71
CA HIS C 137 -1.76 10.84 -47.98
C HIS C 137 -2.82 9.78 -47.76
N ARG C 138 -3.46 9.78 -46.59
CA ARG C 138 -4.44 8.73 -46.27
C ARG C 138 -5.65 8.86 -47.18
N LYS C 139 -5.94 7.79 -47.93
CA LYS C 139 -7.17 7.72 -48.72
C LYS C 139 -8.24 7.02 -47.88
N THR C 140 -9.30 7.76 -47.57
CA THR C 140 -10.33 7.26 -46.67
C THR C 140 -11.71 7.32 -47.33
N LYS C 141 -12.74 6.94 -46.57
CA LYS C 141 -14.07 6.70 -47.14
C LYS C 141 -14.73 7.97 -47.70
N GLN C 142 -15.74 7.76 -48.52
CA GLN C 142 -16.46 8.84 -49.20
C GLN C 142 -17.00 9.86 -48.18
N ASP C 143 -17.82 9.39 -47.24
CA ASP C 143 -18.36 10.24 -46.17
C ASP C 143 -17.26 10.97 -45.41
N GLN C 144 -16.12 10.30 -45.21
CA GLN C 144 -15.01 10.89 -44.48
C GLN C 144 -14.27 11.97 -45.27
N GLU C 145 -14.26 11.85 -46.59
CA GLU C 145 -13.52 12.81 -47.43
C GLU C 145 -14.36 14.06 -47.82
N ARG C 146 -15.67 13.87 -47.96
CA ARG C 146 -16.59 14.98 -48.22
C ARG C 146 -16.69 15.96 -47.03
N ILE C 147 -16.32 15.51 -45.83
CA ILE C 147 -16.16 16.40 -44.66
C ILE C 147 -14.68 16.72 -44.39
N ARG C 148 -13.83 16.51 -45.39
CA ARG C 148 -12.42 16.89 -45.35
C ARG C 148 -11.54 16.26 -44.22
N LYS C 149 -11.94 15.09 -43.70
CA LYS C 149 -11.03 14.28 -42.87
C LYS C 149 -10.13 13.47 -43.80
N GLY C 150 -9.07 12.89 -43.25
CA GLY C 150 -8.13 12.09 -44.02
C GLY C 150 -7.05 12.93 -44.67
N GLY C 151 -6.13 12.27 -45.37
CA GLY C 151 -5.05 12.95 -46.06
C GLY C 151 -3.87 13.26 -45.16
N ALA C 152 -3.85 12.69 -43.97
CA ALA C 152 -2.73 12.88 -43.07
C ALA C 152 -1.53 12.02 -43.50
N THR C 153 -0.34 12.53 -43.25
CA THR C 153 0.90 11.86 -43.64
C THR C 153 1.65 11.28 -42.42
N ALA C 154 2.63 10.43 -42.68
CA ALA C 154 3.40 9.79 -41.62
C ALA C 154 4.08 10.83 -40.71
N LEU C 155 4.47 11.96 -41.30
CA LEU C 155 5.10 13.09 -40.58
C LEU C 155 4.13 13.72 -39.58
N MET C 156 2.91 13.97 -40.04
CA MET C 156 1.85 14.53 -39.20
C MET C 156 1.54 13.68 -37.95
N ASP C 157 1.40 12.37 -38.16
CA ASP C 157 1.26 11.39 -37.06
C ASP C 157 2.40 11.50 -36.00
N ALA C 158 3.64 11.43 -36.46
CA ALA C 158 4.77 11.53 -35.55
C ALA C 158 4.86 12.91 -34.92
N ALA C 159 4.29 13.92 -35.59
CA ALA C 159 4.27 15.29 -35.06
C ALA C 159 3.24 15.41 -33.92
N GLU C 160 2.06 14.82 -34.16
CA GLU C 160 0.96 14.79 -33.17
C GLU C 160 1.35 14.00 -31.93
N LYS C 161 1.93 12.82 -32.15
CA LYS C 161 2.23 11.88 -31.07
C LYS C 161 3.51 12.23 -30.33
N GLY C 162 4.33 13.07 -30.94
CA GLY C 162 5.54 13.56 -30.29
C GLY C 162 6.76 12.65 -30.36
N HIS C 163 6.86 11.84 -31.41
CA HIS C 163 8.05 11.00 -31.62
C HIS C 163 9.06 11.85 -32.41
N VAL C 164 10.07 12.34 -31.70
CA VAL C 164 11.03 13.29 -32.27
C VAL C 164 12.07 12.57 -33.11
N GLY C 165 12.52 11.41 -32.62
CA GLY C 165 13.41 10.54 -33.39
C GLY C 165 12.88 10.32 -34.78
N VAL C 166 11.63 9.90 -34.86
CA VAL C 166 10.94 9.66 -36.15
C VAL C 166 10.82 10.92 -37.03
N VAL C 167 10.51 12.07 -36.41
CA VAL C 167 10.40 13.34 -37.16
C VAL C 167 11.74 13.73 -37.77
N THR C 168 12.81 13.58 -37.00
CA THR C 168 14.16 13.83 -37.48
C THR C 168 14.50 12.92 -38.65
N ILE C 169 14.24 11.63 -38.46
CA ILE C 169 14.51 10.62 -39.46
C ILE C 169 13.71 10.90 -40.73
N LEU C 170 12.43 11.27 -40.59
CA LEU C 170 11.59 11.57 -41.75
C LEU C 170 12.11 12.78 -42.55
N LEU C 171 12.37 13.88 -41.85
CA LEU C 171 12.73 15.14 -42.51
C LEU C 171 14.07 15.07 -43.22
N HIS C 172 15.03 14.41 -42.58
CA HIS C 172 16.40 14.43 -43.09
C HIS C 172 16.70 13.26 -44.03
N ALA C 173 16.68 12.04 -43.48
CA ALA C 173 17.05 10.80 -44.22
C ALA C 173 16.07 10.35 -45.31
N MET C 174 14.78 10.50 -45.03
CA MET C 174 13.74 9.90 -45.86
C MET C 174 13.03 10.90 -46.78
N LYS C 175 13.68 12.04 -47.02
CA LYS C 175 13.20 13.03 -47.99
C LYS C 175 11.70 13.30 -47.89
N ALA C 176 11.23 13.58 -46.68
CA ALA C 176 9.81 13.79 -46.41
C ALA C 176 9.42 15.23 -46.71
N GLU C 177 8.29 15.42 -47.37
CA GLU C 177 7.74 16.76 -47.60
C GLU C 177 7.26 17.34 -46.28
N VAL C 178 7.86 18.45 -45.86
CA VAL C 178 7.53 19.08 -44.59
C VAL C 178 6.16 19.81 -44.60
N ASP C 179 5.89 20.56 -45.67
CA ASP C 179 4.76 21.49 -45.70
C ASP C 179 3.53 20.85 -46.35
N ALA C 180 3.53 19.51 -46.39
CA ALA C 180 2.43 18.73 -46.94
C ALA C 180 1.19 18.85 -46.06
N ARG C 181 0.01 18.77 -46.69
CA ARG C 181 -1.25 19.12 -46.03
C ARG C 181 -2.31 18.05 -46.11
N ASP C 182 -3.06 17.89 -45.03
CA ASP C 182 -4.20 16.99 -45.03
C ASP C 182 -5.40 17.72 -45.66
N ASN C 183 -6.56 17.07 -45.68
CA ASN C 183 -7.70 17.58 -46.43
C ASN C 183 -8.32 18.82 -45.80
N MET C 184 -8.11 19.02 -44.51
CA MET C 184 -8.61 20.23 -43.85
C MET C 184 -7.67 21.42 -44.08
N GLY C 185 -6.44 21.14 -44.54
CA GLY C 185 -5.47 22.20 -44.82
C GLY C 185 -4.35 22.26 -43.81
N ARG C 186 -4.41 21.36 -42.82
CA ARG C 186 -3.41 21.30 -41.77
C ARG C 186 -2.11 20.67 -42.25
N ASN C 187 -0.97 21.18 -41.75
CA ASN C 187 0.35 20.54 -41.93
C ASN C 187 0.91 20.05 -40.58
N ALA C 188 2.10 19.45 -40.60
CA ALA C 188 2.66 18.85 -39.39
C ALA C 188 2.84 19.85 -38.24
N LEU C 189 3.18 21.10 -38.57
CA LEU C 189 3.36 22.16 -37.56
C LEU C 189 2.13 22.34 -36.69
N VAL C 190 0.97 22.39 -37.33
CA VAL C 190 -0.30 22.44 -36.62
C VAL C 190 -0.39 21.26 -35.67
N TYR C 191 -0.29 20.04 -36.21
CA TYR C 191 -0.39 18.81 -35.42
C TYR C 191 0.59 18.80 -34.26
N ALA C 192 1.76 19.40 -34.48
CA ALA C 192 2.85 19.39 -33.50
C ALA C 192 2.54 20.26 -32.29
N LEU C 193 1.79 21.35 -32.53
CA LEU C 193 1.36 22.24 -31.46
C LEU C 193 0.20 21.67 -30.66
N LEU C 194 -0.42 20.60 -31.15
CA LEU C 194 -1.45 19.88 -30.39
C LEU C 194 -0.86 18.91 -29.34
N ASN C 195 0.42 18.60 -29.41
CA ASN C 195 1.01 17.63 -28.49
C ASN C 195 1.15 18.20 -27.07
N PRO C 196 0.50 17.57 -26.07
CA PRO C 196 0.52 18.11 -24.70
C PRO C 196 1.92 18.22 -24.06
N ASP C 197 2.86 17.38 -24.49
CA ASP C 197 4.21 17.40 -23.92
C ASP C 197 4.98 18.62 -24.45
N ASP C 198 5.33 19.55 -23.56
CA ASP C 198 5.99 20.79 -23.99
C ASP C 198 7.31 20.53 -24.70
N GLY C 199 8.21 19.80 -24.04
CA GLY C 199 9.56 19.53 -24.55
C GLY C 199 9.60 18.85 -25.91
N LYS C 200 8.69 17.89 -26.12
CA LYS C 200 8.64 17.18 -27.40
C LYS C 200 8.01 18.05 -28.50
N ALA C 201 7.02 18.84 -28.12
CA ALA C 201 6.39 19.79 -29.01
C ALA C 201 7.34 20.91 -29.46
N LYS C 202 8.19 21.37 -28.55
CA LYS C 202 9.12 22.44 -28.84
C LYS C 202 10.20 22.02 -29.85
N ALA C 203 10.62 20.75 -29.76
CA ALA C 203 11.61 20.18 -30.68
C ALA C 203 11.05 20.07 -32.08
N ILE C 204 9.87 19.47 -32.19
CA ILE C 204 9.27 19.14 -33.49
C ILE C 204 8.90 20.43 -34.27
N THR C 205 8.48 21.46 -33.56
CA THR C 205 8.24 22.77 -34.15
C THR C 205 9.52 23.35 -34.79
N ARG C 206 10.61 23.40 -34.02
CA ARG C 206 11.90 23.85 -34.54
C ARG C 206 12.31 23.03 -35.75
N LEU C 207 12.17 21.70 -35.66
CA LEU C 207 12.56 20.81 -36.75
C LEU C 207 11.77 21.18 -37.99
N LEU C 208 10.45 21.28 -37.82
CA LEU C 208 9.55 21.65 -38.92
C LEU C 208 9.82 23.05 -39.49
N LEU C 209 10.08 24.03 -38.62
CA LEU C 209 10.31 25.41 -39.06
C LEU C 209 11.62 25.56 -39.79
N ASP C 210 12.63 24.84 -39.30
CA ASP C 210 13.90 24.87 -39.97
C ASP C 210 13.81 24.28 -41.37
N HIS C 211 13.00 23.23 -41.53
CA HIS C 211 12.76 22.65 -42.87
C HIS C 211 11.74 23.41 -43.75
N GLY C 212 11.22 24.54 -43.28
CA GLY C 212 10.39 25.44 -44.08
C GLY C 212 8.88 25.19 -44.07
N ALA C 213 8.38 24.60 -43.00
CA ALA C 213 6.94 24.37 -42.86
C ALA C 213 6.23 25.73 -42.85
N ASP C 214 5.04 25.80 -43.44
CA ASP C 214 4.30 27.08 -43.53
C ASP C 214 3.67 27.47 -42.21
N VAL C 215 4.09 28.63 -41.70
CA VAL C 215 3.66 29.13 -40.40
C VAL C 215 2.25 29.75 -40.43
N ASN C 216 1.82 30.22 -41.61
CA ASN C 216 0.46 30.72 -41.79
C ASN C 216 -0.40 29.59 -42.34
N VAL C 217 -1.03 28.85 -41.43
CA VAL C 217 -1.99 27.77 -41.77
C VAL C 217 -3.12 27.76 -40.74
N ARG C 218 -4.11 26.88 -40.92
CA ARG C 218 -5.31 26.88 -40.07
C ARG C 218 -5.76 25.46 -39.72
N GLY C 219 -6.01 25.24 -38.44
CA GLY C 219 -6.64 24.00 -37.97
C GLY C 219 -8.10 24.23 -37.63
N GLU C 220 -8.59 23.55 -36.62
CA GLU C 220 -9.93 23.80 -36.18
C GLU C 220 -9.89 25.23 -35.65
N GLY C 221 -11.06 25.76 -35.33
CA GLY C 221 -11.21 27.18 -35.04
C GLY C 221 -11.10 27.63 -36.48
N SER C 222 -10.35 28.69 -36.71
CA SER C 222 -9.53 28.74 -37.90
C SER C 222 -8.35 29.27 -37.15
N LYS C 223 -7.77 28.43 -36.27
CA LYS C 223 -6.64 28.87 -35.42
C LYS C 223 -5.33 28.77 -36.17
N THR C 224 -4.52 29.82 -36.03
CA THR C 224 -3.14 29.79 -36.51
C THR C 224 -2.23 29.11 -35.47
N PRO C 225 -1.13 28.51 -35.92
CA PRO C 225 -0.08 28.07 -35.02
C PRO C 225 0.21 29.08 -33.92
N LEU C 226 0.39 30.34 -34.29
CA LEU C 226 0.60 31.40 -33.29
C LEU C 226 -0.49 31.37 -32.20
N ILE C 227 -1.75 31.24 -32.62
CA ILE C 227 -2.87 31.24 -31.68
C ILE C 227 -2.87 30.00 -30.82
N LEU C 228 -2.66 28.84 -31.44
CA LEU C 228 -2.60 27.56 -30.70
C LEU C 228 -1.56 27.65 -29.57
N ALA C 229 -0.45 28.31 -29.89
CA ALA C 229 0.64 28.49 -28.94
C ALA C 229 0.25 29.44 -27.83
N VAL C 230 -0.48 30.50 -28.16
CA VAL C 230 -0.91 31.43 -27.14
C VAL C 230 -1.81 30.69 -26.15
N GLU C 231 -2.82 29.99 -26.68
CA GLU C 231 -3.81 29.22 -25.89
C GLU C 231 -3.17 28.13 -25.06
N ARG C 232 -2.08 27.58 -25.58
CA ARG C 232 -1.26 26.62 -24.84
C ARG C 232 -0.46 27.33 -23.73
N LYS C 233 -0.41 28.66 -23.82
CA LYS C 233 0.30 29.54 -22.86
C LYS C 233 1.81 29.30 -22.83
N ASN C 234 2.40 28.99 -23.99
CA ASN C 234 3.82 28.68 -24.07
C ASN C 234 4.63 29.81 -24.69
N LEU C 235 5.43 30.49 -23.88
CA LEU C 235 6.27 31.59 -24.37
C LEU C 235 7.24 31.13 -25.45
N ASP C 236 7.94 30.02 -25.19
CA ASP C 236 8.98 29.51 -26.10
C ASP C 236 8.48 29.23 -27.53
N LEU C 237 7.28 28.65 -27.64
CA LEU C 237 6.68 28.36 -28.95
C LEU C 237 6.23 29.63 -29.67
N VAL C 238 5.88 30.64 -28.89
CA VAL C 238 5.52 31.94 -29.45
C VAL C 238 6.75 32.62 -30.05
N GLN C 239 7.82 32.71 -29.28
CA GLN C 239 9.10 33.23 -29.78
C GLN C 239 9.45 32.54 -31.08
N MET C 240 9.47 31.20 -31.05
CA MET C 240 9.95 30.40 -32.19
C MET C 240 9.18 30.76 -33.44
N LEU C 241 7.88 30.92 -33.29
CA LEU C 241 7.03 31.27 -34.41
C LEU C 241 7.21 32.72 -34.86
N LEU C 242 7.35 33.62 -33.89
CA LEU C 242 7.49 35.04 -34.22
C LEU C 242 8.84 35.38 -34.86
N GLU C 243 9.79 34.45 -34.83
CA GLU C 243 11.08 34.62 -35.50
C GLU C 243 10.94 34.60 -37.01
N GLN C 244 10.01 33.78 -37.52
CA GLN C 244 9.61 33.85 -38.93
C GLN C 244 9.10 35.27 -39.14
N GLU C 245 9.72 36.03 -40.02
CA GLU C 245 9.32 37.43 -40.21
C GLU C 245 8.13 37.55 -41.18
N GLN C 246 7.83 36.47 -41.89
CA GLN C 246 6.69 36.38 -42.81
C GLN C 246 5.34 35.98 -42.15
N ILE C 247 5.34 35.80 -40.83
CA ILE C 247 4.13 35.40 -40.08
C ILE C 247 3.13 36.54 -39.98
N GLU C 248 1.83 36.22 -40.09
CA GLU C 248 0.76 37.22 -40.00
C GLU C 248 0.20 37.35 -38.57
N VAL C 249 0.76 38.27 -37.78
CA VAL C 249 0.36 38.40 -36.37
C VAL C 249 -1.06 38.92 -36.17
N ASN C 250 -1.56 39.69 -37.13
CA ASN C 250 -2.88 40.35 -37.02
C ASN C 250 -4.02 39.48 -37.57
N ASP C 251 -3.76 38.20 -37.86
CA ASP C 251 -4.82 37.26 -38.30
C ASP C 251 -5.76 36.93 -37.14
N THR C 252 -6.99 36.49 -37.47
CA THR C 252 -8.02 36.22 -36.46
C THR C 252 -8.64 34.84 -36.61
N ASP C 253 -8.84 34.17 -35.47
CA ASP C 253 -9.54 32.88 -35.42
C ASP C 253 -11.03 33.06 -35.74
N ARG C 254 -11.78 31.97 -35.80
CA ARG C 254 -13.16 32.02 -36.33
C ARG C 254 -14.09 33.03 -35.64
N GLU C 255 -13.80 33.40 -34.39
CA GLU C 255 -14.63 34.39 -33.68
C GLU C 255 -14.18 35.83 -33.90
N GLY C 256 -13.19 36.02 -34.78
CA GLY C 256 -12.60 37.34 -34.99
C GLY C 256 -11.51 37.71 -34.00
N LYS C 257 -11.03 36.74 -33.19
CA LYS C 257 -10.03 37.03 -32.15
C LYS C 257 -8.58 36.87 -32.62
N THR C 258 -7.79 37.92 -32.39
CA THR C 258 -6.35 37.90 -32.68
C THR C 258 -5.56 37.30 -31.50
N ALA C 259 -4.34 36.83 -31.79
CA ALA C 259 -3.49 36.16 -30.80
C ALA C 259 -3.17 37.07 -29.61
N LEU C 260 -2.97 38.35 -29.89
CA LEU C 260 -2.79 39.38 -28.86
C LEU C 260 -3.99 39.40 -27.90
N LEU C 261 -5.19 39.39 -28.47
CA LEU C 261 -6.42 39.53 -27.69
C LEU C 261 -6.47 38.44 -26.64
N LEU C 262 -6.28 37.20 -27.11
CA LEU C 262 -6.25 36.01 -26.26
C LEU C 262 -5.12 36.08 -25.22
N ALA C 263 -3.96 36.57 -25.65
CA ALA C 263 -2.82 36.67 -24.75
C ALA C 263 -3.16 37.55 -23.56
N VAL C 264 -3.85 38.66 -23.82
CA VAL C 264 -4.18 39.57 -22.75
C VAL C 264 -5.31 38.96 -21.95
N GLU C 265 -6.27 38.36 -22.65
CA GLU C 265 -7.41 37.67 -22.01
C GLU C 265 -6.98 36.63 -20.98
N LEU C 266 -5.89 35.91 -21.29
CA LEU C 266 -5.38 34.82 -20.45
C LEU C 266 -4.28 35.26 -19.46
N ARG C 267 -4.13 36.57 -19.22
CA ARG C 267 -3.11 37.12 -18.31
C ARG C 267 -1.67 36.78 -18.72
N LEU C 268 -1.39 36.74 -20.02
CA LEU C 268 -0.05 36.43 -20.49
C LEU C 268 0.72 37.70 -20.81
N GLU C 269 1.35 38.27 -19.78
CA GLU C 269 2.10 39.53 -19.87
C GLU C 269 3.26 39.45 -20.85
N GLU C 270 4.19 38.55 -20.59
CA GLU C 270 5.38 38.46 -21.40
C GLU C 270 5.07 38.12 -22.87
N ILE C 271 4.07 37.25 -23.08
CA ILE C 271 3.64 36.85 -24.43
C ILE C 271 2.92 37.98 -25.17
N ALA C 272 2.14 38.76 -24.45
CA ALA C 272 1.46 39.93 -25.03
C ALA C 272 2.46 41.03 -25.39
N LYS C 273 3.34 41.39 -24.45
CA LYS C 273 4.36 42.39 -24.72
C LYS C 273 5.18 42.01 -25.95
N LEU C 274 5.66 40.77 -25.98
CA LEU C 274 6.46 40.26 -27.09
C LEU C 274 5.73 40.39 -28.44
N LEU C 275 4.43 40.10 -28.45
CA LEU C 275 3.60 40.22 -29.67
C LEU C 275 3.44 41.68 -30.12
N CYS C 276 3.43 42.60 -29.18
CA CYS C 276 3.27 44.03 -29.49
C CYS C 276 4.50 44.54 -30.18
N HIS C 277 5.65 44.27 -29.57
CA HIS C 277 6.93 44.54 -30.20
C HIS C 277 7.01 43.94 -31.61
N ARG C 278 6.56 42.69 -31.79
CA ARG C 278 6.57 42.03 -33.11
C ARG C 278 5.44 42.49 -34.07
N GLY C 279 4.77 43.58 -33.73
CA GLY C 279 3.92 44.28 -34.70
C GLY C 279 2.42 44.02 -34.63
N ALA C 280 1.95 43.43 -33.54
CA ALA C 280 0.51 43.24 -33.34
C ALA C 280 -0.19 44.59 -33.08
N SER C 281 -1.50 44.65 -33.31
CA SER C 281 -2.24 45.91 -33.15
C SER C 281 -2.98 45.99 -31.82
N ASN C 283 -5.84 47.78 -31.61
CA ASN C 283 -7.27 47.91 -31.94
C ASN C 283 -7.94 46.55 -32.23
N CYS C 284 -7.46 45.50 -31.57
CA CYS C 284 -7.99 44.15 -31.72
C CYS C 284 -9.07 43.88 -30.69
N GLY C 285 -9.36 44.90 -29.87
CA GLY C 285 -10.35 44.81 -28.81
C GLY C 285 -9.84 45.53 -27.59
N ASP C 286 -10.73 45.87 -26.66
CA ASP C 286 -10.36 46.60 -25.44
C ASP C 286 -9.40 45.85 -24.48
N LEU C 287 -8.11 45.92 -24.79
CA LEU C 287 -7.10 45.18 -24.04
C LEU C 287 -6.82 45.83 -22.69
N VAL C 288 -7.00 47.15 -22.64
CA VAL C 288 -6.70 47.88 -21.42
C VAL C 288 -7.66 47.43 -20.32
N ALA C 289 -8.95 47.39 -20.68
CA ALA C 289 -10.03 46.97 -19.77
C ALA C 289 -9.90 45.52 -19.30
N ILE C 290 -9.56 44.63 -20.24
CA ILE C 290 -9.31 43.22 -19.96
C ILE C 290 -8.18 43.04 -18.94
N ALA C 291 -7.05 43.67 -19.20
CA ALA C 291 -5.90 43.58 -18.31
C ALA C 291 -6.23 44.15 -16.93
N ARG C 292 -7.02 45.24 -16.91
CA ARG C 292 -7.49 45.78 -15.63
C ARG C 292 -8.28 44.69 -14.89
N ARG C 293 -9.38 44.28 -15.53
CA ARG C 293 -10.22 43.16 -15.12
C ARG C 293 -9.41 42.01 -14.52
N ASN C 294 -8.37 41.60 -15.26
CA ASN C 294 -7.43 40.55 -14.83
C ASN C 294 -6.58 40.90 -13.61
N TYR C 295 -6.43 42.20 -13.34
CA TYR C 295 -5.47 42.70 -12.35
C TYR C 295 -4.03 42.44 -12.81
N ASP C 296 -3.77 42.72 -14.08
CA ASP C 296 -2.41 42.79 -14.65
C ASP C 296 -1.89 44.21 -14.49
N SER C 297 -1.36 44.55 -13.32
CA SER C 297 -0.95 45.93 -13.07
C SER C 297 0.00 46.41 -14.18
N ASP C 298 1.10 45.66 -14.38
CA ASP C 298 2.15 46.07 -15.32
C ASP C 298 1.71 46.08 -16.78
N LEU C 299 0.79 45.19 -17.14
CA LEU C 299 0.34 45.12 -18.52
C LEU C 299 -0.58 46.30 -18.85
N VAL C 300 -1.41 46.73 -17.90
CA VAL C 300 -2.21 47.94 -18.06
C VAL C 300 -1.27 49.10 -18.32
N LYS C 301 -0.23 49.23 -17.49
CA LYS C 301 0.79 50.26 -17.65
C LYS C 301 1.41 50.14 -19.05
N PHE C 302 1.87 48.94 -19.39
CA PHE C 302 2.46 48.72 -20.71
C PHE C 302 1.54 49.18 -21.83
N LEU C 303 0.24 48.90 -21.70
CA LEU C 303 -0.68 49.10 -22.84
C LEU C 303 -1.13 50.54 -22.95
N ARG C 304 -1.08 51.28 -21.85
CA ARG C 304 -1.33 52.72 -21.89
C ARG C 304 -0.17 53.47 -22.58
N LEU C 305 1.08 53.05 -22.34
CA LEU C 305 2.31 53.68 -22.94
C LEU C 305 2.63 53.36 -24.42
N HIS C 306 2.35 52.13 -24.84
CA HIS C 306 2.62 51.68 -26.21
C HIS C 306 1.28 51.70 -26.94
N ASN C 318 -27.98 44.98 -29.22
CA ASN C 318 -29.17 44.72 -30.02
C ASN C 318 -30.00 43.51 -29.58
N TRP C 319 -29.37 42.58 -28.83
CA TRP C 319 -29.99 41.32 -28.38
C TRP C 319 -31.30 41.51 -27.61
N LYS C 320 -32.30 40.71 -27.97
CA LYS C 320 -33.66 40.83 -27.44
C LYS C 320 -34.05 39.57 -26.68
N PRO C 321 -34.41 39.70 -25.38
CA PRO C 321 -34.95 38.55 -24.64
C PRO C 321 -36.40 38.32 -25.02
N GLN C 322 -36.91 37.10 -24.82
CA GLN C 322 -38.32 36.82 -25.09
C GLN C 322 -39.19 36.94 -23.84
N SER C 323 -38.58 36.76 -22.66
CA SER C 323 -39.33 36.84 -21.39
C SER C 323 -39.66 38.27 -20.97
N SER C 324 -40.89 38.44 -20.49
CA SER C 324 -41.40 39.72 -20.04
C SER C 324 -40.98 40.01 -18.59
N ARG C 325 -41.16 39.03 -17.72
CA ARG C 325 -40.79 39.17 -16.32
C ARG C 325 -39.27 39.25 -16.13
N TRP C 326 -38.52 38.54 -16.97
CA TRP C 326 -37.07 38.46 -16.79
C TRP C 326 -36.25 39.22 -17.86
N GLY C 327 -36.94 39.85 -18.81
CA GLY C 327 -36.30 40.57 -19.90
C GLY C 327 -35.17 41.51 -19.44
N GLU C 328 -35.53 42.48 -18.60
CA GLU C 328 -34.55 43.50 -18.12
C GLU C 328 -33.23 42.89 -17.62
N ALA C 329 -33.33 41.87 -16.78
CA ALA C 329 -32.16 41.27 -16.12
C ALA C 329 -31.34 40.46 -17.11
N LEU C 330 -32.02 39.69 -17.95
CA LEU C 330 -31.37 38.99 -19.07
C LEU C 330 -30.53 39.93 -19.94
N LYS C 331 -31.13 41.06 -20.33
CA LYS C 331 -30.41 42.09 -21.09
C LYS C 331 -29.08 42.41 -20.38
N HIS C 332 -29.17 42.72 -19.09
CA HIS C 332 -28.00 43.09 -18.29
C HIS C 332 -27.03 41.91 -18.11
N LEU C 333 -27.53 40.68 -18.18
CA LEU C 333 -26.66 39.51 -18.11
C LEU C 333 -25.96 39.22 -19.43
N HIS C 334 -26.65 39.52 -20.54
CA HIS C 334 -26.03 39.43 -21.86
C HIS C 334 -24.97 40.53 -22.00
N ARG C 335 -25.26 41.69 -21.43
CA ARG C 335 -24.43 42.89 -21.50
C ARG C 335 -23.09 42.68 -20.79
N ILE C 336 -23.14 42.28 -19.51
CA ILE C 336 -21.93 42.22 -18.68
C ILE C 336 -20.96 41.12 -19.13
N TRP C 337 -19.68 41.24 -18.77
CA TRP C 337 -18.71 40.20 -19.09
C TRP C 337 -18.68 39.16 -17.99
N ARG C 338 -18.80 37.90 -18.41
CA ARG C 338 -18.67 36.73 -17.54
C ARG C 338 -17.75 35.70 -18.22
N PRO C 339 -17.13 34.81 -17.44
CA PRO C 339 -16.46 33.68 -18.04
C PRO C 339 -17.50 32.58 -18.33
N MET C 340 -17.31 31.79 -19.36
CA MET C 340 -18.28 30.72 -19.63
C MET C 340 -17.96 29.57 -18.68
N ILE C 341 -19.00 28.91 -18.17
CA ILE C 341 -18.88 27.55 -17.64
C ILE C 341 -19.40 26.61 -18.73
N GLY C 342 -18.48 26.13 -19.56
CA GLY C 342 -18.84 25.33 -20.73
C GLY C 342 -19.59 26.19 -21.72
N LYS C 343 -20.87 25.89 -21.90
CA LYS C 343 -21.77 26.71 -22.70
C LYS C 343 -22.71 27.60 -21.87
N LEU C 344 -22.50 27.68 -20.55
CA LEU C 344 -23.33 28.54 -19.70
C LEU C 344 -22.62 29.84 -19.28
N LYS C 345 -23.19 30.97 -19.69
CA LYS C 345 -22.85 32.27 -19.11
C LYS C 345 -23.78 32.52 -17.93
N ILE C 346 -23.20 32.63 -16.73
CA ILE C 346 -23.99 32.78 -15.50
C ILE C 346 -23.27 33.67 -14.49
N PHE C 347 -24.07 34.43 -13.74
CA PHE C 347 -23.55 35.21 -12.65
C PHE C 347 -24.45 35.06 -11.44
N ILE C 348 -23.84 34.66 -10.33
CA ILE C 348 -24.56 34.56 -9.07
C ILE C 348 -24.62 35.94 -8.40
N ASP C 349 -25.84 36.48 -8.33
CA ASP C 349 -26.12 37.82 -7.81
C ASP C 349 -27.64 38.02 -7.68
N GLU C 350 -28.08 38.64 -6.59
CA GLU C 350 -29.51 38.76 -6.32
C GLU C 350 -30.31 39.26 -7.52
N GLU C 351 -29.72 40.13 -8.35
CA GLU C 351 -30.43 40.64 -9.53
C GLU C 351 -30.90 39.53 -10.47
N TYR C 352 -30.12 38.46 -10.57
CA TYR C 352 -30.43 37.36 -11.48
C TYR C 352 -30.92 36.09 -10.77
N LYS C 353 -31.42 36.21 -9.54
CA LYS C 353 -31.97 35.06 -8.80
C LYS C 353 -33.47 34.85 -9.09
N ILE C 354 -33.85 33.60 -9.37
CA ILE C 354 -35.25 33.24 -9.71
C ILE C 354 -35.99 32.65 -8.52
N ALA C 355 -35.33 31.76 -7.77
CA ALA C 355 -35.92 31.18 -6.54
C ALA C 355 -34.86 30.48 -5.71
N ASP C 356 -35.07 30.47 -4.38
CA ASP C 356 -34.32 29.57 -3.47
C ASP C 356 -34.63 28.14 -3.89
N THR C 357 -33.79 27.20 -3.44
CA THR C 357 -34.07 25.76 -3.49
C THR C 357 -33.51 25.14 -2.19
N ALA C 358 -33.58 23.81 -2.09
CA ALA C 358 -32.97 23.12 -0.97
C ALA C 358 -31.44 23.13 -1.08
N GLU C 359 -30.93 23.53 -2.25
CA GLU C 359 -29.48 23.61 -2.49
C GLU C 359 -28.79 24.88 -3.07
N GLY C 360 -28.96 25.23 -4.30
CA GLY C 360 -28.16 26.30 -4.95
C GLY C 360 -29.01 27.37 -5.61
N GLY C 361 -30.33 27.27 -5.42
CA GLY C 361 -31.24 28.25 -5.97
C GLY C 361 -31.48 28.04 -7.45
N ILE C 362 -32.38 28.85 -7.99
CA ILE C 362 -32.67 28.91 -9.42
C ILE C 362 -32.23 30.28 -9.91
N TYR C 363 -31.24 30.34 -10.79
CA TYR C 363 -30.78 31.61 -11.32
C TYR C 363 -31.01 31.76 -12.82
N LEU C 364 -31.06 33.00 -13.29
CA LEU C 364 -31.08 33.30 -14.72
C LEU C 364 -29.73 32.96 -15.32
N GLY C 365 -29.75 32.54 -16.59
CA GLY C 365 -28.53 32.14 -17.30
C GLY C 365 -28.70 32.16 -18.82
N LEU C 366 -27.58 32.21 -19.52
CA LEU C 366 -27.61 32.17 -20.99
C LEU C 366 -26.88 30.94 -21.51
N TYR C 367 -27.52 30.22 -22.42
CA TYR C 367 -27.05 28.90 -22.82
C TYR C 367 -27.09 28.75 -24.33
N GLU C 368 -25.92 28.65 -24.96
CA GLU C 368 -25.81 28.70 -26.42
C GLU C 368 -26.55 29.98 -26.94
N ASP C 369 -26.36 31.08 -26.19
CA ASP C 369 -27.07 32.38 -26.32
C ASP C 369 -28.59 32.42 -26.03
N GLN C 370 -29.16 31.31 -25.55
CA GLN C 370 -30.58 31.24 -25.24
C GLN C 370 -30.85 31.53 -23.78
N GLU C 371 -31.93 32.26 -23.50
CA GLU C 371 -32.38 32.43 -22.10
C GLU C 371 -32.79 31.09 -21.37
N VAL C 372 -32.19 30.83 -20.20
CA VAL C 372 -32.49 29.62 -19.40
C VAL C 372 -32.49 29.83 -17.88
N ALA C 373 -33.44 29.20 -17.20
CA ALA C 373 -33.44 29.14 -15.73
C ALA C 373 -32.49 28.02 -15.37
N VAL C 374 -31.65 28.26 -14.37
CA VAL C 374 -30.59 27.32 -14.06
C VAL C 374 -30.79 26.79 -12.66
N LYS C 375 -31.00 25.47 -12.55
CA LYS C 375 -31.16 24.84 -11.24
C LYS C 375 -29.81 24.29 -10.74
N ARG C 376 -29.27 24.89 -9.68
CA ARG C 376 -27.89 24.66 -9.23
C ARG C 376 -27.80 23.67 -8.07
N PHE C 377 -26.91 22.70 -8.19
CA PHE C 377 -26.73 21.68 -7.18
C PHE C 377 -25.25 21.55 -6.88
N SER C 378 -24.91 20.82 -5.81
CA SER C 378 -23.56 20.30 -5.67
C SER C 378 -23.36 19.30 -6.79
N GLU C 379 -22.18 19.29 -7.38
CA GLU C 379 -21.89 18.32 -8.43
C GLU C 379 -22.13 16.92 -7.85
N GLY C 380 -21.73 16.73 -6.60
CA GLY C 380 -21.85 15.44 -5.95
C GLY C 380 -23.23 15.09 -5.44
N SER C 381 -24.17 16.02 -5.49
CA SER C 381 -25.50 15.79 -4.91
C SER C 381 -26.20 14.60 -5.56
N THR C 382 -26.86 13.81 -4.73
CA THR C 382 -27.61 12.65 -5.20
C THR C 382 -28.95 13.07 -5.84
N ARG C 383 -29.60 14.07 -5.24
CA ARG C 383 -30.81 14.66 -5.82
C ARG C 383 -30.54 15.24 -7.20
N GLY C 384 -29.48 16.04 -7.29
CA GLY C 384 -29.03 16.63 -8.57
C GLY C 384 -28.77 15.60 -9.66
N GLN C 385 -28.30 14.41 -9.29
CA GLN C 385 -28.07 13.28 -10.23
C GLN C 385 -29.35 12.63 -10.74
N GLN C 386 -30.36 12.51 -9.86
CA GLN C 386 -31.67 12.00 -10.27
C GLN C 386 -32.33 12.97 -11.25
N GLU C 387 -32.05 14.26 -11.10
CA GLU C 387 -32.67 15.32 -11.94
C GLU C 387 -32.16 15.24 -13.39
N VAL C 388 -30.85 15.41 -13.58
CA VAL C 388 -30.29 15.43 -14.93
C VAL C 388 -30.52 14.07 -15.61
N SER C 389 -30.53 12.98 -14.81
CA SER C 389 -30.87 11.62 -15.32
C SER C 389 -32.29 11.53 -15.92
N CYS C 390 -33.27 12.09 -15.21
CA CYS C 390 -34.64 12.12 -15.68
C CYS C 390 -34.78 13.03 -16.90
N LEU C 391 -34.22 14.25 -16.82
CA LEU C 391 -34.40 15.24 -17.90
C LEU C 391 -33.77 14.81 -19.22
N GLN C 392 -32.68 14.04 -19.14
CA GLN C 392 -32.03 13.42 -20.30
C GLN C 392 -32.91 12.42 -21.04
N SER C 393 -33.80 11.77 -20.31
CA SER C 393 -34.74 10.78 -20.84
C SER C 393 -36.05 11.44 -21.30
N SER C 394 -36.18 12.75 -21.04
CA SER C 394 -37.45 13.47 -21.20
C SER C 394 -37.42 14.51 -22.31
N ARG C 395 -36.41 14.48 -23.17
CA ARG C 395 -36.27 15.51 -24.21
C ARG C 395 -37.45 15.51 -25.21
N ALA C 396 -38.00 14.33 -25.48
CA ALA C 396 -39.12 14.20 -26.43
C ALA C 396 -40.48 14.58 -25.84
N ASN C 397 -40.53 14.85 -24.53
CA ASN C 397 -41.79 15.09 -23.82
C ASN C 397 -42.15 16.57 -23.82
N ASP C 398 -43.10 16.95 -24.67
CA ASP C 398 -43.40 18.37 -24.90
C ASP C 398 -43.97 19.11 -23.70
N ASN C 399 -44.45 18.37 -22.70
CA ASN C 399 -45.08 18.96 -21.51
C ASN C 399 -44.16 18.91 -20.28
N VAL C 400 -42.97 18.36 -20.46
CA VAL C 400 -41.90 18.55 -19.49
C VAL C 400 -41.23 19.85 -19.89
N VAL C 401 -40.86 20.66 -18.90
CA VAL C 401 -40.09 21.86 -19.16
C VAL C 401 -38.91 21.45 -20.05
N THR C 402 -38.61 22.27 -21.06
CA THR C 402 -37.61 21.89 -22.07
C THR C 402 -36.20 21.88 -21.46
N PHE C 403 -35.38 20.92 -21.89
CA PHE C 403 -34.07 20.68 -21.30
C PHE C 403 -32.93 21.02 -22.26
N TYR C 404 -32.11 21.98 -21.85
CA TYR C 404 -31.04 22.47 -22.67
C TYR C 404 -29.80 21.59 -22.47
N GLY C 405 -29.36 21.45 -21.23
CA GLY C 405 -28.22 20.60 -20.92
C GLY C 405 -27.71 20.91 -19.52
N SER C 406 -26.59 20.30 -19.16
CA SER C 406 -25.97 20.55 -17.85
C SER C 406 -24.49 20.91 -18.01
N GLU C 407 -23.94 21.65 -17.03
CA GLU C 407 -22.52 22.01 -17.01
C GLU C 407 -21.99 21.98 -15.59
N SER C 408 -20.85 21.31 -15.41
CA SER C 408 -20.14 21.33 -14.15
C SER C 408 -18.97 22.28 -14.18
N ASP C 409 -18.85 23.12 -13.15
CA ASP C 409 -17.57 23.72 -12.79
C ASP C 409 -16.94 22.72 -11.82
N GLY C 410 -15.95 23.14 -11.06
CA GLY C 410 -15.36 22.22 -10.09
C GLY C 410 -16.32 21.63 -9.07
N SER C 411 -17.38 22.38 -8.72
CA SER C 411 -18.12 22.14 -7.47
C SER C 411 -19.66 22.18 -7.57
N CYS C 412 -20.19 22.94 -8.54
CA CYS C 412 -21.63 23.05 -8.76
C CYS C 412 -22.05 22.33 -10.03
N LEU C 413 -23.23 21.73 -9.99
CA LEU C 413 -23.82 21.12 -11.19
C LEU C 413 -24.95 22.02 -11.68
N HIS C 414 -24.75 22.67 -12.82
CA HIS C 414 -25.75 23.57 -13.37
C HIS C 414 -26.71 22.81 -14.30
N VAL C 415 -27.99 22.84 -13.99
CA VAL C 415 -29.01 22.25 -14.82
C VAL C 415 -29.79 23.36 -15.55
N CYS C 416 -29.61 23.46 -16.86
CA CYS C 416 -30.25 24.51 -17.65
C CYS C 416 -31.59 24.04 -18.24
N LEU C 417 -32.64 24.78 -17.90
CA LEU C 417 -33.98 24.45 -18.32
C LEU C 417 -34.55 25.61 -19.13
N ALA C 418 -35.69 25.37 -19.76
CA ALA C 418 -36.46 26.44 -20.38
C ALA C 418 -36.83 27.44 -19.30
N LEU C 419 -36.85 28.74 -19.62
CA LEU C 419 -37.25 29.80 -18.66
C LEU C 419 -38.72 30.26 -18.83
N CYS C 420 -39.58 29.91 -17.87
CA CYS C 420 -41.00 30.27 -17.94
C CYS C 420 -41.28 31.49 -17.10
N GLU C 421 -42.48 32.04 -17.24
CA GLU C 421 -42.86 33.27 -16.53
C GLU C 421 -43.31 32.98 -15.13
N TYR C 422 -44.29 32.11 -14.97
CA TYR C 422 -44.86 31.91 -13.65
C TYR C 422 -45.05 30.45 -13.27
N THR C 423 -44.71 30.15 -12.02
CA THR C 423 -45.23 28.98 -11.36
C THR C 423 -46.75 28.96 -11.46
N LEU C 424 -47.34 27.78 -11.34
CA LEU C 424 -48.79 27.63 -11.47
C LEU C 424 -49.50 28.48 -10.42
N GLN C 425 -49.01 28.35 -9.19
CA GLN C 425 -49.59 29.01 -8.03
C GLN C 425 -49.67 30.52 -8.22
N GLU C 426 -48.63 31.09 -8.85
CA GLU C 426 -48.58 32.52 -9.20
C GLU C 426 -49.55 32.81 -10.35
N HIS C 427 -49.45 32.03 -11.41
CA HIS C 427 -50.36 32.17 -12.54
C HIS C 427 -51.83 32.29 -12.09
N LEU C 428 -52.29 31.34 -11.28
CA LEU C 428 -53.72 31.22 -10.91
C LEU C 428 -54.20 32.39 -10.06
N ALA C 429 -53.27 32.89 -9.25
CA ALA C 429 -53.47 34.11 -8.49
C ALA C 429 -53.58 35.30 -9.45
N ASN C 430 -52.59 35.41 -10.36
CA ASN C 430 -52.56 36.53 -11.32
C ASN C 430 -53.81 36.61 -12.22
N HIS C 431 -54.40 35.47 -12.55
CA HIS C 431 -55.58 35.44 -13.43
C HIS C 431 -56.85 35.06 -12.65
N ARG C 432 -56.86 35.35 -11.35
CA ARG C 432 -58.00 35.03 -10.51
C ARG C 432 -59.18 35.96 -10.79
N GLY C 433 -58.90 37.16 -11.30
CA GLY C 433 -59.95 38.12 -11.63
C GLY C 433 -60.53 38.02 -13.03
N ASP C 434 -59.95 37.16 -13.85
CA ASP C 434 -60.32 37.06 -15.27
C ASP C 434 -61.76 36.62 -15.50
N ALA C 435 -62.20 35.57 -14.79
CA ALA C 435 -63.50 34.96 -15.09
C ALA C 435 -64.65 35.60 -14.31
N VAL C 436 -65.80 35.74 -14.98
CA VAL C 436 -67.04 36.17 -14.32
C VAL C 436 -67.56 34.99 -13.48
N PRO C 437 -68.39 35.25 -12.45
CA PRO C 437 -68.64 34.27 -11.38
C PRO C 437 -68.71 32.78 -11.78
N ASN C 438 -69.65 32.41 -12.65
CA ASN C 438 -69.92 31.00 -12.93
C ASN C 438 -69.34 30.52 -14.25
N GLU C 439 -68.59 31.40 -14.91
CA GLU C 439 -68.04 31.18 -16.24
C GLU C 439 -67.33 29.82 -16.37
N GLU C 440 -67.53 29.15 -17.52
CA GLU C 440 -66.84 27.89 -17.79
C GLU C 440 -65.34 28.09 -17.74
N ASP C 441 -64.64 27.18 -17.09
CA ASP C 441 -63.19 27.26 -16.89
C ASP C 441 -62.46 26.41 -17.93
N GLU C 442 -62.22 26.98 -19.10
CA GLU C 442 -61.55 26.24 -20.17
C GLU C 442 -60.08 26.00 -19.85
N SER C 443 -59.45 26.95 -19.17
CA SER C 443 -58.00 26.91 -19.00
C SER C 443 -57.60 25.93 -17.92
N ALA C 444 -58.47 25.68 -16.93
CA ALA C 444 -58.26 24.57 -15.99
C ALA C 444 -58.14 23.26 -16.76
N ARG C 445 -59.02 23.05 -17.74
CA ARG C 445 -58.93 21.88 -18.59
C ARG C 445 -57.64 21.86 -19.41
N ASN C 446 -57.20 23.02 -19.88
CA ASN C 446 -55.95 23.10 -20.64
C ASN C 446 -54.68 22.91 -19.79
N ILE C 447 -54.71 23.42 -18.55
CA ILE C 447 -53.65 23.21 -17.57
C ILE C 447 -53.56 21.74 -17.17
N LEU C 448 -54.70 21.15 -16.82
CA LEU C 448 -54.70 19.78 -16.32
C LEU C 448 -54.41 18.77 -17.44
N SER C 449 -54.99 18.98 -18.62
CA SER C 449 -54.79 18.02 -19.71
C SER C 449 -53.33 17.97 -20.15
N SER C 450 -52.60 19.08 -20.05
CA SER C 450 -51.16 19.09 -20.31
C SER C 450 -50.40 18.20 -19.32
N LEU C 451 -50.72 18.32 -18.03
CA LEU C 451 -49.98 17.58 -17.01
C LEU C 451 -50.28 16.09 -17.09
N PHE C 452 -51.49 15.73 -17.49
CA PHE C 452 -51.84 14.31 -17.64
C PHE C 452 -50.89 13.69 -18.66
N LYS C 453 -50.77 14.37 -19.80
CA LYS C 453 -49.85 14.00 -20.88
C LYS C 453 -48.40 14.09 -20.43
N ALA C 454 -48.08 15.12 -19.65
CA ALA C 454 -46.75 15.23 -19.05
C ALA C 454 -46.41 13.98 -18.20
N ILE C 455 -47.29 13.65 -17.25
CA ILE C 455 -47.04 12.55 -16.32
C ILE C 455 -47.23 11.19 -17.03
N GLY C 456 -48.24 11.11 -17.89
CA GLY C 456 -48.38 9.97 -18.80
C GLY C 456 -47.08 9.54 -19.48
N GLU C 457 -46.39 10.49 -20.12
CA GLU C 457 -45.20 10.20 -20.90
C GLU C 457 -43.99 9.97 -20.00
N LEU C 458 -43.99 10.63 -18.85
CA LEU C 458 -42.96 10.41 -17.86
C LEU C 458 -43.03 8.96 -17.35
N HIS C 459 -44.23 8.49 -17.03
CA HIS C 459 -44.42 7.12 -16.56
C HIS C 459 -43.99 6.10 -17.64
N ARG C 460 -44.33 6.39 -18.90
CA ARG C 460 -43.90 5.60 -20.07
C ARG C 460 -42.36 5.52 -20.18
N SER C 461 -41.66 6.61 -19.87
CA SER C 461 -40.18 6.58 -19.84
C SER C 461 -39.64 5.86 -18.63
N GLY C 462 -40.52 5.37 -17.76
CA GLY C 462 -40.10 4.55 -16.60
C GLY C 462 -39.71 5.37 -15.39
N TYR C 463 -39.97 6.67 -15.48
CA TYR C 463 -39.66 7.62 -14.43
C TYR C 463 -40.96 8.07 -13.76
N SER C 464 -40.93 8.22 -12.44
CA SER C 464 -42.07 8.70 -11.68
C SER C 464 -41.66 9.93 -10.89
N HIS C 465 -42.53 10.94 -10.85
CA HIS C 465 -42.22 12.24 -10.25
C HIS C 465 -42.78 12.29 -8.83
N GLN C 466 -41.93 12.08 -7.82
CA GLN C 466 -42.43 11.76 -6.48
C GLN C 466 -42.98 12.94 -5.67
N ASP C 467 -42.86 14.17 -6.20
CA ASP C 467 -43.15 15.41 -5.46
C ASP C 467 -44.13 16.34 -6.19
N LEU C 468 -45.09 15.79 -6.92
CA LEU C 468 -46.01 16.66 -7.64
C LEU C 468 -46.60 17.67 -6.68
N GLN C 469 -46.36 18.94 -6.97
CA GLN C 469 -46.99 20.04 -6.25
C GLN C 469 -46.94 21.30 -7.13
N PRO C 470 -47.76 22.34 -6.82
CA PRO C 470 -48.00 23.43 -7.78
C PRO C 470 -46.82 24.38 -8.05
N GLN C 471 -45.76 24.31 -7.26
CA GLN C 471 -44.55 25.08 -7.53
C GLN C 471 -43.65 24.37 -8.52
N ASN C 472 -43.83 23.06 -8.64
CA ASN C 472 -43.13 22.26 -9.66
C ASN C 472 -43.73 22.42 -11.06
N ILE C 473 -44.82 23.18 -11.16
CA ILE C 473 -45.52 23.38 -12.43
C ILE C 473 -45.29 24.81 -12.89
N LEU C 474 -44.96 24.99 -14.16
CA LEU C 474 -44.56 26.31 -14.65
C LEU C 474 -45.31 26.67 -15.92
N ILE C 475 -45.53 27.97 -16.08
CA ILE C 475 -46.35 28.51 -17.13
C ILE C 475 -45.54 29.53 -17.91
N ASP C 476 -45.28 29.21 -19.17
CA ASP C 476 -44.49 30.09 -20.05
C ASP C 476 -45.27 31.34 -20.51
N SER C 477 -44.53 32.25 -21.17
CA SER C 477 -45.07 33.45 -21.84
C SER C 477 -46.27 33.15 -22.75
N LYS C 478 -46.25 32.00 -23.41
CA LYS C 478 -47.30 31.60 -24.34
C LYS C 478 -48.54 30.98 -23.63
N ASN C 479 -48.50 30.89 -22.30
CA ASN C 479 -49.51 30.20 -21.46
C ASN C 479 -49.50 28.66 -21.56
N GLY C 480 -48.46 28.12 -22.18
CA GLY C 480 -48.20 26.69 -22.13
C GLY C 480 -47.79 26.34 -20.71
N THR C 481 -48.14 25.13 -20.28
CA THR C 481 -47.89 24.67 -18.91
C THR C 481 -46.97 23.44 -18.93
N PHE C 482 -46.05 23.37 -17.97
CA PHE C 482 -44.92 22.44 -18.04
C PHE C 482 -44.59 21.81 -16.69
N LEU C 483 -44.47 20.48 -16.67
CA LEU C 483 -44.06 19.76 -15.46
C LEU C 483 -42.55 19.92 -15.28
N ALA C 484 -42.06 20.14 -14.04
CA ALA C 484 -40.63 20.55 -13.94
C ALA C 484 -39.65 20.26 -12.77
N ASP C 485 -39.99 19.56 -11.71
CA ASP C 485 -38.95 19.35 -10.70
C ASP C 485 -38.68 17.85 -10.51
N PHE C 486 -37.54 17.35 -11.00
CA PHE C 486 -37.28 15.90 -10.98
C PHE C 486 -36.10 15.47 -10.08
N ASP C 487 -35.68 16.36 -9.19
CA ASP C 487 -34.62 16.05 -8.20
C ASP C 487 -34.97 14.89 -7.27
N LYS C 488 -36.27 14.65 -7.06
CA LYS C 488 -36.75 13.59 -6.19
C LYS C 488 -37.49 12.51 -6.99
N SER C 489 -37.33 12.50 -8.31
CA SER C 489 -37.93 11.47 -9.19
C SER C 489 -37.21 10.11 -9.06
N ILE C 490 -37.81 9.05 -9.59
CA ILE C 490 -37.25 7.67 -9.52
C ILE C 490 -37.65 6.83 -10.71
N LYS C 491 -36.86 5.81 -11.01
CA LYS C 491 -37.30 4.81 -11.96
C LYS C 491 -38.30 3.93 -11.22
N TRP C 492 -39.55 3.96 -11.65
CA TRP C 492 -40.61 3.26 -10.91
C TRP C 492 -40.54 1.77 -11.12
N ALA C 493 -39.82 1.35 -12.16
CA ALA C 493 -39.46 -0.05 -12.37
C ALA C 493 -39.16 -0.78 -11.05
N GLU C 494 -38.35 -0.14 -10.20
CA GLU C 494 -37.90 -0.71 -8.93
C GLU C 494 -39.03 -1.11 -7.97
N ASP C 495 -39.99 -0.21 -7.81
CA ASP C 495 -41.06 -0.36 -6.82
C ASP C 495 -42.37 0.17 -7.42
N PRO C 496 -43.01 -0.61 -8.33
CA PRO C 496 -44.18 -0.13 -9.10
C PRO C 496 -45.38 0.39 -8.26
N GLN C 497 -45.45 -0.02 -7.00
CA GLN C 497 -46.35 0.56 -6.01
C GLN C 497 -46.28 2.10 -5.96
N LYS C 498 -45.10 2.67 -6.21
CA LYS C 498 -44.88 4.12 -6.07
C LYS C 498 -45.42 4.96 -7.23
N ILE C 499 -45.82 4.35 -8.35
CA ILE C 499 -46.48 5.14 -9.39
C ILE C 499 -47.78 5.78 -8.86
N LYS C 500 -48.47 5.09 -7.94
CA LYS C 500 -49.76 5.53 -7.36
C LYS C 500 -49.68 6.93 -6.71
N ARG C 501 -48.50 7.27 -6.20
CA ARG C 501 -48.32 8.53 -5.46
C ARG C 501 -48.44 9.78 -6.37
N ASP C 502 -48.06 9.66 -7.65
CA ASP C 502 -48.24 10.74 -8.62
C ASP C 502 -49.72 10.92 -8.95
N LEU C 503 -50.40 9.82 -9.23
CA LEU C 503 -51.83 9.87 -9.53
C LEU C 503 -52.62 10.47 -8.38
N GLU C 504 -52.22 10.20 -7.13
CA GLU C 504 -52.85 10.80 -5.94
C GLU C 504 -52.70 12.30 -5.98
N ALA C 505 -51.44 12.74 -6.05
CA ALA C 505 -51.07 14.16 -6.14
C ALA C 505 -51.75 14.86 -7.32
N LEU C 506 -51.81 14.17 -8.45
CA LEU C 506 -52.57 14.68 -9.58
C LEU C 506 -54.03 15.00 -9.18
N GLY C 507 -54.61 14.15 -8.33
CA GLY C 507 -55.98 14.33 -7.84
C GLY C 507 -56.14 15.58 -7.00
N LEU C 508 -55.17 15.83 -6.12
CA LEU C 508 -55.17 17.06 -5.33
C LEU C 508 -55.03 18.26 -6.27
N LEU C 509 -54.14 18.12 -7.26
CA LEU C 509 -53.94 19.16 -8.26
C LEU C 509 -55.17 19.46 -9.10
N VAL C 510 -56.00 18.45 -9.37
CA VAL C 510 -57.22 18.66 -10.19
C VAL C 510 -58.19 19.58 -9.46
N LEU C 511 -58.33 19.37 -8.15
CA LEU C 511 -59.17 20.21 -7.33
C LEU C 511 -58.53 21.55 -7.10
N TYR C 512 -57.22 21.56 -6.82
CA TYR C 512 -56.47 22.82 -6.61
C TYR C 512 -56.71 23.79 -7.75
N VAL C 513 -56.56 23.28 -8.97
CA VAL C 513 -56.72 24.07 -10.21
C VAL C 513 -58.18 24.46 -10.40
N VAL C 514 -59.07 23.51 -10.15
CA VAL C 514 -60.49 23.70 -10.38
C VAL C 514 -61.04 24.79 -9.47
N LYS C 515 -60.64 24.74 -8.19
CA LYS C 515 -60.95 25.77 -7.18
C LYS C 515 -60.13 27.07 -7.33
N LYS C 516 -59.51 27.24 -8.50
CA LYS C 516 -58.82 28.47 -8.89
C LYS C 516 -57.65 28.89 -8.00
N GLY C 517 -57.36 28.10 -6.96
CA GLY C 517 -56.20 28.36 -6.11
C GLY C 517 -56.57 29.04 -4.81
N ASP C 518 -57.87 29.08 -4.52
CA ASP C 518 -58.38 29.64 -3.28
C ASP C 518 -58.04 28.69 -2.11
N ILE C 519 -58.21 27.37 -2.31
CA ILE C 519 -57.69 26.36 -1.35
C ILE C 519 -56.20 26.08 -1.62
N SER C 520 -55.41 26.06 -0.54
CA SER C 520 -53.97 25.80 -0.67
C SER C 520 -53.70 24.35 -0.98
N PHE C 521 -52.50 24.05 -1.42
CA PHE C 521 -52.18 22.68 -1.69
C PHE C 521 -51.85 22.01 -0.40
N GLU C 522 -51.51 22.81 0.60
CA GLU C 522 -51.14 22.30 1.92
C GLU C 522 -52.38 21.80 2.67
N THR C 523 -53.46 22.56 2.58
CA THR C 523 -54.77 22.14 3.07
C THR C 523 -55.18 20.81 2.43
N LEU C 524 -55.01 20.73 1.10
CA LEU C 524 -55.37 19.54 0.30
C LEU C 524 -54.55 18.30 0.67
N LYS C 525 -53.33 18.54 1.14
CA LYS C 525 -52.45 17.47 1.56
C LYS C 525 -52.83 16.93 2.94
N ASN C 526 -53.51 17.73 3.75
CA ASN C 526 -53.96 17.31 5.10
C ASN C 526 -55.44 16.95 5.17
N GLN C 527 -56.11 16.88 4.02
CA GLN C 527 -57.40 16.22 3.93
C GLN C 527 -57.24 14.72 3.65
N SER C 528 -58.33 13.97 3.84
CA SER C 528 -58.41 12.58 3.43
C SER C 528 -58.97 12.53 2.00
N PHE C 529 -58.88 11.38 1.35
CA PHE C 529 -59.50 11.21 0.03
C PHE C 529 -60.97 11.64 0.11
N GLU C 530 -61.65 11.25 1.20
CA GLU C 530 -63.10 11.46 1.38
C GLU C 530 -63.44 12.95 1.38
N GLU C 531 -62.65 13.72 2.15
CA GLU C 531 -62.82 15.18 2.27
C GLU C 531 -62.64 15.91 0.92
N VAL C 532 -61.56 15.57 0.21
CA VAL C 532 -61.30 16.11 -1.12
C VAL C 532 -62.50 15.86 -2.08
N ILE C 533 -62.85 14.60 -2.27
CA ILE C 533 -63.97 14.26 -3.14
C ILE C 533 -65.14 15.19 -2.76
N GLN C 534 -65.39 15.36 -1.45
CA GLN C 534 -66.50 16.19 -1.02
C GLN C 534 -66.31 17.66 -1.46
N GLY C 535 -65.11 18.20 -1.20
CA GLY C 535 -64.79 19.59 -1.55
C GLY C 535 -64.96 19.97 -3.02
N SER C 536 -65.11 18.97 -3.89
CA SER C 536 -65.23 19.17 -5.34
C SER C 536 -66.57 19.79 -5.70
N PRO C 537 -66.57 20.84 -6.55
CA PRO C 537 -67.83 21.54 -6.89
C PRO C 537 -68.79 20.83 -7.83
N ASP C 538 -68.32 19.82 -8.56
CA ASP C 538 -69.20 19.09 -9.50
C ASP C 538 -68.86 17.60 -9.64
N GLU C 539 -69.79 16.89 -10.29
CA GLU C 539 -69.75 15.43 -10.40
C GLU C 539 -68.64 14.93 -11.34
N GLU C 540 -68.44 15.64 -12.44
CA GLU C 540 -67.31 15.35 -13.34
C GLU C 540 -66.03 15.36 -12.50
N THR C 541 -65.77 16.49 -11.85
CA THR C 541 -64.56 16.67 -11.03
C THR C 541 -64.42 15.56 -9.97
N ARG C 542 -65.52 15.13 -9.37
CA ARG C 542 -65.50 14.06 -8.35
C ARG C 542 -65.09 12.71 -8.92
N ASP C 543 -65.67 12.35 -10.05
CA ASP C 543 -65.40 11.05 -10.69
C ASP C 543 -63.97 11.00 -11.24
N LEU C 544 -63.48 12.13 -11.74
CA LEU C 544 -62.09 12.21 -12.16
C LEU C 544 -61.16 11.98 -10.96
N ILE C 545 -61.41 12.67 -9.86
CA ILE C 545 -60.54 12.54 -8.69
C ILE C 545 -60.67 11.14 -8.08
N HIS C 546 -61.88 10.59 -8.12
CA HIS C 546 -62.08 9.24 -7.62
C HIS C 546 -61.16 8.27 -8.36
N HIS C 547 -61.21 8.30 -9.69
CA HIS C 547 -60.40 7.40 -10.51
C HIS C 547 -58.89 7.62 -10.38
N LEU C 548 -58.49 8.81 -9.91
CA LEU C 548 -57.08 9.12 -9.74
C LEU C 548 -56.58 8.60 -8.39
N PHE C 549 -57.51 8.46 -7.46
CA PHE C 549 -57.16 7.84 -6.19
C PHE C 549 -57.16 6.32 -6.31
N HIS C 550 -57.99 5.78 -7.18
CA HIS C 550 -58.11 4.32 -7.32
C HIS C 550 -58.00 3.92 -8.80
N PRO C 551 -56.81 3.47 -9.21
CA PRO C 551 -56.57 2.84 -10.51
C PRO C 551 -55.83 1.48 -10.35
N GLU C 556 -47.93 3.01 -16.56
CA GLU C 556 -49.21 2.39 -16.15
C GLU C 556 -50.34 2.67 -17.17
N ASP C 557 -51.61 2.33 -16.89
CA ASP C 557 -52.66 2.22 -17.92
C ASP C 557 -53.55 3.47 -18.20
N ARG C 558 -53.52 4.40 -17.27
CA ARG C 558 -54.69 5.15 -16.81
C ARG C 558 -54.90 6.62 -17.18
N LEU C 559 -53.82 7.38 -17.35
CA LEU C 559 -53.90 8.81 -17.60
C LEU C 559 -54.40 9.18 -19.01
N SER C 560 -53.96 8.44 -20.02
CA SER C 560 -54.42 8.70 -21.39
C SER C 560 -55.92 8.37 -21.52
N SER C 561 -56.37 7.35 -20.79
CA SER C 561 -57.74 6.92 -20.89
C SER C 561 -58.68 7.77 -20.08
N LEU C 562 -58.14 8.68 -19.25
CA LEU C 562 -58.92 9.71 -18.52
C LEU C 562 -59.04 11.05 -19.25
N LEU C 563 -58.33 11.20 -20.36
CA LEU C 563 -58.47 12.42 -21.14
C LEU C 563 -59.79 12.41 -21.91
N ALA C 564 -60.34 11.21 -22.13
CA ALA C 564 -61.67 11.05 -22.71
C ALA C 564 -62.79 11.39 -21.71
N HIS C 565 -62.40 11.62 -20.46
CA HIS C 565 -63.36 11.81 -19.38
C HIS C 565 -64.17 13.09 -19.62
N PRO C 566 -65.48 13.07 -19.29
CA PRO C 566 -66.31 14.26 -19.58
C PRO C 566 -65.90 15.52 -18.85
N PHE C 567 -65.10 15.37 -17.80
CA PHE C 567 -64.41 16.50 -17.18
C PHE C 567 -63.68 17.38 -18.20
N PHE C 568 -63.08 16.76 -19.22
CA PHE C 568 -62.40 17.51 -20.27
C PHE C 568 -63.30 17.83 -21.46
N TRP C 569 -64.58 17.46 -21.42
CA TRP C 569 -65.56 17.86 -22.46
C TRP C 569 -65.97 19.31 -22.21
N SER C 570 -66.05 20.11 -23.28
CA SER C 570 -66.54 21.49 -23.16
C SER C 570 -68.05 21.44 -22.92
N TRP C 571 -68.60 22.50 -22.35
CA TRP C 571 -70.03 22.53 -22.05
C TRP C 571 -70.88 22.37 -23.31
N GLU C 572 -70.41 22.90 -24.44
CA GLU C 572 -71.13 22.69 -25.70
C GLU C 572 -71.09 21.23 -26.14
N SER C 573 -69.95 20.58 -25.92
CA SER C 573 -69.81 19.14 -26.21
C SER C 573 -70.80 18.28 -25.40
N ARG C 574 -71.02 18.67 -24.14
CA ARG C 574 -71.88 17.91 -23.24
C ARG C 574 -73.33 18.10 -23.64
N TYR C 575 -73.65 19.29 -24.11
CA TYR C 575 -74.98 19.63 -24.57
C TYR C 575 -75.20 19.03 -25.95
N ARG C 576 -74.17 19.11 -26.80
CA ARG C 576 -74.18 18.45 -28.11
C ARG C 576 -74.44 16.95 -27.98
N THR C 577 -73.75 16.31 -27.02
CA THR C 577 -73.86 14.88 -26.75
C THR C 577 -75.27 14.46 -26.30
N LEU C 578 -75.78 15.14 -25.27
CA LEU C 578 -77.14 14.86 -24.75
C LEU C 578 -78.20 15.00 -25.83
N ARG C 579 -78.05 15.98 -26.73
CA ARG C 579 -78.98 16.18 -27.84
C ARG C 579 -78.88 15.06 -28.88
N ASP C 580 -77.66 14.76 -29.29
CA ASP C 580 -77.43 13.72 -30.29
C ASP C 580 -78.04 12.37 -29.83
N VAL C 581 -78.04 12.13 -28.52
CA VAL C 581 -78.68 10.94 -27.93
C VAL C 581 -80.23 11.03 -27.97
N GLY C 582 -80.78 12.17 -27.55
CA GLY C 582 -82.23 12.40 -27.63
C GLY C 582 -82.78 12.41 -29.05
N ASN C 583 -81.89 12.26 -30.04
CA ASN C 583 -82.27 12.19 -31.44
C ASN C 583 -82.30 10.76 -31.99
N GLU C 584 -81.82 9.81 -31.19
CA GLU C 584 -82.09 8.39 -31.42
C GLU C 584 -83.60 8.20 -31.56
N SER C 585 -84.02 7.64 -32.69
CA SER C 585 -85.44 7.40 -32.92
C SER C 585 -86.11 6.59 -31.81
N ASP C 586 -85.37 5.64 -31.22
CA ASP C 586 -85.85 4.77 -30.13
C ASP C 586 -86.23 5.56 -28.88
N ILE C 587 -85.59 6.72 -28.70
CA ILE C 587 -85.93 7.64 -27.62
C ILE C 587 -87.19 8.43 -28.00
N LYS C 588 -87.26 8.86 -29.26
CA LYS C 588 -88.37 9.69 -29.74
C LYS C 588 -89.74 8.98 -29.67
N THR C 589 -89.79 7.74 -30.17
CA THR C 589 -91.01 6.93 -30.10
C THR C 589 -91.28 6.36 -28.71
N ARG C 590 -90.34 6.52 -27.78
CA ARG C 590 -90.42 5.93 -26.44
C ARG C 590 -90.51 4.40 -26.47
N ASN C 591 -89.81 3.77 -27.42
CA ASN C 591 -89.73 2.32 -27.49
C ASN C 591 -88.99 1.75 -26.26
N GLN C 592 -89.75 1.43 -25.22
CA GLN C 592 -89.22 0.94 -23.93
C GLN C 592 -88.47 -0.40 -24.02
N ASN C 593 -88.76 -1.19 -25.06
CA ASN C 593 -88.03 -2.43 -25.31
C ASN C 593 -86.70 -2.22 -26.03
N SER C 594 -86.39 -0.97 -26.41
CA SER C 594 -85.21 -0.72 -27.24
C SER C 594 -83.92 -1.01 -26.47
N ARG C 595 -82.85 -1.19 -27.22
CA ARG C 595 -81.53 -1.46 -26.63
C ARG C 595 -81.00 -0.24 -25.89
N ILE C 596 -81.11 0.92 -26.53
CA ILE C 596 -80.54 2.17 -25.99
C ILE C 596 -81.22 2.49 -24.65
N LEU C 597 -82.55 2.38 -24.64
CA LEU C 597 -83.36 2.66 -23.45
C LEU C 597 -83.12 1.63 -22.35
N GLN C 598 -82.91 0.38 -22.78
CA GLN C 598 -82.61 -0.74 -21.89
C GLN C 598 -81.27 -0.45 -21.18
N LEU C 599 -80.44 0.40 -21.80
CA LEU C 599 -79.19 0.90 -21.19
C LEU C 599 -79.49 2.01 -20.17
N LEU C 600 -80.33 2.96 -20.56
CA LEU C 600 -80.50 4.16 -19.78
C LEU C 600 -81.40 3.97 -18.55
N GLN C 601 -82.34 3.02 -18.59
CA GLN C 601 -83.37 2.94 -17.55
C GLN C 601 -84.10 1.62 -17.31
N PRO C 602 -83.39 0.52 -17.05
CA PRO C 602 -84.16 -0.61 -16.47
C PRO C 602 -84.57 -0.30 -14.98
N GLY C 603 -85.66 0.29 -14.63
CA GLY C 603 -85.65 0.64 -13.26
C GLY C 603 -86.99 0.62 -12.67
N THR C 604 -87.10 0.08 -11.48
CA THR C 604 -88.31 -0.01 -10.73
C THR C 604 -88.04 -1.12 -9.78
N LEU C 607 -85.10 5.81 -7.87
CA LEU C 607 -83.95 6.61 -8.30
C LEU C 607 -83.73 7.78 -7.36
N SER C 608 -82.52 7.89 -6.81
CA SER C 608 -82.15 9.04 -5.99
C SER C 608 -81.52 10.14 -6.83
N THR C 609 -81.58 10.01 -8.16
CA THR C 609 -80.95 10.97 -9.08
C THR C 609 -81.63 12.34 -9.02
N SER C 610 -81.05 13.34 -9.69
CA SER C 610 -81.67 14.66 -9.76
C SER C 610 -82.70 14.74 -10.88
N PHE C 611 -82.75 13.73 -11.76
CA PHE C 611 -83.68 13.72 -12.91
C PHE C 611 -84.88 12.78 -12.76
N ALA C 612 -85.01 12.15 -11.59
CA ALA C 612 -86.28 11.53 -11.20
C ALA C 612 -87.20 12.69 -10.89
N GLN C 613 -88.46 12.60 -11.31
CA GLN C 613 -89.42 13.70 -11.17
C GLN C 613 -88.93 14.99 -11.86
N TRP C 614 -88.20 14.86 -12.98
CA TRP C 614 -87.54 16.04 -13.60
C TRP C 614 -88.49 17.09 -14.17
N THR C 615 -89.70 16.65 -14.54
CA THR C 615 -90.69 17.52 -15.16
C THR C 615 -91.20 18.61 -14.24
N THR C 616 -90.95 18.44 -12.93
CA THR C 616 -91.42 19.40 -11.93
C THR C 616 -90.34 20.43 -11.55
N LYS C 617 -89.07 20.03 -11.58
CA LYS C 617 -87.96 20.96 -11.26
C LYS C 617 -87.67 21.92 -12.41
N ILE C 618 -88.20 21.62 -13.58
CA ILE C 618 -88.23 22.58 -14.68
C ILE C 618 -89.25 23.68 -14.34
N ASP C 619 -89.06 24.85 -14.95
CA ASP C 619 -90.02 25.95 -14.87
C ASP C 619 -91.42 25.58 -15.38
N SER C 620 -92.45 26.19 -14.78
CA SER C 620 -93.85 25.91 -15.13
C SER C 620 -94.17 26.32 -16.56
N PHE C 621 -93.76 27.53 -16.94
CA PHE C 621 -93.99 28.05 -18.28
C PHE C 621 -93.46 27.07 -19.31
N VAL C 622 -92.14 26.88 -19.30
CA VAL C 622 -91.43 26.22 -20.39
C VAL C 622 -91.98 24.82 -20.65
N MET C 623 -92.23 24.08 -19.56
CA MET C 623 -92.70 22.70 -19.60
C MET C 623 -94.02 22.57 -20.38
N GLU C 624 -94.92 23.51 -20.13
CA GLU C 624 -96.25 23.50 -20.76
C GLU C 624 -96.13 23.72 -22.27
N GLU C 625 -95.33 24.70 -22.67
CA GLU C 625 -95.11 25.01 -24.10
C GLU C 625 -94.57 23.81 -24.85
N MET C 626 -93.62 23.13 -24.22
CA MET C 626 -92.99 21.97 -24.81
C MET C 626 -94.01 20.83 -24.91
N ASN C 627 -94.85 20.69 -23.88
CA ASN C 627 -95.88 19.64 -23.88
C ASN C 627 -96.80 19.72 -25.11
N ALA C 628 -97.21 20.93 -25.47
CA ALA C 628 -97.92 21.18 -26.73
C ALA C 628 -97.06 20.77 -27.92
N TYR C 648 -94.72 13.99 -22.06
CA TYR C 648 -93.41 14.07 -21.42
C TYR C 648 -93.40 13.49 -20.00
N GLN C 649 -92.93 12.25 -19.84
CA GLN C 649 -92.84 11.60 -18.51
C GLN C 649 -91.54 11.93 -17.74
N ASP C 650 -91.44 11.43 -16.50
CA ASP C 650 -90.24 11.54 -15.67
C ASP C 650 -89.17 10.48 -15.97
N THR C 651 -89.18 9.94 -17.18
CA THR C 651 -88.16 8.97 -17.56
C THR C 651 -86.94 9.71 -18.11
N LEU C 652 -85.76 9.09 -17.96
CA LEU C 652 -84.50 9.65 -18.49
C LEU C 652 -84.53 9.77 -20.02
N GLY C 653 -85.17 8.80 -20.69
CA GLY C 653 -85.32 8.82 -22.13
C GLY C 653 -86.04 10.07 -22.58
N ASP C 654 -87.17 10.36 -21.95
CA ASP C 654 -87.95 11.57 -22.27
C ASP C 654 -87.15 12.85 -22.03
N LEU C 655 -86.32 12.87 -20.99
CA LEU C 655 -85.50 14.04 -20.69
C LEU C 655 -84.51 14.36 -21.84
N LEU C 656 -83.85 13.33 -22.35
CA LEU C 656 -82.96 13.50 -23.51
C LEU C 656 -83.76 13.85 -24.76
N LYS C 657 -84.98 13.31 -24.87
CA LYS C 657 -85.88 13.72 -25.93
C LYS C 657 -86.15 15.21 -25.76
N PHE C 658 -86.48 15.58 -24.52
CA PHE C 658 -86.82 16.94 -24.19
C PHE C 658 -85.70 17.88 -24.62
N ILE C 659 -84.47 17.55 -24.23
CA ILE C 659 -83.34 18.44 -24.45
C ILE C 659 -83.04 18.62 -25.93
N ARG C 660 -83.10 17.53 -26.68
CA ARG C 660 -82.90 17.59 -28.13
C ARG C 660 -83.86 18.60 -28.75
N ASN C 661 -85.14 18.48 -28.38
CA ASN C 661 -86.17 19.36 -28.92
C ASN C 661 -85.87 20.79 -28.55
N LEU C 662 -85.77 21.05 -27.25
CA LEU C 662 -85.48 22.37 -26.78
C LEU C 662 -84.35 23.02 -27.59
N GLY C 663 -83.27 22.26 -27.81
CA GLY C 663 -82.06 22.78 -28.47
C GLY C 663 -82.17 23.12 -29.94
N GLU C 664 -82.97 22.36 -30.68
CA GLU C 664 -83.23 22.63 -32.09
C GLU C 664 -84.03 23.91 -32.29
N HIS C 665 -85.06 24.07 -31.46
CA HIS C 665 -86.11 25.05 -31.71
C HIS C 665 -85.97 26.30 -30.86
N ILE C 666 -85.08 26.28 -29.86
CA ILE C 666 -84.99 27.40 -28.90
C ILE C 666 -84.77 28.75 -29.58
N ASN C 667 -84.02 28.76 -30.67
CA ASN C 667 -83.60 30.00 -31.33
C ASN C 667 -84.64 30.60 -32.28
N GLU C 668 -85.72 29.87 -32.53
CA GLU C 668 -86.83 30.37 -33.36
C GLU C 668 -87.50 31.57 -32.69
N GLN C 669 -87.99 32.49 -33.52
CA GLN C 669 -88.53 33.78 -33.06
C GLN C 669 -89.74 33.63 -32.13
N LYS C 670 -90.60 32.67 -32.44
CA LYS C 670 -91.76 32.40 -31.58
C LYS C 670 -91.40 32.09 -30.11
N ASN C 671 -90.24 31.48 -29.84
CA ASN C 671 -89.86 31.10 -28.47
C ASN C 671 -89.02 32.14 -27.68
N LYS C 672 -89.34 33.43 -27.81
CA LYS C 672 -88.51 34.51 -27.21
C LYS C 672 -88.42 34.40 -25.68
N LYS C 673 -89.53 34.08 -25.03
CA LYS C 673 -89.56 33.95 -23.57
C LYS C 673 -88.86 32.69 -23.10
N MET C 674 -89.10 31.58 -23.79
CA MET C 674 -88.38 30.35 -23.49
C MET C 674 -86.89 30.64 -23.39
N LYS C 675 -86.35 31.19 -24.48
CA LYS C 675 -84.93 31.55 -24.61
C LYS C 675 -84.45 32.46 -23.47
N SER C 676 -85.26 33.45 -23.13
CA SER C 676 -84.89 34.39 -22.07
C SER C 676 -84.84 33.74 -20.69
N ILE C 677 -85.74 32.77 -20.45
CA ILE C 677 -85.84 32.11 -19.14
C ILE C 677 -84.72 31.12 -18.92
N ILE C 678 -84.48 30.30 -19.94
CA ILE C 678 -83.51 29.22 -19.88
C ILE C 678 -82.08 29.76 -19.78
N GLY C 679 -81.80 30.77 -20.61
CA GLY C 679 -80.45 31.33 -20.69
C GLY C 679 -79.67 30.51 -21.69
N GLU C 680 -78.40 30.23 -21.40
CA GLU C 680 -77.62 29.36 -22.24
C GLU C 680 -78.05 27.92 -21.90
N PRO C 681 -78.61 27.17 -22.89
CA PRO C 681 -79.22 25.86 -22.59
C PRO C 681 -78.28 24.81 -21.98
N SER C 682 -77.04 24.75 -22.45
CA SER C 682 -76.05 23.84 -21.88
C SER C 682 -75.85 24.07 -20.38
N GLN C 683 -75.84 25.35 -20.00
CA GLN C 683 -75.61 25.74 -18.61
C GLN C 683 -76.88 25.52 -17.81
N TYR C 684 -78.02 25.77 -18.44
CA TYR C 684 -79.30 25.56 -17.81
C TYR C 684 -79.33 24.15 -17.26
N PHE C 685 -79.25 23.17 -18.17
CA PHE C 685 -79.42 21.75 -17.83
C PHE C 685 -78.34 21.12 -16.92
N GLN C 686 -77.11 21.62 -17.01
CA GLN C 686 -76.03 21.13 -16.13
C GLN C 686 -76.32 21.59 -14.70
N GLU C 687 -76.53 22.90 -14.52
CA GLU C 687 -76.84 23.51 -13.21
C GLU C 687 -78.08 22.87 -12.57
N LYS C 688 -79.08 22.58 -13.41
CA LYS C 688 -80.31 21.93 -13.00
C LYS C 688 -80.08 20.48 -12.56
N PHE C 689 -79.41 19.70 -13.43
CA PHE C 689 -79.15 18.27 -13.18
C PHE C 689 -77.65 17.92 -13.15
N PRO C 690 -76.99 18.18 -12.01
CA PRO C 690 -75.53 18.05 -11.95
C PRO C 690 -74.99 16.62 -12.07
N ASP C 691 -75.85 15.61 -11.93
CA ASP C 691 -75.38 14.23 -12.14
C ASP C 691 -75.72 13.69 -13.52
N LEU C 692 -76.47 14.46 -14.33
CA LEU C 692 -76.97 13.98 -15.63
C LEU C 692 -75.88 13.44 -16.57
N VAL C 693 -74.86 14.26 -16.82
CA VAL C 693 -73.86 13.96 -17.84
C VAL C 693 -73.01 12.76 -17.45
N MET C 694 -72.59 12.70 -16.17
CA MET C 694 -71.85 11.55 -15.65
C MET C 694 -72.70 10.28 -15.77
N TYR C 695 -73.97 10.38 -15.40
CA TYR C 695 -74.88 9.24 -15.51
C TYR C 695 -74.86 8.71 -16.94
N VAL C 696 -75.17 9.59 -17.89
CA VAL C 696 -75.21 9.21 -19.31
C VAL C 696 -73.85 8.66 -19.76
N TYR C 697 -72.77 9.35 -19.39
CA TYR C 697 -71.43 8.88 -19.72
C TYR C 697 -71.25 7.46 -19.23
N THR C 698 -71.56 7.25 -17.96
CA THR C 698 -71.45 5.94 -17.34
C THR C 698 -72.27 4.86 -18.06
N LYS C 699 -73.52 5.16 -18.43
CA LYS C 699 -74.39 4.15 -19.06
C LYS C 699 -73.95 3.73 -20.46
N LEU C 700 -73.56 4.67 -21.31
CA LEU C 700 -73.21 4.40 -22.71
C LEU C 700 -71.69 4.24 -22.93
N GLN C 701 -70.97 4.13 -21.82
CA GLN C 701 -69.51 4.24 -21.76
C GLN C 701 -68.74 3.40 -22.78
N ASN C 702 -69.02 2.10 -22.79
CA ASN C 702 -68.35 1.16 -23.69
C ASN C 702 -69.29 0.55 -24.71
N THR C 703 -70.44 1.21 -24.91
CA THR C 703 -71.46 0.72 -25.84
C THR C 703 -71.18 1.23 -27.24
N GLU C 704 -72.03 0.83 -28.20
CA GLU C 704 -71.95 1.37 -29.55
C GLU C 704 -72.34 2.86 -29.57
N TYR C 705 -73.07 3.30 -28.54
CA TYR C 705 -73.52 4.71 -28.39
C TYR C 705 -72.43 5.64 -27.85
N MET C 706 -71.21 5.13 -27.71
CA MET C 706 -70.02 5.95 -27.56
C MET C 706 -69.87 7.00 -28.66
N LYS C 707 -70.36 6.69 -29.87
CA LYS C 707 -70.23 7.59 -31.02
C LYS C 707 -70.70 9.02 -30.71
N HIS C 708 -71.78 9.13 -29.93
CA HIS C 708 -72.35 10.42 -29.55
C HIS C 708 -71.54 11.21 -28.50
N PHE C 709 -70.49 10.61 -27.94
CA PHE C 709 -69.54 11.35 -27.10
C PHE C 709 -68.80 12.28 -28.03
N PRO C 710 -68.26 13.38 -27.48
CA PRO C 710 -67.59 14.34 -28.34
C PRO C 710 -66.26 13.83 -28.81
N LYS C 711 -65.86 14.33 -29.98
CA LYS C 711 -64.47 14.27 -30.40
C LYS C 711 -63.60 14.99 -29.35
N THR C 712 -62.41 14.47 -29.09
CA THR C 712 -61.56 14.93 -27.99
C THR C 712 -60.27 15.53 -28.52
N HIS C 713 -59.51 16.20 -27.65
CA HIS C 713 -58.19 16.72 -28.00
C HIS C 713 -57.36 15.42 -28.23
N ASN C 714 -57.51 14.84 -29.45
CA ASN C 714 -57.15 13.40 -29.79
C ASN C 714 -57.09 12.34 -28.63
N SER D 7 -21.11 65.16 -14.01
CA SER D 7 -19.79 65.01 -14.68
C SER D 7 -18.67 65.69 -13.88
N LEU D 8 -18.66 65.48 -12.57
CA LEU D 8 -17.57 65.96 -11.69
C LEU D 8 -16.72 64.79 -11.16
N GLU D 9 -17.38 63.74 -10.69
CA GLU D 9 -16.71 62.51 -10.23
C GLU D 9 -16.45 61.58 -11.41
N GLU D 10 -17.17 61.80 -12.51
CA GLU D 10 -16.94 61.07 -13.75
C GLU D 10 -15.65 61.58 -14.38
N MET D 11 -15.42 62.88 -14.25
CA MET D 11 -14.17 63.51 -14.68
C MET D 11 -13.01 63.11 -13.77
N LEU D 12 -13.31 62.85 -12.48
CA LEU D 12 -12.33 62.35 -11.51
C LEU D 12 -11.94 60.90 -11.76
N THR D 13 -12.90 60.08 -12.18
CA THR D 13 -12.64 58.66 -12.48
C THR D 13 -11.59 58.50 -13.57
N GLN D 14 -11.78 59.18 -14.71
CA GLN D 14 -10.82 59.09 -15.84
C GLN D 14 -9.48 59.74 -15.52
N ALA D 15 -9.52 60.77 -14.68
CA ALA D 15 -8.31 61.39 -14.18
C ALA D 15 -7.45 60.35 -13.46
N VAL D 16 -8.10 59.55 -12.60
CA VAL D 16 -7.40 58.49 -11.86
C VAL D 16 -6.96 57.31 -12.76
N GLN D 17 -7.80 56.93 -13.73
CA GLN D 17 -7.45 55.86 -14.67
C GLN D 17 -6.20 56.23 -15.48
N GLU D 18 -6.13 57.47 -15.96
CA GLU D 18 -4.97 57.99 -16.70
C GLU D 18 -3.77 58.37 -15.81
N ALA D 19 -3.89 58.11 -14.51
CA ALA D 19 -2.84 58.42 -13.53
C ALA D 19 -2.48 59.91 -13.45
N ASP D 20 -3.39 60.77 -13.92
CA ASP D 20 -3.17 62.21 -14.07
C ASP D 20 -3.36 62.89 -12.72
N ILE D 21 -2.26 63.10 -12.00
CA ILE D 21 -2.34 63.41 -10.57
C ILE D 21 -2.76 64.85 -10.24
N GLU D 22 -2.25 65.82 -11.02
CA GLU D 22 -2.59 67.24 -10.79
C GLU D 22 -4.08 67.52 -11.08
N GLN D 23 -4.62 66.90 -12.13
CA GLN D 23 -6.05 67.01 -12.42
C GLN D 23 -6.91 66.28 -11.38
N VAL D 24 -6.36 65.25 -10.74
CA VAL D 24 -7.03 64.61 -9.60
C VAL D 24 -7.06 65.57 -8.40
N ARG D 25 -5.94 66.25 -8.13
CA ARG D 25 -5.88 67.20 -7.02
C ARG D 25 -6.79 68.42 -7.26
N GLN D 26 -6.83 68.93 -8.48
CA GLN D 26 -7.74 70.02 -8.83
C GLN D 26 -9.21 69.62 -8.68
N LEU D 27 -9.56 68.45 -9.23
CA LEU D 27 -10.92 67.91 -9.11
C LEU D 27 -11.29 67.56 -7.67
N LEU D 28 -10.29 67.19 -6.87
CA LEU D 28 -10.48 66.96 -5.43
C LEU D 28 -10.62 68.26 -4.60
N GLU D 29 -9.85 69.28 -4.95
CA GLU D 29 -9.95 70.58 -4.29
C GLU D 29 -11.18 71.35 -4.76
N ARG D 30 -11.65 71.04 -5.97
CA ARG D 30 -12.94 71.52 -6.46
C ARG D 30 -14.10 70.96 -5.61
N GLY D 31 -13.85 69.90 -4.85
CA GLY D 31 -14.86 69.30 -3.96
C GLY D 31 -15.68 68.21 -4.63
N ALA D 32 -15.01 67.30 -5.35
CA ALA D 32 -15.67 66.16 -6.01
C ALA D 32 -15.55 64.91 -5.12
N ASP D 33 -16.58 64.06 -5.13
CA ASP D 33 -16.68 62.95 -4.16
C ASP D 33 -15.54 61.92 -4.25
N ALA D 34 -14.71 61.87 -3.22
CA ALA D 34 -13.59 60.90 -3.15
C ALA D 34 -14.03 59.45 -2.86
N ASN D 35 -15.30 59.26 -2.51
CA ASN D 35 -15.87 57.92 -2.26
C ASN D 35 -16.85 57.45 -3.36
N PHE D 36 -16.96 58.23 -4.45
CA PHE D 36 -17.89 57.95 -5.54
C PHE D 36 -17.71 56.52 -6.02
N GLN D 37 -18.81 55.76 -6.03
CA GLN D 37 -18.81 54.34 -6.41
C GLN D 37 -19.57 54.13 -7.72
N GLU D 38 -18.92 53.67 -8.79
CA GLU D 38 -19.63 53.51 -10.09
C GLU D 38 -20.68 52.38 -10.01
N GLU D 39 -21.84 52.62 -10.62
CA GLU D 39 -23.07 51.81 -10.42
C GLU D 39 -22.88 50.32 -10.61
N GLU D 40 -22.37 49.95 -11.78
CA GLU D 40 -22.30 48.54 -12.22
C GLU D 40 -21.63 47.67 -11.15
N TRP D 41 -20.35 47.92 -10.91
CA TRP D 41 -19.56 47.05 -10.05
C TRP D 41 -19.07 47.67 -8.72
N GLY D 42 -19.49 48.91 -8.44
CA GLY D 42 -19.23 49.54 -7.14
C GLY D 42 -17.80 49.97 -6.88
N TRP D 43 -17.04 50.19 -7.95
CA TRP D 43 -15.63 50.62 -7.86
C TRP D 43 -15.51 52.10 -7.48
N SER D 44 -14.57 52.42 -6.58
CA SER D 44 -14.29 53.79 -6.17
C SER D 44 -12.87 54.25 -6.63
N PRO D 45 -12.58 55.58 -6.60
CA PRO D 45 -11.27 56.08 -7.01
C PRO D 45 -10.13 55.45 -6.22
N LEU D 46 -10.39 55.19 -4.94
CA LEU D 46 -9.42 54.55 -4.07
C LEU D 46 -9.16 53.11 -4.52
N HIS D 47 -10.23 52.36 -4.76
CA HIS D 47 -10.09 50.99 -5.27
C HIS D 47 -9.25 51.05 -6.54
N SER D 48 -9.75 51.81 -7.52
CA SER D 48 -9.06 52.01 -8.79
C SER D 48 -7.57 52.27 -8.59
N ALA D 49 -7.24 53.12 -7.62
CA ALA D 49 -5.85 53.51 -7.34
C ALA D 49 -5.02 52.31 -6.90
N VAL D 50 -5.55 51.55 -5.94
CA VAL D 50 -4.83 50.40 -5.37
C VAL D 50 -4.62 49.28 -6.41
N GLN D 51 -5.67 49.04 -7.20
CA GLN D 51 -5.61 48.12 -8.35
C GLN D 51 -4.44 48.48 -9.27
N MET D 52 -4.40 49.75 -9.67
CA MET D 52 -3.43 50.22 -10.65
C MET D 52 -2.02 50.48 -10.07
N ASP D 53 -1.82 50.19 -8.78
CA ASP D 53 -0.51 50.30 -8.15
C ASP D 53 0.19 51.66 -8.12
N SER D 54 -0.58 52.67 -7.74
CA SER D 54 -0.11 54.06 -7.76
C SER D 54 -0.23 54.75 -6.41
N GLU D 55 0.90 54.90 -5.71
CA GLU D 55 0.90 55.38 -4.33
C GLU D 55 0.67 56.89 -4.17
N ASP D 56 1.10 57.68 -5.15
CA ASP D 56 0.85 59.13 -5.11
C ASP D 56 -0.65 59.41 -5.07
N LEU D 57 -1.40 58.72 -5.93
CA LEU D 57 -2.86 58.83 -5.97
C LEU D 57 -3.55 58.30 -4.71
N VAL D 58 -3.07 57.18 -4.17
CA VAL D 58 -3.66 56.54 -2.98
C VAL D 58 -3.66 57.48 -1.76
N ALA D 59 -2.52 58.11 -1.49
CA ALA D 59 -2.39 59.07 -0.39
C ALA D 59 -3.25 60.30 -0.64
N LEU D 60 -3.09 60.89 -1.82
CA LEU D 60 -3.88 62.07 -2.25
C LEU D 60 -5.40 61.88 -2.08
N LEU D 61 -5.87 60.63 -2.18
CA LEU D 61 -7.28 60.33 -1.96
C LEU D 61 -7.59 60.21 -0.47
N LEU D 62 -6.72 59.54 0.29
CA LEU D 62 -6.89 59.46 1.76
C LEU D 62 -6.75 60.82 2.45
N LYS D 63 -5.90 61.66 1.89
CA LYS D 63 -5.81 63.08 2.24
C LYS D 63 -7.19 63.74 2.18
N HIS D 64 -7.81 63.76 1.00
CA HIS D 64 -9.09 64.48 0.78
C HIS D 64 -10.34 63.72 1.24
N GLY D 65 -10.15 62.66 2.05
CA GLY D 65 -11.25 62.03 2.81
C GLY D 65 -11.80 60.72 2.27
N ALA D 66 -10.95 59.91 1.66
CA ALA D 66 -11.39 58.65 1.06
C ALA D 66 -11.54 57.56 2.11
N ASP D 67 -12.61 56.78 1.97
CA ASP D 67 -12.92 55.70 2.91
C ASP D 67 -12.21 54.42 2.46
N PRO D 68 -11.21 53.96 3.24
CA PRO D 68 -10.49 52.72 2.96
C PRO D 68 -11.22 51.43 3.36
N CYS D 69 -12.39 51.58 3.98
CA CYS D 69 -13.24 50.47 4.39
C CYS D 69 -14.39 50.28 3.38
N LEU D 70 -14.39 51.07 2.32
CA LEU D 70 -15.48 51.08 1.33
C LEU D 70 -15.50 49.77 0.56
N ARG D 71 -16.70 49.27 0.25
CA ARG D 71 -16.87 47.98 -0.41
C ARG D 71 -17.52 48.12 -1.78
N LYS D 72 -16.90 47.50 -2.79
CA LYS D 72 -17.50 47.38 -4.11
C LYS D 72 -18.46 46.19 -4.13
N ARG D 73 -19.08 45.93 -5.30
CA ARG D 73 -20.23 45.00 -5.39
C ARG D 73 -19.99 43.63 -4.78
N ASN D 74 -18.77 43.10 -4.94
CA ASN D 74 -18.45 41.80 -4.35
C ASN D 74 -17.91 41.92 -2.93
N GLY D 75 -18.13 43.08 -2.29
CA GLY D 75 -17.78 43.29 -0.89
C GLY D 75 -16.32 43.56 -0.57
N ALA D 76 -15.46 43.62 -1.59
CA ALA D 76 -14.02 43.78 -1.36
C ALA D 76 -13.68 45.24 -1.06
N THR D 77 -12.72 45.41 -0.16
CA THR D 77 -12.22 46.73 0.24
C THR D 77 -10.87 47.02 -0.44
N PRO D 78 -10.44 48.30 -0.47
CA PRO D 78 -9.10 48.61 -1.02
C PRO D 78 -7.95 47.89 -0.29
N PHE D 79 -8.13 47.57 0.98
CA PHE D 79 -7.16 46.77 1.73
C PHE D 79 -7.13 45.32 1.23
N ILE D 80 -8.29 44.79 0.85
CA ILE D 80 -8.36 43.45 0.23
C ILE D 80 -7.65 43.46 -1.12
N ILE D 81 -7.98 44.47 -1.93
CA ILE D 81 -7.36 44.67 -3.25
C ILE D 81 -5.84 44.78 -3.12
N ALA D 82 -5.38 45.41 -2.03
CA ALA D 82 -3.94 45.57 -1.81
C ALA D 82 -3.23 44.23 -1.67
N GLY D 83 -3.95 43.22 -1.18
CA GLY D 83 -3.43 41.85 -1.15
C GLY D 83 -3.19 41.27 -2.54
N ILE D 84 -4.02 41.65 -3.51
CA ILE D 84 -3.88 41.19 -4.88
C ILE D 84 -2.61 41.76 -5.50
N THR D 85 -2.52 43.10 -5.49
CA THR D 85 -1.40 43.83 -6.12
C THR D 85 -0.07 43.54 -5.44
N GLY D 86 -0.10 43.34 -4.13
CA GLY D 86 1.05 42.85 -3.39
C GLY D 86 2.10 43.90 -3.07
N ASN D 87 1.66 45.15 -2.98
CA ASN D 87 2.55 46.26 -2.62
C ASN D 87 2.48 46.56 -1.12
N VAL D 88 3.59 46.34 -0.42
CA VAL D 88 3.59 46.34 1.05
C VAL D 88 3.42 47.72 1.66
N ARG D 89 4.08 48.73 1.09
CA ARG D 89 3.90 50.11 1.56
C ARG D 89 2.44 50.54 1.44
N LEU D 90 1.78 50.12 0.36
CA LEU D 90 0.34 50.39 0.16
C LEU D 90 -0.55 49.71 1.21
N LEU D 91 -0.11 48.56 1.72
CA LEU D 91 -0.81 47.91 2.83
C LEU D 91 -0.57 48.66 4.15
N GLN D 92 0.70 48.99 4.42
CA GLN D 92 1.11 49.75 5.60
C GLN D 92 0.34 51.06 5.68
N LEU D 93 0.41 51.80 4.57
CA LEU D 93 -0.26 53.10 4.42
C LEU D 93 -1.73 53.03 4.89
N LEU D 94 -2.46 51.99 4.49
CA LEU D 94 -3.90 51.87 4.74
C LEU D 94 -4.28 51.36 6.14
N LEU D 95 -3.39 50.60 6.79
CA LEU D 95 -3.74 49.77 7.96
C LEU D 95 -4.35 50.46 9.20
N PRO D 96 -3.97 51.73 9.48
CA PRO D 96 -4.57 52.41 10.65
C PRO D 96 -6.11 52.47 10.64
N ASN D 97 -6.70 52.65 9.45
CA ASN D 97 -8.15 52.73 9.28
C ASN D 97 -8.84 51.36 9.11
N VAL D 98 -8.07 50.27 9.11
CA VAL D 98 -8.64 48.93 8.99
C VAL D 98 -8.83 48.32 10.37
N GLU D 99 -10.07 48.39 10.89
CA GLU D 99 -10.45 47.79 12.16
C GLU D 99 -10.04 46.31 12.23
N ASP D 100 -10.64 45.47 11.37
CA ASP D 100 -10.30 44.04 11.30
C ASP D 100 -9.42 43.77 10.08
N VAL D 101 -8.26 43.15 10.30
CA VAL D 101 -7.35 42.77 9.21
C VAL D 101 -7.85 41.55 8.41
N ASN D 102 -8.60 40.68 9.09
CA ASN D 102 -9.25 39.50 8.46
C ASN D 102 -10.65 39.81 7.92
N GLU D 103 -10.85 41.06 7.51
CA GLU D 103 -12.03 41.45 6.77
C GLU D 103 -11.97 40.76 5.40
N CYS D 104 -13.15 40.56 4.81
CA CYS D 104 -13.28 39.75 3.59
C CYS D 104 -14.53 40.08 2.78
N ASP D 105 -14.42 39.84 1.47
CA ASP D 105 -15.53 40.06 0.55
C ASP D 105 -16.68 39.07 0.78
N VAL D 106 -17.70 39.17 -0.07
CA VAL D 106 -18.88 38.32 0.06
C VAL D 106 -18.53 36.83 -0.04
N ASN D 107 -17.55 36.51 -0.88
CA ASN D 107 -17.08 35.14 -1.08
C ASN D 107 -16.02 34.68 -0.08
N GLY D 108 -15.72 35.51 0.93
CA GLY D 108 -14.79 35.14 1.99
C GLY D 108 -13.29 35.26 1.68
N PHE D 109 -12.93 35.99 0.62
CA PHE D 109 -11.51 36.27 0.32
C PHE D 109 -10.95 37.40 1.21
N THR D 110 -9.98 37.04 2.06
CA THR D 110 -9.26 38.03 2.88
C THR D 110 -8.09 38.56 2.09
N ALA D 111 -7.52 39.65 2.57
CA ALA D 111 -6.35 40.26 1.91
C ALA D 111 -5.20 39.26 1.80
N PHE D 112 -5.03 38.45 2.85
CA PHE D 112 -3.98 37.43 2.91
C PHE D 112 -4.19 36.28 1.93
N MET D 113 -5.42 35.80 1.82
CA MET D 113 -5.77 34.80 0.82
C MET D 113 -5.42 35.32 -0.57
N GLU D 114 -5.85 36.54 -0.87
CA GLU D 114 -5.58 37.16 -2.17
C GLU D 114 -4.09 37.28 -2.45
N ALA D 115 -3.31 37.51 -1.39
CA ALA D 115 -1.86 37.51 -1.48
C ALA D 115 -1.30 36.11 -1.79
N ALA D 116 -1.94 35.07 -1.24
CA ALA D 116 -1.56 33.68 -1.51
C ALA D 116 -1.95 33.27 -2.91
N VAL D 117 -3.15 33.67 -3.33
CA VAL D 117 -3.67 33.35 -4.68
C VAL D 117 -2.71 33.91 -5.73
N TYR D 118 -2.43 35.20 -5.59
CA TYR D 118 -1.65 35.95 -6.58
C TYR D 118 -0.13 35.90 -6.36
N GLY D 119 0.32 35.09 -5.40
CA GLY D 119 1.74 34.75 -5.27
C GLY D 119 2.65 35.84 -4.72
N ARG D 120 2.05 36.80 -4.02
CA ARG D 120 2.74 38.01 -3.55
C ARG D 120 3.38 37.82 -2.15
N VAL D 121 4.67 37.54 -2.12
CA VAL D 121 5.34 37.03 -0.91
C VAL D 121 5.60 38.12 0.13
N GLU D 122 6.14 39.26 -0.30
CA GLU D 122 6.49 40.35 0.60
C GLU D 122 5.21 40.84 1.29
N ALA D 123 4.14 40.97 0.51
CA ALA D 123 2.81 41.29 1.03
C ALA D 123 2.23 40.14 1.89
N LEU D 124 2.54 38.90 1.55
CA LEU D 124 2.11 37.75 2.36
C LEU D 124 2.78 37.76 3.73
N ARG D 125 4.11 37.97 3.72
CA ARG D 125 4.89 38.06 4.95
C ARG D 125 4.38 39.21 5.83
N PHE D 126 4.08 40.33 5.20
CA PHE D 126 3.65 41.54 5.92
C PHE D 126 2.32 41.33 6.67
N LEU D 127 1.38 40.64 6.02
CA LEU D 127 0.04 40.42 6.58
C LEU D 127 0.07 39.43 7.75
N TYR D 128 0.95 38.43 7.64
CA TYR D 128 1.15 37.45 8.69
C TYR D 128 1.60 38.14 9.96
N GLU D 129 2.59 39.03 9.82
CA GLU D 129 3.19 39.74 10.95
C GLU D 129 2.22 40.70 11.62
N ASN D 130 1.23 41.16 10.87
CA ASN D 130 0.22 42.11 11.37
C ASN D 130 -1.02 41.48 12.02
N GLY D 131 -1.18 40.16 11.91
CA GLY D 131 -2.25 39.47 12.61
C GLY D 131 -3.26 38.78 11.71
N ALA D 132 -2.82 38.36 10.53
CA ALA D 132 -3.68 37.63 9.59
C ALA D 132 -3.89 36.20 10.05
N ASP D 133 -5.11 35.70 9.89
CA ASP D 133 -5.40 34.28 10.17
C ASP D 133 -4.98 33.51 8.93
N VAL D 134 -4.06 32.56 9.12
CA VAL D 134 -3.54 31.74 8.04
C VAL D 134 -4.56 30.68 7.65
N ASN D 135 -5.11 29.97 8.64
CA ASN D 135 -6.02 28.85 8.38
C ASN D 135 -7.50 29.20 8.33
N MET D 136 -7.81 30.47 8.04
CA MET D 136 -9.18 30.92 7.83
C MET D 136 -9.79 30.20 6.60
N HIS D 137 -11.02 29.71 6.77
CA HIS D 137 -11.81 29.11 5.69
C HIS D 137 -12.74 30.16 5.12
N ARG D 138 -12.93 30.15 3.80
CA ARG D 138 -13.76 31.16 3.15
C ARG D 138 -15.21 31.03 3.59
N LYS D 139 -15.77 32.05 4.21
CA LYS D 139 -17.23 32.08 4.50
C LYS D 139 -17.95 32.75 3.34
N THR D 140 -18.82 31.99 2.67
CA THR D 140 -19.46 32.48 1.46
C THR D 140 -21.00 32.35 1.56
N LYS D 141 -21.69 32.71 0.49
CA LYS D 141 -23.15 32.93 0.55
C LYS D 141 -23.94 31.64 0.81
N GLN D 142 -25.19 31.81 1.21
CA GLN D 142 -26.09 30.70 1.56
C GLN D 142 -26.20 29.70 0.41
N ASP D 143 -26.62 30.18 -0.75
CA ASP D 143 -26.69 29.34 -1.95
C ASP D 143 -25.36 28.66 -2.27
N GLN D 144 -24.25 29.36 -2.03
CA GLN D 144 -22.93 28.81 -2.31
C GLN D 144 -22.51 27.73 -1.34
N GLU D 145 -22.99 27.81 -0.10
CA GLU D 145 -22.60 26.86 0.95
C GLU D 145 -23.49 25.59 0.97
N ARG D 146 -24.76 25.74 0.63
CA ARG D 146 -25.67 24.60 0.51
C ARG D 146 -25.30 23.63 -0.65
N ILE D 147 -24.52 24.12 -1.61
CA ILE D 147 -23.92 23.27 -2.67
C ILE D 147 -22.44 23.01 -2.36
N ARG D 148 -22.05 23.22 -1.11
CA ARG D 148 -20.70 22.88 -0.62
C ARG D 148 -19.50 23.53 -1.37
N LYS D 149 -19.70 24.69 -2.00
CA LYS D 149 -18.58 25.54 -2.41
C LYS D 149 -18.10 26.36 -1.23
N GLY D 150 -16.91 26.96 -1.34
CA GLY D 150 -16.32 27.78 -0.27
C GLY D 150 -15.52 26.94 0.72
N GLY D 151 -14.94 27.62 1.70
CA GLY D 151 -14.17 26.98 2.74
C GLY D 151 -12.73 26.72 2.34
N ALA D 152 -12.31 27.31 1.22
CA ALA D 152 -10.92 27.12 0.76
C ALA D 152 -9.98 28.00 1.58
N THR D 153 -8.76 27.51 1.77
CA THR D 153 -7.75 28.20 2.57
C THR D 153 -6.63 28.80 1.70
N ALA D 154 -5.82 29.68 2.29
CA ALA D 154 -4.73 30.34 1.57
C ALA D 154 -3.76 29.33 0.96
N LEU D 155 -3.59 28.20 1.64
CA LEU D 155 -2.72 27.11 1.21
C LEU D 155 -3.25 26.46 -0.07
N MET D 156 -4.55 26.18 -0.08
CA MET D 156 -5.23 25.59 -1.23
C MET D 156 -5.06 26.45 -2.51
N ASP D 157 -5.28 27.76 -2.38
CA ASP D 157 -5.07 28.74 -3.46
C ASP D 157 -3.65 28.69 -4.04
N ALA D 158 -2.65 28.76 -3.18
CA ALA D 158 -1.26 28.68 -3.62
C ALA D 158 -0.92 27.31 -4.20
N ALA D 159 -1.67 26.29 -3.78
CA ALA D 159 -1.47 24.92 -4.27
C ALA D 159 -2.01 24.77 -5.68
N GLU D 160 -3.21 25.32 -5.88
CA GLU D 160 -3.89 25.34 -7.19
C GLU D 160 -3.11 26.16 -8.23
N LYS D 161 -2.67 27.35 -7.82
CA LYS D 161 -2.03 28.29 -8.72
C LYS D 161 -0.56 27.96 -8.95
N GLY D 162 0.02 27.14 -8.09
CA GLY D 162 1.39 26.69 -8.25
C GLY D 162 2.48 27.63 -7.74
N HIS D 163 2.17 28.45 -6.73
CA HIS D 163 3.18 29.29 -6.11
C HIS D 163 3.88 28.47 -5.03
N VAL D 164 5.10 28.01 -5.32
CA VAL D 164 5.81 27.08 -4.44
C VAL D 164 6.46 27.83 -3.28
N GLY D 165 7.03 29.00 -3.58
CA GLY D 165 7.57 29.88 -2.55
C GLY D 165 6.57 30.06 -1.43
N VAL D 166 5.36 30.47 -1.80
CA VAL D 166 4.26 30.69 -0.85
C VAL D 166 3.86 29.42 -0.07
N VAL D 167 3.83 28.27 -0.75
CA VAL D 167 3.47 27.01 -0.09
C VAL D 167 4.51 26.65 0.96
N THR D 168 5.78 26.83 0.62
CA THR D 168 6.88 26.60 1.55
C THR D 168 6.76 27.50 2.77
N ILE D 169 6.56 28.79 2.49
CA ILE D 169 6.43 29.80 3.53
C ILE D 169 5.23 29.49 4.42
N LEU D 170 4.11 29.11 3.83
CA LEU D 170 2.91 28.76 4.62
C LEU D 170 3.15 27.58 5.56
N LEU D 171 3.65 26.48 5.01
CA LEU D 171 3.78 25.24 5.75
C LEU D 171 4.77 25.35 6.90
N HIS D 172 5.87 26.04 6.65
CA HIS D 172 6.96 26.03 7.59
C HIS D 172 6.90 27.19 8.56
N ALA D 173 7.07 28.40 8.05
CA ALA D 173 7.12 29.63 8.86
C ALA D 173 5.80 30.02 9.53
N MET D 174 4.69 29.85 8.81
CA MET D 174 3.40 30.43 9.21
C MET D 174 2.43 29.41 9.81
N LYS D 175 2.98 28.29 10.27
CA LYS D 175 2.21 27.29 11.03
C LYS D 175 0.84 26.99 10.40
N ALA D 176 0.85 26.73 9.10
CA ALA D 176 -0.37 26.47 8.34
C ALA D 176 -0.80 25.02 8.47
N GLU D 177 -2.09 24.79 8.70
CA GLU D 177 -2.66 23.44 8.73
C GLU D 177 -2.63 22.85 7.32
N VAL D 178 -1.93 21.75 7.14
CA VAL D 178 -1.76 21.13 5.82
C VAL D 178 -2.99 20.38 5.35
N ASP D 179 -3.60 19.62 6.26
CA ASP D 179 -4.67 18.68 5.89
C ASP D 179 -6.07 19.31 6.04
N ALA D 180 -6.12 20.64 6.08
CA ALA D 180 -7.36 21.38 6.20
C ALA D 180 -8.20 21.24 4.94
N ARG D 181 -9.52 21.28 5.10
CA ARG D 181 -10.47 20.90 4.04
C ARG D 181 -11.52 21.93 3.74
N ASP D 182 -11.83 22.08 2.47
CA ASP D 182 -12.93 22.96 2.06
C ASP D 182 -14.26 22.22 2.23
N ASN D 183 -15.35 22.84 1.84
CA ASN D 183 -16.67 22.27 2.11
C ASN D 183 -16.99 21.02 1.30
N MET D 184 -16.32 20.84 0.16
CA MET D 184 -16.52 19.63 -0.63
C MET D 184 -15.71 18.46 -0.07
N GLY D 185 -14.75 18.76 0.80
CA GLY D 185 -13.91 17.73 1.40
C GLY D 185 -12.50 17.71 0.85
N ARG D 186 -12.22 18.61 -0.11
CA ARG D 186 -10.90 18.71 -0.73
C ARG D 186 -9.86 19.37 0.18
N ASN D 187 -8.62 18.91 0.11
CA ASN D 187 -7.47 19.57 0.77
C ASN D 187 -6.47 20.07 -0.29
N ALA D 188 -5.37 20.69 0.15
CA ALA D 188 -4.41 21.31 -0.76
C ALA D 188 -3.81 20.34 -1.76
N LEU D 189 -3.58 19.09 -1.33
CA LEU D 189 -3.04 18.03 -2.20
C LEU D 189 -3.89 17.82 -3.45
N VAL D 190 -5.21 17.75 -3.28
CA VAL D 190 -6.14 17.66 -4.40
C VAL D 190 -5.91 18.85 -5.34
N TYR D 191 -6.03 20.06 -4.80
CA TYR D 191 -5.85 21.31 -5.58
C TYR D 191 -4.51 21.35 -6.31
N ALA D 192 -3.50 20.77 -5.67
CA ALA D 192 -2.14 20.81 -6.20
C ALA D 192 -1.98 19.94 -7.44
N LEU D 193 -2.73 18.84 -7.48
CA LEU D 193 -2.72 17.92 -8.62
C LEU D 193 -3.52 18.47 -9.79
N LEU D 194 -4.29 19.54 -9.55
CA LEU D 194 -4.99 20.24 -10.64
C LEU D 194 -4.09 21.23 -11.40
N ASN D 195 -2.94 21.57 -10.86
CA ASN D 195 -2.07 22.55 -11.53
C ASN D 195 -1.41 21.98 -12.80
N PRO D 196 -1.66 22.60 -13.97
CA PRO D 196 -1.13 22.06 -15.23
C PRO D 196 0.39 21.98 -15.31
N ASP D 197 1.10 22.84 -14.57
CA ASP D 197 2.56 22.84 -14.61
C ASP D 197 3.11 21.63 -13.83
N ASP D 198 3.78 20.71 -14.52
CA ASP D 198 4.27 19.47 -13.88
C ASP D 198 5.24 19.75 -12.75
N GLY D 199 6.30 20.50 -13.05
CA GLY D 199 7.35 20.79 -12.07
C GLY D 199 6.88 21.46 -10.78
N LYS D 200 5.96 22.41 -10.92
CA LYS D 200 5.45 23.13 -9.76
C LYS D 200 4.50 22.25 -8.97
N ALA D 201 3.73 21.43 -9.67
CA ALA D 201 2.80 20.47 -9.07
C ALA D 201 3.56 19.38 -8.31
N LYS D 202 4.68 18.94 -8.85
CA LYS D 202 5.48 17.88 -8.23
C LYS D 202 6.11 18.33 -6.90
N ALA D 203 6.50 19.60 -6.85
CA ALA D 203 7.08 20.20 -5.65
C ALA D 203 6.04 20.28 -4.55
N ILE D 204 4.89 20.86 -4.89
CA ILE D 204 3.88 21.17 -3.89
C ILE D 204 3.31 19.89 -3.27
N THR D 205 3.19 18.83 -4.09
CA THR D 205 2.75 17.51 -3.61
C THR D 205 3.72 16.96 -2.55
N ARG D 206 5.02 16.95 -2.87
CA ARG D 206 6.04 16.54 -1.92
C ARG D 206 5.95 17.37 -0.66
N LEU D 207 5.82 18.69 -0.81
CA LEU D 207 5.78 19.59 0.35
C LEU D 207 4.61 19.21 1.23
N LEU D 208 3.46 19.08 0.60
CA LEU D 208 2.23 18.67 1.28
C LEU D 208 2.31 17.27 1.93
N LEU D 209 2.88 16.30 1.22
CA LEU D 209 2.94 14.93 1.73
C LEU D 209 3.92 14.83 2.88
N ASP D 210 5.01 15.55 2.79
CA ASP D 210 5.96 15.53 3.87
C ASP D 210 5.32 16.10 5.12
N HIS D 211 4.49 17.13 4.98
CA HIS D 211 3.80 17.72 6.14
C HIS D 211 2.56 16.97 6.57
N GLY D 212 2.29 15.82 5.94
CA GLY D 212 1.23 14.90 6.41
C GLY D 212 -0.17 15.12 5.86
N ALA D 213 -0.27 15.70 4.67
CA ALA D 213 -1.57 15.89 4.00
C ALA D 213 -2.19 14.52 3.72
N ASP D 214 -3.52 14.41 3.86
CA ASP D 214 -4.22 13.12 3.72
C ASP D 214 -4.31 12.71 2.26
N VAL D 215 -3.72 11.57 1.95
CA VAL D 215 -3.63 11.06 0.59
C VAL D 215 -4.95 10.41 0.12
N ASN D 216 -5.76 9.93 1.06
CA ASN D 216 -7.09 9.41 0.75
C ASN D 216 -8.12 10.52 0.95
N VAL D 217 -8.41 11.25 -0.13
CA VAL D 217 -9.44 12.30 -0.17
C VAL D 217 -10.14 12.29 -1.55
N ARG D 218 -11.15 13.14 -1.73
CA ARG D 218 -11.95 13.13 -2.97
C ARG D 218 -12.26 14.53 -3.46
N GLY D 219 -12.05 14.76 -4.76
CA GLY D 219 -12.49 16.00 -5.44
C GLY D 219 -13.72 15.74 -6.31
N GLU D 220 -13.80 16.38 -7.47
CA GLU D 220 -14.85 16.10 -8.45
C GLU D 220 -14.51 14.82 -9.24
N GLY D 221 -15.54 14.11 -9.67
CA GLY D 221 -15.50 12.69 -10.01
C GLY D 221 -15.89 12.20 -8.65
N SER D 222 -15.24 11.19 -8.15
CA SER D 222 -15.08 11.22 -6.74
C SER D 222 -13.62 10.92 -6.58
N LYS D 223 -12.84 11.63 -7.40
CA LYS D 223 -11.49 11.18 -7.78
C LYS D 223 -10.53 11.29 -6.60
N THR D 224 -9.71 10.25 -6.42
CA THR D 224 -8.59 10.29 -5.47
C THR D 224 -7.37 11.00 -6.13
N PRO D 225 -6.51 11.60 -5.31
CA PRO D 225 -5.22 12.06 -5.77
C PRO D 225 -4.54 11.06 -6.70
N LEU D 226 -4.48 9.81 -6.28
CA LEU D 226 -3.89 8.76 -7.12
C LEU D 226 -4.52 8.78 -8.54
N ILE D 227 -5.86 8.88 -8.60
CA ILE D 227 -6.57 8.87 -9.87
C ILE D 227 -6.28 10.11 -10.69
N LEU D 228 -6.31 11.27 -10.05
CA LEU D 228 -6.01 12.55 -10.72
C LEU D 228 -4.63 12.48 -11.38
N ALA D 229 -3.70 11.84 -10.69
CA ALA D 229 -2.35 11.68 -11.18
C ALA D 229 -2.31 10.72 -12.37
N VAL D 230 -3.11 9.67 -12.32
CA VAL D 230 -3.12 8.71 -13.44
C VAL D 230 -3.62 9.40 -14.69
N GLU D 231 -4.75 10.08 -14.56
CA GLU D 231 -5.39 10.84 -15.63
C GLU D 231 -4.51 11.97 -16.18
N ARG D 232 -3.69 12.55 -15.31
CA ARG D 232 -2.67 13.53 -15.70
C ARG D 232 -1.51 12.81 -16.43
N LYS D 233 -1.47 11.48 -16.33
CA LYS D 233 -0.48 10.62 -16.97
C LYS D 233 0.95 10.90 -16.47
N ASN D 234 1.08 11.22 -15.18
CA ASN D 234 2.38 11.57 -14.59
C ASN D 234 2.93 10.46 -13.70
N LEU D 235 3.99 9.81 -14.16
CA LEU D 235 4.60 8.71 -13.40
C LEU D 235 5.10 9.21 -12.04
N ASP D 236 5.84 10.33 -12.04
CA ASP D 236 6.49 10.85 -10.81
C ASP D 236 5.51 11.13 -9.66
N LEU D 237 4.35 11.69 -9.99
CA LEU D 237 3.30 11.95 -9.00
C LEU D 237 2.64 10.66 -8.47
N VAL D 238 2.62 9.64 -9.32
CA VAL D 238 2.09 8.34 -8.92
C VAL D 238 3.04 7.70 -7.90
N GLN D 239 4.33 7.64 -8.24
CA GLN D 239 5.34 7.12 -7.32
C GLN D 239 5.19 7.80 -5.97
N MET D 240 5.20 9.13 -6.02
CA MET D 240 5.24 9.98 -4.83
C MET D 240 4.05 9.64 -3.91
N LEU D 241 2.90 9.41 -4.51
CA LEU D 241 1.71 9.03 -3.76
C LEU D 241 1.75 7.59 -3.28
N LEU D 242 2.23 6.69 -4.12
CA LEU D 242 2.27 5.27 -3.75
C LEU D 242 3.29 4.94 -2.65
N GLU D 243 4.16 5.90 -2.34
CA GLU D 243 5.14 5.75 -1.26
C GLU D 243 4.46 5.77 0.09
N GLN D 244 3.40 6.56 0.22
CA GLN D 244 2.53 6.47 1.39
C GLN D 244 1.99 5.05 1.41
N GLU D 245 2.28 4.28 2.45
CA GLU D 245 1.85 2.87 2.49
C GLU D 245 0.40 2.72 2.97
N GLN D 246 -0.16 3.81 3.52
CA GLN D 246 -1.55 3.88 3.98
C GLN D 246 -2.57 4.25 2.88
N ILE D 247 -2.09 4.45 1.65
CA ILE D 247 -2.96 4.82 0.50
C ILE D 247 -3.84 3.66 0.05
N GLU D 248 -5.09 3.95 -0.32
CA GLU D 248 -6.04 2.93 -0.78
C GLU D 248 -6.04 2.80 -2.31
N VAL D 249 -5.21 1.91 -2.86
CA VAL D 249 -5.08 1.76 -4.32
C VAL D 249 -6.34 1.23 -5.01
N ASN D 250 -7.13 0.44 -4.29
CA ASN D 250 -8.30 -0.23 -4.87
C ASN D 250 -9.59 0.59 -4.76
N ASP D 251 -9.48 1.88 -4.39
CA ASP D 251 -10.64 2.79 -4.35
C ASP D 251 -11.12 3.13 -5.78
N THR D 252 -12.39 3.55 -5.90
CA THR D 252 -12.99 3.80 -7.22
C THR D 252 -13.65 5.17 -7.32
N ASP D 253 -13.45 5.83 -8.47
CA ASP D 253 -14.11 7.12 -8.78
C ASP D 253 -15.62 6.92 -9.02
N ARG D 254 -16.36 7.99 -9.25
CA ARG D 254 -17.83 7.92 -9.25
C ARG D 254 -18.43 6.89 -10.23
N GLU D 255 -17.71 6.53 -11.29
CA GLU D 255 -18.19 5.53 -12.26
C GLU D 255 -17.81 4.09 -11.89
N GLY D 256 -17.22 3.91 -10.71
CA GLY D 256 -16.72 2.61 -10.26
C GLY D 256 -15.33 2.27 -10.78
N LYS D 257 -14.62 3.24 -11.36
CA LYS D 257 -13.31 2.98 -11.98
C LYS D 257 -12.13 3.15 -11.01
N THR D 258 -11.29 2.12 -10.93
CA THR D 258 -10.07 2.16 -10.16
C THR D 258 -8.92 2.81 -10.96
N ALA D 259 -7.90 3.29 -10.27
CA ALA D 259 -6.75 3.96 -10.89
C ALA D 259 -6.02 3.06 -11.88
N LEU D 260 -5.90 1.78 -11.53
CA LEU D 260 -5.35 0.75 -12.42
C LEU D 260 -6.12 0.71 -13.74
N LEU D 261 -7.44 0.69 -13.63
CA LEU D 261 -8.31 0.54 -14.79
C LEU D 261 -7.99 1.61 -15.81
N LEU D 262 -7.98 2.85 -15.32
CA LEU D 262 -7.67 4.04 -16.11
C LEU D 262 -6.26 4.01 -16.68
N ALA D 263 -5.33 3.53 -15.86
CA ALA D 263 -3.95 3.45 -16.29
C ALA D 263 -3.84 2.58 -17.51
N VAL D 264 -4.57 1.46 -17.50
CA VAL D 264 -4.47 0.51 -18.61
C VAL D 264 -5.24 1.08 -19.78
N GLU D 265 -6.41 1.65 -19.48
CA GLU D 265 -7.24 2.34 -20.48
C GLU D 265 -6.51 3.42 -21.28
N LEU D 266 -5.61 4.16 -20.61
CA LEU D 266 -4.84 5.24 -21.22
C LEU D 266 -3.44 4.82 -21.74
N ARG D 267 -3.21 3.51 -21.90
CA ARG D 267 -1.93 2.99 -22.39
C ARG D 267 -0.74 3.36 -21.52
N LEU D 268 -0.93 3.41 -20.20
CA LEU D 268 0.15 3.76 -19.27
C LEU D 268 0.80 2.51 -18.68
N GLU D 269 1.76 1.96 -19.42
CA GLU D 269 2.43 0.71 -19.06
C GLU D 269 3.15 0.83 -17.72
N GLU D 270 4.09 1.78 -17.64
CA GLU D 270 4.94 1.85 -16.46
C GLU D 270 4.14 2.19 -15.20
N ILE D 271 3.12 3.02 -15.37
CA ILE D 271 2.23 3.41 -14.26
C ILE D 271 1.32 2.24 -13.81
N ALA D 272 0.85 1.44 -14.76
CA ALA D 272 0.01 0.28 -14.47
C ALA D 272 0.84 -0.80 -13.78
N LYS D 273 2.01 -1.10 -14.34
CA LYS D 273 2.89 -2.10 -13.72
C LYS D 273 3.22 -1.71 -12.28
N LEU D 274 3.63 -0.46 -12.09
CA LEU D 274 3.93 0.09 -10.76
C LEU D 274 2.79 -0.05 -9.74
N LEU D 275 1.57 0.22 -10.19
CA LEU D 275 0.36 0.04 -9.38
C LEU D 275 0.09 -1.43 -9.01
N CYS D 276 0.44 -2.36 -9.89
CA CYS D 276 0.20 -3.79 -9.65
C CYS D 276 1.12 -4.26 -8.56
N HIS D 277 2.40 -3.97 -8.71
CA HIS D 277 3.38 -4.21 -7.67
C HIS D 277 2.92 -3.63 -6.33
N ARG D 278 2.41 -2.39 -6.34
CA ARG D 278 1.94 -1.74 -5.10
C ARG D 278 0.55 -2.22 -4.61
N GLY D 279 0.07 -3.33 -5.17
CA GLY D 279 -1.04 -4.05 -4.55
C GLY D 279 -2.40 -3.85 -5.17
N ALA D 280 -2.47 -3.28 -6.36
CA ALA D 280 -3.75 -3.09 -7.05
C ALA D 280 -4.29 -4.44 -7.54
N SER D 281 -5.60 -4.54 -7.77
CA SER D 281 -6.21 -5.81 -8.15
C SER D 281 -6.48 -5.90 -9.65
N THR D 282 -6.50 -7.13 -10.16
CA THR D 282 -6.77 -7.41 -11.58
C THR D 282 -8.25 -7.64 -11.88
N ASN D 283 -9.09 -7.63 -10.85
CA ASN D 283 -10.54 -7.84 -11.02
C ASN D 283 -11.27 -6.50 -11.02
N CYS D 284 -10.58 -5.46 -11.49
CA CYS D 284 -11.15 -4.11 -11.55
C CYS D 284 -11.81 -3.87 -12.91
N GLY D 285 -11.78 -4.90 -13.76
CA GLY D 285 -12.33 -4.84 -15.11
C GLY D 285 -11.38 -5.56 -16.05
N ASP D 286 -11.88 -5.95 -17.22
CA ASP D 286 -11.07 -6.66 -18.21
C ASP D 286 -9.93 -5.65 -18.55
N LEU D 287 -8.71 -6.02 -18.21
CA LEU D 287 -7.54 -5.15 -18.39
C LEU D 287 -6.78 -5.82 -19.53
N VAL D 288 -6.91 -7.14 -19.62
CA VAL D 288 -6.19 -7.86 -20.65
C VAL D 288 -6.71 -7.42 -22.03
N ALA D 289 -8.05 -7.41 -22.15
CA ALA D 289 -8.75 -7.03 -23.39
C ALA D 289 -8.47 -5.58 -23.79
N ILE D 290 -8.50 -4.69 -22.81
CA ILE D 290 -8.19 -3.26 -23.00
C ILE D 290 -6.79 -3.05 -23.56
N ALA D 291 -5.81 -3.67 -22.91
CA ALA D 291 -4.43 -3.55 -23.33
C ALA D 291 -4.24 -4.13 -24.74
N ARG D 292 -4.94 -5.23 -25.03
CA ARG D 292 -4.92 -5.80 -26.38
C ARG D 292 -5.42 -4.74 -27.36
N ARG D 293 -6.68 -4.35 -27.16
CA ARG D 293 -7.35 -3.24 -27.84
C ARG D 293 -6.40 -2.06 -28.12
N ASN D 294 -5.70 -1.62 -27.08
CA ASN D 294 -4.69 -0.56 -27.16
C ASN D 294 -3.47 -0.89 -28.00
N TYR D 295 -3.20 -2.18 -28.19
CA TYR D 295 -1.96 -2.65 -28.78
C TYR D 295 -0.77 -2.38 -27.84
N ASP D 296 -0.97 -2.66 -26.55
CA ASP D 296 0.10 -2.69 -25.55
C ASP D 296 0.66 -4.11 -25.49
N SER D 297 1.58 -4.44 -26.40
CA SER D 297 2.08 -5.80 -26.47
C SER D 297 2.60 -6.24 -25.07
N ASP D 298 3.52 -5.48 -24.50
CA ASP D 298 4.19 -5.85 -23.26
C ASP D 298 3.28 -5.85 -22.05
N LEU D 299 2.28 -4.99 -22.04
CA LEU D 299 1.37 -4.95 -20.90
C LEU D 299 0.41 -6.15 -20.90
N VAL D 300 -0.01 -6.59 -22.09
CA VAL D 300 -0.80 -7.82 -22.21
C VAL D 300 0.01 -8.98 -21.62
N LYS D 301 1.26 -9.08 -22.05
CA LYS D 301 2.18 -10.07 -21.51
C LYS D 301 2.25 -9.92 -19.99
N PHE D 302 2.54 -8.71 -19.52
CA PHE D 302 2.63 -8.48 -18.09
C PHE D 302 1.39 -8.95 -17.36
N LEU D 303 0.21 -8.70 -17.93
CA LEU D 303 -1.03 -8.92 -17.19
C LEU D 303 -1.45 -10.38 -17.22
N ARG D 304 -1.01 -11.12 -18.22
CA ARG D 304 -1.24 -12.56 -18.26
C ARG D 304 -0.39 -13.27 -17.18
N LEU D 305 0.85 -12.82 -16.96
CA LEU D 305 1.81 -13.44 -15.98
C LEU D 305 1.79 -13.27 -14.44
N HIS D 306 0.98 -12.40 -13.84
CA HIS D 306 0.99 -12.22 -12.36
C HIS D 306 -0.43 -12.36 -11.78
N ASN D 318 -28.44 -5.63 -21.26
CA ASN D 318 -29.82 -5.50 -20.77
C ASN D 318 -30.56 -4.20 -21.18
N TRP D 319 -29.79 -3.17 -21.59
CA TRP D 319 -30.31 -1.91 -22.17
C TRP D 319 -31.27 -2.15 -23.33
N LYS D 320 -32.36 -1.39 -23.34
CA LYS D 320 -33.46 -1.53 -24.30
C LYS D 320 -33.61 -0.29 -25.18
N PRO D 321 -33.47 -0.42 -26.52
CA PRO D 321 -33.77 0.70 -27.41
C PRO D 321 -35.27 0.87 -27.55
N GLN D 322 -35.72 2.06 -27.94
CA GLN D 322 -37.14 2.28 -28.19
C GLN D 322 -37.54 2.13 -29.66
N SER D 323 -36.58 2.34 -30.57
CA SER D 323 -36.84 2.25 -32.02
C SER D 323 -36.98 0.80 -32.50
N SER D 324 -37.97 0.59 -33.35
CA SER D 324 -38.25 -0.72 -33.96
C SER D 324 -37.34 -1.00 -35.17
N ARG D 325 -37.23 -0.03 -36.07
CA ARG D 325 -36.37 -0.15 -37.24
C ARG D 325 -34.87 -0.18 -36.90
N TRP D 326 -34.48 0.57 -35.87
CA TRP D 326 -33.06 0.71 -35.54
C TRP D 326 -32.64 -0.01 -34.23
N GLY D 327 -33.61 -0.66 -33.57
CA GLY D 327 -33.35 -1.39 -32.32
C GLY D 327 -32.14 -2.30 -32.35
N GLU D 328 -32.14 -3.29 -33.24
CA GLU D 328 -31.03 -4.27 -33.36
C GLU D 328 -29.63 -3.63 -33.41
N ALA D 329 -29.45 -2.62 -34.26
CA ALA D 329 -28.14 -1.98 -34.46
C ALA D 329 -27.75 -1.14 -33.25
N LEU D 330 -28.71 -0.41 -32.69
CA LEU D 330 -28.49 0.33 -31.45
C LEU D 330 -27.98 -0.59 -30.34
N LYS D 331 -28.64 -1.73 -30.15
CA LYS D 331 -28.21 -2.73 -29.17
C LYS D 331 -26.73 -3.03 -29.37
N HIS D 332 -26.34 -3.34 -30.61
CA HIS D 332 -24.96 -3.67 -30.96
C HIS D 332 -24.03 -2.44 -30.78
N LEU D 333 -24.56 -1.23 -30.91
CA LEU D 333 -23.75 -0.02 -30.70
C LEU D 333 -23.57 0.28 -29.23
N HIS D 334 -24.58 -0.03 -28.43
CA HIS D 334 -24.46 0.06 -26.98
C HIS D 334 -23.48 -0.99 -26.46
N ARG D 335 -23.53 -2.17 -27.09
CA ARG D 335 -22.73 -3.33 -26.70
C ARG D 335 -21.24 -3.09 -26.93
N ILE D 336 -20.86 -2.71 -28.14
CA ILE D 336 -19.45 -2.61 -28.51
C ILE D 336 -18.74 -1.48 -27.76
N TRP D 337 -17.41 -1.55 -27.68
CA TRP D 337 -16.66 -0.45 -27.07
C TRP D 337 -16.27 0.59 -28.10
N ARG D 338 -16.56 1.85 -27.75
CA ARG D 338 -16.16 3.02 -28.54
C ARG D 338 -15.63 4.11 -27.61
N PRO D 339 -14.83 5.04 -28.15
CA PRO D 339 -14.39 6.14 -27.34
C PRO D 339 -15.48 7.18 -27.41
N MET D 340 -15.69 7.97 -26.36
CA MET D 340 -16.70 9.01 -26.45
C MET D 340 -16.09 10.18 -27.22
N ILE D 341 -16.92 10.82 -28.06
CA ILE D 341 -16.64 12.19 -28.52
C ILE D 341 -17.54 13.11 -27.71
N GLY D 342 -16.99 13.61 -26.61
CA GLY D 342 -17.76 14.40 -25.65
C GLY D 342 -18.79 13.50 -24.98
N LYS D 343 -20.06 13.76 -25.27
CA LYS D 343 -21.16 12.91 -24.81
C LYS D 343 -21.72 11.99 -25.91
N LEU D 344 -21.04 11.92 -27.07
CA LEU D 344 -21.49 11.04 -28.16
C LEU D 344 -20.63 9.76 -28.30
N LYS D 345 -21.28 8.61 -28.11
CA LYS D 345 -20.73 7.33 -28.53
C LYS D 345 -21.18 7.04 -29.96
N ILE D 346 -20.22 6.94 -30.88
CA ILE D 346 -20.52 6.77 -32.30
C ILE D 346 -19.48 5.90 -33.00
N PHE D 347 -19.95 5.12 -33.97
CA PHE D 347 -19.05 4.35 -34.81
C PHE D 347 -19.46 4.46 -36.26
N ILE D 348 -18.51 4.87 -37.10
CA ILE D 348 -18.74 4.97 -38.54
C ILE D 348 -18.53 3.61 -39.18
N ASP D 349 -19.63 3.03 -39.65
CA ASP D 349 -19.68 1.69 -40.24
C ASP D 349 -21.05 1.46 -40.86
N GLU D 350 -21.08 0.82 -42.02
CA GLU D 350 -22.33 0.66 -42.76
C GLU D 350 -23.48 0.15 -41.88
N GLU D 351 -23.19 -0.72 -40.91
CA GLU D 351 -24.25 -1.27 -40.05
C GLU D 351 -25.05 -0.17 -39.34
N TYR D 352 -24.37 0.93 -39.00
CA TYR D 352 -24.99 2.01 -38.26
C TYR D 352 -25.20 3.27 -39.11
N LYS D 353 -25.24 3.13 -40.43
CA LYS D 353 -25.57 4.27 -41.32
C LYS D 353 -27.09 4.43 -41.57
N ILE D 354 -27.58 5.67 -41.45
CA ILE D 354 -29.02 5.99 -41.63
C ILE D 354 -29.32 6.58 -43.02
N ALA D 355 -28.46 7.48 -43.50
CA ALA D 355 -28.59 8.04 -44.86
C ALA D 355 -27.34 8.77 -45.28
N ASP D 356 -27.06 8.76 -46.60
CA ASP D 356 -26.06 9.67 -47.20
C ASP D 356 -26.52 11.08 -46.94
N THR D 357 -25.59 12.02 -47.08
CA THR D 357 -25.90 13.47 -47.15
C THR D 357 -24.94 14.09 -48.18
N ALA D 358 -24.98 15.41 -48.30
CA ALA D 358 -24.02 16.11 -49.14
C ALA D 358 -22.64 16.13 -48.49
N GLU D 359 -22.57 15.76 -47.22
CA GLU D 359 -21.29 15.78 -46.48
C GLU D 359 -20.80 14.51 -45.74
N GLY D 360 -21.37 14.20 -44.57
CA GLY D 360 -20.86 13.12 -43.69
C GLY D 360 -21.87 12.03 -43.37
N GLY D 361 -23.05 12.09 -44.01
CA GLY D 361 -24.07 11.08 -43.81
C GLY D 361 -24.82 11.29 -42.51
N ILE D 362 -25.84 10.46 -42.30
CA ILE D 362 -26.59 10.39 -41.06
C ILE D 362 -26.30 9.04 -40.44
N TYR D 363 -25.68 9.01 -39.28
CA TYR D 363 -25.42 7.74 -38.59
C TYR D 363 -26.19 7.58 -37.26
N LEU D 364 -26.35 6.33 -36.83
CA LEU D 364 -26.88 6.04 -35.50
C LEU D 364 -25.83 6.45 -34.47
N GLY D 365 -26.30 6.88 -33.30
CA GLY D 365 -25.42 7.32 -32.21
C GLY D 365 -26.10 7.29 -30.85
N LEU D 366 -25.29 7.27 -29.80
CA LEU D 366 -25.83 7.29 -28.45
C LEU D 366 -25.38 8.55 -27.73
N TYR D 367 -26.33 9.23 -27.10
CA TYR D 367 -26.06 10.56 -26.57
C TYR D 367 -26.63 10.71 -25.16
N GLU D 368 -25.77 10.84 -24.14
CA GLU D 368 -26.19 10.81 -22.75
C GLU D 368 -27.01 9.52 -22.53
N ASP D 369 -26.52 8.42 -23.15
CA ASP D 369 -27.19 7.10 -23.27
C ASP D 369 -28.52 7.01 -24.05
N GLN D 370 -28.92 8.10 -24.71
CA GLN D 370 -30.16 8.14 -25.50
C GLN D 370 -29.89 7.87 -26.98
N GLU D 371 -30.78 7.11 -27.61
CA GLU D 371 -30.69 6.89 -29.07
C GLU D 371 -30.88 8.21 -29.90
N VAL D 372 -29.91 8.49 -30.78
CA VAL D 372 -29.95 9.70 -31.64
C VAL D 372 -29.40 9.48 -33.05
N ALA D 373 -30.08 10.07 -34.03
CA ALA D 373 -29.55 10.13 -35.39
C ALA D 373 -28.55 11.28 -35.39
N VAL D 374 -27.41 11.07 -36.03
CA VAL D 374 -26.34 12.05 -35.97
C VAL D 374 -26.03 12.57 -37.38
N LYS D 375 -26.20 13.88 -37.57
CA LYS D 375 -25.92 14.50 -38.86
C LYS D 375 -24.51 15.09 -38.87
N ARG D 376 -23.62 14.50 -39.68
CA ARG D 376 -22.20 14.78 -39.61
C ARG D 376 -21.73 15.78 -40.68
N PHE D 377 -20.97 16.77 -40.26
CA PHE D 377 -20.46 17.80 -41.16
C PHE D 377 -18.98 17.98 -40.90
N SER D 378 -18.30 18.72 -41.79
CA SER D 378 -17.00 19.31 -41.45
C SER D 378 -17.24 20.33 -40.35
N GLU D 379 -16.33 20.39 -39.39
CA GLU D 379 -16.50 21.36 -38.32
C GLU D 379 -16.56 22.74 -38.94
N GLY D 380 -15.75 22.95 -39.97
CA GLY D 380 -15.67 24.23 -40.64
C GLY D 380 -16.79 24.52 -41.62
N SER D 381 -17.66 23.54 -41.88
CA SER D 381 -18.72 23.73 -42.88
C SER D 381 -19.66 24.88 -42.55
N THR D 382 -20.02 25.65 -43.58
CA THR D 382 -20.91 26.80 -43.42
C THR D 382 -22.37 26.34 -43.31
N ARG D 383 -22.72 25.32 -44.08
CA ARG D 383 -24.03 24.67 -43.97
C ARG D 383 -24.24 24.12 -42.55
N GLY D 384 -23.25 23.35 -42.07
CA GLY D 384 -23.28 22.77 -40.72
C GLY D 384 -23.49 23.80 -39.62
N GLN D 385 -22.95 25.01 -39.83
CA GLN D 385 -23.10 26.14 -38.87
C GLN D 385 -24.49 26.73 -38.87
N GLN D 386 -25.12 26.83 -40.05
CA GLN D 386 -26.50 27.29 -40.15
C GLN D 386 -27.43 26.29 -39.46
N GLU D 387 -27.07 25.01 -39.49
CA GLU D 387 -27.91 23.95 -38.90
C GLU D 387 -27.96 24.03 -37.36
N VAL D 388 -26.80 23.91 -36.70
CA VAL D 388 -26.74 23.92 -35.23
C VAL D 388 -27.26 25.27 -34.71
N SER D 389 -27.04 26.35 -35.48
CA SER D 389 -27.57 27.68 -35.13
C SER D 389 -29.10 27.69 -35.06
N CYS D 390 -29.73 27.10 -36.07
CA CYS D 390 -31.17 27.06 -36.11
C CYS D 390 -31.73 26.14 -35.03
N LEU D 391 -31.14 24.95 -34.89
CA LEU D 391 -31.65 23.95 -33.93
C LEU D 391 -31.54 24.41 -32.47
N GLN D 392 -30.52 25.22 -32.18
CA GLN D 392 -30.34 25.88 -30.88
C GLN D 392 -31.46 26.85 -30.51
N SER D 393 -32.05 27.47 -31.53
CA SER D 393 -33.15 28.42 -31.38
C SER D 393 -34.52 27.71 -31.41
N SER D 394 -34.50 26.40 -31.66
CA SER D 394 -35.70 25.63 -31.94
C SER D 394 -36.05 24.59 -30.88
N ARG D 395 -35.40 24.66 -29.71
CA ARG D 395 -35.61 23.64 -28.68
C ARG D 395 -37.04 23.63 -28.17
N ALA D 396 -37.68 24.79 -28.13
CA ALA D 396 -39.06 24.91 -27.62
C ALA D 396 -40.10 24.45 -28.64
N ASN D 397 -39.67 24.15 -29.88
CA ASN D 397 -40.58 23.85 -30.98
C ASN D 397 -40.86 22.37 -31.10
N ASP D 398 -42.02 21.95 -30.62
CA ASP D 398 -42.31 20.51 -30.49
C ASP D 398 -42.44 19.75 -31.82
N ASN D 399 -42.60 20.48 -32.93
CA ASN D 399 -42.74 19.88 -34.26
C ASN D 399 -41.46 19.95 -35.10
N VAL D 400 -40.43 20.56 -34.52
CA VAL D 400 -39.10 20.40 -35.05
C VAL D 400 -38.59 19.12 -34.43
N VAL D 401 -37.86 18.33 -35.21
CA VAL D 401 -37.19 17.16 -34.66
C VAL D 401 -36.43 17.64 -33.40
N THR D 402 -36.49 16.83 -32.34
CA THR D 402 -35.93 17.25 -31.08
C THR D 402 -34.40 17.30 -31.13
N PHE D 403 -33.83 18.30 -30.45
CA PHE D 403 -32.40 18.57 -30.53
C PHE D 403 -31.66 18.24 -29.22
N TYR D 404 -30.71 17.31 -29.32
CA TYR D 404 -29.96 16.85 -28.16
C TYR D 404 -28.74 17.76 -27.91
N GLY D 405 -27.90 17.92 -28.92
CA GLY D 405 -26.77 18.84 -28.84
C GLY D 405 -25.80 18.55 -29.96
N SER D 406 -24.63 19.20 -29.92
CA SER D 406 -23.57 18.95 -30.91
C SER D 406 -22.24 18.64 -30.23
N GLU D 407 -21.36 17.91 -30.93
CA GLU D 407 -20.00 17.59 -30.44
C GLU D 407 -19.00 17.65 -31.58
N SER D 408 -17.89 18.36 -31.34
CA SER D 408 -16.78 18.37 -32.27
C SER D 408 -15.67 17.46 -31.81
N ASP D 409 -15.18 16.63 -32.72
CA ASP D 409 -13.82 16.08 -32.58
C ASP D 409 -12.90 17.13 -33.24
N GLY D 410 -11.69 16.77 -33.60
CA GLY D 410 -10.84 17.72 -34.31
C GLY D 410 -11.41 18.27 -35.61
N SER D 411 -12.22 17.46 -36.32
CA SER D 411 -12.49 17.69 -37.76
C SER D 411 -13.96 17.58 -38.24
N CYS D 412 -14.77 16.79 -37.53
CA CYS D 412 -16.20 16.61 -37.84
C CYS D 412 -17.08 17.30 -36.82
N LEU D 413 -18.19 17.86 -37.26
CA LEU D 413 -19.17 18.46 -36.36
C LEU D 413 -20.37 17.52 -36.30
N HIS D 414 -20.56 16.88 -35.14
CA HIS D 414 -21.67 15.94 -34.98
C HIS D 414 -22.92 16.67 -34.48
N VAL D 415 -24.00 16.59 -35.24
CA VAL D 415 -25.29 17.14 -34.81
C VAL D 415 -26.25 16.02 -34.39
N CYS D 416 -26.54 15.93 -33.11
CA CYS D 416 -27.38 14.86 -32.58
C CYS D 416 -28.85 15.29 -32.51
N LEU D 417 -29.70 14.51 -33.19
CA LEU D 417 -31.11 14.80 -33.27
C LEU D 417 -31.90 13.63 -32.68
N ALA D 418 -33.19 13.83 -32.49
CA ALA D 418 -34.09 12.74 -32.16
C ALA D 418 -34.03 11.71 -33.28
N LEU D 419 -34.11 10.42 -32.97
CA LEU D 419 -34.10 9.36 -34.00
C LEU D 419 -35.53 8.87 -34.36
N CYS D 420 -36.00 9.16 -35.57
CA CYS D 420 -37.35 8.76 -36.01
C CYS D 420 -37.28 7.51 -36.87
N GLU D 421 -38.44 6.91 -37.10
CA GLU D 421 -38.52 5.68 -37.89
C GLU D 421 -38.43 5.95 -39.38
N TYR D 422 -39.31 6.80 -39.91
CA TYR D 422 -39.39 6.96 -41.35
C TYR D 422 -39.48 8.40 -41.80
N THR D 423 -38.74 8.71 -42.85
CA THR D 423 -39.00 9.86 -43.69
C THR D 423 -40.48 9.83 -44.11
N LEU D 424 -41.02 10.99 -44.44
CA LEU D 424 -42.42 11.09 -44.85
C LEU D 424 -42.70 10.25 -46.07
N GLN D 425 -41.82 10.39 -47.05
CA GLN D 425 -41.90 9.67 -48.33
C GLN D 425 -42.00 8.15 -48.17
N GLU D 426 -41.25 7.62 -47.19
CA GLU D 426 -41.30 6.20 -46.82
C GLU D 426 -42.60 5.90 -46.09
N HIS D 427 -42.90 6.69 -45.07
CA HIS D 427 -44.12 6.53 -44.33
C HIS D 427 -45.34 6.36 -45.26
N LEU D 428 -45.49 7.28 -46.21
CA LEU D 428 -46.69 7.32 -47.07
C LEU D 428 -46.80 6.14 -48.03
N ALA D 429 -45.65 5.64 -48.45
CA ALA D 429 -45.51 4.39 -49.20
C ALA D 429 -45.92 3.21 -48.30
N ASN D 430 -45.36 3.15 -47.10
CA ASN D 430 -45.65 2.08 -46.14
C ASN D 430 -47.13 1.97 -45.76
N HIS D 431 -47.82 3.10 -45.70
CA HIS D 431 -49.24 3.10 -45.31
C HIS D 431 -50.17 3.42 -46.51
N ARG D 432 -49.68 3.11 -47.71
CA ARG D 432 -50.45 3.37 -48.91
C ARG D 432 -51.63 2.41 -49.05
N GLY D 433 -51.51 1.23 -48.44
CA GLY D 433 -52.57 0.22 -48.50
C GLY D 433 -53.64 0.33 -47.42
N ASP D 434 -53.42 1.20 -46.45
CA ASP D 434 -54.27 1.29 -45.27
C ASP D 434 -55.72 1.69 -45.59
N ALA D 435 -55.91 2.72 -46.41
CA ALA D 435 -57.25 3.29 -46.62
C ALA D 435 -58.02 2.64 -47.78
N VAL D 436 -59.33 2.48 -47.59
CA VAL D 436 -60.23 2.04 -48.68
C VAL D 436 -60.43 3.24 -49.64
N PRO D 437 -60.82 2.98 -50.91
CA PRO D 437 -60.70 3.99 -51.98
C PRO D 437 -60.97 5.46 -51.62
N ASN D 438 -62.16 5.79 -51.15
CA ASN D 438 -62.57 7.20 -50.94
C ASN D 438 -62.52 7.63 -49.50
N GLU D 439 -62.04 6.75 -48.63
CA GLU D 439 -62.00 6.96 -47.19
C GLU D 439 -61.43 8.33 -46.80
N GLU D 440 -62.02 8.97 -45.79
CA GLU D 440 -61.52 10.24 -45.29
C GLU D 440 -60.09 10.07 -44.81
N ASP D 441 -59.22 11.00 -45.19
CA ASP D 441 -57.79 10.94 -44.85
C ASP D 441 -57.50 11.82 -43.63
N GLU D 442 -57.67 11.25 -42.44
CA GLU D 442 -57.44 12.01 -41.22
C GLU D 442 -55.97 12.31 -41.00
N SER D 443 -55.10 11.36 -41.41
CA SER D 443 -53.69 11.46 -41.06
C SER D 443 -52.95 12.46 -41.94
N ALA D 444 -53.42 12.67 -43.17
CA ALA D 444 -52.94 13.79 -43.99
C ALA D 444 -53.14 15.11 -43.25
N ARG D 445 -54.31 15.29 -42.66
CA ARG D 445 -54.54 16.46 -41.83
C ARG D 445 -53.60 16.52 -40.62
N ASN D 446 -53.31 15.36 -40.02
CA ASN D 446 -52.44 15.35 -38.84
C ASN D 446 -50.96 15.56 -39.18
N ILE D 447 -50.55 15.05 -40.34
CA ILE D 447 -49.22 15.31 -40.89
C ILE D 447 -49.06 16.80 -41.25
N LEU D 448 -50.02 17.34 -41.99
CA LEU D 448 -49.90 18.71 -42.48
C LEU D 448 -50.04 19.74 -41.34
N SER D 449 -50.98 19.50 -40.42
CA SER D 449 -51.22 20.46 -39.33
C SER D 449 -50.01 20.57 -38.41
N SER D 450 -49.27 19.48 -38.25
CA SER D 450 -48.01 19.54 -37.52
C SER D 450 -46.99 20.45 -38.18
N LEU D 451 -46.83 20.32 -39.49
CA LEU D 451 -45.80 21.08 -40.19
C LEU D 451 -46.14 22.55 -40.22
N PHE D 452 -47.42 22.87 -40.28
CA PHE D 452 -47.84 24.27 -40.29
C PHE D 452 -47.32 24.92 -39.02
N LYS D 453 -47.58 24.26 -37.89
CA LYS D 453 -47.14 24.67 -36.57
C LYS D 453 -45.63 24.64 -36.49
N ALA D 454 -45.02 23.64 -37.11
CA ALA D 454 -43.57 23.57 -37.20
C ALA D 454 -42.99 24.81 -37.89
N ILE D 455 -43.48 25.11 -39.09
CA ILE D 455 -42.96 26.21 -39.89
C ILE D 455 -43.44 27.54 -39.33
N GLY D 456 -44.69 27.58 -38.86
CA GLY D 456 -45.18 28.72 -38.07
C GLY D 456 -44.21 29.20 -36.98
N GLU D 457 -43.75 28.27 -36.13
CA GLU D 457 -42.93 28.64 -34.98
C GLU D 457 -41.49 28.91 -35.39
N LEU D 458 -41.06 28.24 -36.47
CA LEU D 458 -39.76 28.50 -37.03
C LEU D 458 -39.70 29.94 -37.55
N HIS D 459 -40.73 30.37 -38.28
CA HIS D 459 -40.77 31.73 -38.80
C HIS D 459 -40.79 32.77 -37.66
N ARG D 460 -41.54 32.46 -36.60
CA ARG D 460 -41.57 33.27 -35.39
C ARG D 460 -40.19 33.43 -34.75
N SER D 461 -39.39 32.37 -34.79
CA SER D 461 -38.01 32.45 -34.28
C SER D 461 -37.09 33.23 -35.22
N GLY D 462 -37.63 33.68 -36.35
CA GLY D 462 -36.85 34.48 -37.31
C GLY D 462 -36.04 33.64 -38.29
N TYR D 463 -36.26 32.33 -38.26
CA TYR D 463 -35.57 31.38 -39.12
C TYR D 463 -36.53 30.87 -40.19
N SER D 464 -36.02 30.72 -41.42
CA SER D 464 -36.81 30.21 -42.53
C SER D 464 -36.10 28.98 -43.11
N HIS D 465 -36.87 27.96 -43.45
CA HIS D 465 -36.32 26.67 -43.89
C HIS D 465 -36.34 26.59 -45.41
N GLN D 466 -35.19 26.83 -46.06
CA GLN D 466 -35.21 27.13 -47.51
C GLN D 466 -35.40 25.93 -48.46
N ASP D 467 -35.43 24.72 -47.90
CA ASP D 467 -35.41 23.47 -48.68
C ASP D 467 -36.56 22.51 -48.34
N LEU D 468 -37.74 23.03 -48.01
CA LEU D 468 -38.82 22.13 -47.61
C LEU D 468 -39.02 21.10 -48.69
N GLN D 469 -38.83 19.83 -48.32
CA GLN D 469 -39.12 18.72 -49.21
C GLN D 469 -39.34 17.45 -48.35
N PRO D 470 -39.96 16.40 -48.92
CA PRO D 470 -40.49 15.29 -48.09
C PRO D 470 -39.47 14.38 -47.41
N GLN D 471 -38.19 14.48 -47.79
CA GLN D 471 -37.14 13.75 -47.08
C GLN D 471 -36.66 14.51 -45.85
N ASN D 472 -36.92 15.82 -45.80
CA ASN D 472 -36.64 16.65 -44.63
C ASN D 472 -37.69 16.47 -43.54
N ILE D 473 -38.73 15.67 -43.82
CA ILE D 473 -39.80 15.44 -42.86
C ILE D 473 -39.70 14.02 -42.34
N LEU D 474 -39.84 13.87 -41.02
CA LEU D 474 -39.61 12.56 -40.40
C LEU D 474 -40.75 12.18 -39.48
N ILE D 475 -40.98 10.87 -39.39
CA ILE D 475 -42.12 10.32 -38.67
C ILE D 475 -41.60 9.33 -37.62
N ASP D 476 -41.82 9.66 -36.35
CA ASP D 476 -41.36 8.83 -35.24
C ASP D 476 -42.23 7.57 -35.02
N SER D 477 -41.74 6.70 -34.13
CA SER D 477 -42.45 5.48 -33.68
C SER D 477 -43.90 5.74 -33.28
N LYS D 478 -44.13 6.89 -32.67
CA LYS D 478 -45.46 7.25 -32.16
C LYS D 478 -46.38 7.82 -33.28
N ASN D 479 -45.88 7.90 -34.52
CA ASN D 479 -46.55 8.55 -35.68
C ASN D 479 -46.61 10.08 -35.61
N GLY D 480 -45.88 10.66 -34.68
CA GLY D 480 -45.65 12.10 -34.68
C GLY D 480 -44.78 12.45 -35.87
N THR D 481 -44.99 13.65 -36.42
CA THR D 481 -44.28 14.11 -37.62
C THR D 481 -43.47 15.36 -37.32
N PHE D 482 -42.27 15.47 -37.90
CA PHE D 482 -41.27 16.43 -37.44
C PHE D 482 -40.49 17.06 -38.59
N LEU D 483 -40.41 18.39 -38.57
CA LEU D 483 -39.62 19.14 -39.56
C LEU D 483 -38.14 19.07 -39.20
N ALA D 484 -37.24 18.86 -40.18
CA ALA D 484 -35.88 18.47 -39.78
C ALA D 484 -34.56 18.78 -40.51
N ASP D 485 -34.52 19.48 -41.62
CA ASP D 485 -33.19 19.70 -42.22
C ASP D 485 -32.92 21.20 -42.34
N PHE D 486 -32.04 21.75 -41.49
CA PHE D 486 -31.85 23.20 -41.42
C PHE D 486 -30.46 23.66 -41.86
N ASP D 487 -29.71 22.78 -42.54
CA ASP D 487 -28.39 23.13 -43.07
C ASP D 487 -28.42 24.27 -44.10
N LYS D 488 -29.57 24.46 -44.76
CA LYS D 488 -29.75 25.51 -45.75
C LYS D 488 -30.73 26.59 -45.28
N SER D 489 -31.06 26.59 -43.98
CA SER D 489 -31.97 27.59 -43.39
C SER D 489 -31.29 28.96 -43.27
N ILE D 490 -32.08 30.00 -42.98
CA ILE D 490 -31.57 31.38 -42.86
C ILE D 490 -32.40 32.20 -41.90
N LYS D 491 -31.80 33.25 -41.34
CA LYS D 491 -32.57 34.26 -40.64
C LYS D 491 -33.27 35.09 -41.71
N TRP D 492 -34.60 35.04 -41.75
CA TRP D 492 -35.34 35.70 -42.83
C TRP D 492 -35.40 37.19 -42.63
N ALA D 493 -35.09 37.63 -41.41
CA ALA D 493 -34.84 39.04 -41.12
C ALA D 493 -34.10 39.75 -42.27
N GLU D 494 -33.03 39.13 -42.77
CA GLU D 494 -32.17 39.71 -43.82
C GLU D 494 -32.90 40.06 -45.13
N ASP D 495 -33.71 39.13 -45.60
CA ASP D 495 -34.38 39.26 -46.89
C ASP D 495 -35.81 38.69 -46.78
N PRO D 496 -36.73 39.46 -46.17
CA PRO D 496 -38.09 38.93 -45.85
C PRO D 496 -38.88 38.35 -47.03
N GLN D 497 -38.50 38.75 -48.25
CA GLN D 497 -39.01 38.16 -49.50
C GLN D 497 -38.89 36.64 -49.49
N LYS D 498 -37.86 36.11 -48.83
CA LYS D 498 -37.58 34.67 -48.86
C LYS D 498 -38.48 33.81 -47.95
N ILE D 499 -39.26 34.42 -47.04
CA ILE D 499 -40.23 33.61 -46.28
C ILE D 499 -41.25 32.94 -47.22
N LYS D 500 -41.60 33.60 -48.33
CA LYS D 500 -42.58 33.12 -49.33
C LYS D 500 -42.24 31.69 -49.88
N ARG D 501 -40.94 31.38 -49.94
CA ARG D 501 -40.49 30.15 -50.56
C ARG D 501 -40.91 28.92 -49.75
N ASP D 502 -40.98 29.07 -48.43
CA ASP D 502 -41.45 27.97 -47.54
C ASP D 502 -42.94 27.73 -47.75
N LEU D 503 -43.71 28.81 -47.75
CA LEU D 503 -45.12 28.71 -47.98
C LEU D 503 -45.46 28.08 -49.31
N GLU D 504 -44.64 28.37 -50.35
CA GLU D 504 -44.80 27.74 -51.69
C GLU D 504 -44.63 26.25 -51.57
N ALA D 505 -43.46 25.86 -51.08
CA ALA D 505 -43.11 24.46 -50.83
C ALA D 505 -44.16 23.74 -49.97
N LEU D 506 -44.64 24.44 -48.94
CA LEU D 506 -45.71 23.90 -48.10
C LEU D 506 -46.90 23.51 -49.00
N GLY D 507 -47.17 24.34 -50.02
CA GLY D 507 -48.28 24.11 -50.93
C GLY D 507 -48.09 22.86 -51.77
N LEU D 508 -46.86 22.64 -52.25
CA LEU D 508 -46.53 21.41 -52.98
C LEU D 508 -46.67 20.21 -52.05
N LEU D 509 -46.20 20.39 -50.83
CA LEU D 509 -46.35 19.36 -49.80
C LEU D 509 -47.83 19.01 -49.46
N VAL D 510 -48.72 19.99 -49.49
CA VAL D 510 -50.10 19.73 -49.12
C VAL D 510 -50.70 18.78 -50.12
N LEU D 511 -50.37 18.99 -51.39
CA LEU D 511 -50.85 18.13 -52.47
C LEU D 511 -50.15 16.81 -52.43
N TYR D 512 -48.83 16.83 -52.24
CA TYR D 512 -48.02 15.62 -52.16
C TYR D 512 -48.63 14.64 -51.17
N VAL D 513 -48.95 15.16 -49.98
CA VAL D 513 -49.50 14.37 -48.87
C VAL D 513 -50.91 13.93 -49.21
N VAL D 514 -51.69 14.85 -49.76
CA VAL D 514 -53.09 14.61 -50.03
C VAL D 514 -53.23 13.51 -51.06
N LYS D 515 -52.40 13.57 -52.11
CA LYS D 515 -52.30 12.53 -53.17
C LYS D 515 -51.53 11.27 -52.72
N LYS D 516 -51.36 11.12 -51.40
CA LYS D 516 -50.82 9.92 -50.78
C LYS D 516 -49.40 9.55 -51.19
N GLY D 517 -48.77 10.34 -52.06
CA GLY D 517 -47.38 10.11 -52.46
C GLY D 517 -47.25 9.42 -53.81
N ASP D 518 -48.37 9.33 -54.53
CA ASP D 518 -48.39 8.75 -55.85
C ASP D 518 -47.71 9.71 -56.84
N ILE D 519 -47.98 11.01 -56.74
CA ILE D 519 -47.19 12.04 -57.45
C ILE D 519 -45.90 12.36 -56.70
N SER D 520 -44.78 12.40 -57.43
CA SER D 520 -43.50 12.72 -56.82
C SER D 520 -43.44 14.17 -56.44
N PHE D 521 -42.47 14.51 -55.61
CA PHE D 521 -42.29 15.90 -55.25
C PHE D 521 -41.54 16.59 -56.37
N GLU D 522 -40.84 15.80 -57.19
CA GLU D 522 -40.04 16.33 -58.27
C GLU D 522 -40.96 16.79 -59.42
N THR D 523 -41.99 15.99 -59.71
CA THR D 523 -43.03 16.37 -60.64
C THR D 523 -43.67 17.68 -60.19
N LEU D 524 -44.00 17.77 -58.88
CA LEU D 524 -44.65 18.95 -58.28
C LEU D 524 -43.80 20.21 -58.33
N LYS D 525 -42.48 20.01 -58.35
CA LYS D 525 -41.54 21.11 -58.44
C LYS D 525 -41.40 21.62 -59.87
N ASN D 526 -41.70 20.79 -60.88
CA ASN D 526 -41.68 21.34 -62.25
C ASN D 526 -42.85 22.27 -62.32
N GLN D 527 -44.04 21.76 -61.94
CA GLN D 527 -45.35 22.27 -62.39
C GLN D 527 -45.42 23.74 -62.04
N SER D 528 -46.38 24.44 -62.65
CA SER D 528 -46.66 25.83 -62.33
C SER D 528 -47.71 25.85 -61.23
N PHE D 529 -47.91 27.01 -60.61
CA PHE D 529 -48.95 27.15 -59.58
C PHE D 529 -50.26 26.66 -60.18
N GLU D 530 -50.52 27.01 -61.43
CA GLU D 530 -51.80 26.73 -62.12
C GLU D 530 -52.04 25.23 -62.21
N GLU D 531 -51.02 24.49 -62.63
CA GLU D 531 -51.09 23.05 -62.80
C GLU D 531 -51.37 22.33 -61.47
N VAL D 532 -50.63 22.71 -60.43
CA VAL D 532 -50.83 22.15 -59.09
C VAL D 532 -52.29 22.34 -58.64
N ILE D 533 -52.73 23.60 -58.59
CA ILE D 533 -54.09 23.89 -58.17
C ILE D 533 -55.02 22.93 -58.93
N GLN D 534 -54.77 22.75 -60.22
CA GLN D 534 -55.63 21.86 -61.02
C GLN D 534 -55.53 20.42 -60.53
N GLY D 535 -54.31 19.94 -60.33
CA GLY D 535 -54.07 18.55 -59.87
C GLY D 535 -54.74 18.17 -58.54
N SER D 536 -55.24 19.15 -57.81
CA SER D 536 -55.87 18.94 -56.50
C SER D 536 -57.23 18.27 -56.64
N PRO D 537 -57.50 17.22 -55.84
CA PRO D 537 -58.77 16.49 -55.95
C PRO D 537 -60.03 17.18 -55.41
N ASP D 538 -59.89 18.22 -54.58
CA ASP D 538 -61.07 18.90 -54.01
C ASP D 538 -60.86 20.39 -53.78
N GLU D 539 -61.96 21.08 -53.48
CA GLU D 539 -61.99 22.54 -53.36
C GLU D 539 -61.30 23.08 -52.11
N GLU D 540 -61.48 22.38 -50.99
CA GLU D 540 -60.74 22.70 -49.76
C GLU D 540 -59.26 22.73 -50.11
N THR D 541 -58.75 21.61 -50.62
CA THR D 541 -57.33 21.47 -50.96
C THR D 541 -56.86 22.59 -51.91
N ARG D 542 -57.70 22.98 -52.87
CA ARG D 542 -57.34 24.04 -53.81
C ARG D 542 -57.22 25.40 -53.14
N ASP D 543 -58.17 25.73 -52.26
CA ASP D 543 -58.17 27.05 -51.58
C ASP D 543 -57.03 27.17 -50.54
N LEU D 544 -56.72 26.06 -49.90
CA LEU D 544 -55.55 26.04 -49.05
C LEU D 544 -54.29 26.29 -49.87
N ILE D 545 -54.11 25.59 -50.97
CA ILE D 545 -52.90 25.75 -51.75
C ILE D 545 -52.86 27.14 -52.38
N HIS D 546 -54.03 27.66 -52.77
CA HIS D 546 -54.07 29.00 -53.33
C HIS D 546 -53.51 30.00 -52.34
N HIS D 547 -54.03 29.97 -51.13
CA HIS D 547 -53.59 30.89 -50.08
C HIS D 547 -52.10 30.73 -49.70
N LEU D 548 -51.53 29.56 -49.96
CA LEU D 548 -50.16 29.29 -49.61
C LEU D 548 -49.25 29.82 -50.70
N PHE D 549 -49.79 29.94 -51.91
CA PHE D 549 -49.04 30.56 -52.98
C PHE D 549 -49.12 32.08 -52.89
N HIS D 550 -50.24 32.59 -52.37
CA HIS D 550 -50.43 34.04 -52.28
C HIS D 550 -50.88 34.44 -50.85
N PRO D 551 -49.94 34.95 -50.06
CA PRO D 551 -50.20 35.60 -48.80
C PRO D 551 -49.56 37.00 -48.77
N GLU D 556 -47.96 36.38 -41.43
CA GLU D 556 -46.82 35.96 -40.62
C GLU D 556 -47.20 35.31 -39.28
N ASP D 557 -48.49 35.31 -39.00
CA ASP D 557 -49.13 34.22 -38.33
C ASP D 557 -50.07 33.67 -39.38
N ARG D 558 -49.59 33.68 -40.62
CA ARG D 558 -50.41 33.28 -41.76
C ARG D 558 -50.85 31.86 -41.45
N LEU D 559 -49.81 31.10 -41.19
CA LEU D 559 -49.92 29.67 -41.05
C LEU D 559 -50.74 29.20 -39.86
N SER D 560 -50.83 30.00 -38.81
CA SER D 560 -51.76 29.73 -37.72
C SER D 560 -53.20 30.02 -38.13
N SER D 561 -53.38 31.04 -38.97
CA SER D 561 -54.72 31.44 -39.39
C SER D 561 -55.29 30.56 -40.48
N LEU D 562 -54.48 29.67 -41.04
CA LEU D 562 -54.93 28.63 -42.00
C LEU D 562 -55.26 27.29 -41.34
N LEU D 563 -54.98 27.16 -40.06
CA LEU D 563 -55.35 25.93 -39.37
C LEU D 563 -56.85 25.90 -39.11
N ALA D 564 -57.46 27.09 -39.11
CA ALA D 564 -58.91 27.21 -39.01
C ALA D 564 -59.57 26.81 -40.34
N HIS D 565 -58.75 26.59 -41.37
CA HIS D 565 -59.27 26.36 -42.71
C HIS D 565 -60.09 25.06 -42.74
N PRO D 566 -61.19 25.04 -43.50
CA PRO D 566 -62.02 23.83 -43.53
C PRO D 566 -61.34 22.57 -44.08
N PHE D 567 -60.23 22.74 -44.78
CA PHE D 567 -59.35 21.65 -45.12
C PHE D 567 -59.01 20.79 -43.92
N PHE D 568 -58.83 21.43 -42.75
CA PHE D 568 -58.54 20.71 -41.51
C PHE D 568 -59.78 20.34 -40.68
N TRP D 569 -60.97 20.68 -41.17
CA TRP D 569 -62.23 20.27 -40.54
C TRP D 569 -62.50 18.81 -40.91
N SER D 570 -62.92 18.02 -39.93
CA SER D 570 -63.30 16.62 -40.20
C SER D 570 -64.63 16.64 -40.95
N TRP D 571 -64.92 15.56 -41.67
CA TRP D 571 -66.16 15.48 -42.45
C TRP D 571 -67.40 15.60 -41.57
N GLU D 572 -67.36 15.10 -40.34
CA GLU D 572 -68.48 15.32 -39.41
C GLU D 572 -68.63 16.78 -39.00
N SER D 573 -67.50 17.47 -38.79
CA SER D 573 -67.49 18.92 -38.49
C SER D 573 -68.12 19.76 -39.62
N ARG D 574 -67.89 19.36 -40.87
CA ARG D 574 -68.39 20.07 -42.04
C ARG D 574 -69.91 19.85 -42.16
N TYR D 575 -70.34 18.65 -41.80
CA TYR D 575 -71.74 18.27 -41.85
C TYR D 575 -72.46 18.85 -40.65
N ARG D 576 -71.79 18.81 -39.50
CA ARG D 576 -72.25 19.50 -38.30
C ARG D 576 -72.46 21.01 -38.51
N THR D 577 -71.51 21.66 -39.17
CA THR D 577 -71.54 23.10 -39.50
C THR D 577 -72.70 23.47 -40.44
N LEU D 578 -72.80 22.78 -41.57
CA LEU D 578 -73.89 23.01 -42.53
C LEU D 578 -75.29 22.83 -41.91
N ARG D 579 -75.44 21.87 -41.01
CA ARG D 579 -76.70 21.68 -40.29
C ARG D 579 -76.99 22.81 -39.32
N ASP D 580 -76.00 23.14 -38.49
CA ASP D 580 -76.16 24.18 -37.47
C ASP D 580 -76.58 25.50 -38.14
N VAL D 581 -76.13 25.74 -39.38
CA VAL D 581 -76.55 26.91 -40.16
C VAL D 581 -78.01 26.79 -40.65
N GLY D 582 -78.35 25.63 -41.23
CA GLY D 582 -79.73 25.36 -41.67
C GLY D 582 -80.74 25.35 -40.54
N ASN D 583 -80.26 25.51 -39.30
CA ASN D 583 -81.13 25.59 -38.13
C ASN D 583 -81.37 27.02 -37.65
N GLU D 584 -80.66 27.98 -38.23
CA GLU D 584 -81.01 29.39 -38.11
C GLU D 584 -82.48 29.54 -38.52
N SER D 585 -83.29 30.09 -37.62
CA SER D 585 -84.71 30.29 -37.89
C SER D 585 -84.96 31.09 -39.18
N ASP D 586 -84.07 32.05 -39.47
CA ASP D 586 -84.17 32.90 -40.67
C ASP D 586 -84.05 32.10 -41.97
N ILE D 587 -83.37 30.97 -41.91
CA ILE D 587 -83.28 30.05 -43.03
C ILE D 587 -84.59 29.23 -43.12
N LYS D 588 -85.09 28.80 -41.97
CA LYS D 588 -86.28 27.93 -41.90
C LYS D 588 -87.54 28.61 -42.45
N THR D 589 -87.79 29.84 -42.00
CA THR D 589 -88.93 30.62 -42.50
C THR D 589 -88.70 31.19 -43.91
N ARG D 590 -87.48 31.04 -44.45
CA ARG D 590 -87.08 31.64 -45.74
C ARG D 590 -87.23 33.16 -45.74
N ASN D 591 -86.92 33.80 -44.61
CA ASN D 591 -86.91 35.26 -44.52
C ASN D 591 -85.79 35.84 -45.40
N GLN D 592 -86.15 36.13 -46.65
CA GLN D 592 -85.23 36.64 -47.67
C GLN D 592 -84.62 38.01 -47.31
N ASN D 593 -85.28 38.76 -46.43
CA ASN D 593 -84.77 40.03 -45.94
C ASN D 593 -83.78 39.87 -44.81
N SER D 594 -83.56 38.64 -44.34
CA SER D 594 -82.72 38.41 -43.16
C SER D 594 -81.25 38.75 -43.42
N ARG D 595 -80.53 38.98 -42.34
CA ARG D 595 -79.13 39.25 -42.45
C ARG D 595 -78.42 38.03 -43.07
N ILE D 596 -78.58 36.88 -42.43
CA ILE D 596 -77.77 35.69 -42.70
C ILE D 596 -77.93 35.34 -44.18
N LEU D 597 -79.19 35.41 -44.65
CA LEU D 597 -79.51 35.11 -46.04
C LEU D 597 -78.91 36.13 -46.97
N GLN D 598 -78.80 37.38 -46.50
CA GLN D 598 -78.16 38.47 -47.26
C GLN D 598 -76.75 38.12 -47.58
N LEU D 599 -76.21 37.27 -46.72
CA LEU D 599 -74.84 36.87 -46.75
C LEU D 599 -74.71 35.79 -47.80
N LEU D 600 -75.61 34.84 -47.72
CA LEU D 600 -75.47 33.64 -48.51
C LEU D 600 -75.88 33.83 -49.97
N GLN D 601 -76.80 34.75 -50.24
CA GLN D 601 -77.42 34.82 -51.56
C GLN D 601 -78.03 36.17 -51.95
N PRO D 602 -77.27 37.28 -51.76
CA PRO D 602 -77.64 38.58 -52.30
C PRO D 602 -77.10 38.66 -53.73
N GLY D 603 -77.36 37.60 -54.49
CA GLY D 603 -76.88 37.40 -55.84
C GLY D 603 -78.04 37.18 -56.80
N THR D 604 -77.90 37.71 -58.01
CA THR D 604 -78.96 37.72 -59.00
C THR D 604 -80.30 38.24 -58.43
N LEU D 607 -75.45 31.79 -61.34
CA LEU D 607 -74.52 31.01 -60.52
C LEU D 607 -73.97 29.82 -61.30
N SER D 608 -72.64 29.72 -61.39
CA SER D 608 -71.99 28.54 -62.00
C SER D 608 -71.67 27.48 -60.93
N THR D 609 -72.20 27.64 -59.72
CA THR D 609 -71.95 26.71 -58.61
C THR D 609 -72.54 25.33 -58.89
N SER D 610 -72.22 24.35 -58.04
CA SER D 610 -72.82 23.03 -58.19
C SER D 610 -74.19 22.93 -57.48
N PHE D 611 -74.55 23.95 -56.68
CA PHE D 611 -75.84 23.94 -55.94
C PHE D 611 -76.93 24.89 -56.52
N ALA D 612 -76.63 25.51 -57.67
CA ALA D 612 -77.69 26.10 -58.49
C ALA D 612 -78.43 24.91 -59.11
N GLN D 613 -79.75 24.98 -59.15
CA GLN D 613 -80.58 23.85 -59.60
C GLN D 613 -80.35 22.57 -58.76
N TRP D 614 -80.06 22.73 -57.47
CA TRP D 614 -79.65 21.56 -56.64
C TRP D 614 -80.72 20.49 -56.44
N THR D 615 -81.98 20.90 -56.51
CA THR D 615 -83.12 20.02 -56.27
C THR D 615 -83.24 18.91 -57.31
N THR D 616 -82.55 19.07 -58.43
CA THR D 616 -82.62 18.11 -59.52
C THR D 616 -81.47 17.10 -59.47
N LYS D 617 -80.29 17.52 -59.00
CA LYS D 617 -79.13 16.62 -58.92
C LYS D 617 -79.24 15.68 -57.74
N ILE D 618 -80.16 15.97 -56.84
CA ILE D 618 -80.55 15.01 -55.81
C ILE D 618 -81.38 13.89 -56.46
N ASP D 619 -81.38 12.73 -55.82
CA ASP D 619 -82.22 11.60 -56.22
C ASP D 619 -83.72 11.95 -56.24
N SER D 620 -84.44 11.31 -57.15
CA SER D 620 -85.87 11.56 -57.33
C SER D 620 -86.67 11.14 -56.09
N PHE D 621 -86.39 9.94 -55.58
CA PHE D 621 -87.02 9.41 -54.39
C PHE D 621 -86.96 10.42 -53.26
N VAL D 622 -85.73 10.64 -52.80
CA VAL D 622 -85.46 11.32 -51.54
C VAL D 622 -86.09 12.72 -51.52
N MET D 623 -85.96 13.44 -52.64
CA MET D 623 -86.47 14.81 -52.80
C MET D 623 -87.97 14.92 -52.54
N GLU D 624 -88.71 13.97 -53.09
CA GLU D 624 -90.16 13.94 -52.95
C GLU D 624 -90.59 13.73 -51.50
N GLU D 625 -89.97 12.75 -50.84
CA GLU D 625 -90.26 12.43 -49.43
C GLU D 625 -90.05 13.66 -48.54
N MET D 626 -88.95 14.37 -48.80
CA MET D 626 -88.60 15.55 -48.04
C MET D 626 -89.60 16.65 -48.32
N ASN D 627 -90.02 16.79 -49.58
CA ASN D 627 -91.02 17.80 -49.95
C ASN D 627 -92.30 17.70 -49.13
N ALA D 628 -92.78 16.48 -48.93
CA ALA D 628 -93.88 16.21 -47.99
C ALA D 628 -93.50 16.61 -46.56
N TYR D 648 -89.40 23.42 -51.34
CA TYR D 648 -87.94 23.41 -51.45
C TYR D 648 -87.44 23.99 -52.78
N GLN D 649 -86.96 25.24 -52.76
CA GLN D 649 -86.40 25.90 -53.97
C GLN D 649 -84.91 25.59 -54.23
N ASP D 650 -84.40 26.10 -55.36
CA ASP D 650 -82.96 26.02 -55.71
C ASP D 650 -82.10 27.09 -55.06
N THR D 651 -82.55 27.65 -53.94
CA THR D 651 -81.75 28.64 -53.23
C THR D 651 -80.79 27.93 -52.27
N LEU D 652 -79.66 28.57 -52.00
CA LEU D 652 -78.66 28.05 -51.06
C LEU D 652 -79.22 27.95 -49.63
N GLY D 653 -80.05 28.91 -49.25
CA GLY D 653 -80.74 28.88 -47.95
C GLY D 653 -81.54 27.60 -47.77
N ASP D 654 -82.37 27.28 -48.77
CA ASP D 654 -83.19 26.06 -48.74
C ASP D 654 -82.33 24.78 -48.66
N LEU D 655 -81.19 24.78 -49.34
CA LEU D 655 -80.28 23.64 -49.31
C LEU D 655 -79.75 23.35 -47.89
N LEU D 656 -79.33 24.40 -47.18
CA LEU D 656 -78.92 24.26 -45.78
C LEU D 656 -80.10 23.90 -44.89
N LYS D 657 -81.29 24.41 -45.21
CA LYS D 657 -82.51 23.98 -44.54
C LYS D 657 -82.67 22.47 -44.77
N PHE D 658 -82.53 22.08 -46.05
CA PHE D 658 -82.72 20.70 -46.46
C PHE D 658 -81.80 19.80 -45.66
N ILE D 659 -80.52 20.16 -45.59
CA ILE D 659 -79.52 19.29 -44.97
C ILE D 659 -79.77 19.12 -43.49
N ARG D 660 -80.11 20.21 -42.81
CA ARG D 660 -80.43 20.16 -41.39
C ARG D 660 -81.54 19.16 -41.13
N ASN D 661 -82.60 19.24 -41.94
CA ASN D 661 -83.72 18.33 -41.79
C ASN D 661 -83.28 16.91 -42.00
N LEU D 662 -82.72 16.65 -43.18
CA LEU D 662 -82.25 15.32 -43.51
C LEU D 662 -81.49 14.71 -42.35
N GLY D 663 -80.58 15.49 -41.77
CA GLY D 663 -79.67 15.01 -40.73
C GLY D 663 -80.28 14.66 -39.38
N GLU D 664 -81.31 15.40 -38.98
CA GLU D 664 -82.05 15.13 -37.75
C GLU D 664 -82.84 13.84 -37.84
N HIS D 665 -83.50 13.66 -38.98
CA HIS D 665 -84.54 12.65 -39.11
C HIS D 665 -84.07 11.40 -39.84
N ILE D 666 -82.89 11.44 -40.46
CA ILE D 666 -82.42 10.33 -41.29
C ILE D 666 -82.41 8.98 -40.56
N ASN D 667 -82.09 8.99 -39.27
CA ASN D 667 -81.89 7.76 -38.49
C ASN D 667 -83.18 7.15 -37.96
N GLU D 668 -84.30 7.85 -38.13
CA GLU D 668 -85.61 7.32 -37.75
C GLU D 668 -85.97 6.09 -38.58
N GLN D 669 -86.69 5.15 -37.96
CA GLN D 669 -86.98 3.85 -38.56
C GLN D 669 -87.79 3.95 -39.86
N LYS D 670 -88.74 4.89 -39.89
CA LYS D 670 -89.52 5.11 -41.10
C LYS D 670 -88.67 5.41 -42.36
N ASN D 671 -87.51 6.06 -42.19
CA ASN D 671 -86.68 6.46 -43.35
C ASN D 671 -85.58 5.45 -43.76
N LYS D 672 -85.88 4.15 -43.72
CA LYS D 672 -84.86 3.11 -43.99
C LYS D 672 -84.22 3.22 -45.39
N LYS D 673 -85.04 3.53 -46.38
CA LYS D 673 -84.55 3.66 -47.76
C LYS D 673 -83.78 4.91 -47.97
N MET D 674 -84.31 6.01 -47.45
CA MET D 674 -83.59 7.27 -47.51
C MET D 674 -82.15 7.02 -47.07
N LYS D 675 -82.02 6.48 -45.86
CA LYS D 675 -80.72 6.17 -45.23
C LYS D 675 -79.85 5.27 -46.12
N SER D 676 -80.45 4.23 -46.70
CA SER D 676 -79.71 3.30 -47.56
C SER D 676 -79.21 3.95 -48.85
N ILE D 677 -79.99 4.88 -49.42
CA ILE D 677 -79.65 5.55 -50.68
C ILE D 677 -78.55 6.58 -50.50
N ILE D 678 -78.71 7.40 -49.46
CA ILE D 678 -77.81 8.50 -49.20
C ILE D 678 -76.43 8.00 -48.78
N GLY D 679 -76.43 7.01 -47.90
CA GLY D 679 -75.18 6.48 -47.35
C GLY D 679 -74.82 7.34 -46.17
N GLU D 680 -73.55 7.64 -46.00
CA GLU D 680 -73.15 8.52 -44.93
C GLU D 680 -73.47 9.95 -45.41
N PRO D 681 -74.36 10.66 -44.69
CA PRO D 681 -74.86 11.96 -45.18
C PRO D 681 -73.78 13.03 -45.41
N SER D 682 -72.79 13.12 -44.53
CA SER D 682 -71.69 14.06 -44.72
C SER D 682 -70.97 13.81 -46.05
N GLN D 683 -70.79 12.54 -46.39
CA GLN D 683 -70.08 12.16 -47.60
C GLN D 683 -70.98 12.35 -48.82
N TYR D 684 -72.27 12.06 -48.63
CA TYR D 684 -73.24 12.23 -49.69
C TYR D 684 -73.10 13.64 -50.23
N PHE D 685 -73.37 14.62 -49.37
CA PHE D 685 -73.44 16.03 -49.75
C PHE D 685 -72.12 16.66 -50.22
N GLN D 686 -70.99 16.19 -49.71
CA GLN D 686 -69.69 16.70 -50.15
C GLN D 686 -69.44 16.24 -51.57
N GLU D 687 -69.55 14.93 -51.80
CA GLU D 687 -69.38 14.30 -53.13
C GLU D 687 -70.32 14.91 -54.18
N LYS D 688 -71.55 15.18 -53.76
CA LYS D 688 -72.57 15.81 -54.60
C LYS D 688 -72.20 17.26 -54.92
N PHE D 689 -71.90 18.05 -53.90
CA PHE D 689 -71.61 19.49 -54.05
C PHE D 689 -70.22 19.87 -53.56
N PRO D 690 -69.21 19.61 -54.38
CA PRO D 690 -67.82 19.79 -53.95
C PRO D 690 -67.39 21.23 -53.68
N ASP D 691 -68.16 22.23 -54.11
CA ASP D 691 -67.84 23.61 -53.74
C ASP D 691 -68.65 24.15 -52.57
N LEU D 692 -69.61 23.38 -52.07
CA LEU D 692 -70.55 23.85 -51.02
C LEU D 692 -69.87 24.42 -49.77
N VAL D 693 -69.01 23.62 -49.15
CA VAL D 693 -68.43 23.94 -47.83
C VAL D 693 -67.52 25.17 -47.91
N MET D 694 -66.69 25.22 -48.96
CA MET D 694 -65.85 26.39 -49.20
C MET D 694 -66.69 27.63 -49.40
N TYR D 695 -67.74 27.50 -50.21
CA TYR D 695 -68.63 28.63 -50.45
C TYR D 695 -69.11 29.16 -49.10
N VAL D 696 -69.74 28.29 -48.30
CA VAL D 696 -70.30 28.67 -47.00
C VAL D 696 -69.19 29.25 -46.11
N TYR D 697 -68.05 28.60 -46.09
CA TYR D 697 -66.92 29.09 -45.30
C TYR D 697 -66.60 30.53 -45.71
N THR D 698 -66.44 30.72 -47.02
CA THR D 698 -66.13 32.02 -47.58
C THR D 698 -67.17 33.10 -47.20
N LYS D 699 -68.46 32.76 -47.28
CA LYS D 699 -69.52 33.75 -47.01
C LYS D 699 -69.60 34.19 -45.55
N LEU D 700 -69.53 33.25 -44.60
CA LEU D 700 -69.71 33.55 -43.16
C LEU D 700 -68.37 33.74 -42.44
N GLN D 701 -67.30 33.87 -43.23
CA GLN D 701 -65.91 33.79 -42.77
C GLN D 701 -65.57 34.65 -41.56
N ASN D 702 -65.84 35.95 -41.66
CA ASN D 702 -65.55 36.88 -40.57
C ASN D 702 -66.81 37.47 -39.94
N THR D 703 -67.94 36.80 -40.16
CA THR D 703 -69.23 37.28 -39.66
C THR D 703 -69.46 36.78 -38.24
N GLU D 704 -70.60 37.16 -37.66
CA GLU D 704 -70.99 36.63 -36.36
C GLU D 704 -71.34 35.13 -36.47
N TYR D 705 -71.66 34.67 -37.69
CA TYR D 705 -72.00 33.26 -37.97
C TYR D 705 -70.77 32.34 -38.10
N MET D 706 -69.59 32.88 -37.80
CA MET D 706 -68.39 32.09 -37.50
C MET D 706 -68.64 31.06 -36.40
N LYS D 707 -69.52 31.36 -35.46
CA LYS D 707 -69.79 30.46 -34.32
C LYS D 707 -70.11 29.02 -34.75
N HIS D 708 -70.83 28.88 -35.86
CA HIS D 708 -71.22 27.57 -36.40
C HIS D 708 -70.08 26.79 -37.10
N PHE D 709 -68.91 27.42 -37.26
CA PHE D 709 -67.72 26.70 -37.69
C PHE D 709 -67.30 25.80 -36.54
N PRO D 710 -66.54 24.75 -36.84
CA PRO D 710 -66.17 23.81 -35.79
C PRO D 710 -65.08 24.41 -34.91
N LYS D 711 -65.10 24.07 -33.62
CA LYS D 711 -64.11 24.59 -32.67
C LYS D 711 -62.72 24.14 -33.11
N THR D 712 -61.76 25.08 -33.15
CA THR D 712 -60.51 24.89 -33.90
C THR D 712 -59.29 25.26 -33.06
N HIS D 713 -58.10 25.00 -33.62
CA HIS D 713 -56.83 25.32 -32.97
C HIS D 713 -56.53 26.82 -32.85
N ASN D 714 -55.89 27.22 -31.75
CA ASN D 714 -55.68 28.64 -31.42
C ASN D 714 -54.41 28.91 -30.62
N1 25L E . 3.61 3.67 37.94
C2 25L E . 4.48 2.60 38.41
N3 25L E . 5.35 2.02 37.39
C4 25L E . 5.39 2.41 36.12
C5 25L E . 4.51 3.49 35.69
C6 25L E . 3.61 4.09 36.68
N6 25L E . 2.77 5.08 36.34
N7 25L E . 4.76 3.67 34.39
C8 25L E . 5.73 2.80 34.00
N9 25L E . 6.10 2.03 35.04
C1' 25L E . 7.10 0.98 35.01
C2' 25L E . 7.08 0.20 33.68
O2' 25L E . 6.48 -1.11 33.69
C3' 25L E . 8.56 0.10 33.32
O3' 25L E . 9.11 -1.23 33.36
C4' 25L E . 9.28 0.97 34.33
O4' 25L E . 8.33 1.68 35.14
C5' 25L E . 10.25 1.83 33.53
O5' 25L E . 9.61 2.85 32.77
NAB 25L E . 13.01 7.96 24.47
NAC 25L E . 11.70 5.11 24.47
OAD 25L E . 21.08 2.01 23.24
OAE 25L E . 18.91 6.67 22.92
OAF 25L E . 9.83 5.08 31.67
OAG 25L E . 18.47 2.00 30.41
OAH 25L E . 20.34 5.68 20.80
OAK 25L E . 20.35 3.04 26.00
OAL 25L E . 13.60 1.64 32.41
OAM 25L E . 20.64 8.68 23.51
OAN 25L E . 18.58 2.50 23.28
OAO 25L E . 19.83 2.74 21.04
OAP 25L E . 10.65 4.75 34.19
OAQ 25L E . 16.90 1.21 28.44
OAR 25L E . 22.55 4.45 21.61
CAT 25L E . 14.18 7.82 27.99
CAU 25L E . 10.50 7.11 27.37
CAW 25L E . 16.50 5.42 24.79
CAX 25L E . 13.42 3.68 28.16
CAY 25L E . 20.66 6.18 25.93
CBA 25L E . 16.08 3.06 31.22
NBC 25L E . 13.45 8.08 26.76
NBD 25L E . 10.73 6.57 26.01
NBF 25L E . 15.29 6.94 27.74
NBG 25L E . 11.23 6.41 28.42
NBI 25L E . 15.43 6.09 24.30
NBJ 25L E . 13.08 3.85 26.85
OBK 25L E . 19.79 6.84 25.02
OBM 25L E . 16.32 3.19 29.82
OBO 25L E . 18.66 6.00 27.17
OBP 25L E . 14.31 4.75 30.83
OBQ 25L E . 18.46 3.30 28.25
OBR 25L E . 11.96 3.78 32.43
OBS 25L E . 20.33 4.27 22.88
OBT 25L E . 21.55 6.35 23.03
CBV 25L E . 13.75 7.63 25.53
CBW 25L E . 11.53 5.54 25.73
CBY 25L E . 14.86 6.73 25.35
CBZ 25L E . 12.24 4.88 26.81
CCB 25L E . 15.61 6.44 26.54
CCC 25L E . 12.05 5.37 28.18
CCF 25L E . 19.30 4.02 26.08
CCG 25L E . 13.64 2.57 31.31
CCI 25L E . 19.81 5.28 26.80
CCJ 25L E . 14.71 3.59 31.59
CCK 25L E . 18.09 3.70 26.93
CCL 25L E . 12.42 3.43 31.14
CCN 25L E . 17.55 5.10 27.14
CCO 25L E . 12.94 4.68 30.45
NCQ 25L E . 16.58 5.62 26.13
NCR 25L E . 12.80 4.58 28.96
PCS 25L E . 19.92 2.74 22.57
PCT 25L E . 20.23 7.20 23.52
PCU 25L E . 10.45 4.24 32.77
PCV 25L E . 17.56 2.34 29.23
PCW 25L E . 21.26 5.18 21.93
N1 25L F . 33.68 -23.45 -12.11
C2 25L F . 34.58 -23.54 -10.95
N3 25L F . 33.93 -23.27 -9.64
C4 25L F . 32.64 -22.95 -9.50
C5 25L F . 31.82 -22.88 -10.70
C6 25L F . 32.39 -23.14 -12.00
N6 25L F . 31.58 -23.06 -13.07
N7 25L F . 30.58 -22.58 -10.32
C8 25L F . 30.59 -22.45 -8.96
N9 25L F . 31.84 -22.66 -8.47
C1' 25L F . 32.20 -22.64 -7.00
C2' 25L F . 31.66 -21.39 -6.26
O2' 25L F . 32.62 -20.78 -5.37
C3' 25L F . 30.46 -21.96 -5.49
O3' 25L F . 30.18 -21.21 -4.33
C4' 25L F . 30.88 -23.40 -5.20
O4' 25L F . 31.59 -23.80 -6.36
C5' 25L F . 29.73 -24.35 -5.07
O5' 25L F . 28.90 -24.08 -6.16
NAB 25L F . 18.12 -23.52 -4.55
NAC 25L F . 20.69 -21.23 -3.67
OAD 25L F . 19.26 -25.02 4.83
OAE 25L F . 16.05 -25.33 0.55
OAF 25L F . 26.36 -24.21 -6.64
OAG 25L F . 25.71 -26.82 1.78
OAH 25L F . 15.24 -24.40 3.06
OAK 25L F . 20.90 -25.85 3.21
OAL 25L F . 28.01 -26.61 -2.75
OAM 25L F . 15.79 -28.00 0.64
OAN 25L F . 20.02 -23.40 3.09
OAO 25L F . 17.89 -22.81 4.34
OAP 25L F . 27.90 -26.11 -7.26
OAQ 25L F . 24.27 -24.68 2.07
OAR 25L F . 16.40 -25.75 4.96
CAT 25L F . 20.64 -26.26 -4.92
CAU 25L F . 21.65 -23.44 -6.47
CAW 25L F . 19.67 -24.59 -0.80
CAX 25L F . 24.02 -23.82 -2.58
CAY 25L F . 18.80 -27.31 1.89
CBA 25L F . 25.05 -27.00 -0.98
NBC 25L F . 19.63 -25.24 -5.22
NBD 25L F . 20.99 -22.43 -5.64
NBF 25L F . 21.00 -26.39 -3.49
NBG 25L F . 22.74 -24.17 -5.81
NBI 25L F . 19.02 -24.01 -1.82
NBJ 25L F . 23.03 -22.89 -2.57
OBK 25L F . 18.05 -26.89 0.79
OBM 25L F . 24.57 -25.83 -0.28
OBO 25L F . 20.57 -27.49 0.09
OBP 25L F . 24.63 -26.71 -3.42
OBQ 25L F . 23.01 -26.68 1.30
OBR 25L F . 27.42 -25.55 -4.80
OBS 25L F . 17.78 -24.72 2.92
OBT 25L F . 16.24 -26.67 2.64
CBV 25L F . 19.03 -24.47 -4.29
CBW 25L F . 21.35 -22.17 -4.38
CBY 25L F . 19.43 -24.62 -2.91
CBZ 25L F . 22.45 -22.91 -3.78
CCB 25L F . 20.42 -25.63 -2.55
CCC 25L F . 23.11 -23.93 -4.56
CCF 25L F . 20.75 -25.91 1.80
CCG 25L F . 26.77 -25.89 -2.57
CCI 25L F . 20.25 -27.28 1.49
CCJ 25L F . 25.63 -26.92 -2.40
CCK 25L F . 21.98 -25.82 0.89
CCL 25L F . 26.45 -25.13 -3.83
CCN 25L F . 21.44 -26.42 -0.38
CCO 25L F . 25.01 -25.53 -4.16
NCQ 25L F . 20.54 -25.54 -1.22
NCR 25L F . 24.07 -24.45 -3.78
PCS 25L F . 18.83 -23.92 3.87
PCT 25L F . 16.46 -26.72 1.04
PCU 25L F . 27.60 -24.99 -6.30
PCV 25L F . 24.46 -25.99 1.34
PCW 25L F . 16.37 -25.30 3.51
N1 25L G . -9.16 -10.61 -31.10
C2 25L G . -10.63 -10.40 -31.02
N3 25L G . -11.04 -8.99 -30.91
C4 25L G . -10.17 -7.95 -30.89
C5 25L G . -8.71 -8.20 -30.98
C6 25L G . -8.24 -9.61 -31.09
N6 25L G . -6.92 -9.91 -31.17
N7 25L G . -8.11 -7.00 -30.93
C8 25L G . -9.08 -6.04 -30.83
N9 25L G . -10.31 -6.61 -30.80
C1' 25L G . -11.65 -5.91 -30.71
C2' 25L G . -11.84 -5.05 -29.47
O2' 25L G . -13.12 -5.35 -28.89
C3' 25L G . -11.81 -3.61 -29.95
O3' 25L G . -12.72 -2.78 -29.24
C4' 25L G . -12.19 -3.71 -31.42
O4' 25L G . -11.80 -5.01 -31.83
C5' 25L G . -11.53 -2.67 -32.32
O5' 25L G . -10.11 -2.81 -32.28
NAB 25L G . -3.49 4.42 -36.34
NAC 25L G . -5.32 4.18 -32.79
OAD 25L G . -11.59 11.28 -36.01
OAE 25L G . -6.75 9.68 -38.02
OAF 25L G . -8.13 -1.47 -33.07
OAG 25L G . -13.74 3.86 -36.34
OAH 25L G . -7.41 12.25 -37.06
OAK 25L G . -11.89 8.13 -36.25
OAL 25L G . -12.41 -1.08 -35.90
OAM 25L G . -7.28 10.09 -40.57
OAN 25L G . -10.56 9.75 -34.32
OAO 25L G . -9.91 12.19 -34.21
OAP 25L G . -8.74 -3.80 -34.11
OAQ 25L G . -12.26 4.33 -34.24
OAR 25L G . -9.91 12.84 -37.51
CAT 25L G . -6.32 2.49 -37.90
CAU 25L G . -4.43 0.87 -34.36
CAW 25L G . -7.38 6.56 -35.93
CAX 25L G . -8.77 2.34 -34.56
CAY 25L G . -10.00 8.52 -38.74
CBA 25L G . -11.72 2.01 -37.25
NBC 25L G . -5.01 2.97 -37.40
NBD 25L G . -4.32 2.17 -33.63
NBF 25L G . -7.41 3.42 -37.60
NBG 25L G . -5.77 0.50 -34.85
NBI 25L G . -6.05 6.24 -35.85
NBJ 25L G . -7.89 3.14 -33.93
OBK 25L G . -8.62 8.44 -39.10
OBM 25L G . -11.36 2.99 -36.28
OBO 25L G . -9.60 6.17 -38.16
OBP 25L G . -9.56 0.78 -36.95
OBQ 25L G . -11.73 5.46 -36.38
OBR 25L G . -10.09 -1.79 -34.68
OBS 25L G . -9.23 10.76 -36.16
OBT 25L G . -8.86 10.92 -38.72
CBV 25L G . -4.76 4.12 -36.74
CBW 25L G . -5.39 2.99 -33.44
CBY 25L G . -5.89 5.03 -36.45
CBZ 25L G . -6.70 2.57 -33.99
CCB 25L G . -7.22 4.59 -36.93
CCC 25L G . -6.88 1.28 -34.69
CCF 25L G . -10.63 7.48 -36.51
CCG 25L G . -11.47 0.00 -35.65
CCI 25L G . -10.48 7.27 -38.01
CCJ 25L G . -11.02 0.67 -36.97
CCK 25L G . -10.51 6.06 -36.01
CCL 25L G . -10.16 -0.37 -34.93
CCN 25L G . -9.49 5.44 -36.92
CCO 25L G . -8.99 0.17 -35.76
NCQ 25L G . -8.06 5.56 -36.56
NCR 25L G . -8.20 1.22 -35.02
PCS 25L G . -10.41 11.04 -35.09
PCT 25L G . -7.76 9.81 -39.16
PCU 25L G . -9.17 -2.48 -33.53
PCV 25L G . -12.37 4.13 -35.74
PCW 25L G . -8.83 11.80 -37.35
N1 25L H . -13.08 50.17 -12.29
C2 25L H . -14.35 49.84 -12.95
N3 25L H . -14.50 48.44 -13.38
C4 25L H . -13.53 47.51 -13.18
C5 25L H . -12.26 47.87 -12.51
C6 25L H . -12.08 49.29 -12.06
N6 25L H . -10.96 49.70 -11.45
N7 25L H . -11.53 46.73 -12.47
C8 25L H . -12.26 45.75 -13.06
N9 25L H . -13.46 46.21 -13.48
C1' 25L H . -14.58 45.50 -14.18
C2' 25L H . -14.10 44.24 -14.88
O2' 25L H . -14.83 44.07 -16.12
C3' 25L H . -14.42 43.17 -13.85
O3' 25L H . -14.55 41.85 -14.39
C4' 25L H . -15.72 43.65 -13.23
O4' 25L H . -15.60 45.08 -13.23
C5' 25L H . -15.92 43.04 -11.84
O5' 25L H . -14.89 43.50 -10.96
NAB 25L H . -9.26 35.64 -6.74
NAC 25L H . -9.11 36.40 -9.91
OAD 25L H . -17.13 29.22 -7.55
OAE 25L H . -11.88 29.48 -5.92
OAF 25L H . -13.02 42.59 -9.51
OAG 25L H . -19.19 35.67 -9.00
OAH 25L H . -13.80 26.65 -6.68
OAK 25L H . -17.37 31.76 -7.87
OAL 25L H . -17.40 40.49 -10.29
OAM 25L H . -12.87 30.24 -3.59
OAN 25L H . -15.58 30.22 -9.29
OAO 25L H . -15.89 27.69 -9.17
OAP 25L H . -15.23 43.59 -8.43
OAQ 25L H . -17.15 34.91 -10.56
OAR 25L H . -16.17 27.49 -5.91
CAT 25L H . -12.27 37.61 -5.58
CAU 25L H . -9.71 39.35 -7.78
CAW 25L H . -13.03 33.50 -7.42
CAX 25L H . -13.38 37.52 -9.93
CAY 25L H . -15.25 31.36 -5.12
CBA 25L H . -17.61 37.88 -8.52
NBC 25L H . -10.89 37.16 -5.91
NBD 25L H . -9.09 38.23 -8.51
NBF 25L H . -13.34 36.67 -5.94
NBG 25L H . -11.17 39.49 -7.98
NBI 25L H . -11.72 33.86 -7.36
NBJ 25L H . -12.18 36.92 -10.14
OBK 25L H . -13.92 31.13 -5.60
OBM 25L H . -16.88 36.69 -8.79
OBO 25L H . -15.59 33.75 -5.57
OBP 25L H . -15.34 38.65 -8.02
OBQ 25L H . -17.33 34.26 -8.10
OBR 25L H . -15.39 41.49 -9.58
OBS 25L H . -14.70 28.89 -7.40
OBT 25L H . -14.12 28.61 -5.01
CBV 25L H . -10.56 35.99 -6.47
CBW 25L H . -9.77 37.39 -9.30
CBY 25L H . -11.66 35.08 -6.81
CBZ 25L H . -11.22 37.56 -9.46
CCB 25L H . -13.05 35.49 -6.51
CCC 25L H . -11.92 38.66 -8.77
CCF 25L H . -16.14 32.32 -7.39
CCG 25L H . -16.40 39.51 -9.94
CCI 25L H . -16.07 32.43 -5.87
CCJ 25L H . -16.63 39.03 -8.51
CCK 25L H . -16.01 33.75 -7.90
CCL 25L H . -15.04 40.14 -9.84
CCN 25L H . -15.29 34.47 -6.78
CCO 25L H . -14.34 39.45 -8.65
NCQ 25L H . -13.82 34.48 -6.91
NCR 25L H . -13.22 38.56 -9.10
PCS 25L H . -15.93 29.01 -8.44
PCT 25L H . -13.06 29.86 -5.04
PCU 25L H . -14.52 42.83 -9.53
PCV 25L H . -17.71 35.37 -9.21
PCW 25L H . -14.73 27.77 -6.26
#